data_1H8B
#
_entry.id   1H8B
#
_cell.length_a   1.000
_cell.length_b   1.000
_cell.length_c   1.000
_cell.angle_alpha   90.00
_cell.angle_beta   90.00
_cell.angle_gamma   90.00
#
_symmetry.space_group_name_H-M   'P 1'
#
loop_
_entity.id
_entity.type
_entity.pdbx_description
1 polymer 'ALPHA-ACTININ 2, SKELETAL MUSCLE ISOFORM'
2 polymer TITIN
#
loop_
_entity_poly.entity_id
_entity_poly.type
_entity_poly.pdbx_seq_one_letter_code
_entity_poly.pdbx_strand_id
1 'polypeptide(L)' GAMADTDTAEQVIASFRILASDKPYILAEELRRELPPDQAQYCIKRMPAYSGPGSVPGALDYAAFSSALYGESDL A
2 'polypeptide(L)' GAMGKVGVGKKAEAVATVVAAVDQARVREPREPGLPEDSYAQQTTLEYGYKEH B
#
# COMPACT_ATOMS: atom_id res chain seq x y z
N MET A 3 3.93 14.57 -4.85
CA MET A 3 3.77 16.03 -5.08
C MET A 3 3.65 16.77 -3.75
N ALA A 4 2.49 16.73 -3.14
CA ALA A 4 2.31 17.43 -1.84
C ALA A 4 2.97 16.64 -0.71
N ASP A 5 3.58 15.53 -1.03
CA ASP A 5 4.24 14.71 0.03
C ASP A 5 5.40 13.92 -0.56
N THR A 6 6.42 13.65 0.21
CA THR A 6 7.58 12.88 -0.32
C THR A 6 8.45 12.38 0.84
N ASP A 7 8.69 11.10 0.89
CA ASP A 7 9.54 10.55 2.00
C ASP A 7 9.58 9.01 1.91
N THR A 8 9.55 8.47 0.72
CA THR A 8 9.59 6.99 0.56
C THR A 8 8.35 6.37 1.21
N ALA A 9 8.26 6.37 2.51
CA ALA A 9 7.07 5.78 3.18
C ALA A 9 5.86 6.68 2.94
N GLU A 10 6.04 7.96 3.08
CA GLU A 10 4.90 8.91 2.85
C GLU A 10 4.43 8.80 1.40
N GLN A 11 5.33 8.59 0.48
CA GLN A 11 4.93 8.48 -0.95
C GLN A 11 3.97 7.31 -1.14
N VAL A 12 4.25 6.19 -0.53
CA VAL A 12 3.34 5.02 -0.67
C VAL A 12 1.99 5.33 -0.02
N ILE A 13 2.00 5.94 1.13
CA ILE A 13 0.72 6.29 1.82
C ILE A 13 -0.07 7.25 0.93
N ALA A 14 0.56 8.30 0.47
CA ALA A 14 -0.15 9.26 -0.41
C ALA A 14 -0.58 8.55 -1.69
N SER A 15 0.25 7.69 -2.21
CA SER A 15 -0.11 6.94 -3.45
C SER A 15 -1.26 5.97 -3.14
N PHE A 16 -1.18 5.28 -2.04
CA PHE A 16 -2.27 4.32 -1.69
C PHE A 16 -3.54 5.10 -1.39
N ARG A 17 -3.44 6.19 -0.69
CA ARG A 17 -4.65 7.01 -0.39
C ARG A 17 -5.37 7.35 -1.69
N ILE A 18 -4.63 7.73 -2.70
CA ILE A 18 -5.26 8.07 -4.01
C ILE A 18 -6.01 6.85 -4.55
N LEU A 19 -5.40 5.69 -4.49
CA LEU A 19 -6.07 4.46 -4.99
C LEU A 19 -7.31 4.15 -4.14
N ALA A 20 -7.19 4.32 -2.85
CA ALA A 20 -8.36 4.03 -1.96
C ALA A 20 -9.39 5.16 -2.05
N SER A 21 -9.14 6.13 -2.88
CA SER A 21 -10.11 7.27 -3.03
C SER A 21 -10.18 8.08 -1.73
N ASP A 22 -9.13 8.78 -1.41
CA ASP A 22 -9.13 9.60 -0.16
C ASP A 22 -9.66 8.77 1.01
N LYS A 23 -9.05 7.65 1.28
CA LYS A 23 -9.51 6.80 2.41
C LYS A 23 -8.31 6.33 3.24
N PRO A 24 -8.52 6.26 4.52
CA PRO A 24 -7.42 5.80 5.40
C PRO A 24 -7.20 4.30 5.26
N TYR A 25 -7.99 3.66 4.43
CA TYR A 25 -7.83 2.19 4.24
C TYR A 25 -8.14 1.81 2.79
N ILE A 26 -7.74 0.63 2.38
CA ILE A 26 -8.01 0.20 0.98
C ILE A 26 -8.69 -1.18 0.99
N LEU A 27 -9.63 -1.39 0.11
CA LEU A 27 -10.32 -2.71 0.08
C LEU A 27 -9.58 -3.69 -0.82
N ALA A 28 -9.70 -4.96 -0.55
CA ALA A 28 -9.00 -5.97 -1.39
C ALA A 28 -9.47 -5.88 -2.84
N GLU A 29 -10.76 -5.75 -3.05
CA GLU A 29 -11.29 -5.65 -4.43
C GLU A 29 -10.70 -4.43 -5.14
N GLU A 30 -10.48 -3.36 -4.42
CA GLU A 30 -9.90 -2.14 -5.05
C GLU A 30 -8.51 -2.45 -5.61
N LEU A 31 -7.67 -3.06 -4.82
CA LEU A 31 -6.30 -3.39 -5.32
C LEU A 31 -6.39 -4.31 -6.53
N ARG A 32 -7.37 -5.17 -6.56
CA ARG A 32 -7.53 -6.09 -7.72
C ARG A 32 -7.85 -5.30 -8.98
N ARG A 33 -8.71 -4.32 -8.88
CA ARG A 33 -9.07 -3.52 -10.09
C ARG A 33 -8.16 -2.30 -10.21
N GLU A 34 -7.53 -1.90 -9.14
CA GLU A 34 -6.62 -0.72 -9.21
C GLU A 34 -5.17 -1.17 -9.34
N LEU A 35 -4.86 -2.37 -8.91
CA LEU A 35 -3.46 -2.86 -9.01
C LEU A 35 -3.44 -4.22 -9.70
N PRO A 36 -2.38 -4.46 -10.42
CA PRO A 36 -2.27 -5.77 -11.10
C PRO A 36 -2.70 -6.89 -10.15
N PRO A 37 -3.57 -7.74 -10.65
CA PRO A 37 -4.07 -8.86 -9.80
C PRO A 37 -2.95 -9.40 -8.90
N ASP A 38 -1.77 -9.54 -9.43
CA ASP A 38 -0.64 -10.05 -8.61
C ASP A 38 -0.28 -9.07 -7.49
N GLN A 39 -0.36 -7.80 -7.76
CA GLN A 39 0.01 -6.79 -6.72
C GLN A 39 -1.03 -6.79 -5.59
N ALA A 40 -2.29 -6.82 -5.91
CA ALA A 40 -3.34 -6.80 -4.86
C ALA A 40 -3.17 -8.01 -3.92
N GLN A 41 -2.99 -9.18 -4.46
CA GLN A 41 -2.84 -10.38 -3.59
C GLN A 41 -1.62 -10.25 -2.67
N TYR A 42 -0.49 -9.89 -3.20
CA TYR A 42 0.72 -9.74 -2.34
C TYR A 42 0.51 -8.66 -1.28
N CYS A 43 0.03 -7.51 -1.69
CA CYS A 43 -0.20 -6.41 -0.71
C CYS A 43 -1.30 -6.80 0.29
N ILE A 44 -2.42 -7.27 -0.19
CA ILE A 44 -3.53 -7.65 0.74
C ILE A 44 -2.98 -8.45 1.92
N LYS A 45 -1.85 -9.09 1.76
CA LYS A 45 -1.28 -9.89 2.87
C LYS A 45 -0.46 -9.01 3.82
N ARG A 46 0.30 -8.10 3.28
CA ARG A 46 1.13 -7.21 4.15
C ARG A 46 0.23 -6.34 5.04
N MET A 47 -0.41 -5.35 4.45
CA MET A 47 -1.30 -4.47 5.26
C MET A 47 -2.24 -5.31 6.15
N PRO A 48 -2.06 -5.14 7.44
CA PRO A 48 -2.91 -5.90 8.39
C PRO A 48 -4.38 -5.58 8.17
N ALA A 49 -5.20 -5.79 9.16
CA ALA A 49 -6.67 -5.51 9.00
C ALA A 49 -6.97 -4.05 9.39
N TYR A 50 -6.55 -3.12 8.56
CA TYR A 50 -6.80 -1.67 8.84
C TYR A 50 -6.80 -1.38 10.35
N SER A 51 -7.44 -0.32 10.76
CA SER A 51 -7.47 0.01 12.21
C SER A 51 -8.06 1.41 12.42
N GLY A 52 -9.33 1.57 12.23
CA GLY A 52 -9.96 2.91 12.42
C GLY A 52 -11.24 2.77 13.24
N PRO A 53 -11.85 3.89 13.52
CA PRO A 53 -13.10 3.86 14.32
C PRO A 53 -14.30 3.53 13.41
N GLY A 54 -14.47 4.27 12.36
CA GLY A 54 -15.60 4.01 11.43
C GLY A 54 -15.12 3.16 10.27
N SER A 55 -14.21 2.25 10.52
CA SER A 55 -13.70 1.39 9.43
C SER A 55 -14.84 0.69 8.69
N VAL A 56 -14.54 -0.34 7.96
CA VAL A 56 -15.60 -1.07 7.22
C VAL A 56 -15.42 -2.58 7.36
N PRO A 57 -16.38 -3.31 6.89
CA PRO A 57 -16.29 -4.80 6.99
C PRO A 57 -15.36 -5.34 5.89
N GLY A 58 -14.08 -5.13 6.02
CA GLY A 58 -13.13 -5.63 4.98
C GLY A 58 -12.19 -4.51 4.56
N ALA A 59 -11.57 -3.86 5.52
CA ALA A 59 -10.64 -2.75 5.18
C ALA A 59 -9.18 -3.19 5.43
N LEU A 60 -8.25 -2.53 4.80
CA LEU A 60 -6.82 -2.90 5.01
C LEU A 60 -5.96 -1.65 5.20
N ASP A 61 -4.93 -1.74 5.99
CA ASP A 61 -4.05 -0.54 6.20
C ASP A 61 -2.76 -0.67 5.40
N TYR A 62 -2.59 0.15 4.41
CA TYR A 62 -1.34 0.07 3.59
C TYR A 62 -0.22 0.82 4.31
N ALA A 63 -0.56 1.69 5.21
CA ALA A 63 0.49 2.46 5.95
C ALA A 63 1.37 1.48 6.74
N ALA A 64 0.80 0.48 7.34
CA ALA A 64 1.61 -0.50 8.11
C ALA A 64 2.51 -1.28 7.16
N PHE A 65 2.01 -1.56 6.00
CA PHE A 65 2.81 -2.33 5.00
C PHE A 65 3.92 -1.44 4.42
N SER A 66 3.66 -0.17 4.27
CA SER A 66 4.69 0.75 3.72
C SER A 66 5.93 0.77 4.61
N SER A 67 5.73 0.82 5.90
CA SER A 67 6.90 0.84 6.83
C SER A 67 7.70 -0.47 6.72
N ALA A 68 7.04 -1.56 6.53
CA ALA A 68 7.77 -2.86 6.42
C ALA A 68 8.60 -2.90 5.13
N LEU A 69 8.06 -2.42 4.04
CA LEU A 69 8.81 -2.43 2.77
C LEU A 69 10.13 -1.66 2.92
N TYR A 70 10.08 -0.51 3.55
CA TYR A 70 11.33 0.28 3.73
C TYR A 70 11.90 0.08 5.14
N GLY A 71 11.43 -0.92 5.84
CA GLY A 71 11.95 -1.17 7.22
C GLY A 71 11.35 -2.46 7.77
N GLU A 72 12.10 -3.53 7.76
CA GLU A 72 11.56 -4.81 8.30
C GLU A 72 12.57 -5.45 9.25
N SER A 73 12.30 -5.43 10.52
CA SER A 73 13.24 -6.03 11.51
C SER A 73 14.55 -5.24 11.53
N ASP A 74 15.18 -5.14 12.68
CA ASP A 74 16.47 -4.38 12.76
C ASP A 74 17.62 -5.23 12.20
N LEU A 75 18.50 -4.63 11.45
CA LEU A 75 19.64 -5.39 10.88
C LEU A 75 20.81 -4.46 10.58
N GLY B 9 -4.05 10.85 -15.07
CA GLY B 9 -2.58 11.11 -15.00
C GLY B 9 -2.14 11.12 -13.53
N LYS B 10 -2.97 11.65 -12.66
CA LYS B 10 -2.60 11.68 -11.22
C LYS B 10 -2.74 10.29 -10.59
N LYS B 11 -3.81 9.60 -10.91
CA LYS B 11 -4.00 8.24 -10.34
C LYS B 11 -2.95 7.27 -10.91
N ALA B 12 -2.76 7.29 -12.20
CA ALA B 12 -1.75 6.39 -12.81
C ALA B 12 -0.39 6.58 -12.14
N GLU B 13 -0.03 7.80 -11.88
CA GLU B 13 1.28 8.07 -11.21
C GLU B 13 1.31 7.38 -9.85
N ALA B 14 0.23 7.41 -9.13
CA ALA B 14 0.19 6.75 -7.79
C ALA B 14 0.40 5.25 -7.95
N VAL B 15 -0.23 4.65 -8.92
CA VAL B 15 -0.06 3.18 -9.12
C VAL B 15 1.42 2.86 -9.41
N ALA B 16 2.07 3.69 -10.19
CA ALA B 16 3.50 3.44 -10.50
C ALA B 16 4.30 3.39 -9.19
N THR B 17 3.97 4.26 -8.26
CA THR B 17 4.69 4.27 -6.96
C THR B 17 4.37 3.00 -6.18
N VAL B 18 3.10 2.67 -6.09
CA VAL B 18 2.71 1.44 -5.34
C VAL B 18 3.30 0.20 -6.03
N VAL B 19 3.20 0.13 -7.33
CA VAL B 19 3.78 -1.04 -8.06
C VAL B 19 5.30 -1.06 -7.86
N ALA B 20 5.94 0.05 -8.09
CA ALA B 20 7.42 0.10 -7.90
C ALA B 20 7.79 -0.34 -6.48
N ALA B 21 7.05 0.11 -5.50
CA ALA B 21 7.35 -0.28 -4.09
C ALA B 21 7.08 -1.77 -3.90
N VAL B 22 6.05 -2.28 -4.54
CA VAL B 22 5.74 -3.73 -4.39
C VAL B 22 6.87 -4.56 -5.00
N ASP B 23 7.38 -4.14 -6.13
CA ASP B 23 8.48 -4.91 -6.77
C ASP B 23 9.72 -4.93 -5.86
N GLN B 24 9.91 -3.89 -5.09
CA GLN B 24 11.09 -3.85 -4.19
C GLN B 24 11.04 -5.03 -3.22
N ALA B 25 9.94 -5.22 -2.55
CA ALA B 25 9.83 -6.36 -1.59
C ALA B 25 9.88 -7.69 -2.36
N ARG B 26 9.33 -7.71 -3.54
CA ARG B 26 9.34 -8.97 -4.35
C ARG B 26 10.78 -9.37 -4.69
N VAL B 27 11.62 -8.42 -4.95
CA VAL B 27 13.03 -8.76 -5.30
C VAL B 27 13.63 -9.66 -4.21
N ARG B 28 13.08 -9.63 -3.04
CA ARG B 28 13.60 -10.47 -1.93
C ARG B 28 12.96 -11.86 -1.96
N GLU B 29 12.37 -12.22 -3.07
CA GLU B 29 11.73 -13.56 -3.17
C GLU B 29 12.56 -14.48 -4.07
N PRO B 30 13.09 -15.51 -3.47
CA PRO B 30 13.91 -16.46 -4.25
C PRO B 30 13.13 -16.98 -5.46
N ARG B 31 13.58 -18.05 -6.06
CA ARG B 31 12.86 -18.61 -7.24
C ARG B 31 11.81 -19.64 -6.80
N MET A 3 8.71 20.03 10.45
CA MET A 3 7.22 20.12 10.49
C MET A 3 6.60 18.94 9.73
N ALA A 4 6.87 18.82 8.45
CA ALA A 4 6.30 17.70 7.67
C ALA A 4 6.90 17.67 6.26
N ASP A 5 7.42 16.56 5.85
CA ASP A 5 8.01 16.48 4.48
C ASP A 5 7.67 15.14 3.83
N THR A 6 8.07 14.94 2.60
CA THR A 6 7.78 13.65 1.92
C THR A 6 8.80 12.58 2.32
N ASP A 7 8.68 11.40 1.80
CA ASP A 7 9.63 10.31 2.16
C ASP A 7 9.24 9.01 1.48
N THR A 8 10.09 8.02 1.55
CA THR A 8 9.77 6.71 0.91
C THR A 8 8.41 6.20 1.40
N ALA A 9 8.21 6.18 2.69
CA ALA A 9 6.91 5.70 3.23
C ALA A 9 5.78 6.64 2.81
N GLU A 10 5.99 7.92 2.97
CA GLU A 10 4.95 8.90 2.58
C GLU A 10 4.55 8.68 1.11
N GLN A 11 5.50 8.33 0.28
CA GLN A 11 5.18 8.10 -1.16
C GLN A 11 4.18 6.95 -1.29
N VAL A 12 4.42 5.85 -0.63
CA VAL A 12 3.48 4.69 -0.73
C VAL A 12 2.12 5.09 -0.14
N ILE A 13 2.13 5.76 0.98
CA ILE A 13 0.84 6.17 1.60
C ILE A 13 0.10 7.12 0.66
N ALA A 14 0.77 8.11 0.15
CA ALA A 14 0.10 9.05 -0.80
C ALA A 14 -0.46 8.26 -1.97
N SER A 15 0.27 7.29 -2.45
CA SER A 15 -0.23 6.47 -3.59
C SER A 15 -1.41 5.61 -3.11
N PHE A 16 -1.32 5.10 -1.91
CA PHE A 16 -2.44 4.26 -1.39
C PHE A 16 -3.67 5.14 -1.14
N ARG A 17 -3.48 6.28 -0.53
CA ARG A 17 -4.64 7.19 -0.27
C ARG A 17 -5.39 7.45 -1.59
N ILE A 18 -4.65 7.65 -2.65
CA ILE A 18 -5.31 7.91 -3.97
C ILE A 18 -6.15 6.70 -4.38
N LEU A 19 -5.61 5.52 -4.23
CA LEU A 19 -6.39 4.30 -4.62
C LEU A 19 -7.61 4.16 -3.71
N ALA A 20 -7.45 4.40 -2.44
CA ALA A 20 -8.60 4.28 -1.51
C ALA A 20 -9.63 5.39 -1.79
N SER A 21 -9.30 6.31 -2.65
CA SER A 21 -10.26 7.41 -2.98
C SER A 21 -10.56 8.24 -1.73
N ASP A 22 -9.59 8.97 -1.25
CA ASP A 22 -9.81 9.80 -0.03
C ASP A 22 -10.25 8.92 1.14
N LYS A 23 -9.49 7.91 1.45
CA LYS A 23 -9.86 7.01 2.57
C LYS A 23 -8.61 6.59 3.34
N PRO A 24 -8.76 6.48 4.64
CA PRO A 24 -7.60 6.06 5.47
C PRO A 24 -7.40 4.55 5.36
N TYR A 25 -8.16 3.90 4.53
CA TYR A 25 -8.02 2.43 4.38
C TYR A 25 -8.28 2.01 2.94
N ILE A 26 -7.82 0.86 2.54
CA ILE A 26 -8.05 0.41 1.14
C ILE A 26 -8.69 -0.99 1.14
N LEU A 27 -9.58 -1.24 0.23
CA LEU A 27 -10.25 -2.57 0.17
C LEU A 27 -9.61 -3.44 -0.91
N ALA A 28 -9.63 -4.73 -0.73
CA ALA A 28 -9.03 -5.63 -1.76
C ALA A 28 -9.70 -5.39 -3.11
N GLU A 29 -10.96 -5.06 -3.10
CA GLU A 29 -11.66 -4.80 -4.39
C GLU A 29 -11.01 -3.62 -5.12
N GLU A 30 -10.64 -2.61 -4.38
CA GLU A 30 -9.98 -1.43 -5.03
C GLU A 30 -8.59 -1.83 -5.55
N LEU A 31 -7.81 -2.48 -4.74
CA LEU A 31 -6.46 -2.89 -5.18
C LEU A 31 -6.58 -3.85 -6.38
N ARG A 32 -7.60 -4.65 -6.40
CA ARG A 32 -7.78 -5.59 -7.54
C ARG A 32 -8.13 -4.82 -8.81
N ARG A 33 -8.86 -3.75 -8.69
CA ARG A 33 -9.24 -2.94 -9.89
C ARG A 33 -8.23 -1.82 -10.13
N GLU A 34 -7.40 -1.53 -9.16
CA GLU A 34 -6.39 -0.44 -9.34
C GLU A 34 -4.99 -1.02 -9.53
N LEU A 35 -4.77 -2.21 -9.04
CA LEU A 35 -3.41 -2.83 -9.19
C LEU A 35 -3.51 -4.16 -9.93
N PRO A 36 -2.38 -4.63 -10.39
CA PRO A 36 -2.39 -5.94 -11.11
C PRO A 36 -2.77 -7.06 -10.15
N PRO A 37 -3.47 -8.03 -10.67
CA PRO A 37 -3.89 -9.17 -9.82
C PRO A 37 -2.76 -9.58 -8.89
N ASP A 38 -1.56 -9.68 -9.40
CA ASP A 38 -0.41 -10.08 -8.54
C ASP A 38 -0.13 -9.02 -7.47
N GLN A 39 -0.27 -7.77 -7.82
CA GLN A 39 0.00 -6.68 -6.82
C GLN A 39 -1.07 -6.69 -5.73
N ALA A 40 -2.31 -6.78 -6.10
CA ALA A 40 -3.41 -6.77 -5.08
C ALA A 40 -3.25 -7.96 -4.12
N GLN A 41 -2.97 -9.12 -4.63
CA GLN A 41 -2.81 -10.30 -3.75
C GLN A 41 -1.59 -10.14 -2.85
N TYR A 42 -0.48 -9.74 -3.40
CA TYR A 42 0.76 -9.56 -2.57
C TYR A 42 0.55 -8.47 -1.53
N CYS A 43 -0.01 -7.35 -1.92
CA CYS A 43 -0.24 -6.24 -0.94
C CYS A 43 -1.18 -6.70 0.18
N ILE A 44 -2.24 -7.38 -0.15
CA ILE A 44 -3.19 -7.85 0.90
C ILE A 44 -2.44 -8.65 1.97
N LYS A 45 -1.32 -9.22 1.63
CA LYS A 45 -0.55 -10.00 2.63
C LYS A 45 0.27 -9.07 3.53
N ARG A 46 0.51 -7.86 3.08
CA ARG A 46 1.30 -6.90 3.90
C ARG A 46 0.38 -6.06 4.78
N MET A 47 -0.40 -5.20 4.19
CA MET A 47 -1.33 -4.35 4.98
C MET A 47 -2.24 -5.23 5.85
N PRO A 48 -2.00 -5.19 7.14
CA PRO A 48 -2.83 -6.01 8.05
C PRO A 48 -4.28 -5.50 8.06
N ALA A 49 -5.02 -5.81 9.09
CA ALA A 49 -6.43 -5.35 9.14
C ALA A 49 -6.49 -3.84 9.38
N TYR A 50 -7.54 -3.19 8.93
CA TYR A 50 -7.65 -1.72 9.12
C TYR A 50 -7.60 -1.37 10.61
N SER A 51 -7.73 -0.11 10.94
CA SER A 51 -7.69 0.31 12.37
C SER A 51 -8.38 1.65 12.56
N GLY A 52 -9.48 1.87 11.88
CA GLY A 52 -10.20 3.17 12.03
C GLY A 52 -11.24 3.04 13.15
N PRO A 53 -12.16 3.97 13.15
CA PRO A 53 -13.22 3.94 14.20
C PRO A 53 -14.44 3.18 13.68
N GLY A 54 -14.92 3.53 12.52
CA GLY A 54 -16.11 2.84 11.96
C GLY A 54 -15.70 2.03 10.71
N SER A 55 -14.88 2.62 9.88
CA SER A 55 -14.41 1.94 8.65
C SER A 55 -15.40 0.88 8.17
N VAL A 56 -14.90 -0.20 7.66
CA VAL A 56 -15.81 -1.27 7.16
C VAL A 56 -15.13 -2.63 7.23
N PRO A 57 -15.93 -3.66 7.28
CA PRO A 57 -15.37 -5.03 7.35
C PRO A 57 -14.66 -5.38 6.02
N GLY A 58 -13.41 -5.73 6.09
CA GLY A 58 -12.67 -6.08 4.84
C GLY A 58 -11.63 -5.00 4.55
N ALA A 59 -11.79 -3.83 5.11
CA ALA A 59 -10.80 -2.75 4.85
C ALA A 59 -9.44 -3.12 5.45
N LEU A 60 -8.39 -2.80 4.77
CA LEU A 60 -7.02 -3.14 5.29
C LEU A 60 -6.18 -1.86 5.43
N ASP A 61 -5.15 -1.90 6.22
CA ASP A 61 -4.31 -0.69 6.39
C ASP A 61 -3.08 -0.77 5.49
N TYR A 62 -3.00 0.07 4.50
CA TYR A 62 -1.81 0.04 3.59
C TYR A 62 -0.66 0.79 4.26
N ALA A 63 -0.96 1.67 5.18
CA ALA A 63 0.12 2.41 5.88
C ALA A 63 1.04 1.42 6.60
N ALA A 64 0.48 0.44 7.25
CA ALA A 64 1.32 -0.55 7.97
C ALA A 64 2.24 -1.27 6.99
N PHE A 65 1.77 -1.45 5.79
CA PHE A 65 2.60 -2.14 4.76
C PHE A 65 3.74 -1.24 4.29
N SER A 66 3.51 0.04 4.20
CA SER A 66 4.58 0.97 3.75
C SER A 66 5.76 0.93 4.73
N SER A 67 5.48 0.85 6.00
CA SER A 67 6.58 0.81 7.01
C SER A 67 7.37 -0.50 6.89
N ALA A 68 6.68 -1.60 6.73
CA ALA A 68 7.39 -2.91 6.62
C ALA A 68 8.28 -2.93 5.37
N LEU A 69 7.82 -2.36 4.29
CA LEU A 69 8.63 -2.36 3.04
C LEU A 69 9.99 -1.68 3.28
N TYR A 70 10.00 -0.59 3.99
CA TYR A 70 11.28 0.12 4.24
C TYR A 70 11.84 -0.26 5.62
N GLY A 71 10.98 -0.48 6.58
CA GLY A 71 11.45 -0.85 7.94
C GLY A 71 10.71 -0.03 8.98
N GLU A 72 11.43 0.66 9.83
CA GLU A 72 10.77 1.49 10.87
C GLU A 72 9.74 0.65 11.63
N SER A 73 10.18 -0.40 12.28
CA SER A 73 9.23 -1.26 13.04
C SER A 73 9.92 -1.81 14.29
N ASP A 74 9.45 -1.41 15.45
CA ASP A 74 10.08 -1.93 16.71
C ASP A 74 9.48 -3.28 17.09
N LEU A 75 10.32 -4.26 17.31
CA LEU A 75 9.79 -5.61 17.68
C LEU A 75 8.80 -6.10 16.63
N GLY B 9 -2.21 12.31 -15.04
CA GLY B 9 -2.17 10.88 -14.62
C GLY B 9 -1.88 10.80 -13.12
N LYS B 10 -2.66 11.47 -12.31
CA LYS B 10 -2.43 11.43 -10.85
C LYS B 10 -2.62 10.00 -10.32
N LYS B 11 -3.73 9.39 -10.62
CA LYS B 11 -3.97 8.01 -10.14
C LYS B 11 -2.99 7.04 -10.81
N ALA B 12 -2.85 7.12 -12.11
CA ALA B 12 -1.90 6.21 -12.80
C ALA B 12 -0.50 6.33 -12.18
N GLU B 13 -0.12 7.53 -11.81
CA GLU B 13 1.23 7.71 -11.19
C GLU B 13 1.28 6.99 -9.84
N ALA B 14 0.23 7.06 -9.08
CA ALA B 14 0.22 6.38 -7.76
C ALA B 14 0.37 4.87 -7.96
N VAL B 15 -0.33 4.32 -8.91
CA VAL B 15 -0.22 2.85 -9.16
C VAL B 15 1.24 2.50 -9.49
N ALA B 16 1.89 3.34 -10.26
CA ALA B 16 3.31 3.07 -10.62
C ALA B 16 4.17 3.08 -9.36
N THR B 17 3.90 3.97 -8.45
CA THR B 17 4.70 4.04 -7.20
C THR B 17 4.44 2.81 -6.34
N VAL B 18 3.20 2.45 -6.17
CA VAL B 18 2.87 1.25 -5.34
C VAL B 18 3.48 -0.01 -5.96
N VAL B 19 3.32 -0.18 -7.25
CA VAL B 19 3.89 -1.38 -7.92
C VAL B 19 5.42 -1.39 -7.76
N ALA B 20 6.06 -0.30 -8.04
CA ALA B 20 7.54 -0.25 -7.91
C ALA B 20 7.95 -0.59 -6.48
N ALA B 21 7.20 -0.11 -5.51
CA ALA B 21 7.54 -0.42 -4.09
C ALA B 21 7.37 -1.91 -3.81
N VAL B 22 6.28 -2.48 -4.25
CA VAL B 22 6.05 -3.92 -4.00
C VAL B 22 7.14 -4.76 -4.69
N ASP B 23 7.51 -4.40 -5.88
CA ASP B 23 8.57 -5.17 -6.60
C ASP B 23 9.89 -5.08 -5.82
N GLN B 24 10.20 -3.94 -5.27
CA GLN B 24 11.47 -3.79 -4.51
C GLN B 24 11.55 -4.84 -3.40
N ALA B 25 10.47 -5.09 -2.72
CA ALA B 25 10.49 -6.11 -1.63
C ALA B 25 10.78 -7.50 -2.20
N ARG B 26 10.17 -7.83 -3.31
CA ARG B 26 10.41 -9.17 -3.92
C ARG B 26 11.82 -9.24 -4.50
N VAL B 27 12.21 -8.27 -5.27
CA VAL B 27 13.57 -8.28 -5.88
C VAL B 27 14.64 -8.15 -4.79
N ARG B 28 14.30 -7.56 -3.68
CA ARG B 28 15.29 -7.40 -2.58
C ARG B 28 16.47 -6.55 -3.06
N GLU B 29 16.25 -5.30 -3.36
CA GLU B 29 17.36 -4.44 -3.83
C GLU B 29 17.78 -3.45 -2.72
N PRO B 30 19.06 -3.40 -2.50
CA PRO B 30 19.57 -2.48 -1.45
C PRO B 30 19.64 -1.04 -1.97
N ARG B 31 19.75 -0.07 -1.10
CA ARG B 31 19.82 1.34 -1.56
C ARG B 31 20.35 2.23 -0.44
N MET A 3 6.47 23.07 7.43
CA MET A 3 5.29 22.19 7.15
C MET A 3 5.57 21.28 5.96
N ALA A 4 4.56 20.94 5.22
CA ALA A 4 4.77 20.05 4.03
C ALA A 4 5.45 18.75 4.45
N ASP A 5 5.63 17.83 3.54
CA ASP A 5 6.28 16.54 3.90
C ASP A 5 6.40 15.65 2.66
N THR A 6 7.40 14.80 2.62
CA THR A 6 7.58 13.91 1.44
C THR A 6 8.64 12.85 1.75
N ASP A 7 8.53 11.70 1.13
CA ASP A 7 9.54 10.63 1.39
C ASP A 7 9.12 9.32 0.69
N THR A 8 9.90 8.29 0.83
CA THR A 8 9.54 6.99 0.18
C THR A 8 8.30 6.40 0.84
N ALA A 9 8.38 6.10 2.11
CA ALA A 9 7.19 5.52 2.81
C ALA A 9 6.00 6.47 2.67
N GLU A 10 6.23 7.75 2.86
CA GLU A 10 5.13 8.73 2.73
C GLU A 10 4.57 8.68 1.30
N GLN A 11 5.42 8.47 0.33
CA GLN A 11 4.95 8.43 -1.07
C GLN A 11 3.96 7.27 -1.26
N VAL A 12 4.30 6.10 -0.80
CA VAL A 12 3.36 4.94 -0.95
C VAL A 12 2.03 5.27 -0.27
N ILE A 13 2.09 5.88 0.89
CA ILE A 13 0.82 6.24 1.60
C ILE A 13 0.01 7.20 0.73
N ALA A 14 0.65 8.19 0.17
CA ALA A 14 -0.08 9.15 -0.70
C ALA A 14 -0.63 8.41 -1.92
N SER A 15 0.19 7.61 -2.55
CA SER A 15 -0.30 6.85 -3.73
C SER A 15 -1.40 5.89 -3.28
N PHE A 16 -1.24 5.29 -2.13
CA PHE A 16 -2.29 4.36 -1.63
C PHE A 16 -3.56 5.14 -1.31
N ARG A 17 -3.43 6.28 -0.69
CA ARG A 17 -4.63 7.10 -0.38
C ARG A 17 -5.43 7.32 -1.67
N ILE A 18 -4.75 7.62 -2.74
CA ILE A 18 -5.46 7.83 -4.03
C ILE A 18 -6.24 6.57 -4.39
N LEU A 19 -5.63 5.42 -4.25
CA LEU A 19 -6.34 4.15 -4.59
C LEU A 19 -7.51 3.95 -3.62
N ALA A 20 -7.30 4.22 -2.36
CA ALA A 20 -8.39 4.05 -1.37
C ALA A 20 -9.40 5.19 -1.48
N SER A 21 -9.14 6.13 -2.34
CA SER A 21 -10.07 7.29 -2.51
C SER A 21 -10.11 8.12 -1.22
N ASP A 22 -9.12 8.93 -1.01
CA ASP A 22 -9.07 9.79 0.22
C ASP A 22 -9.64 9.03 1.42
N LYS A 23 -9.25 7.79 1.60
CA LYS A 23 -9.77 7.00 2.74
C LYS A 23 -8.61 6.51 3.62
N PRO A 24 -8.86 6.47 4.89
CA PRO A 24 -7.80 6.01 5.83
C PRO A 24 -7.47 4.54 5.58
N TYR A 25 -8.24 3.89 4.74
CA TYR A 25 -7.97 2.44 4.46
C TYR A 25 -8.27 2.13 3.01
N ILE A 26 -7.85 0.97 2.54
CA ILE A 26 -8.12 0.60 1.12
C ILE A 26 -8.88 -0.73 1.07
N LEU A 27 -9.83 -0.84 0.18
CA LEU A 27 -10.61 -2.12 0.09
C LEU A 27 -9.82 -3.16 -0.71
N ALA A 28 -10.00 -4.41 -0.41
CA ALA A 28 -9.26 -5.47 -1.16
C ALA A 28 -9.64 -5.44 -2.63
N GLU A 29 -10.90 -5.22 -2.93
CA GLU A 29 -11.31 -5.17 -4.36
C GLU A 29 -10.64 -4.00 -5.07
N GLU A 30 -10.46 -2.91 -4.39
CA GLU A 30 -9.79 -1.74 -5.02
C GLU A 30 -8.38 -2.14 -5.44
N LEU A 31 -7.71 -2.94 -4.65
CA LEU A 31 -6.34 -3.38 -5.01
C LEU A 31 -6.40 -4.26 -6.26
N ARG A 32 -7.41 -5.06 -6.38
CA ARG A 32 -7.53 -5.95 -7.58
C ARG A 32 -7.80 -5.10 -8.84
N ARG A 33 -8.54 -4.04 -8.69
CA ARG A 33 -8.84 -3.18 -9.87
C ARG A 33 -7.83 -2.03 -9.99
N GLU A 34 -7.14 -1.72 -8.93
CA GLU A 34 -6.15 -0.60 -9.00
C GLU A 34 -4.73 -1.15 -9.20
N LEU A 35 -4.49 -2.37 -8.82
CA LEU A 35 -3.13 -2.95 -8.99
C LEU A 35 -3.21 -4.30 -9.72
N PRO A 36 -2.26 -4.53 -10.57
CA PRO A 36 -2.28 -5.83 -11.30
C PRO A 36 -2.60 -6.96 -10.33
N PRO A 37 -3.55 -7.78 -10.72
CA PRO A 37 -3.96 -8.92 -9.84
C PRO A 37 -2.76 -9.48 -9.08
N ASP A 38 -1.63 -9.56 -9.72
CA ASP A 38 -0.42 -10.10 -9.03
C ASP A 38 0.03 -9.18 -7.89
N GLN A 39 0.05 -7.89 -8.12
CA GLN A 39 0.49 -6.95 -7.06
C GLN A 39 -0.54 -6.88 -5.93
N ALA A 40 -1.80 -6.84 -6.26
CA ALA A 40 -2.85 -6.76 -5.20
C ALA A 40 -2.71 -7.92 -4.21
N GLN A 41 -2.52 -9.11 -4.69
CA GLN A 41 -2.38 -10.27 -3.77
C GLN A 41 -1.28 -10.04 -2.75
N TYR A 42 -0.13 -9.57 -3.19
CA TYR A 42 0.98 -9.32 -2.23
C TYR A 42 0.60 -8.24 -1.23
N CYS A 43 0.06 -7.15 -1.69
CA CYS A 43 -0.33 -6.05 -0.76
C CYS A 43 -1.46 -6.51 0.17
N ILE A 44 -2.48 -7.10 -0.36
CA ILE A 44 -3.61 -7.55 0.50
C ILE A 44 -3.09 -8.33 1.72
N LYS A 45 -1.99 -9.00 1.59
CA LYS A 45 -1.44 -9.77 2.75
C LYS A 45 -0.59 -8.86 3.64
N ARG A 46 0.13 -7.95 3.04
CA ARG A 46 0.99 -7.04 3.86
C ARG A 46 0.13 -6.23 4.83
N MET A 47 -0.61 -5.27 4.32
CA MET A 47 -1.46 -4.45 5.22
C MET A 47 -2.43 -5.34 6.01
N PRO A 48 -2.59 -5.02 7.26
CA PRO A 48 -3.50 -5.84 8.10
C PRO A 48 -4.93 -5.30 8.02
N ALA A 49 -5.82 -5.79 8.86
CA ALA A 49 -7.22 -5.31 8.82
C ALA A 49 -7.34 -3.94 9.48
N TYR A 50 -7.99 -3.01 8.84
CA TYR A 50 -8.13 -1.64 9.42
C TYR A 50 -9.11 -1.68 10.60
N SER A 51 -8.62 -1.86 11.79
CA SER A 51 -9.52 -1.91 12.97
C SER A 51 -9.44 -0.59 13.76
N GLY A 52 -10.01 0.46 13.24
CA GLY A 52 -9.98 1.77 13.95
C GLY A 52 -11.31 2.02 14.65
N PRO A 53 -11.54 3.25 14.98
CA PRO A 53 -12.82 3.59 15.66
C PRO A 53 -13.99 3.42 14.70
N GLY A 54 -14.20 2.23 14.19
CA GLY A 54 -15.32 2.01 13.23
C GLY A 54 -14.84 1.11 12.09
N SER A 55 -14.27 1.69 11.06
CA SER A 55 -13.79 0.89 9.92
C SER A 55 -14.93 0.03 9.36
N VAL A 56 -14.63 -0.73 8.36
CA VAL A 56 -15.68 -1.61 7.74
C VAL A 56 -15.10 -2.99 7.44
N PRO A 57 -15.97 -3.96 7.40
CA PRO A 57 -15.49 -5.35 7.12
C PRO A 57 -14.82 -5.39 5.74
N GLY A 58 -13.55 -5.73 5.70
CA GLY A 58 -12.84 -5.80 4.39
C GLY A 58 -11.95 -4.56 4.24
N ALA A 59 -11.66 -3.89 5.31
CA ALA A 59 -10.80 -2.68 5.21
C ALA A 59 -9.37 -2.99 5.68
N LEU A 60 -8.39 -2.72 4.86
CA LEU A 60 -6.99 -3.02 5.26
C LEU A 60 -6.21 -1.70 5.38
N ASP A 61 -5.11 -1.71 6.10
CA ASP A 61 -4.33 -0.45 6.25
C ASP A 61 -3.02 -0.54 5.44
N TYR A 62 -2.91 0.22 4.38
CA TYR A 62 -1.67 0.19 3.57
C TYR A 62 -0.54 0.91 4.31
N ALA A 63 -0.86 1.83 5.16
CA ALA A 63 0.19 2.56 5.91
C ALA A 63 1.08 1.57 6.67
N ALA A 64 0.50 0.51 7.18
CA ALA A 64 1.31 -0.49 7.92
C ALA A 64 2.24 -1.22 6.95
N PHE A 65 1.80 -1.42 5.75
CA PHE A 65 2.65 -2.12 4.74
C PHE A 65 3.79 -1.20 4.29
N SER A 66 3.55 0.08 4.24
CA SER A 66 4.63 1.02 3.81
C SER A 66 5.84 0.90 4.72
N SER A 67 5.64 0.91 6.01
CA SER A 67 6.78 0.80 6.95
C SER A 67 7.40 -0.61 6.89
N ALA A 68 6.58 -1.61 6.75
CA ALA A 68 7.12 -3.00 6.68
C ALA A 68 7.94 -3.18 5.40
N LEU A 69 7.59 -2.50 4.34
CA LEU A 69 8.35 -2.64 3.07
C LEU A 69 9.75 -2.04 3.21
N TYR A 70 9.85 -0.90 3.82
CA TYR A 70 11.19 -0.26 3.99
C TYR A 70 11.81 -0.68 5.33
N GLY A 71 11.00 -1.04 6.28
CA GLY A 71 11.55 -1.46 7.61
C GLY A 71 12.24 -0.27 8.28
N GLU A 72 11.66 0.25 9.32
CA GLU A 72 12.30 1.41 10.02
C GLU A 72 11.83 1.46 11.47
N SER A 73 11.91 0.35 12.18
CA SER A 73 11.47 0.34 13.60
C SER A 73 9.97 0.60 13.70
N ASP A 74 9.20 -0.42 13.97
CA ASP A 74 7.73 -0.24 14.07
C ASP A 74 7.39 0.74 15.21
N LEU A 75 6.85 1.88 14.88
CA LEU A 75 6.50 2.88 15.94
C LEU A 75 5.55 2.25 16.95
N GLY B 9 -2.71 13.07 -15.17
CA GLY B 9 -2.59 11.64 -14.77
C GLY B 9 -2.15 11.56 -13.30
N LYS B 10 -3.09 11.45 -12.39
CA LYS B 10 -2.72 11.37 -10.95
C LYS B 10 -2.94 9.95 -10.42
N LYS B 11 -4.10 9.40 -10.63
CA LYS B 11 -4.37 8.02 -10.15
C LYS B 11 -3.35 7.04 -10.76
N ALA B 12 -3.14 7.12 -12.05
CA ALA B 12 -2.16 6.20 -12.70
C ALA B 12 -0.79 6.35 -12.05
N GLU B 13 -0.41 7.55 -11.70
CA GLU B 13 0.92 7.76 -11.06
C GLU B 13 0.99 7.03 -9.72
N ALA B 14 -0.08 7.06 -8.96
CA ALA B 14 -0.07 6.36 -7.64
C ALA B 14 0.13 4.86 -7.84
N VAL B 15 -0.54 4.28 -8.80
CA VAL B 15 -0.38 2.83 -9.04
C VAL B 15 1.06 2.52 -9.45
N ALA B 16 1.65 3.37 -10.25
CA ALA B 16 3.06 3.15 -10.68
C ALA B 16 3.99 3.18 -9.47
N THR B 17 3.71 4.03 -8.52
CA THR B 17 4.58 4.12 -7.31
C THR B 17 4.43 2.86 -6.46
N VAL B 18 3.23 2.36 -6.32
CA VAL B 18 3.02 1.14 -5.49
C VAL B 18 3.64 -0.08 -6.18
N VAL B 19 3.47 -0.18 -7.48
CA VAL B 19 4.06 -1.35 -8.21
C VAL B 19 5.58 -1.36 -8.05
N ALA B 20 6.21 -0.23 -8.20
CA ALA B 20 7.70 -0.18 -8.05
C ALA B 20 8.11 -0.56 -6.63
N ALA B 21 7.43 -0.04 -5.65
CA ALA B 21 7.78 -0.38 -4.23
C ALA B 21 7.54 -1.86 -3.98
N VAL B 22 6.43 -2.38 -4.41
CA VAL B 22 6.15 -3.83 -4.18
C VAL B 22 7.20 -4.69 -4.89
N ASP B 23 7.49 -4.39 -6.13
CA ASP B 23 8.52 -5.19 -6.86
C ASP B 23 9.83 -5.19 -6.07
N GLN B 24 10.11 -4.13 -5.37
CA GLN B 24 11.37 -4.06 -4.58
C GLN B 24 11.37 -5.11 -3.47
N ALA B 25 10.23 -5.36 -2.88
CA ALA B 25 10.16 -6.37 -1.79
C ALA B 25 10.59 -7.75 -2.30
N ARG B 26 10.20 -8.10 -3.50
CA ARG B 26 10.60 -9.44 -4.04
C ARG B 26 12.10 -9.44 -4.35
N VAL B 27 12.56 -8.41 -5.01
CA VAL B 27 14.01 -8.35 -5.35
C VAL B 27 14.87 -8.55 -4.11
N ARG B 28 14.30 -8.35 -2.95
CA ARG B 28 15.08 -8.52 -1.69
C ARG B 28 15.19 -10.01 -1.31
N GLU B 29 14.85 -10.88 -2.21
CA GLU B 29 14.94 -12.33 -1.90
C GLU B 29 16.18 -12.93 -2.57
N PRO B 30 16.87 -13.75 -1.83
CA PRO B 30 18.10 -14.37 -2.41
C PRO B 30 17.72 -15.25 -3.61
N ARG B 31 17.53 -14.65 -4.74
CA ARG B 31 17.16 -15.44 -5.95
C ARG B 31 18.06 -15.05 -7.13
N MET A 3 16.39 21.29 7.20
CA MET A 3 14.91 21.17 7.09
C MET A 3 14.52 20.76 5.67
N ALA A 4 15.22 19.82 5.10
CA ALA A 4 14.90 19.37 3.72
C ALA A 4 15.36 17.93 3.50
N ASP A 5 14.50 16.98 3.72
CA ASP A 5 14.89 15.55 3.53
C ASP A 5 13.89 14.84 2.63
N THR A 6 13.99 13.55 2.50
CA THR A 6 13.05 12.79 1.63
C THR A 6 12.19 11.84 2.48
N ASP A 7 11.40 11.03 1.85
CA ASP A 7 10.55 10.07 2.62
C ASP A 7 10.42 8.75 1.86
N THR A 8 10.08 8.80 0.59
CA THR A 8 9.95 7.54 -0.20
C THR A 8 8.76 6.72 0.33
N ALA A 9 8.81 6.31 1.55
CA ALA A 9 7.68 5.51 2.13
C ALA A 9 6.41 6.37 2.13
N GLU A 10 6.55 7.62 2.47
CA GLU A 10 5.37 8.52 2.48
C GLU A 10 4.68 8.48 1.11
N GLN A 11 5.45 8.33 0.06
CA GLN A 11 4.84 8.28 -1.30
C GLN A 11 3.86 7.11 -1.40
N VAL A 12 4.19 5.98 -0.85
CA VAL A 12 3.25 4.82 -0.93
C VAL A 12 1.92 5.20 -0.29
N ILE A 13 1.96 5.89 0.82
CA ILE A 13 0.69 6.31 1.49
C ILE A 13 -0.08 7.25 0.55
N ALA A 14 0.58 8.25 0.03
CA ALA A 14 -0.10 9.18 -0.90
C ALA A 14 -0.65 8.40 -2.10
N SER A 15 0.14 7.54 -2.67
CA SER A 15 -0.34 6.73 -3.81
C SER A 15 -1.49 5.84 -3.36
N PHE A 16 -1.37 5.27 -2.19
CA PHE A 16 -2.46 4.40 -1.67
C PHE A 16 -3.69 5.24 -1.36
N ARG A 17 -3.50 6.39 -0.78
CA ARG A 17 -4.66 7.27 -0.47
C ARG A 17 -5.50 7.49 -1.73
N ILE A 18 -4.86 7.78 -2.83
CA ILE A 18 -5.62 7.98 -4.10
C ILE A 18 -6.42 6.72 -4.41
N LEU A 19 -5.80 5.57 -4.28
CA LEU A 19 -6.53 4.30 -4.56
C LEU A 19 -7.67 4.11 -3.55
N ALA A 20 -7.44 4.47 -2.31
CA ALA A 20 -8.50 4.32 -1.28
C ALA A 20 -9.48 5.50 -1.34
N SER A 21 -9.37 6.32 -2.36
CA SER A 21 -10.28 7.49 -2.47
C SER A 21 -10.12 8.41 -1.27
N ASP A 22 -8.91 8.78 -0.95
CA ASP A 22 -8.69 9.68 0.22
C ASP A 22 -9.23 9.05 1.50
N LYS A 23 -8.75 7.89 1.86
CA LYS A 23 -9.23 7.22 3.09
C LYS A 23 -8.06 6.57 3.84
N PRO A 24 -8.11 6.67 5.13
CA PRO A 24 -7.01 6.06 5.93
C PRO A 24 -6.96 4.54 5.69
N TYR A 25 -7.96 4.01 5.06
CA TYR A 25 -7.97 2.54 4.79
C TYR A 25 -8.50 2.28 3.38
N ILE A 26 -8.34 1.08 2.88
CA ILE A 26 -8.83 0.76 1.51
C ILE A 26 -9.36 -0.68 1.45
N LEU A 27 -10.18 -0.99 0.50
CA LEU A 27 -10.72 -2.36 0.39
C LEU A 27 -9.78 -3.23 -0.46
N ALA A 28 -9.61 -4.47 -0.08
CA ALA A 28 -8.70 -5.35 -0.86
C ALA A 28 -9.18 -5.47 -2.31
N GLU A 29 -10.46 -5.42 -2.52
CA GLU A 29 -10.99 -5.52 -3.91
C GLU A 29 -10.50 -4.34 -4.74
N GLU A 30 -10.46 -3.17 -4.16
CA GLU A 30 -9.99 -1.98 -4.92
C GLU A 30 -8.56 -2.22 -5.43
N LEU A 31 -7.74 -2.83 -4.62
CA LEU A 31 -6.34 -3.11 -5.06
C LEU A 31 -6.36 -4.00 -6.31
N ARG A 32 -7.30 -4.91 -6.37
CA ARG A 32 -7.38 -5.81 -7.55
C ARG A 32 -7.82 -5.03 -8.80
N ARG A 33 -8.66 -4.04 -8.63
CA ARG A 33 -9.14 -3.25 -9.80
C ARG A 33 -8.17 -2.09 -10.10
N GLU A 34 -7.36 -1.72 -9.16
CA GLU A 34 -6.42 -0.58 -9.41
C GLU A 34 -5.00 -1.09 -9.72
N LEU A 35 -4.67 -2.28 -9.28
CA LEU A 35 -3.31 -2.81 -9.55
C LEU A 35 -3.41 -4.20 -10.20
N PRO A 36 -2.31 -4.62 -10.76
CA PRO A 36 -2.30 -5.94 -11.40
C PRO A 36 -2.69 -7.02 -10.39
N PRO A 37 -3.49 -7.95 -10.85
CA PRO A 37 -3.93 -9.04 -9.94
C PRO A 37 -2.78 -9.50 -9.05
N ASP A 38 -1.60 -9.61 -9.60
CA ASP A 38 -0.43 -10.06 -8.79
C ASP A 38 -0.08 -9.03 -7.70
N GLN A 39 -0.12 -7.76 -8.03
CA GLN A 39 0.22 -6.72 -7.02
C GLN A 39 -0.85 -6.64 -5.94
N ALA A 40 -2.10 -6.76 -6.31
CA ALA A 40 -3.19 -6.67 -5.30
C ALA A 40 -3.07 -7.80 -4.27
N GLN A 41 -2.79 -8.99 -4.71
CA GLN A 41 -2.66 -10.13 -3.74
C GLN A 41 -1.48 -9.91 -2.78
N TYR A 42 -0.33 -9.55 -3.31
CA TYR A 42 0.85 -9.33 -2.43
C TYR A 42 0.59 -8.16 -1.47
N CYS A 43 0.03 -7.09 -1.97
CA CYS A 43 -0.24 -5.91 -1.09
C CYS A 43 -1.27 -6.27 -0.01
N ILE A 44 -2.37 -6.86 -0.39
CA ILE A 44 -3.41 -7.22 0.61
C ILE A 44 -2.84 -8.22 1.62
N LYS A 45 -1.75 -8.86 1.30
CA LYS A 45 -1.16 -9.85 2.24
C LYS A 45 -0.25 -9.13 3.25
N ARG A 46 0.17 -7.93 2.95
CA ARG A 46 1.05 -7.20 3.90
C ARG A 46 0.20 -6.37 4.87
N MET A 47 -0.44 -5.34 4.38
CA MET A 47 -1.29 -4.49 5.27
C MET A 47 -2.17 -5.38 6.16
N PRO A 48 -2.22 -5.03 7.42
CA PRO A 48 -3.05 -5.84 8.35
C PRO A 48 -4.51 -5.36 8.32
N ALA A 49 -5.19 -5.42 9.43
CA ALA A 49 -6.61 -4.99 9.46
C ALA A 49 -6.70 -3.52 9.89
N TYR A 50 -7.44 -2.73 9.17
CA TYR A 50 -7.58 -1.29 9.54
C TYR A 50 -7.89 -1.16 11.03
N SER A 51 -9.04 -1.62 11.45
CA SER A 51 -9.40 -1.52 12.89
C SER A 51 -9.95 -2.86 13.40
N GLY A 52 -9.35 -3.95 13.00
CA GLY A 52 -9.84 -5.28 13.46
C GLY A 52 -11.14 -5.62 12.72
N PRO A 53 -11.72 -6.72 13.12
CA PRO A 53 -12.99 -7.15 12.47
C PRO A 53 -14.13 -6.21 12.86
N GLY A 54 -14.04 -4.96 12.51
CA GLY A 54 -15.13 -3.99 12.87
C GLY A 54 -15.47 -3.14 11.64
N SER A 55 -14.48 -2.59 10.99
CA SER A 55 -14.75 -1.74 9.81
C SER A 55 -15.55 -2.51 8.75
N VAL A 56 -15.40 -2.15 7.51
CA VAL A 56 -16.15 -2.87 6.43
C VAL A 56 -15.77 -4.35 6.41
N PRO A 57 -16.18 -5.01 5.36
CA PRO A 57 -15.87 -6.46 5.26
C PRO A 57 -14.55 -6.67 4.50
N GLY A 58 -13.61 -5.78 4.66
CA GLY A 58 -12.31 -5.93 3.95
C GLY A 58 -11.52 -4.62 4.05
N ALA A 59 -11.56 -3.98 5.18
CA ALA A 59 -10.81 -2.70 5.35
C ALA A 59 -9.36 -2.99 5.73
N LEU A 60 -8.42 -2.62 4.90
CA LEU A 60 -7.00 -2.88 5.22
C LEU A 60 -6.22 -1.57 5.31
N ASP A 61 -5.09 -1.57 5.96
CA ASP A 61 -4.28 -0.33 6.06
C ASP A 61 -2.95 -0.49 5.32
N TYR A 62 -2.77 0.25 4.26
CA TYR A 62 -1.49 0.14 3.49
C TYR A 62 -0.37 0.88 4.22
N ALA A 63 -0.72 1.82 5.06
CA ALA A 63 0.34 2.57 5.79
C ALA A 63 1.24 1.60 6.56
N ALA A 64 0.68 0.56 7.09
CA ALA A 64 1.49 -0.43 7.86
C ALA A 64 2.44 -1.16 6.91
N PHE A 65 2.00 -1.40 5.71
CA PHE A 65 2.85 -2.10 4.71
C PHE A 65 3.97 -1.16 4.23
N SER A 66 3.72 0.11 4.24
CA SER A 66 4.77 1.09 3.79
C SER A 66 5.96 1.06 4.74
N SER A 67 5.70 1.10 6.02
CA SER A 67 6.83 1.06 7.01
C SER A 67 7.54 -0.29 6.95
N ALA A 68 6.79 -1.36 6.88
CA ALA A 68 7.42 -2.72 6.82
C ALA A 68 8.21 -2.86 5.52
N LEU A 69 7.77 -2.23 4.46
CA LEU A 69 8.48 -2.34 3.17
C LEU A 69 9.90 -1.74 3.30
N TYR A 70 10.01 -0.64 3.97
CA TYR A 70 11.35 -0.01 4.13
C TYR A 70 11.97 -0.40 5.48
N GLY A 71 11.21 -1.03 6.32
CA GLY A 71 11.75 -1.44 7.65
C GLY A 71 10.96 -2.64 8.18
N GLU A 72 11.40 -3.83 7.89
CA GLU A 72 10.67 -5.03 8.38
C GLU A 72 11.09 -5.37 9.82
N SER A 73 10.39 -4.84 10.78
CA SER A 73 10.74 -5.12 12.20
C SER A 73 9.48 -5.13 13.07
N ASP A 74 8.60 -4.19 12.85
CA ASP A 74 7.36 -4.14 13.67
C ASP A 74 6.25 -4.98 13.01
N LEU A 75 5.49 -5.68 13.79
CA LEU A 75 4.39 -6.51 13.19
C LEU A 75 3.35 -6.87 14.26
N GLY B 9 -1.82 11.60 -15.72
CA GLY B 9 -2.95 11.06 -14.92
C GLY B 9 -2.60 11.11 -13.43
N LYS B 10 -3.59 11.09 -12.58
CA LYS B 10 -3.31 11.15 -11.12
C LYS B 10 -3.32 9.74 -10.52
N LYS B 11 -4.37 8.99 -10.75
CA LYS B 11 -4.43 7.61 -10.20
C LYS B 11 -3.32 6.75 -10.81
N ALA B 12 -2.97 6.99 -12.04
CA ALA B 12 -1.90 6.18 -12.68
C ALA B 12 -0.57 6.38 -11.94
N GLU B 13 -0.26 7.59 -11.58
CA GLU B 13 1.02 7.84 -10.85
C GLU B 13 1.03 7.08 -9.52
N ALA B 14 -0.09 7.06 -8.83
CA ALA B 14 -0.14 6.34 -7.53
C ALA B 14 0.10 4.83 -7.75
N VAL B 15 -0.55 4.26 -8.74
CA VAL B 15 -0.37 2.81 -9.01
C VAL B 15 1.10 2.51 -9.33
N ALA B 16 1.72 3.34 -10.13
CA ALA B 16 3.15 3.10 -10.48
C ALA B 16 4.01 3.08 -9.21
N THR B 17 3.72 3.93 -8.27
CA THR B 17 4.52 3.96 -7.01
C THR B 17 4.30 2.65 -6.23
N VAL B 18 3.10 2.15 -6.22
CA VAL B 18 2.83 0.89 -5.48
C VAL B 18 3.49 -0.30 -6.19
N VAL B 19 3.35 -0.39 -7.48
CA VAL B 19 3.97 -1.51 -8.24
C VAL B 19 5.49 -1.51 -8.02
N ALA B 20 6.11 -0.37 -8.14
CA ALA B 20 7.59 -0.31 -7.93
C ALA B 20 7.93 -0.72 -6.49
N ALA B 21 7.20 -0.23 -5.53
CA ALA B 21 7.49 -0.60 -4.12
C ALA B 21 7.26 -2.09 -3.90
N VAL B 22 6.17 -2.62 -4.39
CA VAL B 22 5.89 -4.07 -4.21
C VAL B 22 7.02 -4.90 -4.83
N ASP B 23 7.43 -4.55 -6.01
CA ASP B 23 8.53 -5.33 -6.68
C ASP B 23 9.81 -5.27 -5.84
N GLN B 24 10.02 -4.17 -5.15
CA GLN B 24 11.25 -4.04 -4.31
C GLN B 24 11.20 -5.02 -3.13
N ALA B 25 10.05 -5.18 -2.53
CA ALA B 25 9.94 -6.11 -1.36
C ALA B 25 10.16 -7.56 -1.80
N ARG B 26 9.60 -7.96 -2.91
CA ARG B 26 9.78 -9.36 -3.37
C ARG B 26 11.23 -9.60 -3.83
N VAL B 27 11.88 -8.60 -4.36
CA VAL B 27 13.29 -8.79 -4.81
C VAL B 27 14.20 -9.05 -3.61
N ARG B 28 13.81 -8.58 -2.47
CA ARG B 28 14.63 -8.78 -1.23
C ARG B 28 13.98 -9.83 -0.34
N GLU B 29 13.09 -10.61 -0.90
CA GLU B 29 12.40 -11.66 -0.08
C GLU B 29 13.00 -13.04 -0.39
N PRO B 30 13.36 -13.73 0.66
CA PRO B 30 13.94 -15.09 0.46
C PRO B 30 12.84 -16.09 0.13
N ARG B 31 12.23 -15.97 -1.02
CA ARG B 31 11.15 -16.93 -1.39
C ARG B 31 11.65 -18.37 -1.27
N MET A 3 -1.18 18.61 4.69
CA MET A 3 0.10 19.29 4.36
C MET A 3 0.99 18.37 3.52
N ALA A 4 2.13 18.84 3.11
CA ALA A 4 3.05 18.00 2.29
C ALA A 4 4.07 17.30 3.18
N ASP A 5 4.90 16.48 2.62
CA ASP A 5 5.93 15.77 3.44
C ASP A 5 7.06 15.26 2.54
N THR A 6 6.75 14.79 1.37
CA THR A 6 7.80 14.29 0.45
C THR A 6 8.73 13.32 1.20
N ASP A 7 8.51 12.04 1.04
CA ASP A 7 9.37 11.05 1.74
C ASP A 7 9.20 9.66 1.12
N THR A 8 10.25 8.88 1.05
CA THR A 8 10.15 7.53 0.45
C THR A 8 8.89 6.82 0.97
N ALA A 9 8.83 6.57 2.25
CA ALA A 9 7.62 5.89 2.81
C ALA A 9 6.40 6.79 2.65
N GLU A 10 6.54 8.05 2.96
CA GLU A 10 5.40 8.98 2.82
C GLU A 10 4.84 8.92 1.40
N GLN A 11 5.69 8.74 0.43
CA GLN A 11 5.22 8.68 -0.99
C GLN A 11 4.24 7.51 -1.16
N VAL A 12 4.56 6.37 -0.60
CA VAL A 12 3.63 5.20 -0.75
C VAL A 12 2.27 5.54 -0.15
N ILE A 13 2.24 6.05 1.05
CA ILE A 13 0.94 6.41 1.67
C ILE A 13 0.18 7.36 0.75
N ALA A 14 0.82 8.40 0.28
CA ALA A 14 0.13 9.33 -0.64
C ALA A 14 -0.39 8.57 -1.84
N SER A 15 0.41 7.68 -2.38
CA SER A 15 -0.05 6.88 -3.55
C SER A 15 -1.18 5.95 -3.12
N PHE A 16 -1.09 5.39 -1.94
CA PHE A 16 -2.17 4.49 -1.45
C PHE A 16 -3.44 5.30 -1.21
N ARG A 17 -3.29 6.48 -0.65
CA ARG A 17 -4.49 7.33 -0.40
C ARG A 17 -5.26 7.54 -1.70
N ILE A 18 -4.57 7.91 -2.75
CA ILE A 18 -5.24 8.13 -4.05
C ILE A 18 -5.96 6.84 -4.49
N LEU A 19 -5.32 5.72 -4.32
CA LEU A 19 -5.96 4.44 -4.71
C LEU A 19 -7.20 4.17 -3.85
N ALA A 20 -7.10 4.44 -2.58
CA ALA A 20 -8.27 4.20 -1.68
C ALA A 20 -9.28 5.35 -1.82
N SER A 21 -9.00 6.31 -2.66
CA SER A 21 -9.94 7.45 -2.85
C SER A 21 -9.98 8.32 -1.59
N ASP A 22 -8.87 8.88 -1.21
CA ASP A 22 -8.84 9.75 0.00
C ASP A 22 -9.31 8.96 1.23
N LYS A 23 -8.72 7.83 1.48
CA LYS A 23 -9.14 7.03 2.67
C LYS A 23 -7.90 6.52 3.42
N PRO A 24 -8.01 6.50 4.72
CA PRO A 24 -6.86 6.02 5.53
C PRO A 24 -6.71 4.51 5.39
N TYR A 25 -7.59 3.89 4.65
CA TYR A 25 -7.49 2.40 4.46
C TYR A 25 -7.91 2.02 3.04
N ILE A 26 -7.60 0.83 2.62
CA ILE A 26 -7.97 0.39 1.24
C ILE A 26 -8.69 -0.97 1.30
N LEU A 27 -9.58 -1.21 0.38
CA LEU A 27 -10.32 -2.50 0.37
C LEU A 27 -9.59 -3.52 -0.50
N ALA A 28 -9.60 -4.76 -0.10
CA ALA A 28 -8.90 -5.81 -0.91
C ALA A 28 -9.45 -5.83 -2.34
N GLU A 29 -10.75 -5.79 -2.48
CA GLU A 29 -11.36 -5.82 -3.85
C GLU A 29 -10.87 -4.61 -4.66
N GLU A 30 -10.68 -3.48 -4.03
CA GLU A 30 -10.21 -2.28 -4.77
C GLU A 30 -8.80 -2.51 -5.31
N LEU A 31 -7.94 -3.09 -4.52
CA LEU A 31 -6.54 -3.34 -4.99
C LEU A 31 -6.57 -4.33 -6.15
N ARG A 32 -7.46 -5.29 -6.12
CA ARG A 32 -7.54 -6.29 -7.23
C ARG A 32 -8.01 -5.62 -8.51
N ARG A 33 -8.89 -4.65 -8.39
CA ARG A 33 -9.41 -3.95 -9.60
C ARG A 33 -8.54 -2.73 -9.93
N GLU A 34 -7.88 -2.16 -8.96
CA GLU A 34 -7.04 -0.96 -9.22
C GLU A 34 -5.58 -1.36 -9.52
N LEU A 35 -5.16 -2.51 -9.07
CA LEU A 35 -3.75 -2.92 -9.34
C LEU A 35 -3.71 -4.28 -10.04
N PRO A 36 -2.57 -4.59 -10.60
CA PRO A 36 -2.44 -5.90 -11.30
C PRO A 36 -2.62 -7.05 -10.31
N PRO A 37 -3.20 -8.11 -10.80
CA PRO A 37 -3.43 -9.29 -9.91
C PRO A 37 -2.18 -9.57 -9.07
N ASP A 38 -1.01 -9.36 -9.63
CA ASP A 38 0.24 -9.64 -8.86
C ASP A 38 0.37 -8.67 -7.69
N GLN A 39 0.17 -7.40 -7.91
CA GLN A 39 0.29 -6.41 -6.80
C GLN A 39 -0.87 -6.58 -5.81
N ALA A 40 -2.06 -6.77 -6.31
CA ALA A 40 -3.23 -6.93 -5.40
C ALA A 40 -3.00 -8.10 -4.43
N GLN A 41 -2.50 -9.20 -4.92
CA GLN A 41 -2.26 -10.37 -4.03
C GLN A 41 -1.21 -10.03 -2.97
N TYR A 42 -0.09 -9.47 -3.39
CA TYR A 42 0.96 -9.11 -2.40
C TYR A 42 0.47 -7.99 -1.49
N CYS A 43 -0.09 -6.95 -2.04
CA CYS A 43 -0.59 -5.84 -1.19
C CYS A 43 -1.72 -6.32 -0.28
N ILE A 44 -2.63 -7.09 -0.81
CA ILE A 44 -3.75 -7.60 0.03
C ILE A 44 -3.20 -8.46 1.17
N LYS A 45 -2.04 -9.02 1.00
CA LYS A 45 -1.45 -9.86 2.08
C LYS A 45 -0.72 -8.99 3.10
N ARG A 46 0.00 -8.00 2.65
CA ARG A 46 0.73 -7.11 3.60
C ARG A 46 -0.26 -6.30 4.42
N MET A 47 -1.01 -5.43 3.78
CA MET A 47 -2.01 -4.59 4.51
C MET A 47 -2.65 -5.38 5.66
N PRO A 48 -2.18 -5.11 6.85
CA PRO A 48 -2.76 -5.81 8.02
C PRO A 48 -4.20 -5.35 8.26
N ALA A 49 -4.76 -5.66 9.39
CA ALA A 49 -6.16 -5.23 9.67
C ALA A 49 -6.19 -3.77 10.13
N TYR A 50 -7.11 -2.99 9.63
CA TYR A 50 -7.18 -1.57 10.04
C TYR A 50 -8.01 -1.43 11.33
N SER A 51 -8.63 -2.49 11.75
CA SER A 51 -9.45 -2.42 13.00
C SER A 51 -10.11 -3.77 13.27
N GLY A 52 -10.82 -3.89 14.37
CA GLY A 52 -11.49 -5.18 14.68
C GLY A 52 -12.98 -4.93 14.98
N PRO A 53 -13.20 -4.14 16.00
CA PRO A 53 -14.62 -3.83 16.37
C PRO A 53 -15.14 -2.67 15.52
N GLY A 54 -14.30 -2.09 14.71
CA GLY A 54 -14.74 -0.96 13.85
C GLY A 54 -14.44 -1.28 12.38
N SER A 55 -14.32 -0.28 11.56
CA SER A 55 -14.02 -0.52 10.12
C SER A 55 -15.10 -1.42 9.52
N VAL A 56 -14.95 -1.76 8.28
CA VAL A 56 -15.95 -2.63 7.60
C VAL A 56 -15.36 -4.02 7.36
N PRO A 57 -16.18 -4.88 6.84
CA PRO A 57 -15.70 -6.26 6.56
C PRO A 57 -14.84 -6.29 5.31
N GLY A 58 -13.70 -5.64 5.34
CA GLY A 58 -12.82 -5.64 4.13
C GLY A 58 -12.02 -4.34 4.09
N ALA A 59 -11.53 -3.89 5.21
CA ALA A 59 -10.74 -2.62 5.23
C ALA A 59 -9.33 -2.88 5.77
N LEU A 60 -8.33 -2.63 4.99
CA LEU A 60 -6.93 -2.86 5.46
C LEU A 60 -6.12 -1.56 5.40
N ASP A 61 -5.08 -1.45 6.18
CA ASP A 61 -4.26 -0.21 6.15
C ASP A 61 -2.96 -0.43 5.38
N TYR A 62 -2.83 0.19 4.23
CA TYR A 62 -1.58 0.02 3.44
C TYR A 62 -0.44 0.77 4.15
N ALA A 63 -0.78 1.78 4.91
CA ALA A 63 0.27 2.56 5.63
C ALA A 63 1.09 1.61 6.50
N ALA A 64 0.44 0.68 7.15
CA ALA A 64 1.20 -0.27 8.02
C ALA A 64 2.16 -1.09 7.14
N PHE A 65 1.73 -1.43 5.97
CA PHE A 65 2.61 -2.21 5.05
C PHE A 65 3.74 -1.33 4.52
N SER A 66 3.44 -0.09 4.23
CA SER A 66 4.50 0.83 3.70
C SER A 66 5.63 0.97 4.72
N SER A 67 5.30 1.19 5.97
CA SER A 67 6.37 1.33 7.00
C SER A 67 7.13 0.01 7.17
N ALA A 68 6.45 -1.09 7.06
CA ALA A 68 7.13 -2.41 7.22
C ALA A 68 7.94 -2.74 5.96
N LEU A 69 7.48 -2.32 4.82
CA LEU A 69 8.23 -2.59 3.56
C LEU A 69 9.67 -2.09 3.67
N TYR A 70 9.86 -0.96 4.30
CA TYR A 70 11.24 -0.41 4.43
C TYR A 70 11.85 -0.82 5.78
N GLY A 71 11.05 -0.89 6.80
CA GLY A 71 11.57 -1.29 8.13
C GLY A 71 10.65 -0.76 9.23
N GLU A 72 9.76 -1.59 9.71
CA GLU A 72 8.82 -1.14 10.77
C GLU A 72 7.96 -2.31 11.26
N SER A 73 7.39 -2.21 12.42
CA SER A 73 6.54 -3.32 12.95
C SER A 73 5.40 -2.75 13.79
N ASP A 74 4.28 -2.49 13.18
CA ASP A 74 3.13 -1.94 13.94
C ASP A 74 2.57 -3.00 14.91
N LEU A 75 2.17 -2.59 16.07
CA LEU A 75 1.64 -3.57 17.06
C LEU A 75 1.17 -2.85 18.34
N GLY B 9 -3.68 11.21 -15.90
CA GLY B 9 -4.46 10.85 -14.68
C GLY B 9 -3.51 10.73 -13.48
N LYS B 10 -3.83 11.39 -12.39
CA LYS B 10 -2.95 11.31 -11.19
C LYS B 10 -3.02 9.91 -10.58
N LYS B 11 -4.06 9.18 -10.86
CA LYS B 11 -4.18 7.80 -10.28
C LYS B 11 -3.11 6.88 -10.86
N ALA B 12 -2.75 7.09 -12.10
CA ALA B 12 -1.71 6.22 -12.72
C ALA B 12 -0.37 6.40 -12.00
N GLU B 13 -0.03 7.62 -11.67
CA GLU B 13 1.26 7.86 -10.96
C GLU B 13 1.24 7.18 -9.59
N ALA B 14 0.13 7.24 -8.91
CA ALA B 14 0.05 6.59 -7.56
C ALA B 14 0.15 5.06 -7.71
N VAL B 15 -0.54 4.51 -8.68
CA VAL B 15 -0.49 3.03 -8.88
C VAL B 15 0.94 2.61 -9.24
N ALA B 16 1.58 3.33 -10.12
CA ALA B 16 2.98 2.96 -10.50
C ALA B 16 3.88 2.98 -9.26
N THR B 17 3.72 3.97 -8.43
CA THR B 17 4.58 4.05 -7.20
C THR B 17 4.32 2.83 -6.31
N VAL B 18 3.08 2.45 -6.15
CA VAL B 18 2.77 1.27 -5.29
C VAL B 18 3.35 0.01 -5.93
N VAL B 19 3.17 -0.17 -7.21
CA VAL B 19 3.72 -1.38 -7.88
C VAL B 19 5.24 -1.43 -7.73
N ALA B 20 5.90 -0.32 -7.97
CA ALA B 20 7.39 -0.30 -7.83
C ALA B 20 7.78 -0.69 -6.42
N ALA B 21 7.09 -0.19 -5.43
CA ALA B 21 7.43 -0.55 -4.02
C ALA B 21 7.13 -2.04 -3.78
N VAL B 22 6.04 -2.53 -4.30
CA VAL B 22 5.70 -3.96 -4.11
C VAL B 22 6.74 -4.85 -4.79
N ASP B 23 7.07 -4.55 -6.02
CA ASP B 23 8.08 -5.38 -6.74
C ASP B 23 9.45 -5.26 -6.05
N GLN B 24 9.74 -4.13 -5.47
CA GLN B 24 11.05 -3.95 -4.78
C GLN B 24 11.20 -5.00 -3.68
N ALA B 25 10.20 -5.16 -2.85
CA ALA B 25 10.30 -6.16 -1.76
C ALA B 25 10.49 -7.57 -2.34
N ARG B 26 9.83 -7.88 -3.41
CA ARG B 26 9.97 -9.23 -4.02
C ARG B 26 11.38 -9.41 -4.59
N VAL B 27 11.97 -8.34 -5.08
CA VAL B 27 13.34 -8.46 -5.66
C VAL B 27 14.35 -8.83 -4.57
N ARG B 28 14.01 -8.60 -3.33
CA ARG B 28 14.94 -8.94 -2.21
C ARG B 28 14.80 -10.42 -1.82
N GLU B 29 14.42 -11.26 -2.74
CA GLU B 29 14.27 -12.70 -2.40
C GLU B 29 15.39 -13.51 -3.06
N PRO B 30 15.91 -14.46 -2.32
CA PRO B 30 17.01 -15.30 -2.88
C PRO B 30 16.50 -16.11 -4.07
N ARG B 31 16.64 -15.59 -5.25
CA ARG B 31 16.17 -16.33 -6.46
C ARG B 31 17.25 -16.31 -7.55
N MET A 3 3.86 19.69 -3.09
CA MET A 3 3.78 19.87 -1.61
C MET A 3 3.43 18.55 -0.93
N ALA A 4 2.87 17.61 -1.66
CA ALA A 4 2.50 16.31 -1.06
C ALA A 4 3.19 15.17 -1.82
N ASP A 5 4.46 15.29 -2.09
CA ASP A 5 5.17 14.22 -2.82
C ASP A 5 6.67 14.22 -2.44
N THR A 6 7.06 13.37 -1.55
CA THR A 6 8.50 13.33 -1.14
C THR A 6 8.78 12.06 -0.34
N ASP A 7 9.94 11.96 0.26
CA ASP A 7 10.28 10.76 1.05
C ASP A 7 9.97 9.49 0.25
N THR A 8 10.06 8.34 0.87
CA THR A 8 9.77 7.08 0.13
C THR A 8 8.52 6.41 0.72
N ALA A 9 8.48 6.19 2.01
CA ALA A 9 7.29 5.55 2.62
C ALA A 9 6.08 6.48 2.47
N GLU A 10 6.23 7.72 2.82
CA GLU A 10 5.09 8.67 2.70
C GLU A 10 4.54 8.66 1.26
N GLN A 11 5.41 8.51 0.29
CA GLN A 11 4.94 8.49 -1.12
C GLN A 11 3.98 7.32 -1.34
N VAL A 12 4.30 6.17 -0.83
CA VAL A 12 3.39 4.99 -1.02
C VAL A 12 2.01 5.32 -0.44
N ILE A 13 1.97 5.88 0.73
CA ILE A 13 0.66 6.24 1.35
C ILE A 13 -0.09 7.18 0.42
N ALA A 14 0.57 8.19 -0.08
CA ALA A 14 -0.10 9.15 -1.01
C ALA A 14 -0.64 8.36 -2.21
N SER A 15 0.15 7.46 -2.74
CA SER A 15 -0.32 6.65 -3.89
C SER A 15 -1.48 5.76 -3.44
N PHE A 16 -1.39 5.22 -2.25
CA PHE A 16 -2.49 4.35 -1.74
C PHE A 16 -3.72 5.22 -1.47
N ARG A 17 -3.52 6.38 -0.90
CA ARG A 17 -4.68 7.28 -0.61
C ARG A 17 -5.50 7.49 -1.89
N ILE A 18 -4.83 7.76 -2.99
CA ILE A 18 -5.56 7.96 -4.27
C ILE A 18 -6.32 6.69 -4.64
N LEU A 19 -5.71 5.54 -4.47
CA LEU A 19 -6.40 4.27 -4.81
C LEU A 19 -7.61 4.08 -3.89
N ALA A 20 -7.46 4.40 -2.63
CA ALA A 20 -8.60 4.24 -1.68
C ALA A 20 -9.57 5.40 -1.82
N SER A 21 -9.35 6.27 -2.77
CA SER A 21 -10.27 7.43 -2.97
C SER A 21 -10.22 8.35 -1.74
N ASP A 22 -9.05 8.87 -1.44
CA ASP A 22 -8.93 9.79 -0.26
C ASP A 22 -9.48 9.10 0.99
N LYS A 23 -8.86 8.04 1.42
CA LYS A 23 -9.34 7.34 2.65
C LYS A 23 -8.15 6.77 3.42
N PRO A 24 -8.26 6.82 4.72
CA PRO A 24 -7.16 6.30 5.56
C PRO A 24 -7.10 4.76 5.45
N TYR A 25 -8.03 4.18 4.75
CA TYR A 25 -8.02 2.69 4.59
C TYR A 25 -8.37 2.32 3.15
N ILE A 26 -8.13 1.10 2.77
CA ILE A 26 -8.46 0.69 1.37
C ILE A 26 -9.05 -0.72 1.35
N LEU A 27 -10.06 -0.94 0.56
CA LEU A 27 -10.68 -2.29 0.49
C LEU A 27 -9.85 -3.21 -0.40
N ALA A 28 -9.82 -4.48 -0.11
CA ALA A 28 -9.03 -5.42 -0.94
C ALA A 28 -9.56 -5.43 -2.38
N GLU A 29 -10.83 -5.14 -2.55
CA GLU A 29 -11.41 -5.14 -3.92
C GLU A 29 -10.88 -3.96 -4.72
N GLU A 30 -10.66 -2.84 -4.10
CA GLU A 30 -10.15 -1.65 -4.84
C GLU A 30 -8.71 -1.90 -5.30
N LEU A 31 -7.86 -2.32 -4.42
CA LEU A 31 -6.44 -2.58 -4.81
C LEU A 31 -6.40 -3.77 -5.79
N ARG A 32 -7.27 -4.72 -5.62
CA ARG A 32 -7.28 -5.90 -6.53
C ARG A 32 -7.58 -5.45 -7.96
N ARG A 33 -8.43 -4.46 -8.10
CA ARG A 33 -8.78 -3.97 -9.47
C ARG A 33 -7.94 -2.75 -9.83
N GLU A 34 -7.20 -2.22 -8.90
CA GLU A 34 -6.35 -1.02 -9.19
C GLU A 34 -4.91 -1.43 -9.47
N LEU A 35 -4.49 -2.58 -8.99
CA LEU A 35 -3.09 -3.02 -9.22
C LEU A 35 -3.07 -4.34 -9.98
N PRO A 36 -1.98 -4.59 -10.66
CA PRO A 36 -1.87 -5.86 -11.42
C PRO A 36 -2.11 -7.05 -10.49
N PRO A 37 -2.73 -8.06 -11.02
CA PRO A 37 -3.02 -9.26 -10.21
C PRO A 37 -1.82 -9.59 -9.30
N ASP A 38 -0.64 -9.50 -9.83
CA ASP A 38 0.57 -9.82 -9.01
C ASP A 38 0.75 -8.81 -7.88
N GLN A 39 0.64 -7.54 -8.16
CA GLN A 39 0.82 -6.52 -7.09
C GLN A 39 -0.34 -6.57 -6.09
N ALA A 40 -1.54 -6.71 -6.58
CA ALA A 40 -2.72 -6.75 -5.65
C ALA A 40 -2.54 -7.84 -4.60
N GLN A 41 -2.07 -9.00 -5.00
CA GLN A 41 -1.89 -10.11 -4.02
C GLN A 41 -0.92 -9.70 -2.91
N TYR A 42 0.21 -9.14 -3.26
CA TYR A 42 1.19 -8.73 -2.22
C TYR A 42 0.57 -7.74 -1.25
N CYS A 43 -0.15 -6.77 -1.75
CA CYS A 43 -0.78 -5.77 -0.84
C CYS A 43 -1.84 -6.44 0.04
N ILE A 44 -2.63 -7.30 -0.53
CA ILE A 44 -3.69 -7.99 0.28
C ILE A 44 -3.05 -8.94 1.30
N LYS A 45 -1.83 -9.34 1.08
CA LYS A 45 -1.15 -10.27 2.03
C LYS A 45 -0.55 -9.50 3.21
N ARG A 46 -0.13 -8.29 3.00
CA ARG A 46 0.48 -7.52 4.12
C ARG A 46 -0.57 -6.65 4.83
N MET A 47 -1.13 -5.69 4.14
CA MET A 47 -2.15 -4.79 4.76
C MET A 47 -2.93 -5.52 5.86
N PRO A 48 -2.71 -5.09 7.07
CA PRO A 48 -3.42 -5.72 8.22
C PRO A 48 -4.83 -5.16 8.37
N ALA A 49 -5.41 -5.27 9.53
CA ALA A 49 -6.78 -4.74 9.72
C ALA A 49 -6.74 -3.22 9.93
N TYR A 50 -7.71 -2.51 9.41
CA TYR A 50 -7.73 -1.03 9.57
C TYR A 50 -7.74 -0.66 11.06
N SER A 51 -8.37 -1.48 11.88
CA SER A 51 -8.42 -1.17 13.34
C SER A 51 -9.27 -2.21 14.07
N GLY A 52 -10.45 -2.47 13.58
CA GLY A 52 -11.33 -3.48 14.24
C GLY A 52 -12.79 -3.13 13.96
N PRO A 53 -13.46 -2.67 14.98
CA PRO A 53 -14.89 -2.32 14.79
C PRO A 53 -15.01 -1.09 13.88
N GLY A 54 -13.92 -0.40 13.67
CA GLY A 54 -13.96 0.81 12.79
C GLY A 54 -14.31 0.39 11.37
N SER A 55 -14.62 1.34 10.52
CA SER A 55 -14.97 1.02 9.12
C SER A 55 -15.85 -0.22 9.08
N VAL A 56 -15.66 -1.03 8.09
CA VAL A 56 -16.47 -2.27 7.96
C VAL A 56 -15.56 -3.50 7.88
N PRO A 57 -16.17 -4.64 7.77
CA PRO A 57 -15.36 -5.89 7.68
C PRO A 57 -14.66 -5.98 6.33
N GLY A 58 -13.37 -5.81 6.31
CA GLY A 58 -12.62 -5.88 5.02
C GLY A 58 -11.70 -4.67 4.89
N ALA A 59 -11.96 -3.62 5.63
CA ALA A 59 -11.11 -2.41 5.55
C ALA A 59 -9.68 -2.74 6.03
N LEU A 60 -8.70 -2.45 5.23
CA LEU A 60 -7.29 -2.75 5.63
C LEU A 60 -6.45 -1.46 5.56
N ASP A 61 -5.33 -1.45 6.24
CA ASP A 61 -4.47 -0.21 6.21
C ASP A 61 -3.15 -0.51 5.52
N TYR A 62 -2.94 0.07 4.37
CA TYR A 62 -1.65 -0.16 3.63
C TYR A 62 -0.52 0.60 4.33
N ALA A 63 -0.84 1.60 5.09
CA ALA A 63 0.21 2.38 5.79
C ALA A 63 1.07 1.44 6.63
N ALA A 64 0.46 0.44 7.21
CA ALA A 64 1.25 -0.54 8.03
C ALA A 64 2.16 -1.35 7.11
N PHE A 65 1.68 -1.65 5.95
CA PHE A 65 2.48 -2.44 4.98
C PHE A 65 3.61 -1.57 4.41
N SER A 66 3.36 -0.31 4.22
CA SER A 66 4.42 0.58 3.67
C SER A 66 5.64 0.57 4.58
N SER A 67 5.44 0.71 5.87
CA SER A 67 6.60 0.69 6.81
C SER A 67 7.30 -0.68 6.74
N ALA A 68 6.55 -1.72 6.59
CA ALA A 68 7.17 -3.08 6.52
C ALA A 68 8.12 -3.16 5.32
N LEU A 69 7.76 -2.54 4.23
CA LEU A 69 8.65 -2.57 3.03
C LEU A 69 10.02 -1.97 3.37
N TYR A 70 10.03 -0.89 4.09
CA TYR A 70 11.33 -0.26 4.45
C TYR A 70 11.74 -0.66 5.86
N GLY A 71 11.00 -1.53 6.49
CA GLY A 71 11.34 -1.96 7.88
C GLY A 71 10.40 -3.09 8.30
N GLU A 72 10.83 -4.31 8.21
CA GLU A 72 9.95 -5.45 8.63
C GLU A 72 10.51 -6.13 9.88
N SER A 73 9.89 -5.92 11.00
CA SER A 73 10.38 -6.55 12.26
C SER A 73 9.29 -7.43 12.88
N ASP A 74 9.63 -8.25 13.81
CA ASP A 74 8.61 -9.14 14.45
C ASP A 74 8.26 -8.62 15.85
N LEU A 75 7.01 -8.67 16.21
CA LEU A 75 6.60 -8.18 17.56
C LEU A 75 7.15 -9.10 18.65
N GLY B 9 -3.24 13.07 -14.65
CA GLY B 9 -3.13 11.60 -14.43
C GLY B 9 -2.48 11.33 -13.07
N LYS B 10 -3.22 11.48 -12.00
CA LYS B 10 -2.64 11.23 -10.65
C LYS B 10 -2.83 9.76 -10.27
N LYS B 11 -3.95 9.19 -10.62
CA LYS B 11 -4.19 7.76 -10.27
C LYS B 11 -3.09 6.87 -10.85
N ALA B 12 -2.80 7.04 -12.11
CA ALA B 12 -1.72 6.21 -12.74
C ALA B 12 -0.39 6.42 -12.01
N GLU B 13 -0.12 7.64 -11.60
CA GLU B 13 1.16 7.91 -10.88
C GLU B 13 1.17 7.16 -9.54
N ALA B 14 0.07 7.14 -8.85
CA ALA B 14 0.03 6.43 -7.54
C ALA B 14 0.21 4.92 -7.76
N VAL B 15 -0.43 4.38 -8.76
CA VAL B 15 -0.30 2.91 -9.01
C VAL B 15 1.15 2.56 -9.32
N ALA B 16 1.82 3.37 -10.09
CA ALA B 16 3.26 3.08 -10.42
C ALA B 16 4.10 3.09 -9.14
N THR B 17 3.85 4.02 -8.26
CA THR B 17 4.63 4.08 -7.00
C THR B 17 4.41 2.79 -6.18
N VAL B 18 3.18 2.41 -6.00
CA VAL B 18 2.90 1.17 -5.21
C VAL B 18 3.55 -0.04 -5.88
N VAL B 19 3.38 -0.18 -7.17
CA VAL B 19 4.00 -1.33 -7.89
C VAL B 19 5.52 -1.30 -7.74
N ALA B 20 6.12 -0.17 -7.97
CA ALA B 20 7.61 -0.08 -7.84
C ALA B 20 8.03 -0.43 -6.42
N ALA B 21 7.33 0.08 -5.43
CA ALA B 21 7.68 -0.24 -4.02
C ALA B 21 7.42 -1.72 -3.74
N VAL B 22 6.30 -2.23 -4.17
CA VAL B 22 5.99 -3.67 -3.93
C VAL B 22 6.95 -4.55 -4.73
N ASP B 23 7.19 -4.20 -5.97
CA ASP B 23 8.12 -5.03 -6.80
C ASP B 23 9.49 -5.12 -6.12
N GLN B 24 9.91 -4.07 -5.47
CA GLN B 24 11.24 -4.09 -4.80
C GLN B 24 11.32 -5.27 -3.82
N ALA B 25 10.28 -5.48 -3.05
CA ALA B 25 10.30 -6.62 -2.09
C ALA B 25 10.31 -7.95 -2.84
N ARG B 26 9.61 -8.03 -3.94
CA ARG B 26 9.58 -9.29 -4.72
C ARG B 26 10.98 -9.65 -5.19
N VAL B 27 11.73 -8.69 -5.65
CA VAL B 27 13.12 -8.97 -6.13
C VAL B 27 13.92 -9.65 -5.01
N ARG B 28 13.50 -9.47 -3.79
CA ARG B 28 14.24 -10.10 -2.66
C ARG B 28 13.36 -11.17 -1.99
N GLU B 29 12.51 -11.79 -2.74
CA GLU B 29 11.63 -12.85 -2.16
C GLU B 29 12.44 -14.12 -1.87
N PRO B 30 12.03 -14.82 -0.85
CA PRO B 30 12.77 -16.06 -0.48
C PRO B 30 12.68 -17.07 -1.63
N ARG B 31 11.74 -16.90 -2.52
CA ARG B 31 11.61 -17.84 -3.67
C ARG B 31 12.43 -17.34 -4.86
N MET A 3 9.09 17.86 -1.60
CA MET A 3 9.36 17.16 -0.30
C MET A 3 10.79 17.45 0.17
N ALA A 4 11.06 17.27 1.43
CA ALA A 4 12.43 17.53 1.95
C ALA A 4 12.83 16.46 2.97
N ASP A 5 12.21 15.31 2.91
CA ASP A 5 12.55 14.23 3.88
C ASP A 5 12.85 12.93 3.13
N THR A 6 12.21 12.71 2.01
CA THR A 6 12.47 11.46 1.24
C THR A 6 12.35 10.24 2.16
N ASP A 7 11.16 9.95 2.62
CA ASP A 7 10.97 8.78 3.51
C ASP A 7 10.58 7.54 2.70
N THR A 8 10.28 7.72 1.44
CA THR A 8 9.89 6.56 0.59
C THR A 8 8.54 6.00 1.05
N ALA A 9 8.45 5.60 2.30
CA ALA A 9 7.17 5.04 2.81
C ALA A 9 6.06 6.09 2.71
N GLU A 10 6.34 7.29 3.13
CA GLU A 10 5.32 8.37 3.05
C GLU A 10 4.81 8.47 1.61
N GLN A 11 5.67 8.29 0.65
CA GLN A 11 5.24 8.39 -0.76
C GLN A 11 4.21 7.29 -1.06
N VAL A 12 4.47 6.09 -0.66
CA VAL A 12 3.51 4.98 -0.91
C VAL A 12 2.14 5.32 -0.28
N ILE A 13 2.16 5.86 0.91
CA ILE A 13 0.87 6.23 1.57
C ILE A 13 0.10 7.21 0.67
N ALA A 14 0.74 8.24 0.22
CA ALA A 14 0.05 9.20 -0.68
C ALA A 14 -0.48 8.45 -1.90
N SER A 15 0.28 7.52 -2.39
CA SER A 15 -0.18 6.72 -3.57
C SER A 15 -1.36 5.85 -3.16
N PHE A 16 -1.31 5.27 -1.99
CA PHE A 16 -2.44 4.41 -1.53
C PHE A 16 -3.67 5.29 -1.28
N ARG A 17 -3.49 6.43 -0.69
CA ARG A 17 -4.65 7.33 -0.42
C ARG A 17 -5.39 7.59 -1.73
N ILE A 18 -4.68 7.87 -2.78
CA ILE A 18 -5.34 8.14 -4.09
C ILE A 18 -6.10 6.88 -4.55
N LEU A 19 -5.52 5.73 -4.36
CA LEU A 19 -6.21 4.47 -4.77
C LEU A 19 -7.48 4.28 -3.94
N ALA A 20 -7.40 4.54 -2.66
CA ALA A 20 -8.60 4.37 -1.79
C ALA A 20 -9.50 5.60 -1.89
N SER A 21 -9.16 6.52 -2.75
CA SER A 21 -10.00 7.75 -2.90
C SER A 21 -9.99 8.57 -1.60
N ASP A 22 -8.84 9.08 -1.23
CA ASP A 22 -8.76 9.89 0.01
C ASP A 22 -9.29 9.09 1.21
N LYS A 23 -8.69 7.97 1.50
CA LYS A 23 -9.16 7.15 2.65
C LYS A 23 -7.97 6.54 3.38
N PRO A 24 -8.09 6.48 4.68
CA PRO A 24 -6.98 5.90 5.48
C PRO A 24 -6.99 4.37 5.36
N TYR A 25 -7.88 3.83 4.57
CA TYR A 25 -7.93 2.35 4.41
C TYR A 25 -8.29 1.98 2.96
N ILE A 26 -7.90 0.82 2.53
CA ILE A 26 -8.22 0.41 1.12
C ILE A 26 -8.87 -0.98 1.12
N LEU A 27 -9.75 -1.23 0.20
CA LEU A 27 -10.41 -2.58 0.15
C LEU A 27 -9.63 -3.53 -0.76
N ALA A 28 -9.61 -4.78 -0.45
CA ALA A 28 -8.88 -5.76 -1.29
C ALA A 28 -9.49 -5.83 -2.68
N GLU A 29 -10.80 -5.85 -2.78
CA GLU A 29 -11.45 -5.91 -4.12
C GLU A 29 -10.98 -4.74 -4.97
N GLU A 30 -10.83 -3.58 -4.38
CA GLU A 30 -10.36 -2.40 -5.16
C GLU A 30 -8.95 -2.66 -5.69
N LEU A 31 -8.08 -3.15 -4.84
CA LEU A 31 -6.69 -3.43 -5.27
C LEU A 31 -6.70 -4.41 -6.45
N ARG A 32 -7.64 -5.32 -6.46
CA ARG A 32 -7.70 -6.31 -7.57
C ARG A 32 -8.11 -5.63 -8.88
N ARG A 33 -8.97 -4.64 -8.80
CA ARG A 33 -9.43 -3.95 -10.04
C ARG A 33 -8.56 -2.72 -10.33
N GLU A 34 -7.97 -2.14 -9.33
CA GLU A 34 -7.14 -0.92 -9.56
C GLU A 34 -5.68 -1.29 -9.83
N LEU A 35 -5.23 -2.44 -9.39
CA LEU A 35 -3.82 -2.83 -9.63
C LEU A 35 -3.74 -4.22 -10.25
N PRO A 36 -2.62 -4.50 -10.85
CA PRO A 36 -2.45 -5.84 -11.48
C PRO A 36 -2.61 -6.95 -10.43
N PRO A 37 -3.20 -8.03 -10.87
CA PRO A 37 -3.41 -9.16 -9.93
C PRO A 37 -2.13 -9.44 -9.12
N ASP A 38 -0.99 -9.19 -9.71
CA ASP A 38 0.29 -9.45 -8.99
C ASP A 38 0.42 -8.51 -7.78
N GLN A 39 0.17 -7.24 -7.96
CA GLN A 39 0.29 -6.29 -6.83
C GLN A 39 -0.83 -6.53 -5.81
N ALA A 40 -2.01 -6.83 -6.28
CA ALA A 40 -3.15 -7.08 -5.36
C ALA A 40 -2.78 -8.19 -4.36
N GLN A 41 -2.20 -9.26 -4.83
CA GLN A 41 -1.82 -10.36 -3.92
C GLN A 41 -0.77 -9.90 -2.91
N TYR A 42 0.24 -9.21 -3.37
CA TYR A 42 1.30 -8.72 -2.44
C TYR A 42 0.72 -7.70 -1.46
N CYS A 43 -0.02 -6.75 -1.93
CA CYS A 43 -0.62 -5.73 -1.02
C CYS A 43 -1.63 -6.38 -0.07
N ILE A 44 -2.45 -7.26 -0.56
CA ILE A 44 -3.46 -7.92 0.31
C ILE A 44 -2.77 -8.90 1.26
N LYS A 45 -1.56 -9.28 0.97
CA LYS A 45 -0.84 -10.25 1.86
C LYS A 45 -0.18 -9.50 3.03
N ARG A 46 -0.03 -8.23 2.91
CA ARG A 46 0.62 -7.45 4.00
C ARG A 46 -0.43 -6.65 4.79
N MET A 47 -1.04 -5.67 4.15
CA MET A 47 -2.08 -4.83 4.84
C MET A 47 -2.76 -5.60 5.97
N PRO A 48 -2.46 -5.20 7.18
CA PRO A 48 -3.08 -5.89 8.34
C PRO A 48 -4.51 -5.39 8.56
N ALA A 49 -5.10 -5.72 9.67
CA ALA A 49 -6.50 -5.26 9.94
C ALA A 49 -6.49 -3.86 10.57
N TYR A 50 -7.13 -2.91 9.95
CA TYR A 50 -7.17 -1.54 10.52
C TYR A 50 -7.38 -1.59 12.04
N SER A 51 -6.65 -0.79 12.78
CA SER A 51 -6.79 -0.81 14.26
C SER A 51 -8.00 0.02 14.69
N GLY A 52 -7.79 1.25 15.11
CA GLY A 52 -8.94 2.08 15.52
C GLY A 52 -8.95 3.42 14.76
N PRO A 53 -8.62 3.37 13.50
CA PRO A 53 -8.64 4.64 12.72
C PRO A 53 -10.02 4.84 12.09
N GLY A 54 -11.02 4.18 12.62
CA GLY A 54 -12.39 4.33 12.05
C GLY A 54 -12.61 3.23 11.00
N SER A 55 -12.85 3.61 9.78
CA SER A 55 -13.08 2.61 8.71
C SER A 55 -14.05 1.53 9.18
N VAL A 56 -14.22 0.52 8.40
CA VAL A 56 -15.15 -0.58 8.77
C VAL A 56 -14.52 -1.94 8.48
N PRO A 57 -15.15 -2.97 8.97
CA PRO A 57 -14.61 -4.34 8.74
C PRO A 57 -14.46 -4.60 7.25
N GLY A 58 -13.36 -5.18 6.84
CA GLY A 58 -13.14 -5.46 5.40
C GLY A 58 -12.13 -4.45 4.84
N ALA A 59 -11.91 -3.37 5.53
CA ALA A 59 -10.93 -2.35 5.04
C ALA A 59 -9.55 -2.64 5.61
N LEU A 60 -8.57 -2.85 4.77
CA LEU A 60 -7.20 -3.14 5.26
C LEU A 60 -6.39 -1.84 5.33
N ASP A 61 -5.33 -1.82 6.09
CA ASP A 61 -4.52 -0.57 6.19
C ASP A 61 -3.21 -0.70 5.41
N TYR A 62 -3.09 0.00 4.32
CA TYR A 62 -1.83 -0.06 3.53
C TYR A 62 -0.77 0.78 4.23
N ALA A 63 -1.18 1.67 5.09
CA ALA A 63 -0.19 2.50 5.81
C ALA A 63 0.78 1.58 6.54
N ALA A 64 0.27 0.53 7.15
CA ALA A 64 1.17 -0.43 7.84
C ALA A 64 2.11 -1.06 6.82
N PHE A 65 1.62 -1.21 5.61
CA PHE A 65 2.46 -1.82 4.53
C PHE A 65 3.71 -0.97 4.28
N SER A 66 3.57 0.33 4.27
CA SER A 66 4.76 1.20 4.02
C SER A 66 5.79 1.02 5.14
N SER A 67 5.38 1.12 6.37
CA SER A 67 6.34 0.96 7.50
C SER A 67 6.79 -0.51 7.59
N ALA A 68 5.92 -1.43 7.32
CA ALA A 68 6.30 -2.87 7.40
C ALA A 68 7.30 -3.24 6.31
N LEU A 69 7.14 -2.71 5.13
CA LEU A 69 8.09 -3.05 4.03
C LEU A 69 9.41 -2.31 4.22
N TYR A 70 9.36 -1.05 4.56
CA TYR A 70 10.62 -0.27 4.75
C TYR A 70 11.00 -0.25 6.23
N GLY A 71 10.38 -1.08 7.03
CA GLY A 71 10.72 -1.11 8.49
C GLY A 71 11.90 -2.05 8.72
N GLU A 72 11.62 -3.26 9.11
CA GLU A 72 12.72 -4.23 9.36
C GLU A 72 13.87 -3.55 10.10
N SER A 73 13.57 -2.69 11.03
CA SER A 73 14.65 -2.00 11.79
C SER A 73 15.02 -2.80 13.04
N ASP A 74 16.17 -3.43 13.03
CA ASP A 74 16.58 -4.24 14.22
C ASP A 74 16.89 -3.31 15.40
N LEU A 75 16.42 -3.66 16.57
CA LEU A 75 16.69 -2.79 17.76
C LEU A 75 16.83 -3.67 19.02
N GLY B 9 -2.87 11.09 -15.76
CA GLY B 9 -3.72 11.69 -14.69
C GLY B 9 -2.95 11.71 -13.38
N LYS B 10 -3.62 11.47 -12.28
CA LYS B 10 -2.92 11.46 -10.96
C LYS B 10 -2.96 10.06 -10.35
N LYS B 11 -4.03 9.34 -10.57
CA LYS B 11 -4.13 7.96 -10.00
C LYS B 11 -3.08 7.05 -10.66
N ALA B 12 -2.87 7.18 -11.93
CA ALA B 12 -1.88 6.33 -12.63
C ALA B 12 -0.50 6.48 -11.97
N GLU B 13 -0.11 7.69 -11.66
CA GLU B 13 1.21 7.90 -11.01
C GLU B 13 1.26 7.16 -9.68
N ALA B 14 0.20 7.20 -8.93
CA ALA B 14 0.19 6.50 -7.61
C ALA B 14 0.29 4.98 -7.82
N VAL B 15 -0.47 4.45 -8.74
CA VAL B 15 -0.41 2.98 -9.00
C VAL B 15 1.02 2.56 -9.36
N ALA B 16 1.69 3.33 -10.17
CA ALA B 16 3.08 2.97 -10.56
C ALA B 16 3.99 2.99 -9.32
N THR B 17 3.80 3.94 -8.45
CA THR B 17 4.66 4.00 -7.23
C THR B 17 4.42 2.76 -6.36
N VAL B 18 3.18 2.38 -6.18
CA VAL B 18 2.89 1.18 -5.34
C VAL B 18 3.45 -0.08 -6.01
N VAL B 19 3.25 -0.21 -7.30
CA VAL B 19 3.77 -1.41 -8.01
C VAL B 19 5.31 -1.45 -7.93
N ALA B 20 5.95 -0.34 -8.19
CA ALA B 20 7.44 -0.32 -8.13
C ALA B 20 7.91 -0.65 -6.71
N ALA B 21 7.21 -0.19 -5.72
CA ALA B 21 7.61 -0.47 -4.31
C ALA B 21 7.48 -1.98 -4.02
N VAL B 22 6.43 -2.60 -4.47
CA VAL B 22 6.25 -4.06 -4.22
C VAL B 22 7.33 -4.84 -4.95
N ASP B 23 7.65 -4.45 -6.17
CA ASP B 23 8.70 -5.19 -6.93
C ASP B 23 10.06 -5.04 -6.24
N GLN B 24 10.32 -3.89 -5.67
CA GLN B 24 11.62 -3.69 -4.98
C GLN B 24 11.79 -4.70 -3.84
N ALA B 25 10.76 -4.92 -3.08
CA ALA B 25 10.85 -5.90 -1.95
C ALA B 25 11.08 -7.31 -2.49
N ARG B 26 10.49 -7.64 -3.61
CA ARG B 26 10.68 -9.00 -4.18
C ARG B 26 12.12 -9.19 -4.65
N VAL B 27 12.66 -8.24 -5.36
CA VAL B 27 14.06 -8.38 -5.85
C VAL B 27 15.02 -8.50 -4.67
N ARG B 28 14.61 -8.05 -3.52
CA ARG B 28 15.50 -8.14 -2.32
C ARG B 28 16.88 -7.53 -2.63
N GLU B 29 16.91 -6.29 -3.02
CA GLU B 29 18.22 -5.64 -3.33
C GLU B 29 18.68 -4.76 -2.16
N PRO B 30 19.91 -4.95 -1.78
CA PRO B 30 20.44 -4.14 -0.66
C PRO B 30 20.43 -2.65 -1.02
N ARG B 31 21.25 -1.87 -0.37
CA ARG B 31 21.28 -0.41 -0.68
C ARG B 31 22.56 0.23 -0.15
N MET A 3 4.76 18.47 8.00
CA MET A 3 5.01 18.17 6.57
C MET A 3 6.48 18.37 6.23
N ALA A 4 7.14 17.35 5.75
CA ALA A 4 8.59 17.49 5.41
C ALA A 4 8.89 16.79 4.08
N ASP A 5 8.42 17.32 2.99
CA ASP A 5 8.68 16.69 1.67
C ASP A 5 8.30 15.20 1.72
N THR A 6 8.91 14.39 0.90
CA THR A 6 8.58 12.94 0.89
C THR A 6 9.83 12.11 1.22
N ASP A 7 9.69 10.81 1.27
CA ASP A 7 10.87 9.96 1.60
C ASP A 7 10.65 8.54 1.05
N THR A 8 10.26 8.43 -0.19
CA THR A 8 10.04 7.08 -0.79
C THR A 8 8.87 6.37 -0.08
N ALA A 9 9.04 6.04 1.17
CA ALA A 9 7.95 5.36 1.91
C ALA A 9 6.73 6.29 2.01
N GLU A 10 6.95 7.52 2.39
CA GLU A 10 5.82 8.49 2.51
C GLU A 10 5.05 8.53 1.18
N GLN A 11 5.75 8.43 0.08
CA GLN A 11 5.07 8.48 -1.24
C GLN A 11 4.08 7.31 -1.37
N VAL A 12 4.43 6.16 -0.87
CA VAL A 12 3.50 5.01 -0.96
C VAL A 12 2.17 5.35 -0.30
N ILE A 13 2.21 5.84 0.90
CA ILE A 13 0.94 6.22 1.59
C ILE A 13 0.16 7.18 0.72
N ALA A 14 0.80 8.22 0.24
CA ALA A 14 0.09 9.19 -0.64
C ALA A 14 -0.46 8.44 -1.86
N SER A 15 0.30 7.51 -2.37
CA SER A 15 -0.17 6.73 -3.54
C SER A 15 -1.36 5.86 -3.11
N PHE A 16 -1.29 5.27 -1.94
CA PHE A 16 -2.42 4.43 -1.46
C PHE A 16 -3.63 5.32 -1.20
N ARG A 17 -3.42 6.47 -0.62
CA ARG A 17 -4.56 7.40 -0.35
C ARG A 17 -5.33 7.66 -1.64
N ILE A 18 -4.61 7.91 -2.72
CA ILE A 18 -5.29 8.18 -4.01
C ILE A 18 -6.12 6.97 -4.43
N LEU A 19 -5.57 5.79 -4.31
CA LEU A 19 -6.33 4.56 -4.69
C LEU A 19 -7.54 4.40 -3.77
N ALA A 20 -7.38 4.68 -2.51
CA ALA A 20 -8.52 4.53 -1.57
C ALA A 20 -9.47 5.72 -1.71
N SER A 21 -9.13 6.67 -2.54
CA SER A 21 -10.02 7.86 -2.73
C SER A 21 -10.09 8.68 -1.44
N ASP A 22 -8.98 9.23 -1.02
CA ASP A 22 -8.98 10.06 0.22
C ASP A 22 -9.54 9.25 1.40
N LYS A 23 -8.89 8.18 1.75
CA LYS A 23 -9.39 7.35 2.89
C LYS A 23 -8.19 6.77 3.67
N PRO A 24 -8.35 6.69 4.96
CA PRO A 24 -7.26 6.13 5.79
C PRO A 24 -7.17 4.61 5.60
N TYR A 25 -8.02 4.06 4.79
CA TYR A 25 -7.99 2.58 4.56
C TYR A 25 -8.39 2.25 3.13
N ILE A 26 -7.97 1.12 2.63
CA ILE A 26 -8.32 0.73 1.24
C ILE A 26 -9.00 -0.64 1.24
N LEU A 27 -9.99 -0.83 0.42
CA LEU A 27 -10.68 -2.15 0.38
C LEU A 27 -9.86 -3.14 -0.44
N ALA A 28 -9.73 -4.35 0.03
CA ALA A 28 -8.95 -5.37 -0.73
C ALA A 28 -9.59 -5.62 -2.09
N GLU A 29 -10.89 -5.68 -2.14
CA GLU A 29 -11.58 -5.90 -3.44
C GLU A 29 -11.15 -4.82 -4.43
N GLU A 30 -11.08 -3.59 -3.99
CA GLU A 30 -10.66 -2.50 -4.89
C GLU A 30 -9.18 -2.64 -5.24
N LEU A 31 -8.37 -2.97 -4.26
CA LEU A 31 -6.92 -3.15 -4.52
C LEU A 31 -6.74 -4.32 -5.50
N ARG A 32 -7.49 -5.35 -5.31
CA ARG A 32 -7.38 -6.53 -6.22
C ARG A 32 -7.75 -6.14 -7.65
N ARG A 33 -8.68 -5.22 -7.80
CA ARG A 33 -9.12 -4.81 -9.16
C ARG A 33 -8.40 -3.53 -9.61
N GLU A 34 -7.94 -2.72 -8.70
CA GLU A 34 -7.25 -1.46 -9.11
C GLU A 34 -5.80 -1.73 -9.52
N LEU A 35 -5.23 -2.82 -9.08
CA LEU A 35 -3.82 -3.11 -9.43
C LEU A 35 -3.71 -4.39 -10.27
N PRO A 36 -2.53 -4.59 -10.81
CA PRO A 36 -2.29 -5.81 -11.63
C PRO A 36 -2.57 -7.06 -10.80
N PRO A 37 -1.87 -8.12 -11.11
CA PRO A 37 -2.10 -9.37 -10.34
C PRO A 37 -1.07 -9.50 -9.21
N ASP A 38 0.17 -9.23 -9.50
CA ASP A 38 1.22 -9.34 -8.46
C ASP A 38 1.02 -8.29 -7.35
N GLN A 39 0.67 -7.09 -7.71
CA GLN A 39 0.48 -6.03 -6.68
C GLN A 39 -0.77 -6.29 -5.84
N ALA A 40 -1.85 -6.65 -6.47
CA ALA A 40 -3.10 -6.92 -5.71
C ALA A 40 -2.91 -8.10 -4.74
N GLN A 41 -2.33 -9.18 -5.20
CA GLN A 41 -2.13 -10.35 -4.31
C GLN A 41 -1.14 -10.03 -3.19
N TYR A 42 -0.05 -9.38 -3.50
CA TYR A 42 0.94 -9.05 -2.44
C TYR A 42 0.35 -8.07 -1.41
N CYS A 43 -0.36 -7.09 -1.88
CA CYS A 43 -0.96 -6.11 -0.94
C CYS A 43 -1.87 -6.81 0.08
N ILE A 44 -2.78 -7.62 -0.40
CA ILE A 44 -3.70 -8.34 0.53
C ILE A 44 -2.89 -9.18 1.53
N LYS A 45 -1.68 -9.53 1.19
CA LYS A 45 -0.85 -10.35 2.12
C LYS A 45 -0.20 -9.47 3.19
N ARG A 46 -0.18 -8.18 2.97
CA ARG A 46 0.46 -7.29 3.99
C ARG A 46 -0.59 -6.37 4.64
N MET A 47 -1.26 -5.56 3.86
CA MET A 47 -2.29 -4.65 4.42
C MET A 47 -3.03 -5.30 5.60
N PRO A 48 -2.63 -4.93 6.78
CA PRO A 48 -3.28 -5.52 7.98
C PRO A 48 -4.70 -4.95 8.14
N ALA A 49 -5.32 -5.17 9.26
CA ALA A 49 -6.70 -4.65 9.47
C ALA A 49 -6.66 -3.13 9.70
N TYR A 50 -7.65 -2.43 9.25
CA TYR A 50 -7.66 -0.94 9.44
C TYR A 50 -7.48 -0.60 10.93
N SER A 51 -7.51 0.67 11.26
CA SER A 51 -7.33 1.06 12.69
C SER A 51 -7.84 2.49 12.90
N GLY A 52 -9.12 2.66 12.99
CA GLY A 52 -9.68 4.02 13.20
C GLY A 52 -11.19 3.93 13.44
N PRO A 53 -11.71 4.95 14.07
CA PRO A 53 -13.17 4.95 14.37
C PRO A 53 -13.97 5.11 13.07
N GLY A 54 -14.72 4.11 12.69
CA GLY A 54 -15.53 4.22 11.44
C GLY A 54 -14.82 3.47 10.31
N SER A 55 -15.55 2.67 9.57
CA SER A 55 -14.95 1.90 8.46
C SER A 55 -16.00 1.01 7.80
N VAL A 56 -15.59 -0.08 7.22
CA VAL A 56 -16.58 -0.99 6.56
C VAL A 56 -16.12 -2.45 6.71
N PRO A 57 -16.99 -3.34 6.31
CA PRO A 57 -16.64 -4.78 6.41
C PRO A 57 -15.61 -5.16 5.34
N GLY A 58 -14.39 -4.75 5.52
CA GLY A 58 -13.33 -5.08 4.52
C GLY A 58 -12.39 -3.89 4.36
N ALA A 59 -11.99 -3.29 5.45
CA ALA A 59 -11.06 -2.12 5.37
C ALA A 59 -9.65 -2.52 5.80
N LEU A 60 -8.72 -2.52 4.89
CA LEU A 60 -7.32 -2.89 5.25
C LEU A 60 -6.45 -1.63 5.28
N ASP A 61 -5.32 -1.69 5.95
CA ASP A 61 -4.45 -0.48 6.02
C ASP A 61 -3.14 -0.71 5.28
N TYR A 62 -2.94 -0.03 4.18
CA TYR A 62 -1.67 -0.19 3.40
C TYR A 62 -0.54 0.57 4.10
N ALA A 63 -0.88 1.54 4.89
CA ALA A 63 0.18 2.32 5.60
C ALA A 63 1.06 1.36 6.40
N ALA A 64 0.48 0.36 7.01
CA ALA A 64 1.30 -0.60 7.79
C ALA A 64 2.17 -1.42 6.84
N PHE A 65 1.66 -1.70 5.68
CA PHE A 65 2.44 -2.48 4.68
C PHE A 65 3.57 -1.63 4.11
N SER A 66 3.33 -0.35 3.93
CA SER A 66 4.39 0.54 3.38
C SER A 66 5.62 0.55 4.29
N SER A 67 5.41 0.76 5.56
CA SER A 67 6.57 0.79 6.51
C SER A 67 7.22 -0.59 6.58
N ALA A 68 6.43 -1.63 6.65
CA ALA A 68 7.00 -3.01 6.72
C ALA A 68 7.85 -3.28 5.49
N LEU A 69 7.49 -2.72 4.37
CA LEU A 69 8.28 -2.95 3.12
C LEU A 69 9.68 -2.36 3.26
N TYR A 70 9.80 -1.23 3.92
CA TYR A 70 11.14 -0.61 4.09
C TYR A 70 11.84 -1.17 5.33
N GLY A 71 11.08 -1.71 6.25
CA GLY A 71 11.69 -2.28 7.48
C GLY A 71 11.12 -3.68 7.74
N GLU A 72 11.94 -4.69 7.69
CA GLU A 72 11.43 -6.07 7.94
C GLU A 72 11.15 -6.27 9.43
N SER A 73 12.15 -6.15 10.26
CA SER A 73 11.95 -6.34 11.73
C SER A 73 13.23 -6.02 12.49
N ASP A 74 14.28 -6.73 12.23
CA ASP A 74 15.57 -6.46 12.94
C ASP A 74 16.32 -5.31 12.26
N LEU A 75 16.49 -4.21 12.95
CA LEU A 75 17.21 -3.06 12.34
C LEU A 75 16.47 -2.56 11.09
N GLY B 9 -1.80 10.83 -15.62
CA GLY B 9 -2.93 11.27 -14.74
C GLY B 9 -2.47 11.30 -13.29
N LYS B 10 -3.39 11.28 -12.36
CA LYS B 10 -3.00 11.31 -10.92
C LYS B 10 -3.08 9.90 -10.33
N LYS B 11 -4.17 9.22 -10.55
CA LYS B 11 -4.31 7.83 -10.00
C LYS B 11 -3.23 6.92 -10.58
N ALA B 12 -3.01 6.99 -11.86
CA ALA B 12 -1.97 6.12 -12.50
C ALA B 12 -0.61 6.37 -11.84
N GLU B 13 -0.35 7.59 -11.46
CA GLU B 13 0.96 7.89 -10.80
C GLU B 13 1.06 7.17 -9.45
N ALA B 14 0.02 7.22 -8.67
CA ALA B 14 0.04 6.54 -7.34
C ALA B 14 0.20 5.03 -7.53
N VAL B 15 -0.45 4.48 -8.52
CA VAL B 15 -0.34 3.01 -8.75
C VAL B 15 1.11 2.64 -9.09
N ALA B 16 1.76 3.42 -9.91
CA ALA B 16 3.17 3.12 -10.27
C ALA B 16 4.04 3.07 -9.01
N THR B 17 3.81 3.97 -8.10
CA THR B 17 4.62 4.00 -6.85
C THR B 17 4.41 2.70 -6.06
N VAL B 18 3.19 2.29 -5.88
CA VAL B 18 2.92 1.04 -5.11
C VAL B 18 3.49 -0.17 -5.87
N VAL B 19 3.30 -0.22 -7.16
CA VAL B 19 3.84 -1.37 -7.95
C VAL B 19 5.37 -1.40 -7.87
N ALA B 20 6.01 -0.29 -8.11
CA ALA B 20 7.50 -0.26 -8.05
C ALA B 20 7.98 -0.57 -6.64
N ALA B 21 7.23 -0.18 -5.65
CA ALA B 21 7.65 -0.45 -4.24
C ALA B 21 7.62 -1.96 -3.95
N VAL B 22 6.57 -2.62 -4.36
CA VAL B 22 6.48 -4.09 -4.11
C VAL B 22 7.54 -4.84 -4.93
N ASP B 23 7.74 -4.46 -6.16
CA ASP B 23 8.75 -5.15 -7.00
C ASP B 23 10.15 -4.91 -6.44
N GLN B 24 10.38 -3.78 -5.83
CA GLN B 24 11.73 -3.49 -5.27
C GLN B 24 12.06 -4.48 -4.13
N ALA B 25 11.17 -4.65 -3.20
CA ALA B 25 11.44 -5.58 -2.08
C ALA B 25 11.55 -7.02 -2.58
N ARG B 26 10.79 -7.36 -3.59
CA ARG B 26 10.84 -8.76 -4.12
C ARG B 26 12.20 -9.03 -4.78
N VAL B 27 12.77 -8.05 -5.43
CA VAL B 27 14.09 -8.26 -6.08
C VAL B 27 15.21 -8.31 -5.04
N ARG B 28 14.96 -7.76 -3.88
CA ARG B 28 16.00 -7.78 -2.81
C ARG B 28 17.33 -7.24 -3.36
N GLU B 29 17.33 -6.05 -3.87
CA GLU B 29 18.60 -5.47 -4.41
C GLU B 29 19.21 -4.49 -3.41
N PRO B 30 20.45 -4.72 -3.08
CA PRO B 30 21.13 -3.82 -2.11
C PRO B 30 21.76 -2.63 -2.85
N ARG B 31 22.46 -2.88 -3.92
CA ARG B 31 23.10 -1.77 -4.67
C ARG B 31 22.03 -0.86 -5.28
N MET A 3 4.64 19.42 -5.86
CA MET A 3 3.55 18.51 -5.41
C MET A 3 4.01 17.71 -4.19
N ALA A 4 4.97 16.83 -4.36
CA ALA A 4 5.45 16.02 -3.22
C ALA A 4 6.95 15.73 -3.37
N ASP A 5 7.30 14.69 -4.07
CA ASP A 5 8.74 14.36 -4.26
C ASP A 5 9.45 14.32 -2.90
N THR A 6 10.74 14.11 -2.91
CA THR A 6 11.49 14.06 -1.62
C THR A 6 10.70 13.24 -0.58
N ASP A 7 10.35 12.03 -0.91
CA ASP A 7 9.60 11.18 0.06
C ASP A 7 9.61 9.72 -0.38
N THR A 8 9.84 8.82 0.55
CA THR A 8 9.86 7.38 0.18
C THR A 8 8.62 6.67 0.73
N ALA A 9 8.54 6.50 2.03
CA ALA A 9 7.34 5.84 2.62
C ALA A 9 6.11 6.68 2.33
N GLU A 10 6.26 7.97 2.39
CA GLU A 10 5.10 8.87 2.11
C GLU A 10 4.59 8.61 0.69
N GLN A 11 5.47 8.31 -0.23
CA GLN A 11 5.04 8.05 -1.62
C GLN A 11 4.07 6.87 -1.68
N VAL A 12 4.37 5.81 -0.99
CA VAL A 12 3.45 4.63 -1.00
C VAL A 12 2.12 5.00 -0.35
N ILE A 13 2.16 5.73 0.73
CA ILE A 13 0.90 6.13 1.41
C ILE A 13 0.11 7.07 0.50
N ALA A 14 0.75 8.05 -0.06
CA ALA A 14 0.05 8.99 -0.98
C ALA A 14 -0.58 8.19 -2.12
N SER A 15 0.19 7.29 -2.69
CA SER A 15 -0.37 6.46 -3.79
C SER A 15 -1.51 5.61 -3.24
N PHE A 16 -1.34 5.04 -2.08
CA PHE A 16 -2.42 4.21 -1.48
C PHE A 16 -3.64 5.10 -1.21
N ARG A 17 -3.41 6.28 -0.71
CA ARG A 17 -4.54 7.21 -0.43
C ARG A 17 -5.35 7.41 -1.71
N ILE A 18 -4.68 7.57 -2.81
CA ILE A 18 -5.40 7.76 -4.10
C ILE A 18 -6.27 6.54 -4.40
N LEU A 19 -5.73 5.36 -4.24
CA LEU A 19 -6.53 4.13 -4.52
C LEU A 19 -7.70 4.02 -3.53
N ALA A 20 -7.46 4.33 -2.28
CA ALA A 20 -8.55 4.25 -1.28
C ALA A 20 -9.53 5.42 -1.47
N SER A 21 -9.28 6.27 -2.42
CA SER A 21 -10.20 7.42 -2.66
C SER A 21 -10.34 8.26 -1.39
N ASP A 22 -9.24 8.70 -0.84
CA ASP A 22 -9.32 9.53 0.40
C ASP A 22 -10.03 8.76 1.52
N LYS A 23 -9.69 7.52 1.71
CA LYS A 23 -10.34 6.71 2.79
C LYS A 23 -9.33 6.37 3.88
N PRO A 24 -9.81 6.33 5.10
CA PRO A 24 -8.90 5.99 6.21
C PRO A 24 -8.33 4.58 6.01
N TYR A 25 -8.87 3.84 5.08
CA TYR A 25 -8.36 2.46 4.83
C TYR A 25 -8.56 2.08 3.36
N ILE A 26 -7.99 0.98 2.94
CA ILE A 26 -8.16 0.54 1.52
C ILE A 26 -8.77 -0.86 1.47
N LEU A 27 -9.58 -1.12 0.49
CA LEU A 27 -10.22 -2.48 0.38
C LEU A 27 -9.38 -3.38 -0.55
N ALA A 28 -9.35 -4.65 -0.26
CA ALA A 28 -8.57 -5.58 -1.12
C ALA A 28 -9.14 -5.58 -2.55
N GLU A 29 -10.43 -5.45 -2.67
CA GLU A 29 -11.05 -5.44 -4.02
C GLU A 29 -10.70 -4.14 -4.76
N GLU A 30 -10.56 -3.06 -4.05
CA GLU A 30 -10.22 -1.77 -4.70
C GLU A 30 -8.81 -1.82 -5.28
N LEU A 31 -7.85 -2.23 -4.51
CA LEU A 31 -6.46 -2.32 -5.04
C LEU A 31 -6.39 -3.42 -6.09
N ARG A 32 -7.16 -4.46 -5.90
CA ARG A 32 -7.17 -5.57 -6.89
C ARG A 32 -7.50 -5.03 -8.29
N ARG A 33 -8.34 -4.03 -8.35
CA ARG A 33 -8.69 -3.45 -9.68
C ARG A 33 -7.79 -2.27 -10.01
N GLU A 34 -7.14 -1.71 -9.02
CA GLU A 34 -6.22 -0.55 -9.29
C GLU A 34 -4.79 -1.04 -9.54
N LEU A 35 -4.45 -2.20 -9.05
CA LEU A 35 -3.08 -2.71 -9.27
C LEU A 35 -3.11 -4.07 -9.98
N PRO A 36 -2.14 -4.29 -10.82
CA PRO A 36 -2.12 -5.59 -11.54
C PRO A 36 -2.34 -6.73 -10.54
N PRO A 37 -3.16 -7.66 -10.96
CA PRO A 37 -3.46 -8.81 -10.06
C PRO A 37 -2.20 -9.24 -9.30
N ASP A 38 -1.07 -9.21 -9.93
CA ASP A 38 0.19 -9.63 -9.23
C ASP A 38 0.52 -8.66 -8.09
N GLN A 39 0.48 -7.39 -8.33
CA GLN A 39 0.80 -6.40 -7.26
C GLN A 39 -0.30 -6.38 -6.19
N ALA A 40 -1.53 -6.35 -6.60
CA ALA A 40 -2.65 -6.32 -5.61
C ALA A 40 -2.56 -7.51 -4.66
N GLN A 41 -2.30 -8.68 -5.16
CA GLN A 41 -2.21 -9.88 -4.28
C GLN A 41 -1.13 -9.67 -3.20
N TYR A 42 -0.02 -9.09 -3.57
CA TYR A 42 1.07 -8.87 -2.57
C TYR A 42 0.61 -7.89 -1.49
N CYS A 43 -0.01 -6.81 -1.87
CA CYS A 43 -0.47 -5.81 -0.85
C CYS A 43 -1.55 -6.41 0.04
N ILE A 44 -2.58 -6.98 -0.54
CA ILE A 44 -3.67 -7.57 0.29
C ILE A 44 -3.08 -8.41 1.42
N LYS A 45 -1.91 -8.94 1.23
CA LYS A 45 -1.28 -9.77 2.30
C LYS A 45 -0.51 -8.87 3.28
N ARG A 46 0.13 -7.85 2.77
CA ARG A 46 0.91 -6.93 3.66
C ARG A 46 -0.02 -6.13 4.56
N MET A 47 -0.66 -5.13 4.03
CA MET A 47 -1.57 -4.28 4.86
C MET A 47 -2.36 -5.16 5.84
N PRO A 48 -1.92 -5.13 7.07
CA PRO A 48 -2.59 -5.96 8.12
C PRO A 48 -4.05 -5.57 8.27
N ALA A 49 -4.65 -5.88 9.39
CA ALA A 49 -6.08 -5.53 9.60
C ALA A 49 -6.25 -4.03 9.88
N TYR A 50 -7.01 -3.36 9.05
CA TYR A 50 -7.23 -1.90 9.25
C TYR A 50 -7.44 -1.58 10.73
N SER A 51 -7.39 -0.32 11.09
CA SER A 51 -7.59 0.06 12.52
C SER A 51 -7.61 1.59 12.66
N GLY A 52 -8.56 2.23 12.06
CA GLY A 52 -8.63 3.73 12.15
C GLY A 52 -10.07 4.17 12.38
N PRO A 53 -10.26 5.46 12.47
CA PRO A 53 -11.63 5.98 12.68
C PRO A 53 -12.53 5.60 11.51
N GLY A 54 -13.72 5.12 11.79
CA GLY A 54 -14.65 4.73 10.69
C GLY A 54 -14.33 3.31 10.23
N SER A 55 -13.41 2.65 10.91
CA SER A 55 -13.04 1.27 10.54
C SER A 55 -14.24 0.48 10.04
N VAL A 56 -14.05 -0.29 9.02
CA VAL A 56 -15.17 -1.10 8.45
C VAL A 56 -14.66 -2.46 7.98
N PRO A 57 -15.58 -3.36 7.74
CA PRO A 57 -15.18 -4.71 7.28
C PRO A 57 -14.62 -4.64 5.85
N GLY A 58 -13.59 -5.39 5.57
CA GLY A 58 -13.01 -5.37 4.21
C GLY A 58 -11.91 -4.31 4.13
N ALA A 59 -11.82 -3.46 5.13
CA ALA A 59 -10.76 -2.41 5.10
C ALA A 59 -9.41 -2.99 5.51
N LEU A 60 -8.35 -2.50 4.96
CA LEU A 60 -7.00 -3.01 5.32
C LEU A 60 -6.05 -1.84 5.59
N ASP A 61 -5.05 -2.04 6.40
CA ASP A 61 -4.11 -0.92 6.69
C ASP A 61 -3.00 -0.87 5.63
N TYR A 62 -3.02 0.12 4.80
CA TYR A 62 -1.96 0.24 3.76
C TYR A 62 -0.74 0.93 4.36
N ALA A 63 -0.94 1.66 5.42
CA ALA A 63 0.20 2.35 6.07
C ALA A 63 1.14 1.30 6.69
N ALA A 64 0.60 0.25 7.25
CA ALA A 64 1.47 -0.79 7.85
C ALA A 64 2.34 -1.44 6.77
N PHE A 65 1.82 -1.54 5.58
CA PHE A 65 2.60 -2.15 4.47
C PHE A 65 3.72 -1.20 4.03
N SER A 66 3.48 0.07 4.08
CA SER A 66 4.52 1.05 3.66
C SER A 66 5.72 1.01 4.62
N SER A 67 5.45 1.08 5.90
CA SER A 67 6.58 1.05 6.89
C SER A 67 7.28 -0.31 6.83
N ALA A 68 6.54 -1.37 6.69
CA ALA A 68 7.17 -2.72 6.64
C ALA A 68 8.00 -2.88 5.36
N LEU A 69 7.53 -2.31 4.27
CA LEU A 69 8.29 -2.43 2.99
C LEU A 69 9.70 -1.85 3.16
N TYR A 70 9.81 -0.73 3.82
CA TYR A 70 11.16 -0.11 4.01
C TYR A 70 11.71 -0.48 5.38
N GLY A 71 10.85 -0.80 6.32
CA GLY A 71 11.34 -1.17 7.68
C GLY A 71 12.14 -2.47 7.60
N GLU A 72 11.81 -3.42 8.43
CA GLU A 72 12.56 -4.71 8.41
C GLU A 72 11.64 -5.85 7.94
N SER A 73 12.09 -7.07 8.06
CA SER A 73 11.24 -8.22 7.62
C SER A 73 10.21 -8.54 8.69
N ASP A 74 9.81 -9.79 8.79
CA ASP A 74 8.79 -10.17 9.81
C ASP A 74 9.50 -10.68 11.08
N LEU A 75 9.12 -10.17 12.22
CA LEU A 75 9.76 -10.61 13.49
C LEU A 75 8.70 -10.90 14.55
N GLY B 9 -4.37 9.65 -15.04
CA GLY B 9 -3.93 10.97 -14.52
C GLY B 9 -3.86 10.92 -12.99
N LYS B 10 -2.69 11.12 -12.44
CA LYS B 10 -2.55 11.08 -10.95
C LYS B 10 -2.82 9.67 -10.43
N LYS B 11 -4.02 9.17 -10.62
CA LYS B 11 -4.34 7.80 -10.13
C LYS B 11 -3.38 6.78 -10.76
N ALA B 12 -3.13 6.89 -12.04
CA ALA B 12 -2.20 5.94 -12.70
C ALA B 12 -0.79 6.08 -12.12
N GLU B 13 -0.41 7.28 -11.76
CA GLU B 13 0.94 7.49 -11.18
C GLU B 13 1.05 6.77 -9.82
N ALA B 14 0.01 6.83 -9.03
CA ALA B 14 0.05 6.15 -7.70
C ALA B 14 0.20 4.63 -7.91
N VAL B 15 -0.46 4.08 -8.88
CA VAL B 15 -0.34 2.62 -9.13
C VAL B 15 1.10 2.26 -9.44
N ALA B 16 1.78 3.06 -10.22
CA ALA B 16 3.20 2.76 -10.55
C ALA B 16 4.07 2.83 -9.29
N THR B 17 3.84 3.81 -8.45
CA THR B 17 4.65 3.94 -7.21
C THR B 17 4.44 2.71 -6.32
N VAL B 18 3.21 2.30 -6.14
CA VAL B 18 2.94 1.11 -5.30
C VAL B 18 3.56 -0.14 -5.94
N VAL B 19 3.44 -0.28 -7.23
CA VAL B 19 4.02 -1.47 -7.92
C VAL B 19 5.54 -1.51 -7.69
N ALA B 20 6.21 -0.41 -7.86
CA ALA B 20 7.68 -0.38 -7.66
C ALA B 20 8.02 -0.77 -6.21
N ALA B 21 7.27 -0.26 -5.26
CA ALA B 21 7.56 -0.59 -3.84
C ALA B 21 7.31 -2.08 -3.59
N VAL B 22 6.23 -2.60 -4.10
CA VAL B 22 5.93 -4.05 -3.88
C VAL B 22 6.95 -4.92 -4.62
N ASP B 23 7.25 -4.58 -5.84
CA ASP B 23 8.24 -5.40 -6.62
C ASP B 23 9.58 -5.43 -5.87
N GLN B 24 9.92 -4.37 -5.19
CA GLN B 24 11.21 -4.36 -4.45
C GLN B 24 11.22 -5.43 -3.36
N ALA B 25 10.15 -5.54 -2.61
CA ALA B 25 10.09 -6.57 -1.53
C ALA B 25 10.29 -7.96 -2.13
N ARG B 26 9.78 -8.19 -3.31
CA ARG B 26 9.93 -9.53 -3.96
C ARG B 26 11.40 -9.80 -4.26
N VAL B 27 12.15 -8.79 -4.62
CA VAL B 27 13.59 -9.00 -4.94
C VAL B 27 14.32 -9.54 -3.72
N ARG B 28 13.78 -9.32 -2.55
CA ARG B 28 14.45 -9.82 -1.31
C ARG B 28 15.80 -9.14 -1.14
N GLU B 29 15.80 -7.87 -0.85
CA GLU B 29 17.10 -7.15 -0.65
C GLU B 29 17.77 -7.61 0.64
N PRO B 30 19.07 -7.76 0.57
CA PRO B 30 19.80 -8.21 1.78
C PRO B 30 19.96 -7.05 2.76
N ARG B 31 18.89 -6.63 3.38
CA ARG B 31 18.99 -5.49 4.34
C ARG B 31 18.18 -5.80 5.61
N MET A 3 0.79 15.88 1.86
CA MET A 3 1.24 17.25 1.49
C MET A 3 2.29 17.74 2.48
N ALA A 4 3.51 17.32 2.33
CA ALA A 4 4.57 17.77 3.28
C ALA A 4 5.95 17.28 2.81
N ASP A 5 6.28 16.05 3.09
CA ASP A 5 7.60 15.52 2.66
C ASP A 5 7.46 14.06 2.20
N THR A 6 8.53 13.48 1.73
CA THR A 6 8.46 12.07 1.26
C THR A 6 9.58 11.24 1.89
N ASP A 7 9.49 9.94 1.83
CA ASP A 7 10.56 9.09 2.44
C ASP A 7 10.31 7.61 2.10
N THR A 8 10.11 7.30 0.85
CA THR A 8 9.87 5.88 0.46
C THR A 8 8.56 5.38 1.08
N ALA A 9 8.51 5.24 2.38
CA ALA A 9 7.26 4.75 3.03
C ALA A 9 6.17 5.82 2.91
N GLU A 10 6.53 7.06 3.05
CA GLU A 10 5.52 8.15 2.94
C GLU A 10 5.01 8.26 1.50
N GLN A 11 5.87 8.03 0.55
CA GLN A 11 5.44 8.11 -0.87
C GLN A 11 4.37 7.06 -1.16
N VAL A 12 4.56 5.86 -0.72
CA VAL A 12 3.54 4.80 -0.96
C VAL A 12 2.19 5.23 -0.38
N ILE A 13 2.19 5.74 0.83
CA ILE A 13 0.91 6.18 1.44
C ILE A 13 0.19 7.17 0.52
N ALA A 14 0.90 8.15 0.03
CA ALA A 14 0.25 9.13 -0.90
C ALA A 14 -0.32 8.38 -2.10
N SER A 15 0.42 7.43 -2.62
CA SER A 15 -0.07 6.65 -3.78
C SER A 15 -1.25 5.77 -3.33
N PHE A 16 -1.16 5.21 -2.16
CA PHE A 16 -2.27 4.35 -1.67
C PHE A 16 -3.49 5.22 -1.36
N ARG A 17 -3.28 6.37 -0.77
CA ARG A 17 -4.42 7.27 -0.46
C ARG A 17 -5.22 7.52 -1.74
N ILE A 18 -4.54 7.83 -2.82
CA ILE A 18 -5.27 8.08 -4.10
C ILE A 18 -6.05 6.84 -4.49
N LEU A 19 -5.47 5.69 -4.35
CA LEU A 19 -6.19 4.43 -4.70
C LEU A 19 -7.41 4.26 -3.80
N ALA A 20 -7.26 4.52 -2.53
CA ALA A 20 -8.41 4.38 -1.60
C ALA A 20 -9.41 5.52 -1.80
N SER A 21 -9.10 6.45 -2.67
CA SER A 21 -10.03 7.59 -2.91
C SER A 21 -10.15 8.45 -1.65
N ASP A 22 -9.14 9.23 -1.37
CA ASP A 22 -9.19 10.10 -0.16
C ASP A 22 -9.62 9.28 1.07
N LYS A 23 -8.88 8.26 1.40
CA LYS A 23 -9.24 7.44 2.58
C LYS A 23 -7.98 6.87 3.24
N PRO A 24 -8.04 6.78 4.54
CA PRO A 24 -6.86 6.25 5.27
C PRO A 24 -6.81 4.72 5.14
N TYR A 25 -7.70 4.15 4.37
CA TYR A 25 -7.69 2.66 4.21
C TYR A 25 -8.21 2.28 2.81
N ILE A 26 -8.18 1.02 2.48
CA ILE A 26 -8.66 0.59 1.14
C ILE A 26 -9.20 -0.85 1.22
N LEU A 27 -10.05 -1.23 0.30
CA LEU A 27 -10.61 -2.61 0.32
C LEU A 27 -9.72 -3.55 -0.48
N ALA A 28 -9.66 -4.80 -0.11
CA ALA A 28 -8.81 -5.77 -0.86
C ALA A 28 -9.24 -5.81 -2.32
N GLU A 29 -10.50 -5.68 -2.58
CA GLU A 29 -10.99 -5.70 -3.98
C GLU A 29 -10.55 -4.44 -4.72
N GLU A 30 -10.50 -3.34 -4.03
CA GLU A 30 -10.09 -2.05 -4.69
C GLU A 30 -8.65 -2.16 -5.21
N LEU A 31 -7.73 -2.58 -4.39
CA LEU A 31 -6.33 -2.70 -4.86
C LEU A 31 -6.24 -3.81 -5.90
N ARG A 32 -7.05 -4.84 -5.76
CA ARG A 32 -7.02 -5.95 -6.74
C ARG A 32 -7.33 -5.39 -8.14
N ARG A 33 -8.18 -4.40 -8.22
CA ARG A 33 -8.52 -3.82 -9.55
C ARG A 33 -7.59 -2.64 -9.86
N GLU A 34 -7.11 -1.96 -8.85
CA GLU A 34 -6.20 -0.81 -9.10
C GLU A 34 -4.77 -1.31 -9.31
N LEU A 35 -4.45 -2.47 -8.81
CA LEU A 35 -3.08 -3.01 -8.98
C LEU A 35 -3.12 -4.33 -9.74
N PRO A 36 -2.10 -4.57 -10.52
CA PRO A 36 -2.06 -5.84 -11.28
C PRO A 36 -2.24 -7.04 -10.35
N PRO A 37 -2.66 -8.14 -10.93
CA PRO A 37 -2.88 -9.36 -10.10
C PRO A 37 -1.65 -9.64 -9.24
N ASP A 38 -0.47 -9.46 -9.76
CA ASP A 38 0.76 -9.74 -8.97
C ASP A 38 0.85 -8.78 -7.79
N GLN A 39 0.65 -7.51 -8.01
CA GLN A 39 0.73 -6.53 -6.90
C GLN A 39 -0.43 -6.71 -5.92
N ALA A 40 -1.61 -7.00 -6.42
CA ALA A 40 -2.79 -7.18 -5.52
C ALA A 40 -2.51 -8.28 -4.49
N GLN A 41 -1.92 -9.37 -4.90
CA GLN A 41 -1.63 -10.47 -3.94
C GLN A 41 -0.71 -10.00 -2.81
N TYR A 42 0.34 -9.31 -3.15
CA TYR A 42 1.28 -8.82 -2.09
C TYR A 42 0.60 -7.78 -1.20
N CYS A 43 -0.12 -6.86 -1.78
CA CYS A 43 -0.80 -5.82 -0.97
C CYS A 43 -1.84 -6.44 -0.03
N ILE A 44 -2.60 -7.39 -0.51
CA ILE A 44 -3.64 -8.02 0.36
C ILE A 44 -2.98 -8.99 1.36
N LYS A 45 -1.74 -9.30 1.16
CA LYS A 45 -1.05 -10.25 2.08
C LYS A 45 -0.53 -9.52 3.33
N ARG A 46 -0.46 -8.21 3.29
CA ARG A 46 0.05 -7.48 4.49
C ARG A 46 -1.04 -6.55 5.06
N MET A 47 -1.56 -5.66 4.26
CA MET A 47 -2.62 -4.71 4.74
C MET A 47 -3.46 -5.34 5.87
N PRO A 48 -3.07 -5.05 7.08
CA PRO A 48 -3.81 -5.60 8.24
C PRO A 48 -5.26 -5.14 8.20
N ALA A 49 -6.03 -5.44 9.22
CA ALA A 49 -7.46 -5.02 9.23
C ALA A 49 -7.58 -3.56 9.67
N TYR A 50 -7.23 -2.64 8.81
CA TYR A 50 -7.33 -1.20 9.17
C TYR A 50 -6.83 -0.97 10.61
N SER A 51 -7.66 -0.50 11.49
CA SER A 51 -7.21 -0.26 12.89
C SER A 51 -7.66 -1.40 13.81
N GLY A 52 -7.04 -1.55 14.94
CA GLY A 52 -7.42 -2.65 15.88
C GLY A 52 -8.79 -2.34 16.48
N PRO A 53 -9.04 -1.07 16.71
CA PRO A 53 -10.35 -0.68 17.29
C PRO A 53 -11.15 0.16 16.29
N GLY A 54 -12.38 -0.20 16.06
CA GLY A 54 -13.21 0.58 15.10
C GLY A 54 -13.12 -0.06 13.72
N SER A 55 -12.93 0.73 12.70
CA SER A 55 -12.83 0.16 11.33
C SER A 55 -14.07 -0.67 11.01
N VAL A 56 -14.10 -1.25 9.85
CA VAL A 56 -15.27 -2.07 9.46
C VAL A 56 -14.81 -3.48 9.07
N PRO A 57 -15.76 -4.39 9.02
CA PRO A 57 -15.40 -5.78 8.66
C PRO A 57 -15.12 -5.90 7.16
N GLY A 58 -14.23 -5.10 6.66
CA GLY A 58 -13.91 -5.17 5.20
C GLY A 58 -13.00 -3.99 4.83
N ALA A 59 -12.12 -3.60 5.70
CA ALA A 59 -11.21 -2.46 5.40
C ALA A 59 -9.77 -2.82 5.80
N LEU A 60 -8.84 -2.65 4.91
CA LEU A 60 -7.42 -2.97 5.23
C LEU A 60 -6.59 -1.69 5.27
N ASP A 61 -5.48 -1.69 5.96
CA ASP A 61 -4.65 -0.46 6.03
C ASP A 61 -3.32 -0.67 5.30
N TYR A 62 -3.14 -0.03 4.17
CA TYR A 62 -1.88 -0.18 3.41
C TYR A 62 -0.76 0.59 4.12
N ALA A 63 -1.11 1.56 4.91
CA ALA A 63 -0.07 2.35 5.63
C ALA A 63 0.82 1.40 6.44
N ALA A 64 0.23 0.39 7.04
CA ALA A 64 1.05 -0.57 7.82
C ALA A 64 2.03 -1.27 6.90
N PHE A 65 1.63 -1.46 5.67
CA PHE A 65 2.51 -2.13 4.68
C PHE A 65 3.78 -1.31 4.47
N SER A 66 3.67 -0.01 4.44
CA SER A 66 4.88 0.84 4.22
C SER A 66 5.96 0.54 5.28
N SER A 67 5.60 0.52 6.53
CA SER A 67 6.61 0.25 7.59
C SER A 67 7.13 -1.19 7.48
N ALA A 68 6.28 -2.11 7.13
CA ALA A 68 6.73 -3.53 7.02
C ALA A 68 7.53 -3.75 5.72
N LEU A 69 7.23 -3.01 4.70
CA LEU A 69 7.98 -3.19 3.42
C LEU A 69 9.36 -2.52 3.51
N TYR A 70 9.39 -1.31 3.99
CA TYR A 70 10.69 -0.59 4.11
C TYR A 70 11.20 -0.64 5.55
N GLY A 71 10.64 -1.51 6.36
CA GLY A 71 11.10 -1.62 7.77
C GLY A 71 12.20 -2.68 7.88
N GLU A 72 13.21 -2.59 7.06
CA GLU A 72 14.31 -3.60 7.12
C GLU A 72 15.67 -2.90 7.13
N SER A 73 16.01 -2.23 6.06
CA SER A 73 17.33 -1.53 6.02
C SER A 73 17.38 -0.44 7.09
N ASP A 74 18.24 -0.59 8.07
CA ASP A 74 18.33 0.44 9.15
C ASP A 74 18.92 1.74 8.58
N LEU A 75 18.11 2.74 8.39
CA LEU A 75 18.61 4.03 7.85
C LEU A 75 19.82 4.50 8.66
N GLY B 9 -4.64 11.87 -15.46
CA GLY B 9 -5.04 10.60 -14.78
C GLY B 9 -4.81 10.72 -13.28
N LYS B 10 -3.62 11.05 -12.88
CA LYS B 10 -3.32 11.19 -11.42
C LYS B 10 -3.44 9.83 -10.73
N LYS B 11 -4.59 9.23 -10.75
CA LYS B 11 -4.76 7.90 -10.09
C LYS B 11 -3.79 6.89 -10.72
N ALA B 12 -3.63 6.93 -12.02
CA ALA B 12 -2.70 5.98 -12.68
C ALA B 12 -1.27 6.22 -12.18
N GLU B 13 -0.92 7.44 -11.93
CA GLU B 13 0.45 7.75 -11.43
C GLU B 13 0.66 7.14 -10.04
N ALA B 14 -0.33 7.22 -9.20
CA ALA B 14 -0.20 6.64 -7.83
C ALA B 14 0.03 5.14 -7.91
N VAL B 15 -0.69 4.47 -8.77
CA VAL B 15 -0.51 3.00 -8.90
C VAL B 15 0.91 2.68 -9.38
N ALA B 16 1.42 3.45 -10.30
CA ALA B 16 2.79 3.20 -10.81
C ALA B 16 3.81 3.32 -9.67
N THR B 17 3.62 4.26 -8.79
CA THR B 17 4.59 4.43 -7.66
C THR B 17 4.51 3.22 -6.72
N VAL B 18 3.33 2.76 -6.42
CA VAL B 18 3.20 1.58 -5.51
C VAL B 18 3.75 0.31 -6.20
N VAL B 19 3.47 0.15 -7.46
CA VAL B 19 3.97 -1.06 -8.18
C VAL B 19 5.49 -1.14 -8.08
N ALA B 20 6.18 -0.07 -8.38
CA ALA B 20 7.67 -0.10 -8.32
C ALA B 20 8.13 -0.33 -6.87
N ALA B 21 7.46 0.27 -5.93
CA ALA B 21 7.87 0.09 -4.50
C ALA B 21 7.61 -1.36 -4.06
N VAL B 22 6.46 -1.89 -4.39
CA VAL B 22 6.16 -3.30 -3.98
C VAL B 22 7.07 -4.27 -4.75
N ASP B 23 7.21 -4.08 -6.03
CA ASP B 23 8.08 -4.99 -6.83
C ASP B 23 9.50 -4.99 -6.26
N GLN B 24 9.98 -3.86 -5.82
CA GLN B 24 11.36 -3.79 -5.26
C GLN B 24 11.50 -4.83 -4.14
N ALA B 25 10.54 -4.90 -3.27
CA ALA B 25 10.62 -5.89 -2.15
C ALA B 25 10.59 -7.31 -2.72
N ARG B 26 9.80 -7.53 -3.73
CA ARG B 26 9.72 -8.90 -4.34
C ARG B 26 11.08 -9.29 -4.90
N VAL B 27 11.80 -8.35 -5.44
CA VAL B 27 13.15 -8.67 -6.01
C VAL B 27 14.18 -8.84 -4.88
N ARG B 28 13.89 -8.29 -3.73
CA ARG B 28 14.84 -8.42 -2.60
C ARG B 28 14.53 -9.68 -1.79
N GLU B 29 13.82 -10.61 -2.37
CA GLU B 29 13.49 -11.86 -1.64
C GLU B 29 14.33 -13.03 -2.14
N PRO B 30 15.01 -13.66 -1.21
CA PRO B 30 15.87 -14.81 -1.60
C PRO B 30 15.02 -15.90 -2.28
N ARG B 31 13.75 -15.94 -1.99
CA ARG B 31 12.89 -16.97 -2.62
C ARG B 31 11.86 -16.32 -3.54
N MET A 3 2.51 19.31 4.72
CA MET A 3 3.20 19.93 5.89
C MET A 3 3.89 18.84 6.73
N ALA A 4 5.16 18.97 6.95
CA ALA A 4 5.88 17.94 7.76
C ALA A 4 5.51 16.54 7.29
N ASP A 5 6.21 16.04 6.30
CA ASP A 5 5.90 14.68 5.79
C ASP A 5 7.15 13.81 5.79
N THR A 6 7.10 12.65 5.21
CA THR A 6 8.30 11.76 5.18
C THR A 6 8.68 11.43 3.74
N ASP A 7 9.66 10.60 3.55
CA ASP A 7 10.08 10.24 2.15
C ASP A 7 9.98 8.74 1.94
N THR A 8 9.84 8.30 0.72
CA THR A 8 9.73 6.83 0.45
C THR A 8 8.47 6.28 1.08
N ALA A 9 8.42 6.22 2.39
CA ALA A 9 7.20 5.69 3.07
C ALA A 9 6.02 6.64 2.83
N GLU A 10 6.25 7.92 2.96
CA GLU A 10 5.16 8.90 2.73
C GLU A 10 4.61 8.75 1.31
N GLN A 11 5.46 8.46 0.37
CA GLN A 11 4.99 8.32 -1.04
C GLN A 11 3.99 7.16 -1.13
N VAL A 12 4.32 6.03 -0.57
CA VAL A 12 3.38 4.87 -0.62
C VAL A 12 2.03 5.25 -0.01
N ILE A 13 2.05 5.80 1.18
CA ILE A 13 0.78 6.21 1.83
C ILE A 13 0.05 7.22 0.93
N ALA A 14 0.74 8.23 0.48
CA ALA A 14 0.08 9.22 -0.41
C ALA A 14 -0.48 8.52 -1.65
N SER A 15 0.28 7.60 -2.19
CA SER A 15 -0.21 6.86 -3.39
C SER A 15 -1.39 5.96 -2.98
N PHE A 16 -1.33 5.40 -1.80
CA PHE A 16 -2.45 4.52 -1.34
C PHE A 16 -3.70 5.37 -1.12
N ARG A 17 -3.55 6.50 -0.48
CA ARG A 17 -4.73 7.38 -0.23
C ARG A 17 -5.44 7.67 -1.56
N ILE A 18 -4.70 8.06 -2.56
CA ILE A 18 -5.32 8.35 -3.88
C ILE A 18 -6.02 7.10 -4.41
N LEU A 19 -5.39 5.97 -4.30
CA LEU A 19 -6.02 4.70 -4.78
C LEU A 19 -7.31 4.43 -4.00
N ALA A 20 -7.30 4.67 -2.72
CA ALA A 20 -8.51 4.42 -1.91
C ALA A 20 -9.47 5.61 -2.00
N SER A 21 -9.18 6.56 -2.85
CA SER A 21 -10.07 7.74 -2.99
C SER A 21 -10.01 8.59 -1.71
N ASP A 22 -8.89 9.19 -1.43
CA ASP A 22 -8.78 10.03 -0.21
C ASP A 22 -9.33 9.27 1.01
N LYS A 23 -8.72 8.17 1.35
CA LYS A 23 -9.19 7.39 2.53
C LYS A 23 -8.01 6.83 3.31
N PRO A 24 -8.15 6.84 4.61
CA PRO A 24 -7.04 6.32 5.46
C PRO A 24 -6.95 4.80 5.35
N TYR A 25 -7.83 4.20 4.59
CA TYR A 25 -7.80 2.72 4.44
C TYR A 25 -8.13 2.33 2.99
N ILE A 26 -7.81 1.13 2.59
CA ILE A 26 -8.11 0.70 1.20
C ILE A 26 -8.88 -0.62 1.20
N LEU A 27 -9.84 -0.77 0.34
CA LEU A 27 -10.62 -2.04 0.29
C LEU A 27 -9.85 -3.10 -0.48
N ALA A 28 -9.96 -4.34 -0.07
CA ALA A 28 -9.22 -5.43 -0.77
C ALA A 28 -9.72 -5.55 -2.22
N GLU A 29 -10.98 -5.34 -2.45
CA GLU A 29 -11.51 -5.44 -3.83
C GLU A 29 -10.97 -4.30 -4.68
N GLU A 30 -10.78 -3.14 -4.10
CA GLU A 30 -10.26 -1.99 -4.87
C GLU A 30 -8.81 -2.27 -5.31
N LEU A 31 -7.97 -2.67 -4.41
CA LEU A 31 -6.56 -2.97 -4.79
C LEU A 31 -6.51 -4.19 -5.70
N ARG A 32 -7.40 -5.12 -5.50
CA ARG A 32 -7.42 -6.34 -6.36
C ARG A 32 -7.78 -5.99 -7.80
N ARG A 33 -8.64 -5.01 -7.98
CA ARG A 33 -9.05 -4.64 -9.37
C ARG A 33 -8.22 -3.47 -9.92
N GLU A 34 -7.67 -2.65 -9.07
CA GLU A 34 -6.87 -1.50 -9.58
C GLU A 34 -5.38 -1.87 -9.70
N LEU A 35 -4.93 -2.83 -8.95
CA LEU A 35 -3.49 -3.21 -9.03
C LEU A 35 -3.34 -4.58 -9.72
N PRO A 36 -2.31 -4.67 -10.52
CA PRO A 36 -2.08 -5.96 -11.22
C PRO A 36 -2.27 -7.13 -10.25
N PRO A 37 -2.92 -8.15 -10.73
CA PRO A 37 -3.16 -9.33 -9.86
C PRO A 37 -1.92 -9.62 -9.01
N ASP A 38 -0.76 -9.46 -9.56
CA ASP A 38 0.49 -9.74 -8.80
C ASP A 38 0.65 -8.72 -7.66
N GLN A 39 0.45 -7.46 -7.94
CA GLN A 39 0.60 -6.43 -6.86
C GLN A 39 -0.53 -6.55 -5.83
N ALA A 40 -1.73 -6.75 -6.27
CA ALA A 40 -2.86 -6.86 -5.30
C ALA A 40 -2.69 -8.07 -4.39
N GLN A 41 -2.40 -9.21 -4.96
CA GLN A 41 -2.21 -10.44 -4.13
C GLN A 41 -1.13 -10.21 -3.08
N TYR A 42 -0.04 -9.60 -3.45
CA TYR A 42 1.06 -9.35 -2.47
C TYR A 42 0.58 -8.37 -1.39
N CYS A 43 -0.10 -7.33 -1.78
CA CYS A 43 -0.58 -6.34 -0.77
C CYS A 43 -1.60 -6.99 0.17
N ILE A 44 -2.59 -7.63 -0.37
CA ILE A 44 -3.63 -8.28 0.50
C ILE A 44 -2.96 -8.94 1.71
N LYS A 45 -1.75 -9.42 1.54
CA LYS A 45 -1.04 -10.08 2.67
C LYS A 45 -0.32 -9.05 3.53
N ARG A 46 0.32 -8.09 2.92
CA ARG A 46 1.07 -7.06 3.70
C ARG A 46 0.10 -6.24 4.56
N MET A 47 -0.64 -5.36 3.96
CA MET A 47 -1.60 -4.53 4.76
C MET A 47 -2.56 -5.43 5.52
N PRO A 48 -2.52 -5.30 6.83
CA PRO A 48 -3.42 -6.14 7.67
C PRO A 48 -4.83 -5.57 7.67
N ALA A 49 -5.67 -6.02 8.55
CA ALA A 49 -7.07 -5.50 8.60
C ALA A 49 -7.12 -4.21 9.43
N TYR A 50 -7.89 -3.25 8.98
CA TYR A 50 -7.97 -1.97 9.74
C TYR A 50 -8.74 -2.18 11.05
N SER A 51 -8.03 -2.29 12.14
CA SER A 51 -8.71 -2.51 13.46
C SER A 51 -9.14 -1.17 14.04
N GLY A 52 -10.35 -0.75 13.78
CA GLY A 52 -10.83 0.54 14.34
C GLY A 52 -12.12 0.33 15.12
N PRO A 53 -12.80 1.40 15.38
CA PRO A 53 -14.08 1.29 16.14
C PRO A 53 -15.23 0.94 15.19
N GLY A 54 -15.38 1.69 14.13
CA GLY A 54 -16.48 1.40 13.16
C GLY A 54 -15.91 0.65 11.96
N SER A 55 -15.30 1.36 11.05
CA SER A 55 -14.71 0.70 9.86
C SER A 55 -15.78 -0.14 9.15
N VAL A 56 -15.39 -0.79 8.10
CA VAL A 56 -16.35 -1.64 7.35
C VAL A 56 -15.73 -3.00 7.03
N PRO A 57 -16.57 -3.92 6.64
CA PRO A 57 -16.05 -5.27 6.31
C PRO A 57 -15.23 -5.24 5.02
N GLY A 58 -13.94 -5.28 5.13
CA GLY A 58 -13.08 -5.24 3.92
C GLY A 58 -12.13 -4.05 3.99
N ALA A 59 -11.96 -3.47 5.15
CA ALA A 59 -11.05 -2.30 5.27
C ALA A 59 -9.64 -2.77 5.63
N LEU A 60 -8.67 -2.45 4.82
CA LEU A 60 -7.28 -2.89 5.11
C LEU A 60 -6.38 -1.66 5.32
N ASP A 61 -5.27 -1.83 5.97
CA ASP A 61 -4.36 -0.67 6.20
C ASP A 61 -3.10 -0.80 5.35
N TYR A 62 -2.91 0.09 4.41
CA TYR A 62 -1.69 0.01 3.55
C TYR A 62 -0.50 0.69 4.24
N ALA A 63 -0.78 1.61 5.12
CA ALA A 63 0.34 2.31 5.83
C ALA A 63 1.23 1.29 6.53
N ALA A 64 0.65 0.24 7.05
CA ALA A 64 1.47 -0.80 7.74
C ALA A 64 2.35 -1.52 6.72
N PHE A 65 1.87 -1.67 5.52
CA PHE A 65 2.67 -2.37 4.47
C PHE A 65 3.83 -1.49 4.03
N SER A 66 3.64 -0.19 4.03
CA SER A 66 4.73 0.72 3.60
C SER A 66 5.90 0.66 4.59
N SER A 67 5.61 0.73 5.87
CA SER A 67 6.71 0.68 6.87
C SER A 67 7.39 -0.70 6.85
N ALA A 68 6.64 -1.74 6.64
CA ALA A 68 7.24 -3.11 6.60
C ALA A 68 8.00 -3.31 5.28
N LEU A 69 7.57 -2.66 4.24
CA LEU A 69 8.26 -2.82 2.93
C LEU A 69 9.54 -1.98 2.92
N TYR A 70 9.46 -0.77 3.37
CA TYR A 70 10.66 0.10 3.40
C TYR A 70 11.37 0.01 4.75
N GLY A 71 10.65 -0.37 5.78
CA GLY A 71 11.28 -0.48 7.12
C GLY A 71 11.80 -1.91 7.33
N GLU A 72 12.65 -2.37 6.46
CA GLU A 72 13.20 -3.75 6.60
C GLU A 72 12.05 -4.75 6.72
N SER A 73 12.36 -6.02 6.78
CA SER A 73 11.29 -7.06 6.90
C SER A 73 11.63 -8.05 8.00
N ASP A 74 10.86 -8.10 9.04
CA ASP A 74 11.14 -9.06 10.15
C ASP A 74 10.84 -10.49 9.70
N LEU A 75 11.69 -11.42 10.05
CA LEU A 75 11.45 -12.84 9.65
C LEU A 75 11.75 -13.78 10.81
N GLY B 9 -3.05 13.37 -15.39
CA GLY B 9 -3.63 12.32 -14.50
C GLY B 9 -2.93 12.34 -13.15
N LYS B 10 -3.41 11.57 -12.21
CA LYS B 10 -2.77 11.54 -10.87
C LYS B 10 -2.94 10.16 -10.23
N LYS B 11 -4.12 9.62 -10.29
CA LYS B 11 -4.36 8.27 -9.69
C LYS B 11 -3.48 7.23 -10.38
N ALA B 12 -3.48 7.20 -11.68
CA ALA B 12 -2.63 6.21 -12.41
C ALA B 12 -1.18 6.35 -11.97
N GLU B 13 -0.73 7.55 -11.75
CA GLU B 13 0.69 7.75 -11.31
C GLU B 13 0.88 7.16 -9.92
N ALA B 14 -0.07 7.33 -9.05
CA ALA B 14 0.06 6.77 -7.67
C ALA B 14 0.15 5.24 -7.73
N VAL B 15 -0.57 4.63 -8.63
CA VAL B 15 -0.51 3.14 -8.73
C VAL B 15 0.90 2.70 -9.10
N ALA B 16 1.54 3.40 -10.00
CA ALA B 16 2.92 3.03 -10.40
C ALA B 16 3.85 3.08 -9.18
N THR B 17 3.66 4.03 -8.32
CA THR B 17 4.53 4.13 -7.11
C THR B 17 4.36 2.89 -6.23
N VAL B 18 3.13 2.53 -5.93
CA VAL B 18 2.89 1.33 -5.08
C VAL B 18 3.42 0.08 -5.79
N VAL B 19 3.15 -0.05 -7.06
CA VAL B 19 3.64 -1.25 -7.80
C VAL B 19 5.17 -1.32 -7.74
N ALA B 20 5.83 -0.22 -7.96
CA ALA B 20 7.32 -0.23 -7.90
C ALA B 20 7.79 -0.57 -6.49
N ALA B 21 7.12 -0.07 -5.49
CA ALA B 21 7.53 -0.37 -4.09
C ALA B 21 7.38 -1.86 -3.80
N VAL B 22 6.29 -2.45 -4.21
CA VAL B 22 6.09 -3.91 -3.95
C VAL B 22 7.12 -4.73 -4.73
N ASP B 23 7.40 -4.34 -5.94
CA ASP B 23 8.39 -5.12 -6.75
C ASP B 23 9.79 -5.01 -6.12
N GLN B 24 10.07 -3.91 -5.48
CA GLN B 24 11.42 -3.76 -4.85
C GLN B 24 11.62 -4.82 -3.76
N ALA B 25 10.59 -5.12 -3.01
CA ALA B 25 10.72 -6.14 -1.93
C ALA B 25 11.06 -7.50 -2.53
N ARG B 26 10.46 -7.84 -3.65
CA ARG B 26 10.75 -9.16 -4.27
C ARG B 26 12.22 -9.22 -4.71
N VAL B 27 12.70 -8.18 -5.31
CA VAL B 27 14.13 -8.16 -5.76
C VAL B 27 15.05 -8.52 -4.60
N ARG B 28 14.59 -8.41 -3.39
CA ARG B 28 15.45 -8.74 -2.22
C ARG B 28 15.68 -10.25 -2.08
N GLU B 29 15.28 -11.02 -3.06
CA GLU B 29 15.49 -12.49 -2.99
C GLU B 29 16.90 -12.84 -3.49
N PRO B 30 17.47 -13.84 -2.89
CA PRO B 30 18.84 -14.26 -3.30
C PRO B 30 18.93 -14.33 -4.83
N ARG B 31 18.39 -15.36 -5.42
CA ARG B 31 18.45 -15.49 -6.90
C ARG B 31 17.22 -16.26 -7.41
N MET A 3 2.77 15.02 5.90
CA MET A 3 1.96 14.86 4.66
C MET A 3 2.79 15.24 3.43
N ALA A 4 3.82 16.01 3.61
CA ALA A 4 4.66 16.42 2.46
C ALA A 4 5.24 15.18 1.76
N ASP A 5 6.18 15.37 0.88
CA ASP A 5 6.79 14.21 0.17
C ASP A 5 8.31 14.31 0.19
N THR A 6 8.95 13.71 1.16
CA THR A 6 10.43 13.77 1.23
C THR A 6 11.00 12.42 1.67
N ASP A 7 10.17 11.41 1.73
CA ASP A 7 10.66 10.07 2.16
C ASP A 7 10.18 9.00 1.18
N THR A 8 10.45 7.75 1.47
CA THR A 8 10.03 6.66 0.56
C THR A 8 8.69 6.07 1.02
N ALA A 9 8.58 5.78 2.30
CA ALA A 9 7.30 5.20 2.81
C ALA A 9 6.16 6.21 2.61
N GLU A 10 6.38 7.44 2.98
CA GLU A 10 5.33 8.47 2.80
C GLU A 10 4.86 8.49 1.35
N GLN A 11 5.77 8.29 0.43
CA GLN A 11 5.39 8.30 -1.01
C GLN A 11 4.37 7.20 -1.30
N VAL A 12 4.59 6.01 -0.80
CA VAL A 12 3.63 4.90 -1.04
C VAL A 12 2.26 5.25 -0.44
N ILE A 13 2.25 5.82 0.73
CA ILE A 13 0.95 6.19 1.37
C ILE A 13 0.19 7.16 0.46
N ALA A 14 0.85 8.16 -0.02
CA ALA A 14 0.17 9.14 -0.93
C ALA A 14 -0.41 8.38 -2.13
N SER A 15 0.35 7.47 -2.67
CA SER A 15 -0.17 6.68 -3.83
C SER A 15 -1.31 5.78 -3.35
N PHE A 16 -1.18 5.23 -2.18
CA PHE A 16 -2.28 4.35 -1.66
C PHE A 16 -3.51 5.20 -1.36
N ARG A 17 -3.34 6.34 -0.76
CA ARG A 17 -4.51 7.20 -0.46
C ARG A 17 -5.31 7.45 -1.73
N ILE A 18 -4.65 7.77 -2.81
CA ILE A 18 -5.37 8.01 -4.09
C ILE A 18 -6.18 6.75 -4.46
N LEU A 19 -5.57 5.60 -4.36
CA LEU A 19 -6.29 4.35 -4.71
C LEU A 19 -7.48 4.16 -3.76
N ALA A 20 -7.29 4.43 -2.50
CA ALA A 20 -8.40 4.26 -1.52
C ALA A 20 -9.39 5.43 -1.66
N SER A 21 -9.11 6.36 -2.53
CA SER A 21 -10.03 7.52 -2.72
C SER A 21 -10.02 8.40 -1.47
N ASP A 22 -8.90 8.97 -1.14
CA ASP A 22 -8.84 9.85 0.07
C ASP A 22 -9.36 9.11 1.29
N LYS A 23 -8.73 8.03 1.67
CA LYS A 23 -9.18 7.27 2.85
C LYS A 23 -7.99 6.59 3.53
N PRO A 24 -8.02 6.57 4.84
CA PRO A 24 -6.91 5.93 5.57
C PRO A 24 -6.93 4.42 5.35
N TYR A 25 -7.92 3.92 4.65
CA TYR A 25 -7.99 2.45 4.42
C TYR A 25 -8.58 2.18 3.03
N ILE A 26 -8.35 1.02 2.49
CA ILE A 26 -8.91 0.69 1.14
C ILE A 26 -9.49 -0.72 1.14
N LEU A 27 -10.44 -0.98 0.28
CA LEU A 27 -11.04 -2.35 0.22
C LEU A 27 -10.14 -3.29 -0.58
N ALA A 28 -9.91 -4.47 -0.08
CA ALA A 28 -9.05 -5.43 -0.82
C ALA A 28 -9.60 -5.65 -2.23
N GLU A 29 -10.91 -5.73 -2.36
CA GLU A 29 -11.51 -5.93 -3.70
C GLU A 29 -11.16 -4.75 -4.60
N GLU A 30 -11.15 -3.56 -4.06
CA GLU A 30 -10.81 -2.36 -4.88
C GLU A 30 -9.33 -2.43 -5.26
N LEU A 31 -8.49 -2.77 -4.33
CA LEU A 31 -7.03 -2.88 -4.62
C LEU A 31 -6.80 -4.00 -5.63
N ARG A 32 -7.51 -5.07 -5.48
CA ARG A 32 -7.35 -6.21 -6.42
C ARG A 32 -7.64 -5.76 -7.86
N ARG A 33 -8.57 -4.86 -8.03
CA ARG A 33 -8.89 -4.38 -9.40
C ARG A 33 -8.08 -3.12 -9.74
N GLU A 34 -7.55 -2.47 -8.74
CA GLU A 34 -6.75 -1.24 -9.01
C GLU A 34 -5.29 -1.59 -9.25
N LEU A 35 -4.84 -2.72 -8.76
CA LEU A 35 -3.43 -3.12 -8.96
C LEU A 35 -3.35 -4.49 -9.65
N PRO A 36 -2.37 -4.63 -10.48
CA PRO A 36 -2.21 -5.93 -11.18
C PRO A 36 -2.34 -7.08 -10.19
N PRO A 37 -2.91 -8.16 -10.64
CA PRO A 37 -3.08 -9.34 -9.75
C PRO A 37 -1.81 -9.55 -8.92
N ASP A 38 -0.66 -9.39 -9.51
CA ASP A 38 0.61 -9.59 -8.75
C ASP A 38 0.76 -8.53 -7.67
N GLN A 39 0.53 -7.29 -8.00
CA GLN A 39 0.68 -6.21 -6.97
C GLN A 39 -0.45 -6.31 -5.94
N ALA A 40 -1.65 -6.55 -6.38
CA ALA A 40 -2.80 -6.66 -5.41
C ALA A 40 -2.57 -7.82 -4.44
N GLN A 41 -2.21 -8.97 -4.96
CA GLN A 41 -1.99 -10.14 -4.06
C GLN A 41 -0.90 -9.80 -3.02
N TYR A 42 0.20 -9.25 -3.45
CA TYR A 42 1.29 -8.89 -2.50
C TYR A 42 0.80 -7.81 -1.53
N CYS A 43 0.08 -6.84 -2.02
CA CYS A 43 -0.42 -5.75 -1.11
C CYS A 43 -1.39 -6.33 -0.09
N ILE A 44 -2.38 -7.07 -0.54
CA ILE A 44 -3.36 -7.66 0.41
C ILE A 44 -2.67 -8.70 1.30
N LYS A 45 -1.50 -9.12 0.92
CA LYS A 45 -0.76 -10.13 1.73
C LYS A 45 -0.22 -9.50 3.01
N ARG A 46 -0.17 -8.19 3.06
CA ARG A 46 0.36 -7.52 4.28
C ARG A 46 -0.72 -6.63 4.91
N MET A 47 -1.23 -5.68 4.17
CA MET A 47 -2.28 -4.76 4.70
C MET A 47 -3.10 -5.42 5.82
N PRO A 48 -2.63 -5.24 7.03
CA PRO A 48 -3.36 -5.85 8.17
C PRO A 48 -4.73 -5.19 8.35
N ALA A 49 -5.37 -5.42 9.46
CA ALA A 49 -6.71 -4.80 9.68
C ALA A 49 -6.56 -3.30 9.99
N TYR A 50 -7.37 -2.48 9.38
CA TYR A 50 -7.28 -1.02 9.64
C TYR A 50 -7.11 -0.75 11.13
N SER A 51 -6.79 0.47 11.49
CA SER A 51 -6.62 0.81 12.93
C SER A 51 -7.64 1.85 13.35
N GLY A 52 -7.98 2.76 12.48
CA GLY A 52 -8.98 3.81 12.83
C GLY A 52 -10.37 3.16 12.95
N PRO A 53 -11.05 3.50 14.01
CA PRO A 53 -12.41 2.92 14.19
C PRO A 53 -13.35 3.42 13.09
N GLY A 54 -14.43 2.72 12.87
CA GLY A 54 -15.38 3.16 11.82
C GLY A 54 -15.14 2.35 10.55
N SER A 55 -14.50 2.93 9.56
CA SER A 55 -14.23 2.20 8.31
C SER A 55 -15.41 1.33 7.91
N VAL A 56 -15.16 0.33 7.14
CA VAL A 56 -16.26 -0.58 6.70
C VAL A 56 -15.90 -2.03 7.01
N PRO A 57 -16.79 -2.91 6.65
CA PRO A 57 -16.53 -4.36 6.91
C PRO A 57 -15.58 -4.92 5.85
N GLY A 58 -14.30 -4.90 6.12
CA GLY A 58 -13.33 -5.43 5.13
C GLY A 58 -12.33 -4.34 4.76
N ALA A 59 -12.11 -3.39 5.63
CA ALA A 59 -11.15 -2.30 5.32
C ALA A 59 -9.73 -2.70 5.75
N LEU A 60 -8.74 -2.30 5.00
CA LEU A 60 -7.34 -2.66 5.35
C LEU A 60 -6.46 -1.42 5.33
N ASP A 61 -5.33 -1.45 5.98
CA ASP A 61 -4.44 -0.25 6.00
C ASP A 61 -3.14 -0.55 5.24
N TYR A 62 -2.95 0.07 4.11
CA TYR A 62 -1.70 -0.16 3.33
C TYR A 62 -0.53 0.55 4.03
N ALA A 63 -0.82 1.61 4.73
CA ALA A 63 0.27 2.35 5.44
C ALA A 63 1.02 1.40 6.37
N ALA A 64 0.32 0.56 7.08
CA ALA A 64 1.00 -0.39 8.00
C ALA A 64 1.89 -1.34 7.19
N PHE A 65 1.48 -1.66 6.00
CA PHE A 65 2.29 -2.56 5.13
C PHE A 65 3.54 -1.84 4.63
N SER A 66 3.42 -0.56 4.37
CA SER A 66 4.59 0.20 3.86
C SER A 66 5.73 0.19 4.90
N SER A 67 5.42 0.51 6.12
CA SER A 67 6.48 0.52 7.18
C SER A 67 7.14 -0.87 7.29
N ALA A 68 6.36 -1.91 7.19
CA ALA A 68 6.93 -3.28 7.28
C ALA A 68 7.78 -3.58 6.06
N LEU A 69 7.34 -3.18 4.89
CA LEU A 69 8.12 -3.45 3.65
C LEU A 69 9.51 -2.81 3.75
N TYR A 70 9.60 -1.63 4.29
CA TYR A 70 10.92 -0.96 4.42
C TYR A 70 11.48 -1.14 5.83
N GLY A 71 10.65 -1.52 6.76
CA GLY A 71 11.14 -1.72 8.16
C GLY A 71 10.95 -0.41 8.94
N GLU A 72 11.18 -0.45 10.22
CA GLU A 72 11.02 0.79 11.04
C GLU A 72 11.83 0.68 12.33
N SER A 73 11.49 -0.25 13.18
CA SER A 73 12.24 -0.40 14.46
C SER A 73 12.05 0.84 15.33
N ASP A 74 12.11 0.67 16.63
CA ASP A 74 11.93 1.85 17.55
C ASP A 74 13.26 2.57 17.72
N LEU A 75 13.31 3.84 17.44
CA LEU A 75 14.58 4.61 17.59
C LEU A 75 14.54 5.43 18.90
N GLY B 9 -3.06 11.83 -14.93
CA GLY B 9 -4.16 10.92 -14.48
C GLY B 9 -4.20 10.89 -12.96
N LYS B 10 -3.13 11.29 -12.31
CA LYS B 10 -3.11 11.28 -10.82
C LYS B 10 -3.21 9.84 -10.29
N LYS B 11 -4.30 9.18 -10.54
CA LYS B 11 -4.44 7.77 -10.05
C LYS B 11 -3.38 6.88 -10.70
N ALA B 12 -3.14 7.06 -11.97
CA ALA B 12 -2.12 6.22 -12.66
C ALA B 12 -0.76 6.42 -12.01
N GLU B 13 -0.47 7.62 -11.57
CA GLU B 13 0.84 7.88 -10.91
C GLU B 13 0.91 7.13 -9.58
N ALA B 14 -0.15 7.16 -8.82
CA ALA B 14 -0.14 6.43 -7.52
C ALA B 14 0.05 4.93 -7.76
N VAL B 15 -0.59 4.41 -8.77
CA VAL B 15 -0.44 2.96 -9.08
C VAL B 15 1.03 2.67 -9.46
N ALA B 16 1.62 3.55 -10.21
CA ALA B 16 3.04 3.34 -10.63
C ALA B 16 3.94 3.30 -9.39
N THR B 17 3.64 4.09 -8.41
CA THR B 17 4.49 4.10 -7.18
C THR B 17 4.32 2.80 -6.40
N VAL B 18 3.10 2.37 -6.19
CA VAL B 18 2.87 1.10 -5.44
C VAL B 18 3.50 -0.08 -6.19
N VAL B 19 3.34 -0.13 -7.48
CA VAL B 19 3.92 -1.26 -8.26
C VAL B 19 5.45 -1.26 -8.12
N ALA B 20 6.07 -0.14 -8.38
CA ALA B 20 7.56 -0.08 -8.27
C ALA B 20 8.01 -0.44 -6.84
N ALA B 21 7.29 0.02 -5.85
CA ALA B 21 7.67 -0.29 -4.44
C ALA B 21 7.57 -1.79 -4.19
N VAL B 22 6.54 -2.42 -4.70
CA VAL B 22 6.39 -3.89 -4.49
C VAL B 22 7.50 -4.65 -5.22
N ASP B 23 7.82 -4.24 -6.41
CA ASP B 23 8.89 -4.94 -7.17
C ASP B 23 10.24 -4.79 -6.45
N GLN B 24 10.51 -3.63 -5.91
CA GLN B 24 11.81 -3.42 -5.21
C GLN B 24 11.95 -4.42 -4.05
N ALA B 25 10.93 -4.57 -3.26
CA ALA B 25 11.01 -5.53 -2.11
C ALA B 25 11.33 -6.94 -2.63
N ARG B 26 10.74 -7.33 -3.72
CA ARG B 26 11.01 -8.69 -4.26
C ARG B 26 12.46 -8.80 -4.73
N VAL B 27 12.96 -7.77 -5.36
CA VAL B 27 14.37 -7.81 -5.85
C VAL B 27 15.33 -7.94 -4.66
N ARG B 28 14.89 -7.57 -3.49
CA ARG B 28 15.77 -7.67 -2.29
C ARG B 28 15.27 -8.78 -1.36
N GLU B 29 14.53 -9.71 -1.89
CA GLU B 29 14.00 -10.82 -1.02
C GLU B 29 15.04 -11.94 -0.91
N PRO B 30 15.44 -12.20 0.30
CA PRO B 30 16.44 -13.28 0.50
C PRO B 30 16.02 -14.56 -0.23
N ARG B 31 16.84 -15.57 -0.21
CA ARG B 31 16.48 -16.84 -0.91
C ARG B 31 16.31 -17.97 0.11
N MET A 3 1.19 13.05 2.69
CA MET A 3 0.54 13.18 4.03
C MET A 3 1.32 14.16 4.90
N ALA A 4 2.63 14.12 4.85
CA ALA A 4 3.44 15.06 5.67
C ALA A 4 4.82 15.27 5.04
N ASP A 5 5.46 14.20 4.65
CA ASP A 5 6.81 14.33 4.03
C ASP A 5 6.82 13.68 2.64
N THR A 6 7.90 13.80 1.92
CA THR A 6 7.96 13.19 0.56
C THR A 6 9.36 12.60 0.30
N ASP A 7 9.44 11.33 0.04
CA ASP A 7 10.77 10.71 -0.22
C ASP A 7 10.60 9.30 -0.77
N THR A 8 10.13 8.38 0.03
CA THR A 8 9.94 6.99 -0.45
C THR A 8 8.77 6.33 0.29
N ALA A 9 8.90 6.09 1.56
CA ALA A 9 7.79 5.46 2.33
C ALA A 9 6.57 6.38 2.33
N GLU A 10 6.76 7.63 2.67
CA GLU A 10 5.61 8.58 2.68
C GLU A 10 4.92 8.57 1.31
N GLN A 11 5.67 8.45 0.25
CA GLN A 11 5.05 8.44 -1.10
C GLN A 11 4.10 7.25 -1.24
N VAL A 12 4.44 6.13 -0.67
CA VAL A 12 3.54 4.94 -0.77
C VAL A 12 2.17 5.28 -0.19
N ILE A 13 2.14 5.94 0.94
CA ILE A 13 0.83 6.31 1.55
C ILE A 13 0.06 7.24 0.61
N ALA A 14 0.71 8.26 0.11
CA ALA A 14 0.02 9.19 -0.83
C ALA A 14 -0.48 8.40 -2.03
N SER A 15 0.31 7.49 -2.52
CA SER A 15 -0.14 6.67 -3.68
C SER A 15 -1.29 5.77 -3.23
N PHE A 16 -1.21 5.23 -2.04
CA PHE A 16 -2.31 4.37 -1.54
C PHE A 16 -3.56 5.21 -1.29
N ARG A 17 -3.39 6.37 -0.72
CA ARG A 17 -4.57 7.25 -0.48
C ARG A 17 -5.34 7.45 -1.78
N ILE A 18 -4.66 7.71 -2.85
CA ILE A 18 -5.35 7.91 -4.16
C ILE A 18 -6.09 6.63 -4.55
N LEU A 19 -5.46 5.50 -4.42
CA LEU A 19 -6.14 4.22 -4.77
C LEU A 19 -7.32 3.98 -3.84
N ALA A 20 -7.20 4.37 -2.60
CA ALA A 20 -8.31 4.16 -1.64
C ALA A 20 -9.38 5.26 -1.81
N SER A 21 -9.15 6.18 -2.70
CA SER A 21 -10.14 7.27 -2.92
C SER A 21 -10.36 8.06 -1.62
N ASP A 22 -9.42 8.88 -1.24
CA ASP A 22 -9.58 9.66 0.01
C ASP A 22 -10.03 8.75 1.15
N LYS A 23 -9.22 7.79 1.51
CA LYS A 23 -9.61 6.87 2.63
C LYS A 23 -8.37 6.44 3.41
N PRO A 24 -8.55 6.33 4.69
CA PRO A 24 -7.41 5.92 5.55
C PRO A 24 -7.15 4.42 5.40
N TYR A 25 -7.90 3.76 4.54
CA TYR A 25 -7.70 2.29 4.36
C TYR A 25 -8.03 1.89 2.92
N ILE A 26 -7.69 0.69 2.53
CA ILE A 26 -7.98 0.24 1.14
C ILE A 26 -8.69 -1.11 1.17
N LEU A 27 -9.59 -1.35 0.26
CA LEU A 27 -10.31 -2.66 0.23
C LEU A 27 -9.55 -3.67 -0.62
N ALA A 28 -9.67 -4.93 -0.32
CA ALA A 28 -8.96 -5.95 -1.12
C ALA A 28 -9.44 -5.92 -2.57
N GLU A 29 -10.72 -5.74 -2.78
CA GLU A 29 -11.25 -5.69 -4.16
C GLU A 29 -10.69 -4.47 -4.90
N GLU A 30 -10.49 -3.38 -4.20
CA GLU A 30 -9.95 -2.16 -4.86
C GLU A 30 -8.56 -2.44 -5.42
N LEU A 31 -7.70 -3.05 -4.64
CA LEU A 31 -6.33 -3.35 -5.13
C LEU A 31 -6.40 -4.24 -6.37
N ARG A 32 -7.35 -5.14 -6.42
CA ARG A 32 -7.48 -6.04 -7.60
C ARG A 32 -7.93 -5.25 -8.84
N ARG A 33 -8.76 -4.27 -8.66
CA ARG A 33 -9.24 -3.47 -9.83
C ARG A 33 -8.32 -2.28 -10.09
N GLU A 34 -7.70 -1.76 -9.06
CA GLU A 34 -6.81 -0.58 -9.25
C GLU A 34 -5.36 -1.04 -9.49
N LEU A 35 -5.03 -2.22 -9.06
CA LEU A 35 -3.63 -2.72 -9.26
C LEU A 35 -3.65 -4.11 -9.91
N PRO A 36 -2.68 -4.35 -10.73
CA PRO A 36 -2.61 -5.67 -11.41
C PRO A 36 -2.75 -6.79 -10.37
N PRO A 37 -3.45 -7.82 -10.76
CA PRO A 37 -3.65 -8.96 -9.83
C PRO A 37 -2.35 -9.30 -9.10
N ASP A 38 -1.23 -9.13 -9.76
CA ASP A 38 0.07 -9.45 -9.09
C ASP A 38 0.32 -8.49 -7.91
N GLN A 39 0.13 -7.22 -8.12
CA GLN A 39 0.35 -6.25 -7.01
C GLN A 39 -0.73 -6.40 -5.94
N ALA A 40 -1.96 -6.56 -6.35
CA ALA A 40 -3.07 -6.71 -5.36
C ALA A 40 -2.79 -7.87 -4.39
N GLN A 41 -2.32 -8.97 -4.91
CA GLN A 41 -2.03 -10.14 -4.02
C GLN A 41 -0.98 -9.77 -2.98
N TYR A 42 0.10 -9.17 -3.38
CA TYR A 42 1.16 -8.79 -2.41
C TYR A 42 0.63 -7.75 -1.41
N CYS A 43 -0.04 -6.75 -1.89
CA CYS A 43 -0.58 -5.70 -0.96
C CYS A 43 -1.65 -6.29 -0.05
N ILE A 44 -2.51 -7.14 -0.57
CA ILE A 44 -3.58 -7.74 0.28
C ILE A 44 -2.97 -8.69 1.31
N LYS A 45 -1.79 -9.20 1.06
CA LYS A 45 -1.15 -10.14 2.02
C LYS A 45 -0.41 -9.38 3.12
N ARG A 46 -0.01 -8.17 2.85
CA ARG A 46 0.74 -7.38 3.88
C ARG A 46 -0.24 -6.53 4.71
N MET A 47 -1.00 -5.68 4.08
CA MET A 47 -1.97 -4.82 4.83
C MET A 47 -2.53 -5.55 6.05
N PRO A 48 -2.02 -5.18 7.19
CA PRO A 48 -2.49 -5.83 8.45
C PRO A 48 -3.99 -5.59 8.63
N ALA A 49 -4.44 -5.46 9.85
CA ALA A 49 -5.89 -5.22 10.10
C ALA A 49 -6.14 -3.73 10.35
N TYR A 50 -6.87 -3.09 9.48
CA TYR A 50 -7.15 -1.64 9.65
C TYR A 50 -7.46 -1.34 11.13
N SER A 51 -7.26 -0.12 11.53
CA SER A 51 -7.54 0.25 12.96
C SER A 51 -7.88 1.74 13.05
N GLY A 52 -8.67 2.24 12.14
CA GLY A 52 -9.04 3.69 12.18
C GLY A 52 -10.48 3.83 12.66
N PRO A 53 -11.03 5.00 12.43
CA PRO A 53 -12.44 5.22 12.86
C PRO A 53 -13.39 5.08 11.67
N GLY A 54 -14.66 4.94 11.92
CA GLY A 54 -15.63 4.81 10.80
C GLY A 54 -15.15 3.75 9.82
N SER A 55 -14.33 2.83 10.27
CA SER A 55 -13.81 1.78 9.38
C SER A 55 -14.95 1.04 8.68
N VAL A 56 -14.70 -0.13 8.19
CA VAL A 56 -15.77 -0.92 7.50
C VAL A 56 -15.43 -2.41 7.53
N PRO A 57 -16.28 -3.18 6.90
CA PRO A 57 -16.04 -4.65 6.86
C PRO A 57 -15.18 -5.01 5.64
N GLY A 58 -13.93 -5.31 5.85
CA GLY A 58 -13.04 -5.67 4.71
C GLY A 58 -12.04 -4.55 4.47
N ALA A 59 -11.84 -3.69 5.44
CA ALA A 59 -10.87 -2.57 5.26
C ALA A 59 -9.47 -2.99 5.72
N LEU A 60 -8.46 -2.60 5.01
CA LEU A 60 -7.07 -2.96 5.41
C LEU A 60 -6.20 -1.71 5.47
N ASP A 61 -5.15 -1.73 6.26
CA ASP A 61 -4.28 -0.53 6.35
C ASP A 61 -2.97 -0.76 5.60
N TYR A 62 -2.78 -0.07 4.51
CA TYR A 62 -1.53 -0.23 3.72
C TYR A 62 -0.41 0.59 4.36
N ALA A 63 -0.76 1.58 5.15
CA ALA A 63 0.28 2.41 5.81
C ALA A 63 1.23 1.51 6.62
N ALA A 64 0.71 0.50 7.25
CA ALA A 64 1.58 -0.41 8.04
C ALA A 64 2.55 -1.14 7.10
N PHE A 65 2.11 -1.43 5.91
CA PHE A 65 2.99 -2.13 4.94
C PHE A 65 4.07 -1.16 4.44
N SER A 66 3.74 0.08 4.27
CA SER A 66 4.74 1.07 3.79
C SER A 66 5.94 1.11 4.74
N SER A 67 5.70 1.24 6.02
CA SER A 67 6.82 1.28 6.99
C SER A 67 7.58 -0.06 6.99
N ALA A 68 6.87 -1.14 6.83
CA ALA A 68 7.54 -2.47 6.82
C ALA A 68 8.34 -2.63 5.52
N LEU A 69 7.86 -2.09 4.44
CA LEU A 69 8.61 -2.21 3.16
C LEU A 69 9.99 -1.55 3.29
N TYR A 70 10.04 -0.38 3.87
CA TYR A 70 11.35 0.31 4.03
C TYR A 70 11.88 0.11 5.45
N GLY A 71 11.18 -0.66 6.25
CA GLY A 71 11.64 -0.89 7.65
C GLY A 71 12.85 -1.82 7.64
N GLU A 72 12.87 -2.79 8.53
CA GLU A 72 14.02 -3.73 8.58
C GLU A 72 15.30 -2.97 8.96
N SER A 73 15.39 -2.52 10.18
CA SER A 73 16.61 -1.78 10.61
C SER A 73 16.63 -1.63 12.13
N ASP A 74 17.65 -1.01 12.66
CA ASP A 74 17.71 -0.82 14.13
C ASP A 74 17.32 0.60 14.51
N LEU A 75 16.44 0.76 15.47
CA LEU A 75 16.01 2.12 15.89
C LEU A 75 15.52 2.91 14.67
N GLY B 9 -6.19 13.08 -10.07
CA GLY B 9 -5.72 13.31 -11.47
C GLY B 9 -4.50 12.45 -11.76
N LYS B 10 -3.66 12.24 -10.76
CA LYS B 10 -2.46 11.39 -10.97
C LYS B 10 -2.67 9.99 -10.41
N LYS B 11 -3.87 9.46 -10.55
CA LYS B 11 -4.14 8.10 -10.02
C LYS B 11 -3.16 7.10 -10.65
N ALA B 12 -3.03 7.12 -11.94
CA ALA B 12 -2.10 6.17 -12.61
C ALA B 12 -0.70 6.32 -12.01
N GLU B 13 -0.33 7.52 -11.63
CA GLU B 13 1.01 7.74 -11.03
C GLU B 13 1.09 7.06 -9.66
N ALA B 14 0.04 7.12 -8.89
CA ALA B 14 0.07 6.46 -7.55
C ALA B 14 0.23 4.95 -7.73
N VAL B 15 -0.47 4.37 -8.67
CA VAL B 15 -0.35 2.92 -8.90
C VAL B 15 1.10 2.56 -9.24
N ALA B 16 1.74 3.38 -10.04
CA ALA B 16 3.16 3.11 -10.40
C ALA B 16 4.02 3.06 -9.13
N THR B 17 3.78 3.94 -8.21
CA THR B 17 4.58 3.94 -6.95
C THR B 17 4.35 2.63 -6.18
N VAL B 18 3.12 2.21 -6.07
CA VAL B 18 2.84 0.94 -5.33
C VAL B 18 3.47 -0.23 -6.07
N VAL B 19 3.36 -0.27 -7.37
CA VAL B 19 3.96 -1.39 -8.14
C VAL B 19 5.48 -1.42 -7.93
N ALA B 20 6.12 -0.30 -8.05
CA ALA B 20 7.60 -0.26 -7.86
C ALA B 20 7.95 -0.65 -6.42
N ALA B 21 7.26 -0.09 -5.46
CA ALA B 21 7.54 -0.43 -4.04
C ALA B 21 7.25 -1.91 -3.79
N VAL B 22 6.13 -2.41 -4.26
CA VAL B 22 5.80 -3.84 -4.05
C VAL B 22 6.84 -4.72 -4.74
N ASP B 23 7.23 -4.38 -5.94
CA ASP B 23 8.25 -5.19 -6.66
C ASP B 23 9.55 -5.25 -5.84
N GLN B 24 9.89 -4.18 -5.19
CA GLN B 24 11.14 -4.17 -4.38
C GLN B 24 11.03 -5.20 -3.25
N ALA B 25 9.91 -5.24 -2.58
CA ALA B 25 9.74 -6.22 -1.47
C ALA B 25 9.82 -7.65 -2.01
N ARG B 26 9.32 -7.87 -3.20
CA ARG B 26 9.36 -9.25 -3.78
C ARG B 26 10.81 -9.66 -4.07
N VAL B 27 11.62 -8.75 -4.53
CA VAL B 27 13.04 -9.10 -4.83
C VAL B 27 13.86 -9.14 -3.54
N ARG B 28 13.40 -8.50 -2.52
CA ARG B 28 14.15 -8.49 -1.23
C ARG B 28 13.49 -9.45 -0.23
N GLU B 29 12.74 -10.41 -0.70
CA GLU B 29 12.07 -11.36 0.22
C GLU B 29 12.90 -12.64 0.34
N PRO B 30 12.81 -13.27 1.49
CA PRO B 30 13.58 -14.52 1.70
C PRO B 30 12.69 -15.74 1.44
N ARG B 31 12.90 -16.42 0.35
CA ARG B 31 12.06 -17.62 0.05
C ARG B 31 12.94 -18.87 -0.07
N MET A 3 1.43 18.66 6.89
CA MET A 3 1.44 19.86 6.02
C MET A 3 2.16 19.55 4.69
N ALA A 4 3.46 19.58 4.68
CA ALA A 4 4.20 19.28 3.42
C ALA A 4 5.37 18.34 3.71
N ASP A 5 5.09 17.10 3.99
CA ASP A 5 6.19 16.13 4.27
C ASP A 5 6.19 15.02 3.23
N THR A 6 7.33 14.71 2.67
CA THR A 6 7.39 13.63 1.65
C THR A 6 8.81 13.11 1.51
N ASP A 7 8.99 11.82 1.41
CA ASP A 7 10.36 11.24 1.27
C ASP A 7 10.29 9.86 0.61
N THR A 8 9.96 8.85 1.36
CA THR A 8 9.88 7.48 0.77
C THR A 8 8.57 6.81 1.20
N ALA A 9 8.36 6.66 2.48
CA ALA A 9 7.11 6.01 2.96
C ALA A 9 5.91 6.91 2.65
N GLU A 10 6.04 8.18 2.90
CA GLU A 10 4.92 9.12 2.60
C GLU A 10 4.50 8.98 1.13
N GLN A 11 5.45 8.74 0.27
CA GLN A 11 5.11 8.60 -1.18
C GLN A 11 4.16 7.42 -1.38
N VAL A 12 4.44 6.31 -0.76
CA VAL A 12 3.53 5.13 -0.91
C VAL A 12 2.16 5.47 -0.33
N ILE A 13 2.13 6.08 0.82
CA ILE A 13 0.83 6.45 1.44
C ILE A 13 0.07 7.40 0.51
N ALA A 14 0.75 8.38 -0.02
CA ALA A 14 0.08 9.33 -0.95
C ALA A 14 -0.51 8.53 -2.12
N SER A 15 0.23 7.59 -2.62
CA SER A 15 -0.28 6.74 -3.74
C SER A 15 -1.44 5.89 -3.22
N PHE A 16 -1.31 5.38 -2.02
CA PHE A 16 -2.40 4.54 -1.46
C PHE A 16 -3.63 5.42 -1.18
N ARG A 17 -3.41 6.59 -0.65
CA ARG A 17 -4.56 7.50 -0.36
C ARG A 17 -5.38 7.68 -1.62
N ILE A 18 -4.74 7.92 -2.73
CA ILE A 18 -5.50 8.10 -4.01
C ILE A 18 -6.25 6.81 -4.34
N LEU A 19 -5.62 5.68 -4.14
CA LEU A 19 -6.30 4.39 -4.45
C LEU A 19 -7.50 4.19 -3.51
N ALA A 20 -7.36 4.58 -2.28
CA ALA A 20 -8.50 4.41 -1.32
C ALA A 20 -9.45 5.60 -1.41
N SER A 21 -9.20 6.51 -2.31
CA SER A 21 -10.09 7.69 -2.45
C SER A 21 -10.11 8.50 -1.15
N ASP A 22 -8.98 9.01 -0.74
CA ASP A 22 -8.92 9.80 0.52
C ASP A 22 -9.47 8.99 1.70
N LYS A 23 -8.83 7.90 2.01
CA LYS A 23 -9.31 7.06 3.14
C LYS A 23 -8.11 6.44 3.87
N PRO A 24 -8.19 6.44 5.17
CA PRO A 24 -7.07 5.85 5.96
C PRO A 24 -7.00 4.34 5.75
N TYR A 25 -7.92 3.78 5.01
CA TYR A 25 -7.91 2.31 4.78
C TYR A 25 -8.26 2.00 3.32
N ILE A 26 -7.85 0.87 2.82
CA ILE A 26 -8.16 0.52 1.41
C ILE A 26 -8.78 -0.87 1.32
N LEU A 27 -9.79 -1.03 0.52
CA LEU A 27 -10.45 -2.37 0.40
C LEU A 27 -9.63 -3.28 -0.53
N ALA A 28 -9.55 -4.54 -0.21
CA ALA A 28 -8.77 -5.48 -1.08
C ALA A 28 -9.37 -5.55 -2.48
N GLU A 29 -10.68 -5.55 -2.58
CA GLU A 29 -11.32 -5.62 -3.91
C GLU A 29 -10.85 -4.47 -4.79
N GLU A 30 -10.63 -3.31 -4.23
CA GLU A 30 -10.17 -2.16 -5.04
C GLU A 30 -8.75 -2.42 -5.55
N LEU A 31 -7.88 -2.88 -4.69
CA LEU A 31 -6.49 -3.16 -5.13
C LEU A 31 -6.49 -4.22 -6.23
N ARG A 32 -7.37 -5.18 -6.14
CA ARG A 32 -7.43 -6.23 -7.20
C ARG A 32 -7.78 -5.59 -8.54
N ARG A 33 -8.60 -4.57 -8.53
CA ARG A 33 -8.98 -3.90 -9.81
C ARG A 33 -8.04 -2.72 -10.08
N GLU A 34 -7.62 -2.03 -9.06
CA GLU A 34 -6.71 -0.87 -9.26
C GLU A 34 -5.27 -1.34 -9.50
N LEU A 35 -4.93 -2.52 -9.06
CA LEU A 35 -3.54 -3.02 -9.27
C LEU A 35 -3.56 -4.38 -9.97
N PRO A 36 -2.43 -4.75 -10.50
CA PRO A 36 -2.35 -6.05 -11.19
C PRO A 36 -2.59 -7.20 -10.19
N PRO A 37 -3.15 -8.27 -10.69
CA PRO A 37 -3.42 -9.42 -9.79
C PRO A 37 -2.22 -9.69 -8.88
N ASP A 38 -1.03 -9.66 -9.43
CA ASP A 38 0.18 -9.91 -8.58
C ASP A 38 0.38 -8.80 -7.56
N GLN A 39 0.15 -7.57 -7.95
CA GLN A 39 0.32 -6.45 -6.98
C GLN A 39 -0.77 -6.48 -5.91
N ALA A 40 -1.98 -6.82 -6.28
CA ALA A 40 -3.09 -6.86 -5.29
C ALA A 40 -2.83 -7.97 -4.26
N GLN A 41 -2.38 -9.11 -4.70
CA GLN A 41 -2.10 -10.23 -3.75
C GLN A 41 -1.08 -9.79 -2.71
N TYR A 42 0.02 -9.22 -3.13
CA TYR A 42 1.05 -8.77 -2.16
C TYR A 42 0.50 -7.63 -1.29
N CYS A 43 -0.10 -6.64 -1.91
CA CYS A 43 -0.64 -5.50 -1.13
C CYS A 43 -1.79 -5.97 -0.23
N ILE A 44 -2.66 -6.79 -0.75
CA ILE A 44 -3.82 -7.27 0.08
C ILE A 44 -3.32 -8.24 1.15
N LYS A 45 -2.17 -8.83 0.96
CA LYS A 45 -1.64 -9.79 1.97
C LYS A 45 -0.91 -9.04 3.08
N ARG A 46 -0.10 -8.07 2.73
CA ARG A 46 0.64 -7.31 3.77
C ARG A 46 -0.31 -6.45 4.59
N MET A 47 -0.98 -5.51 3.97
CA MET A 47 -1.93 -4.62 4.70
C MET A 47 -2.58 -5.35 5.89
N PRO A 48 -2.33 -4.82 7.06
CA PRO A 48 -2.90 -5.45 8.27
C PRO A 48 -4.40 -5.15 8.37
N ALA A 49 -4.96 -5.23 9.55
CA ALA A 49 -6.41 -4.95 9.70
C ALA A 49 -6.64 -3.51 10.16
N TYR A 50 -6.60 -2.57 9.23
CA TYR A 50 -6.82 -1.13 9.58
C TYR A 50 -6.21 -0.79 10.95
N SER A 51 -6.63 0.29 11.55
CA SER A 51 -6.07 0.67 12.88
C SER A 51 -7.13 1.40 13.71
N GLY A 52 -8.37 1.38 13.28
CA GLY A 52 -9.43 2.07 14.06
C GLY A 52 -10.39 1.02 14.65
N PRO A 53 -11.54 1.48 15.07
CA PRO A 53 -12.51 0.53 15.66
C PRO A 53 -13.79 0.47 14.81
N GLY A 54 -13.71 0.92 13.57
CA GLY A 54 -14.91 0.90 12.70
C GLY A 54 -14.58 0.21 11.38
N SER A 55 -14.02 -0.97 11.43
CA SER A 55 -13.66 -1.68 10.19
C SER A 55 -14.87 -1.77 9.26
N VAL A 56 -14.75 -2.52 8.21
CA VAL A 56 -15.88 -2.67 7.24
C VAL A 56 -15.74 -3.97 6.47
N PRO A 57 -16.68 -4.22 5.60
CA PRO A 57 -16.61 -5.47 4.80
C PRO A 57 -15.32 -5.51 3.98
N GLY A 58 -14.22 -5.84 4.59
CA GLY A 58 -12.94 -5.91 3.85
C GLY A 58 -12.23 -4.55 3.91
N ALA A 59 -11.37 -4.36 4.87
CA ALA A 59 -10.65 -3.06 4.98
C ALA A 59 -9.25 -3.28 5.58
N LEU A 60 -8.24 -2.75 4.96
CA LEU A 60 -6.86 -2.93 5.49
C LEU A 60 -6.10 -1.61 5.44
N ASP A 61 -5.05 -1.48 6.21
CA ASP A 61 -4.26 -0.22 6.21
C ASP A 61 -2.93 -0.43 5.49
N TYR A 62 -2.76 0.17 4.35
CA TYR A 62 -1.49 0.01 3.59
C TYR A 62 -0.37 0.79 4.29
N ALA A 63 -0.71 1.79 5.05
CA ALA A 63 0.33 2.58 5.75
C ALA A 63 1.21 1.65 6.60
N ALA A 64 0.62 0.64 7.17
CA ALA A 64 1.42 -0.30 8.00
C ALA A 64 2.38 -1.09 7.12
N PHE A 65 1.95 -1.39 5.92
CA PHE A 65 2.82 -2.16 4.99
C PHE A 65 3.97 -1.28 4.48
N SER A 66 3.71 -0.01 4.30
CA SER A 66 4.79 0.90 3.79
C SER A 66 6.00 0.85 4.73
N SER A 67 5.79 1.00 6.01
CA SER A 67 6.93 0.97 6.97
C SER A 67 7.70 -0.35 6.85
N ALA A 68 7.01 -1.43 6.61
CA ALA A 68 7.71 -2.74 6.49
C ALA A 68 8.64 -2.76 5.28
N LEU A 69 8.17 -2.29 4.15
CA LEU A 69 9.03 -2.29 2.92
C LEU A 69 10.26 -1.40 3.14
N TYR A 70 10.09 -0.25 3.71
CA TYR A 70 11.25 0.66 3.93
C TYR A 70 11.90 0.38 5.30
N GLY A 71 11.20 -0.29 6.16
CA GLY A 71 11.78 -0.59 7.51
C GLY A 71 11.01 0.18 8.57
N GLU A 72 10.49 -0.50 9.55
CA GLU A 72 9.72 0.19 10.63
C GLU A 72 10.57 0.28 11.91
N SER A 73 11.84 0.52 11.78
CA SER A 73 12.71 0.61 12.99
C SER A 73 13.82 1.64 12.76
N ASP A 74 14.56 1.98 13.78
CA ASP A 74 15.65 2.98 13.62
C ASP A 74 16.79 2.38 12.80
N LEU A 75 17.29 3.10 11.84
CA LEU A 75 18.40 2.58 11.00
C LEU A 75 19.75 2.88 11.65
N GLY B 9 -4.24 10.59 -14.14
CA GLY B 9 -3.27 11.67 -13.84
C GLY B 9 -2.79 11.54 -12.40
N LYS B 10 -3.67 11.21 -11.49
CA LYS B 10 -3.25 11.06 -10.07
C LYS B 10 -3.32 9.59 -9.65
N LYS B 11 -4.33 8.89 -10.08
CA LYS B 11 -4.46 7.45 -9.71
C LYS B 11 -3.38 6.62 -10.43
N ALA B 12 -3.28 6.78 -11.72
CA ALA B 12 -2.24 6.01 -12.48
C ALA B 12 -0.86 6.25 -11.88
N GLU B 13 -0.58 7.47 -11.51
CA GLU B 13 0.75 7.78 -10.92
C GLU B 13 0.91 7.08 -9.57
N ALA B 14 -0.13 7.05 -8.78
CA ALA B 14 -0.03 6.37 -7.45
C ALA B 14 0.12 4.86 -7.64
N VAL B 15 -0.55 4.30 -8.61
CA VAL B 15 -0.44 2.84 -8.85
C VAL B 15 0.99 2.47 -9.23
N ALA B 16 1.60 3.23 -10.10
CA ALA B 16 3.01 2.93 -10.51
C ALA B 16 3.93 2.94 -9.29
N THR B 17 3.75 3.88 -8.41
CA THR B 17 4.62 3.95 -7.20
C THR B 17 4.41 2.71 -6.32
N VAL B 18 3.19 2.24 -6.23
CA VAL B 18 2.92 1.03 -5.41
C VAL B 18 3.56 -0.21 -6.05
N VAL B 19 3.37 -0.38 -7.33
CA VAL B 19 3.96 -1.56 -8.01
C VAL B 19 5.49 -1.58 -7.85
N ALA B 20 6.12 -0.44 -8.00
CA ALA B 20 7.59 -0.39 -7.84
C ALA B 20 7.99 -0.73 -6.40
N ALA B 21 7.30 -0.18 -5.45
CA ALA B 21 7.64 -0.48 -4.02
C ALA B 21 7.40 -1.96 -3.72
N VAL B 22 6.30 -2.50 -4.18
CA VAL B 22 6.02 -3.94 -3.92
C VAL B 22 7.03 -4.83 -4.65
N ASP B 23 7.33 -4.50 -5.88
CA ASP B 23 8.31 -5.32 -6.65
C ASP B 23 9.67 -5.34 -5.96
N GLN B 24 10.01 -4.27 -5.28
CA GLN B 24 11.33 -4.22 -4.58
C GLN B 24 11.43 -5.36 -3.55
N ALA B 25 10.45 -5.49 -2.70
CA ALA B 25 10.48 -6.58 -1.69
C ALA B 25 10.39 -7.95 -2.37
N ARG B 26 9.59 -8.05 -3.40
CA ARG B 26 9.43 -9.34 -4.11
C ARG B 26 10.76 -9.75 -4.76
N VAL B 27 11.53 -8.80 -5.20
CA VAL B 27 12.83 -9.13 -5.86
C VAL B 27 13.77 -9.82 -4.87
N ARG B 28 13.62 -9.56 -3.61
CA ARG B 28 14.49 -10.19 -2.59
C ARG B 28 13.72 -11.24 -1.79
N GLU B 29 12.73 -11.84 -2.39
CA GLU B 29 11.94 -12.87 -1.67
C GLU B 29 12.68 -14.20 -1.68
N PRO B 30 12.90 -14.73 -0.51
CA PRO B 30 13.62 -16.03 -0.42
C PRO B 30 13.03 -17.03 -1.40
N ARG B 31 11.76 -17.31 -1.29
CA ARG B 31 11.12 -18.28 -2.23
C ARG B 31 10.41 -17.54 -3.36
N MET A 3 9.99 21.60 5.16
CA MET A 3 10.05 21.38 3.69
C MET A 3 9.66 19.94 3.35
N ALA A 4 10.56 19.01 3.58
CA ALA A 4 10.24 17.58 3.27
C ALA A 4 11.00 16.66 4.23
N ASP A 5 10.79 15.38 4.12
CA ASP A 5 11.51 14.43 5.03
C ASP A 5 11.25 12.98 4.59
N THR A 6 12.20 12.38 3.93
CA THR A 6 12.01 10.98 3.46
C THR A 6 10.82 10.88 2.52
N ASP A 7 11.06 10.66 1.26
CA ASP A 7 9.93 10.56 0.29
C ASP A 7 9.79 9.11 -0.21
N THR A 8 9.93 8.17 0.67
CA THR A 8 9.80 6.73 0.26
C THR A 8 8.54 6.13 0.85
N ALA A 9 8.49 5.97 2.15
CA ALA A 9 7.28 5.38 2.79
C ALA A 9 6.08 6.32 2.59
N GLU A 10 6.27 7.59 2.81
CA GLU A 10 5.16 8.56 2.61
C GLU A 10 4.63 8.46 1.18
N GLN A 11 5.51 8.25 0.23
CA GLN A 11 5.06 8.16 -1.18
C GLN A 11 4.11 6.98 -1.36
N VAL A 12 4.44 5.84 -0.81
CA VAL A 12 3.55 4.66 -0.94
C VAL A 12 2.19 4.98 -0.33
N ILE A 13 2.16 5.63 0.80
CA ILE A 13 0.87 5.99 1.44
C ILE A 13 0.12 6.97 0.55
N ALA A 14 0.78 8.00 0.10
CA ALA A 14 0.11 8.98 -0.80
C ALA A 14 -0.44 8.25 -2.01
N SER A 15 0.32 7.31 -2.53
CA SER A 15 -0.16 6.54 -3.70
C SER A 15 -1.36 5.68 -3.29
N PHE A 16 -1.26 5.05 -2.15
CA PHE A 16 -2.41 4.22 -1.67
C PHE A 16 -3.59 5.12 -1.33
N ARG A 17 -3.32 6.24 -0.71
CA ARG A 17 -4.43 7.18 -0.37
C ARG A 17 -5.25 7.47 -1.63
N ILE A 18 -4.59 7.66 -2.74
CA ILE A 18 -5.33 7.94 -4.01
C ILE A 18 -6.19 6.73 -4.40
N LEU A 19 -5.66 5.54 -4.31
CA LEU A 19 -6.45 4.33 -4.67
C LEU A 19 -7.67 4.21 -3.74
N ALA A 20 -7.48 4.44 -2.48
CA ALA A 20 -8.62 4.33 -1.52
C ALA A 20 -9.43 5.63 -1.51
N SER A 21 -9.21 6.49 -2.48
CA SER A 21 -9.98 7.77 -2.52
C SER A 21 -9.62 8.65 -1.32
N ASP A 22 -8.36 8.97 -1.16
CA ASP A 22 -7.96 9.83 -0.02
C ASP A 22 -8.41 9.21 1.31
N LYS A 23 -7.91 8.05 1.63
CA LYS A 23 -8.32 7.39 2.92
C LYS A 23 -7.15 6.58 3.48
N PRO A 24 -7.05 6.59 4.78
CA PRO A 24 -5.95 5.83 5.42
C PRO A 24 -6.24 4.33 5.34
N TYR A 25 -7.35 3.95 4.77
CA TYR A 25 -7.68 2.50 4.65
C TYR A 25 -8.10 2.18 3.22
N ILE A 26 -7.84 0.98 2.77
CA ILE A 26 -8.22 0.61 1.37
C ILE A 26 -8.89 -0.76 1.35
N LEU A 27 -9.85 -0.96 0.48
CA LEU A 27 -10.55 -2.27 0.42
C LEU A 27 -9.70 -3.27 -0.37
N ALA A 28 -9.86 -4.53 -0.10
CA ALA A 28 -9.05 -5.56 -0.84
C ALA A 28 -9.47 -5.58 -2.32
N GLU A 29 -10.75 -5.57 -2.59
CA GLU A 29 -11.20 -5.58 -4.01
C GLU A 29 -10.64 -4.35 -4.73
N GLU A 30 -10.58 -3.23 -4.06
CA GLU A 30 -10.04 -2.01 -4.72
C GLU A 30 -8.61 -2.29 -5.19
N LEU A 31 -7.85 -3.01 -4.41
CA LEU A 31 -6.45 -3.33 -4.82
C LEU A 31 -6.47 -4.13 -6.13
N ARG A 32 -7.42 -5.02 -6.27
CA ARG A 32 -7.50 -5.82 -7.52
C ARG A 32 -7.87 -4.94 -8.71
N ARG A 33 -8.68 -3.93 -8.47
CA ARG A 33 -9.09 -3.03 -9.58
C ARG A 33 -8.08 -1.90 -9.77
N GLU A 34 -7.31 -1.61 -8.74
CA GLU A 34 -6.32 -0.50 -8.86
C GLU A 34 -4.92 -1.05 -9.17
N LEU A 35 -4.67 -2.29 -8.81
CA LEU A 35 -3.34 -2.88 -9.07
C LEU A 35 -3.47 -4.16 -9.90
N PRO A 36 -2.39 -4.56 -10.49
CA PRO A 36 -2.43 -5.80 -11.30
C PRO A 36 -2.78 -7.00 -10.41
N PRO A 37 -2.86 -8.15 -11.02
CA PRO A 37 -3.19 -9.36 -10.22
C PRO A 37 -2.09 -9.64 -9.19
N ASP A 38 -0.86 -9.64 -9.61
CA ASP A 38 0.26 -9.91 -8.66
C ASP A 38 0.38 -8.80 -7.62
N GLN A 39 0.23 -7.57 -8.02
CA GLN A 39 0.34 -6.44 -7.05
C GLN A 39 -0.85 -6.45 -6.09
N ALA A 40 -2.03 -6.69 -6.59
CA ALA A 40 -3.22 -6.70 -5.70
C ALA A 40 -3.14 -7.86 -4.70
N GLN A 41 -2.70 -9.00 -5.14
CA GLN A 41 -2.60 -10.17 -4.22
C GLN A 41 -1.54 -9.91 -3.14
N TYR A 42 -0.37 -9.49 -3.54
CA TYR A 42 0.71 -9.22 -2.53
C TYR A 42 0.28 -8.12 -1.56
N CYS A 43 -0.28 -7.05 -2.07
CA CYS A 43 -0.71 -5.93 -1.16
C CYS A 43 -1.77 -6.43 -0.17
N ILE A 44 -2.73 -7.19 -0.64
CA ILE A 44 -3.80 -7.69 0.27
C ILE A 44 -3.18 -8.57 1.37
N LYS A 45 -2.13 -9.28 1.06
CA LYS A 45 -1.49 -10.17 2.08
C LYS A 45 -0.68 -9.33 3.06
N ARG A 46 -0.23 -8.17 2.65
CA ARG A 46 0.58 -7.31 3.57
C ARG A 46 -0.36 -6.48 4.46
N MET A 47 -1.16 -5.64 3.88
CA MET A 47 -2.10 -4.79 4.67
C MET A 47 -2.60 -5.54 5.91
N PRO A 48 -2.05 -5.18 7.05
CA PRO A 48 -2.50 -5.85 8.29
C PRO A 48 -3.99 -5.59 8.51
N ALA A 49 -4.45 -5.66 9.73
CA ALA A 49 -5.90 -5.40 9.99
C ALA A 49 -6.11 -3.99 10.53
N TYR A 50 -6.93 -3.21 9.88
CA TYR A 50 -7.18 -1.82 10.35
C TYR A 50 -7.67 -1.84 11.81
N SER A 51 -8.94 -2.05 12.00
CA SER A 51 -9.49 -2.08 13.39
C SER A 51 -10.47 -3.25 13.55
N GLY A 52 -10.52 -3.83 14.72
CA GLY A 52 -11.45 -4.98 14.94
C GLY A 52 -12.88 -4.45 15.11
N PRO A 53 -13.04 -3.58 16.08
CA PRO A 53 -14.39 -3.02 16.32
C PRO A 53 -14.53 -1.66 15.64
N GLY A 54 -15.56 -1.46 14.86
CA GLY A 54 -15.75 -0.16 14.18
C GLY A 54 -15.67 -0.36 12.66
N SER A 55 -14.51 -0.66 12.15
CA SER A 55 -14.35 -0.86 10.70
C SER A 55 -15.31 -1.92 10.18
N VAL A 56 -15.01 -2.52 9.07
CA VAL A 56 -15.91 -3.58 8.52
C VAL A 56 -15.09 -4.79 8.06
N PRO A 57 -15.78 -5.83 7.70
CA PRO A 57 -15.07 -7.04 7.23
C PRO A 57 -14.54 -6.84 5.81
N GLY A 58 -13.76 -5.81 5.61
CA GLY A 58 -13.21 -5.56 4.23
C GLY A 58 -12.45 -4.24 4.23
N ALA A 59 -11.77 -3.92 5.31
CA ALA A 59 -11.01 -2.65 5.36
C ALA A 59 -9.60 -2.89 5.88
N LEU A 60 -8.61 -2.75 5.04
CA LEU A 60 -7.21 -2.99 5.48
C LEU A 60 -6.42 -1.68 5.43
N ASP A 61 -5.32 -1.60 6.14
CA ASP A 61 -4.51 -0.36 6.12
C ASP A 61 -3.18 -0.59 5.40
N TYR A 62 -3.02 0.00 4.24
CA TYR A 62 -1.74 -0.19 3.49
C TYR A 62 -0.64 0.64 4.17
N ALA A 63 -1.02 1.71 4.82
CA ALA A 63 0.00 2.55 5.50
C ALA A 63 0.80 1.71 6.47
N ALA A 64 0.14 0.88 7.24
CA ALA A 64 0.88 0.01 8.20
C ALA A 64 1.83 -0.90 7.44
N PHE A 65 1.45 -1.30 6.27
CA PHE A 65 2.32 -2.19 5.45
C PHE A 65 3.53 -1.40 4.93
N SER A 66 3.33 -0.18 4.52
CA SER A 66 4.46 0.64 4.00
C SER A 66 5.54 0.78 5.08
N SER A 67 5.15 1.07 6.29
CA SER A 67 6.16 1.21 7.38
C SER A 67 6.94 -0.09 7.56
N ALA A 68 6.27 -1.20 7.48
CA ALA A 68 6.97 -2.51 7.65
C ALA A 68 7.77 -2.85 6.38
N LEU A 69 7.20 -2.59 5.24
CA LEU A 69 7.92 -2.90 3.97
C LEU A 69 9.14 -1.98 3.84
N TYR A 70 8.97 -0.73 4.10
CA TYR A 70 10.11 0.23 4.00
C TYR A 70 10.77 0.41 5.37
N GLY A 71 10.36 -0.36 6.35
CA GLY A 71 10.97 -0.23 7.70
C GLY A 71 11.10 -1.61 8.33
N GLU A 72 12.28 -2.14 8.40
CA GLU A 72 12.46 -3.50 9.01
C GLU A 72 13.49 -3.44 10.14
N SER A 73 13.20 -2.73 11.19
CA SER A 73 14.17 -2.63 12.32
C SER A 73 13.50 -3.03 13.63
N ASP A 74 12.53 -2.28 14.07
CA ASP A 74 11.83 -2.62 15.34
C ASP A 74 10.55 -3.42 15.06
N LEU A 75 10.31 -4.46 15.79
CA LEU A 75 9.09 -5.28 15.56
C LEU A 75 8.54 -5.80 16.88
N GLY B 9 -7.80 9.97 -13.89
CA GLY B 9 -6.40 10.45 -14.13
C GLY B 9 -5.66 10.56 -12.80
N LYS B 10 -4.35 10.63 -12.84
CA LYS B 10 -3.55 10.73 -11.58
C LYS B 10 -3.52 9.39 -10.85
N LYS B 11 -4.65 8.75 -10.67
CA LYS B 11 -4.66 7.44 -9.96
C LYS B 11 -3.73 6.45 -10.67
N ALA B 12 -3.64 6.55 -11.98
CA ALA B 12 -2.73 5.62 -12.72
C ALA B 12 -1.28 5.89 -12.34
N GLU B 13 -0.93 7.14 -12.18
CA GLU B 13 0.47 7.49 -11.81
C GLU B 13 0.78 6.95 -10.41
N ALA B 14 -0.14 7.08 -9.50
CA ALA B 14 0.09 6.57 -8.11
C ALA B 14 0.27 5.05 -8.14
N VAL B 15 -0.41 4.38 -9.03
CA VAL B 15 -0.29 2.90 -9.12
C VAL B 15 1.14 2.51 -9.54
N ALA B 16 1.69 3.22 -10.50
CA ALA B 16 3.07 2.89 -10.96
C ALA B 16 4.06 2.98 -9.79
N THR B 17 3.89 3.97 -8.95
CA THR B 17 4.82 4.11 -7.79
C THR B 17 4.65 2.93 -6.82
N VAL B 18 3.45 2.54 -6.55
CA VAL B 18 3.23 1.40 -5.62
C VAL B 18 3.78 0.11 -6.23
N VAL B 19 3.54 -0.11 -7.50
CA VAL B 19 4.05 -1.34 -8.15
C VAL B 19 5.58 -1.40 -8.04
N ALA B 20 6.25 -0.33 -8.40
CA ALA B 20 7.74 -0.33 -8.30
C ALA B 20 8.16 -0.51 -6.83
N ALA B 21 7.55 0.22 -5.93
CA ALA B 21 7.91 0.08 -4.50
C ALA B 21 7.58 -1.33 -4.01
N VAL B 22 6.41 -1.82 -4.33
CA VAL B 22 6.03 -3.19 -3.89
C VAL B 22 6.97 -4.21 -4.51
N ASP B 23 7.26 -4.07 -5.78
CA ASP B 23 8.18 -5.03 -6.45
C ASP B 23 9.54 -5.01 -5.76
N GLN B 24 10.01 -3.85 -5.38
CA GLN B 24 11.33 -3.76 -4.69
C GLN B 24 11.33 -4.69 -3.48
N ALA B 25 10.23 -4.74 -2.76
CA ALA B 25 10.17 -5.64 -1.57
C ALA B 25 10.39 -7.09 -2.01
N ARG B 26 9.84 -7.47 -3.12
CA ARG B 26 10.03 -8.86 -3.61
C ARG B 26 11.51 -9.14 -3.82
N VAL B 27 12.21 -8.23 -4.44
CA VAL B 27 13.67 -8.42 -4.67
C VAL B 27 14.43 -8.33 -3.35
N ARG B 28 13.84 -7.69 -2.38
CA ARG B 28 14.50 -7.55 -1.05
C ARG B 28 15.86 -6.87 -1.21
N GLU B 29 15.91 -5.79 -1.94
CA GLU B 29 17.21 -5.08 -2.13
C GLU B 29 17.49 -4.18 -0.93
N PRO B 30 18.44 -4.58 -0.14
CA PRO B 30 18.78 -3.78 1.07
C PRO B 30 19.50 -2.50 0.66
N ARG B 31 20.63 -2.61 0.01
CA ARG B 31 21.37 -1.40 -0.41
C ARG B 31 21.50 -1.35 -1.94
N MET A 3 2.92 12.95 7.81
CA MET A 3 3.26 13.27 9.23
C MET A 3 4.74 13.64 9.34
N ALA A 4 5.24 14.40 8.41
CA ALA A 4 6.68 14.79 8.47
C ALA A 4 7.56 13.57 8.76
N ASP A 5 7.91 12.82 7.75
CA ASP A 5 8.77 11.62 7.99
C ASP A 5 9.56 11.29 6.72
N THR A 6 10.07 10.09 6.62
CA THR A 6 10.86 9.70 5.41
C THR A 6 10.07 10.05 4.14
N ASP A 7 10.66 9.84 3.00
CA ASP A 7 9.94 10.15 1.73
C ASP A 7 9.52 8.85 1.03
N THR A 8 10.29 7.81 1.17
CA THR A 8 9.93 6.52 0.52
C THR A 8 8.59 6.02 1.04
N ALA A 9 8.45 5.95 2.34
CA ALA A 9 7.15 5.47 2.92
C ALA A 9 6.05 6.51 2.68
N GLU A 10 6.35 7.75 2.92
CA GLU A 10 5.33 8.81 2.70
C GLU A 10 4.80 8.73 1.26
N GLN A 11 5.64 8.42 0.32
CA GLN A 11 5.20 8.31 -1.10
C GLN A 11 4.15 7.21 -1.23
N VAL A 12 4.39 6.07 -0.63
CA VAL A 12 3.40 4.96 -0.72
C VAL A 12 2.07 5.40 -0.13
N ILE A 13 2.10 6.02 1.02
CA ILE A 13 0.83 6.48 1.65
C ILE A 13 0.09 7.44 0.71
N ALA A 14 0.77 8.43 0.19
CA ALA A 14 0.10 9.38 -0.74
C ALA A 14 -0.47 8.61 -1.92
N SER A 15 0.31 7.75 -2.52
CA SER A 15 -0.20 6.95 -3.66
C SER A 15 -1.31 6.02 -3.18
N PHE A 16 -1.19 5.51 -1.99
CA PHE A 16 -2.24 4.61 -1.45
C PHE A 16 -3.51 5.41 -1.20
N ARG A 17 -3.37 6.58 -0.61
CA ARG A 17 -4.57 7.41 -0.35
C ARG A 17 -5.35 7.60 -1.66
N ILE A 18 -4.66 7.96 -2.71
CA ILE A 18 -5.34 8.13 -4.03
C ILE A 18 -6.02 6.83 -4.43
N LEU A 19 -5.35 5.72 -4.25
CA LEU A 19 -5.95 4.41 -4.62
C LEU A 19 -7.15 4.12 -3.73
N ALA A 20 -7.08 4.51 -2.48
CA ALA A 20 -8.23 4.25 -1.56
C ALA A 20 -9.32 5.31 -1.76
N SER A 21 -9.10 6.23 -2.67
CA SER A 21 -10.12 7.29 -2.90
C SER A 21 -10.25 8.18 -1.67
N ASP A 22 -9.31 9.06 -1.46
CA ASP A 22 -9.38 9.96 -0.27
C ASP A 22 -9.82 9.17 0.97
N LYS A 23 -9.11 8.13 1.30
CA LYS A 23 -9.48 7.32 2.50
C LYS A 23 -8.23 6.83 3.21
N PRO A 24 -8.30 6.79 4.51
CA PRO A 24 -7.13 6.31 5.29
C PRO A 24 -7.02 4.79 5.21
N TYR A 25 -7.88 4.16 4.45
CA TYR A 25 -7.82 2.68 4.33
C TYR A 25 -8.13 2.23 2.90
N ILE A 26 -7.83 1.01 2.57
CA ILE A 26 -8.11 0.52 1.20
C ILE A 26 -8.83 -0.85 1.25
N LEU A 27 -9.70 -1.11 0.32
CA LEU A 27 -10.43 -2.41 0.33
C LEU A 27 -9.69 -3.44 -0.51
N ALA A 28 -9.89 -4.70 -0.24
CA ALA A 28 -9.19 -5.76 -1.03
C ALA A 28 -9.63 -5.70 -2.48
N GLU A 29 -10.90 -5.45 -2.72
CA GLU A 29 -11.39 -5.36 -4.12
C GLU A 29 -10.87 -4.09 -4.77
N GLU A 30 -10.72 -3.04 -4.02
CA GLU A 30 -10.21 -1.76 -4.60
C GLU A 30 -8.80 -1.95 -5.13
N LEU A 31 -7.91 -2.47 -4.34
CA LEU A 31 -6.52 -2.69 -4.83
C LEU A 31 -6.53 -3.77 -5.91
N ARG A 32 -7.41 -4.74 -5.79
CA ARG A 32 -7.46 -5.82 -6.81
C ARG A 32 -7.90 -5.26 -8.17
N ARG A 33 -8.76 -4.27 -8.17
CA ARG A 33 -9.23 -3.70 -9.46
C ARG A 33 -8.33 -2.55 -9.93
N GLU A 34 -7.49 -2.03 -9.08
CA GLU A 34 -6.60 -0.90 -9.51
C GLU A 34 -5.15 -1.36 -9.63
N LEU A 35 -4.77 -2.39 -8.94
CA LEU A 35 -3.35 -2.86 -9.01
C LEU A 35 -3.29 -4.20 -9.75
N PRO A 36 -2.22 -4.40 -10.47
CA PRO A 36 -2.07 -5.68 -11.21
C PRO A 36 -2.37 -6.86 -10.28
N PRO A 37 -3.04 -7.84 -10.83
CA PRO A 37 -3.38 -9.03 -10.01
C PRO A 37 -2.18 -9.41 -9.13
N ASP A 38 -0.99 -9.30 -9.64
CA ASP A 38 0.21 -9.66 -8.84
C ASP A 38 0.37 -8.71 -7.65
N GLN A 39 0.20 -7.43 -7.88
CA GLN A 39 0.34 -6.46 -6.75
C GLN A 39 -0.81 -6.62 -5.76
N ALA A 40 -2.01 -6.80 -6.24
CA ALA A 40 -3.16 -6.97 -5.32
C ALA A 40 -2.91 -8.13 -4.36
N GLN A 41 -2.40 -9.22 -4.85
CA GLN A 41 -2.14 -10.40 -3.96
C GLN A 41 -1.03 -10.05 -2.95
N TYR A 42 0.02 -9.43 -3.40
CA TYR A 42 1.13 -9.06 -2.47
C TYR A 42 0.62 -8.05 -1.44
N CYS A 43 -0.05 -7.03 -1.89
CA CYS A 43 -0.56 -6.00 -0.94
C CYS A 43 -1.63 -6.59 -0.01
N ILE A 44 -2.62 -7.24 -0.56
CA ILE A 44 -3.69 -7.83 0.30
C ILE A 44 -3.09 -8.66 1.43
N LYS A 45 -1.94 -9.22 1.22
CA LYS A 45 -1.29 -10.05 2.28
C LYS A 45 -0.50 -9.18 3.24
N ARG A 46 -0.02 -8.05 2.77
CA ARG A 46 0.79 -7.16 3.67
C ARG A 46 -0.12 -6.39 4.63
N MET A 47 -0.85 -5.43 4.13
CA MET A 47 -1.75 -4.65 5.03
C MET A 47 -2.73 -5.57 5.75
N PRO A 48 -2.68 -5.51 7.06
CA PRO A 48 -3.59 -6.38 7.86
C PRO A 48 -5.01 -5.81 7.83
N ALA A 49 -5.82 -6.17 8.79
CA ALA A 49 -7.22 -5.65 8.80
C ALA A 49 -7.29 -4.35 9.60
N TYR A 50 -7.97 -3.36 9.07
CA TYR A 50 -8.08 -2.06 9.80
C TYR A 50 -8.79 -2.26 11.14
N SER A 51 -8.10 -2.75 12.13
CA SER A 51 -8.75 -2.97 13.45
C SER A 51 -9.12 -1.62 14.09
N GLY A 52 -9.75 -1.65 15.23
CA GLY A 52 -10.13 -0.37 15.90
C GLY A 52 -11.32 -0.62 16.83
N PRO A 53 -12.14 0.39 16.97
CA PRO A 53 -13.33 0.24 17.86
C PRO A 53 -14.48 -0.42 17.09
N GLY A 54 -14.44 -0.38 15.79
CA GLY A 54 -15.54 -0.99 15.00
C GLY A 54 -14.98 -1.51 13.67
N SER A 55 -14.60 -0.63 12.79
CA SER A 55 -14.05 -1.06 11.48
C SER A 55 -15.01 -2.03 10.79
N VAL A 56 -14.62 -2.50 9.66
CA VAL A 56 -15.49 -3.46 8.92
C VAL A 56 -14.65 -4.56 8.28
N PRO A 57 -15.32 -5.50 7.67
CA PRO A 57 -14.57 -6.62 7.03
C PRO A 57 -14.18 -6.23 5.60
N GLY A 58 -12.90 -6.19 5.32
CA GLY A 58 -12.45 -5.82 3.94
C GLY A 58 -11.56 -4.58 4.01
N ALA A 59 -11.65 -3.83 5.07
CA ALA A 59 -10.81 -2.61 5.20
C ALA A 59 -9.37 -3.00 5.58
N LEU A 60 -8.42 -2.61 4.78
CA LEU A 60 -7.00 -2.96 5.10
C LEU A 60 -6.17 -1.69 5.28
N ASP A 61 -5.08 -1.78 5.99
CA ASP A 61 -4.23 -0.58 6.21
C ASP A 61 -2.93 -0.69 5.39
N TYR A 62 -2.76 0.15 4.42
CA TYR A 62 -1.53 0.10 3.59
C TYR A 62 -0.38 0.86 4.27
N ALA A 63 -0.70 1.79 5.14
CA ALA A 63 0.36 2.55 5.83
C ALA A 63 1.30 1.58 6.54
N ALA A 64 0.76 0.57 7.16
CA ALA A 64 1.63 -0.42 7.87
C ALA A 64 2.45 -1.19 6.84
N PHE A 65 1.91 -1.40 5.69
CA PHE A 65 2.66 -2.13 4.62
C PHE A 65 3.83 -1.29 4.12
N SER A 66 3.67 0.02 4.09
CA SER A 66 4.77 0.89 3.59
C SER A 66 5.99 0.77 4.52
N SER A 67 5.79 0.91 5.79
CA SER A 67 6.94 0.80 6.75
C SER A 67 7.44 -0.64 6.79
N ALA A 68 6.56 -1.60 6.68
CA ALA A 68 6.99 -3.02 6.73
C ALA A 68 7.78 -3.38 5.47
N LEU A 69 7.31 -3.00 4.31
CA LEU A 69 8.05 -3.32 3.06
C LEU A 69 9.35 -2.52 2.99
N TYR A 70 9.31 -1.30 3.42
CA TYR A 70 10.54 -0.45 3.40
C TYR A 70 11.23 -0.47 4.77
N GLY A 71 10.71 -1.23 5.69
CA GLY A 71 11.33 -1.29 7.04
C GLY A 71 12.60 -2.14 6.99
N GLU A 72 13.11 -2.52 8.12
CA GLU A 72 14.34 -3.37 8.14
C GLU A 72 14.21 -4.50 9.16
N SER A 73 13.71 -4.20 10.33
CA SER A 73 13.55 -5.27 11.36
C SER A 73 12.34 -6.15 11.03
N ASP A 74 12.58 -7.41 10.75
CA ASP A 74 11.45 -8.32 10.43
C ASP A 74 10.60 -8.58 11.67
N LEU A 75 9.40 -8.06 11.71
CA LEU A 75 8.53 -8.29 12.90
C LEU A 75 7.37 -9.22 12.54
N GLY B 9 -4.66 11.67 -14.71
CA GLY B 9 -4.57 12.91 -13.89
C GLY B 9 -3.54 12.71 -12.78
N LYS B 10 -3.59 11.59 -12.11
CA LYS B 10 -2.61 11.33 -11.02
C LYS B 10 -2.83 9.93 -10.43
N LYS B 11 -4.04 9.45 -10.45
CA LYS B 11 -4.30 8.09 -9.89
C LYS B 11 -3.43 7.05 -10.59
N ALA B 12 -3.43 7.04 -11.90
CA ALA B 12 -2.58 6.07 -12.64
C ALA B 12 -1.12 6.24 -12.22
N GLU B 13 -0.73 7.45 -11.95
CA GLU B 13 0.68 7.69 -11.53
C GLU B 13 0.93 7.09 -10.15
N ALA B 14 -0.01 7.22 -9.26
CA ALA B 14 0.15 6.64 -7.89
C ALA B 14 0.27 5.12 -7.98
N VAL B 15 -0.44 4.51 -8.88
CA VAL B 15 -0.37 3.03 -9.02
C VAL B 15 1.06 2.61 -9.39
N ALA B 16 1.69 3.31 -10.30
CA ALA B 16 3.08 2.95 -10.69
C ALA B 16 4.01 3.02 -9.47
N THR B 17 3.77 3.96 -8.59
CA THR B 17 4.64 4.08 -7.39
C THR B 17 4.43 2.87 -6.48
N VAL B 18 3.20 2.54 -6.18
CA VAL B 18 2.92 1.38 -5.29
C VAL B 18 3.48 0.10 -5.92
N VAL B 19 3.27 -0.10 -7.19
CA VAL B 19 3.79 -1.32 -7.86
C VAL B 19 5.31 -1.40 -7.71
N ALA B 20 6.00 -0.33 -7.98
CA ALA B 20 7.49 -0.33 -7.85
C ALA B 20 7.89 -0.64 -6.41
N ALA B 21 7.18 -0.10 -5.46
CA ALA B 21 7.52 -0.36 -4.03
C ALA B 21 7.28 -1.83 -3.70
N VAL B 22 6.17 -2.37 -4.13
CA VAL B 22 5.88 -3.81 -3.84
C VAL B 22 6.92 -4.71 -4.51
N ASP B 23 7.20 -4.48 -5.77
CA ASP B 23 8.22 -5.31 -6.47
C ASP B 23 9.53 -5.29 -5.70
N GLN B 24 9.88 -4.16 -5.14
CA GLN B 24 11.15 -4.06 -4.37
C GLN B 24 11.08 -4.97 -3.14
N ALA B 25 9.94 -5.07 -2.53
CA ALA B 25 9.79 -5.94 -1.33
C ALA B 25 10.02 -7.42 -1.71
N ARG B 26 9.53 -7.83 -2.84
CA ARG B 26 9.71 -9.25 -3.26
C ARG B 26 11.21 -9.54 -3.44
N VAL B 27 11.93 -8.66 -4.08
CA VAL B 27 13.39 -8.89 -4.28
C VAL B 27 14.11 -8.87 -2.93
N ARG B 28 13.54 -8.20 -1.97
CA ARG B 28 14.18 -8.13 -0.63
C ARG B 28 13.65 -9.27 0.25
N GLU B 29 13.04 -10.25 -0.36
CA GLU B 29 12.48 -11.39 0.44
C GLU B 29 13.37 -12.63 0.28
N PRO B 30 13.49 -13.36 1.34
CA PRO B 30 14.33 -14.59 1.28
C PRO B 30 13.54 -15.74 0.64
N ARG B 31 13.77 -16.00 -0.61
CA ARG B 31 13.04 -17.10 -1.30
C ARG B 31 11.54 -16.99 -1.02
N MET A 3 -2.01 15.47 3.81
CA MET A 3 -1.48 16.67 4.52
C MET A 3 -0.52 16.24 5.64
N ALA A 4 0.38 15.36 5.34
CA ALA A 4 1.34 14.89 6.39
C ALA A 4 2.74 15.44 6.11
N ASP A 5 3.44 14.85 5.18
CA ASP A 5 4.81 15.34 4.85
C ASP A 5 5.30 14.68 3.56
N THR A 6 6.59 14.68 3.34
CA THR A 6 7.14 14.05 2.10
C THR A 6 8.29 13.11 2.45
N ASP A 7 8.23 11.88 1.99
CA ASP A 7 9.32 10.92 2.29
C ASP A 7 9.12 9.63 1.49
N THR A 8 10.10 8.76 1.50
CA THR A 8 9.96 7.48 0.74
C THR A 8 8.70 6.74 1.20
N ALA A 9 8.54 6.54 2.48
CA ALA A 9 7.34 5.83 2.99
C ALA A 9 6.10 6.69 2.78
N GLU A 10 6.20 7.96 3.11
CA GLU A 10 5.03 8.87 2.93
C GLU A 10 4.54 8.79 1.48
N GLN A 11 5.44 8.67 0.55
CA GLN A 11 5.02 8.59 -0.89
C GLN A 11 4.13 7.37 -1.10
N VAL A 12 4.50 6.24 -0.56
CA VAL A 12 3.66 5.02 -0.72
C VAL A 12 2.26 5.28 -0.18
N ILE A 13 2.18 5.95 0.95
CA ILE A 13 0.84 6.26 1.54
C ILE A 13 0.10 7.23 0.63
N ALA A 14 0.77 8.24 0.15
CA ALA A 14 0.09 9.21 -0.76
C ALA A 14 -0.47 8.46 -1.96
N SER A 15 0.30 7.54 -2.51
CA SER A 15 -0.20 6.75 -3.66
C SER A 15 -1.34 5.86 -3.19
N PHE A 16 -1.24 5.32 -2.00
CA PHE A 16 -2.33 4.46 -1.47
C PHE A 16 -3.56 5.32 -1.20
N ARG A 17 -3.37 6.48 -0.62
CA ARG A 17 -4.52 7.37 -0.33
C ARG A 17 -5.32 7.61 -1.62
N ILE A 18 -4.64 7.85 -2.71
CA ILE A 18 -5.35 8.08 -4.01
C ILE A 18 -6.10 6.81 -4.40
N LEU A 19 -5.46 5.67 -4.30
CA LEU A 19 -6.14 4.40 -4.65
C LEU A 19 -7.33 4.16 -3.74
N ALA A 20 -7.22 4.55 -2.49
CA ALA A 20 -8.35 4.37 -1.54
C ALA A 20 -9.40 5.46 -1.74
N SER A 21 -9.20 6.32 -2.70
CA SER A 21 -10.18 7.42 -2.95
C SER A 21 -10.31 8.30 -1.70
N ASP A 22 -9.39 9.20 -1.51
CA ASP A 22 -9.47 10.09 -0.31
C ASP A 22 -9.79 9.27 0.94
N LYS A 23 -8.96 8.32 1.27
CA LYS A 23 -9.22 7.49 2.49
C LYS A 23 -7.89 6.94 3.04
N PRO A 24 -7.81 6.91 4.34
CA PRO A 24 -6.57 6.39 4.96
C PRO A 24 -6.56 4.87 4.93
N TYR A 25 -7.52 4.27 4.27
CA TYR A 25 -7.56 2.78 4.21
C TYR A 25 -7.89 2.33 2.78
N ILE A 26 -7.69 1.07 2.49
CA ILE A 26 -7.99 0.57 1.10
C ILE A 26 -8.68 -0.79 1.17
N LEU A 27 -9.65 -1.02 0.32
CA LEU A 27 -10.35 -2.33 0.34
C LEU A 27 -9.57 -3.35 -0.48
N ALA A 28 -9.74 -4.61 -0.17
CA ALA A 28 -8.99 -5.66 -0.93
C ALA A 28 -9.51 -5.76 -2.36
N GLU A 29 -10.80 -5.75 -2.54
CA GLU A 29 -11.37 -5.83 -3.92
C GLU A 29 -10.82 -4.69 -4.76
N GLU A 30 -10.70 -3.52 -4.19
CA GLU A 30 -10.17 -2.37 -4.96
C GLU A 30 -8.76 -2.70 -5.47
N LEU A 31 -7.98 -3.32 -4.63
CA LEU A 31 -6.60 -3.69 -5.05
C LEU A 31 -6.67 -4.66 -6.23
N ARG A 32 -7.67 -5.50 -6.25
CA ARG A 32 -7.81 -6.48 -7.37
C ARG A 32 -8.16 -5.73 -8.66
N ARG A 33 -8.93 -4.68 -8.58
CA ARG A 33 -9.31 -3.93 -9.81
C ARG A 33 -8.40 -2.72 -10.05
N GLU A 34 -7.80 -2.19 -9.01
CA GLU A 34 -6.93 -0.99 -9.20
C GLU A 34 -5.48 -1.40 -9.43
N LEU A 35 -5.08 -2.56 -9.00
CA LEU A 35 -3.66 -2.97 -9.19
C LEU A 35 -3.58 -4.30 -9.94
N PRO A 36 -2.41 -4.58 -10.46
CA PRO A 36 -2.23 -5.85 -11.20
C PRO A 36 -2.50 -7.04 -10.27
N PRO A 37 -3.17 -8.03 -10.81
CA PRO A 37 -3.47 -9.23 -10.00
C PRO A 37 -2.29 -9.60 -9.11
N ASP A 38 -1.09 -9.53 -9.64
CA ASP A 38 0.10 -9.89 -8.84
C ASP A 38 0.32 -8.90 -7.69
N GLN A 39 0.06 -7.64 -7.91
CA GLN A 39 0.26 -6.64 -6.82
C GLN A 39 -0.78 -6.83 -5.72
N ALA A 40 -2.01 -7.07 -6.08
CA ALA A 40 -3.06 -7.27 -5.05
C ALA A 40 -2.66 -8.40 -4.09
N GLN A 41 -2.25 -9.52 -4.62
CA GLN A 41 -1.86 -10.66 -3.73
C GLN A 41 -0.77 -10.21 -2.75
N TYR A 42 0.26 -9.58 -3.23
CA TYR A 42 1.34 -9.13 -2.31
C TYR A 42 0.79 -8.12 -1.29
N CYS A 43 0.06 -7.15 -1.76
CA CYS A 43 -0.51 -6.13 -0.82
C CYS A 43 -1.53 -6.80 0.11
N ILE A 44 -2.42 -7.58 -0.44
CA ILE A 44 -3.44 -8.26 0.40
C ILE A 44 -2.75 -9.11 1.48
N LYS A 45 -1.53 -9.49 1.24
CA LYS A 45 -0.80 -10.33 2.24
C LYS A 45 -0.16 -9.44 3.31
N ARG A 46 0.10 -8.21 2.99
CA ARG A 46 0.73 -7.29 3.99
C ARG A 46 -0.35 -6.51 4.74
N MET A 47 -1.04 -5.62 4.06
CA MET A 47 -2.10 -4.82 4.72
C MET A 47 -2.86 -5.65 5.75
N PRO A 48 -2.58 -5.37 7.00
CA PRO A 48 -3.27 -6.12 8.08
C PRO A 48 -4.73 -5.67 8.15
N ALA A 49 -5.38 -5.89 9.27
CA ALA A 49 -6.81 -5.47 9.40
C ALA A 49 -6.89 -4.15 10.16
N TYR A 50 -7.53 -3.16 9.58
CA TYR A 50 -7.66 -1.85 10.27
C TYR A 50 -8.47 -2.00 11.56
N SER A 51 -8.03 -1.38 12.62
CA SER A 51 -8.77 -1.49 13.91
C SER A 51 -9.08 -0.10 14.47
N GLY A 52 -10.30 0.34 14.38
CA GLY A 52 -10.65 1.69 14.91
C GLY A 52 -11.90 1.59 15.79
N PRO A 53 -12.90 2.33 15.43
CA PRO A 53 -14.15 2.30 16.24
C PRO A 53 -15.17 1.35 15.60
N GLY A 54 -14.71 0.46 14.76
CA GLY A 54 -15.65 -0.49 14.10
C GLY A 54 -15.13 -0.83 12.70
N SER A 55 -14.57 0.12 12.02
CA SER A 55 -14.05 -0.13 10.65
C SER A 55 -15.13 -0.76 9.79
N VAL A 56 -14.81 -1.06 8.57
CA VAL A 56 -15.79 -1.67 7.65
C VAL A 56 -15.42 -3.15 7.39
N PRO A 57 -16.36 -3.87 6.85
CA PRO A 57 -16.09 -5.30 6.57
C PRO A 57 -15.19 -5.43 5.33
N GLY A 58 -13.91 -5.25 5.51
CA GLY A 58 -12.98 -5.37 4.35
C GLY A 58 -12.10 -4.12 4.28
N ALA A 59 -11.67 -3.60 5.39
CA ALA A 59 -10.82 -2.39 5.39
C ALA A 59 -9.39 -2.73 5.83
N LEU A 60 -8.43 -2.58 4.96
CA LEU A 60 -7.03 -2.90 5.34
C LEU A 60 -6.19 -1.62 5.39
N ASP A 61 -5.10 -1.62 6.11
CA ASP A 61 -4.25 -0.40 6.19
C ASP A 61 -2.93 -0.62 5.45
N TYR A 62 -2.73 0.06 4.35
CA TYR A 62 -1.45 -0.11 3.60
C TYR A 62 -0.34 0.60 4.35
N ALA A 63 -0.68 1.57 5.14
CA ALA A 63 0.36 2.32 5.92
C ALA A 63 1.15 1.33 6.77
N ALA A 64 0.49 0.40 7.41
CA ALA A 64 1.22 -0.59 8.24
C ALA A 64 2.22 -1.36 7.39
N PHE A 65 1.84 -1.71 6.21
CA PHE A 65 2.75 -2.45 5.30
C PHE A 65 3.87 -1.53 4.79
N SER A 66 3.56 -0.28 4.57
CA SER A 66 4.61 0.66 4.06
C SER A 66 5.79 0.72 5.03
N SER A 67 5.52 0.79 6.32
CA SER A 67 6.63 0.86 7.31
C SER A 67 7.49 -0.41 7.22
N ALA A 68 6.89 -1.55 7.05
CA ALA A 68 7.67 -2.82 6.96
C ALA A 68 8.43 -2.88 5.63
N LEU A 69 7.87 -2.32 4.59
CA LEU A 69 8.56 -2.36 3.27
C LEU A 69 9.87 -1.57 3.33
N TYR A 70 9.86 -0.41 3.92
CA TYR A 70 11.11 0.40 4.00
C TYR A 70 11.75 0.23 5.38
N GLY A 71 10.97 -0.09 6.38
CA GLY A 71 11.54 -0.25 7.75
C GLY A 71 12.12 -1.67 7.88
N GLU A 72 13.19 -1.95 7.19
CA GLU A 72 13.80 -3.30 7.28
C GLU A 72 15.15 -3.23 8.00
N SER A 73 15.76 -2.08 8.02
CA SER A 73 17.07 -1.94 8.71
C SER A 73 17.50 -0.46 8.76
N ASP A 74 17.22 0.20 9.84
CA ASP A 74 17.60 1.64 9.95
C ASP A 74 19.12 1.78 9.93
N LEU A 75 19.66 2.35 8.88
CA LEU A 75 21.14 2.51 8.79
C LEU A 75 21.60 3.61 9.75
N GLY B 9 -7.42 12.57 -10.80
CA GLY B 9 -6.44 13.69 -10.70
C GLY B 9 -5.03 13.16 -10.96
N LYS B 10 -4.74 11.98 -10.52
CA LYS B 10 -3.38 11.41 -10.75
C LYS B 10 -3.32 9.96 -10.26
N LYS B 11 -4.40 9.24 -10.39
CA LYS B 11 -4.41 7.82 -9.93
C LYS B 11 -3.32 7.02 -10.65
N ALA B 12 -3.14 7.26 -11.93
CA ALA B 12 -2.09 6.52 -12.68
C ALA B 12 -0.73 6.72 -12.01
N GLU B 13 -0.40 7.93 -11.66
CA GLU B 13 0.91 8.18 -11.01
C GLU B 13 0.98 7.44 -9.66
N ALA B 14 -0.09 7.44 -8.93
CA ALA B 14 -0.09 6.72 -7.61
C ALA B 14 0.10 5.22 -7.83
N VAL B 15 -0.48 4.68 -8.87
CA VAL B 15 -0.33 3.23 -9.12
C VAL B 15 1.13 2.89 -9.44
N ALA B 16 1.75 3.67 -10.28
CA ALA B 16 3.18 3.41 -10.62
C ALA B 16 4.05 3.42 -9.37
N THR B 17 3.74 4.29 -8.44
CA THR B 17 4.54 4.37 -7.18
C THR B 17 4.35 3.09 -6.36
N VAL B 18 3.15 2.59 -6.28
CA VAL B 18 2.91 1.35 -5.48
C VAL B 18 3.55 0.15 -6.19
N VAL B 19 3.44 0.08 -7.48
CA VAL B 19 4.04 -1.07 -8.21
C VAL B 19 5.56 -1.11 -8.00
N ALA B 20 6.22 0.00 -8.15
CA ALA B 20 7.70 0.01 -7.95
C ALA B 20 8.05 -0.41 -6.52
N ALA B 21 7.36 0.13 -5.55
CA ALA B 21 7.65 -0.25 -4.13
C ALA B 21 7.33 -1.72 -3.89
N VAL B 22 6.24 -2.19 -4.43
CA VAL B 22 5.85 -3.62 -4.24
C VAL B 22 6.85 -4.54 -4.94
N ASP B 23 7.30 -4.16 -6.11
CA ASP B 23 8.26 -5.01 -6.86
C ASP B 23 9.58 -5.11 -6.08
N GLN B 24 9.96 -4.07 -5.40
CA GLN B 24 11.24 -4.11 -4.63
C GLN B 24 11.21 -5.24 -3.61
N ALA B 25 10.17 -5.34 -2.84
CA ALA B 25 10.08 -6.44 -1.83
C ALA B 25 10.00 -7.80 -2.53
N ARG B 26 9.30 -7.88 -3.62
CA ARG B 26 9.17 -9.18 -4.34
C ARG B 26 10.50 -9.58 -4.98
N VAL B 27 11.24 -8.63 -5.49
CA VAL B 27 12.55 -8.96 -6.13
C VAL B 27 13.40 -9.80 -5.19
N ARG B 28 13.14 -9.72 -3.92
CA ARG B 28 13.94 -10.51 -2.94
C ARG B 28 13.14 -11.72 -2.47
N GLU B 29 12.14 -12.10 -3.21
CA GLU B 29 11.31 -13.28 -2.79
C GLU B 29 11.82 -14.55 -3.46
N PRO B 30 12.12 -15.53 -2.65
CA PRO B 30 12.63 -16.81 -3.21
C PRO B 30 11.52 -17.52 -3.98
N ARG B 31 11.87 -18.27 -4.99
CA ARG B 31 10.82 -18.99 -5.77
C ARG B 31 9.99 -19.88 -4.86
N MET A 3 2.43 12.31 -6.29
CA MET A 3 3.79 12.70 -6.77
C MET A 3 4.33 13.87 -5.94
N ALA A 4 4.80 13.61 -4.75
CA ALA A 4 5.34 14.70 -3.90
C ALA A 4 6.85 14.59 -3.80
N ASP A 5 7.51 15.63 -3.38
CA ASP A 5 9.00 15.59 -3.25
C ASP A 5 9.40 15.07 -1.86
N THR A 6 9.00 13.88 -1.53
CA THR A 6 9.36 13.31 -0.19
C THR A 6 10.48 12.29 -0.33
N ASP A 7 10.47 11.27 0.48
CA ASP A 7 11.55 10.23 0.40
C ASP A 7 11.06 9.05 -0.45
N THR A 8 10.38 8.12 0.16
CA THR A 8 9.88 6.95 -0.60
C THR A 8 8.67 6.33 0.11
N ALA A 9 8.74 6.19 1.41
CA ALA A 9 7.58 5.61 2.15
C ALA A 9 6.40 6.58 2.14
N GLU A 10 6.67 7.85 2.32
CA GLU A 10 5.57 8.84 2.32
C GLU A 10 4.84 8.80 0.97
N GLN A 11 5.57 8.60 -0.09
CA GLN A 11 4.93 8.55 -1.44
C GLN A 11 3.98 7.35 -1.53
N VAL A 12 4.41 6.20 -1.06
CA VAL A 12 3.52 5.01 -1.12
C VAL A 12 2.20 5.29 -0.40
N ILE A 13 2.27 5.90 0.76
CA ILE A 13 1.03 6.22 1.51
C ILE A 13 0.19 7.21 0.70
N ALA A 14 0.78 8.27 0.22
CA ALA A 14 0.02 9.25 -0.59
C ALA A 14 -0.59 8.53 -1.80
N SER A 15 0.17 7.68 -2.43
CA SER A 15 -0.37 6.94 -3.59
C SER A 15 -1.51 6.04 -3.10
N PHE A 16 -1.29 5.33 -2.02
CA PHE A 16 -2.35 4.46 -1.46
C PHE A 16 -3.57 5.31 -1.11
N ARG A 17 -3.34 6.45 -0.51
CA ARG A 17 -4.47 7.35 -0.15
C ARG A 17 -5.30 7.60 -1.41
N ILE A 18 -4.66 7.79 -2.52
CA ILE A 18 -5.40 8.03 -3.79
C ILE A 18 -6.17 6.76 -4.20
N LEU A 19 -5.55 5.60 -4.13
CA LEU A 19 -6.27 4.36 -4.51
C LEU A 19 -7.53 4.20 -3.66
N ALA A 20 -7.42 4.48 -2.38
CA ALA A 20 -8.61 4.35 -1.49
C ALA A 20 -9.52 5.57 -1.63
N SER A 21 -9.19 6.47 -2.54
CA SER A 21 -10.04 7.67 -2.73
C SER A 21 -10.00 8.54 -1.46
N ASP A 22 -8.88 9.11 -1.15
CA ASP A 22 -8.78 9.98 0.06
C ASP A 22 -9.32 9.22 1.28
N LYS A 23 -8.72 8.11 1.62
CA LYS A 23 -9.19 7.34 2.80
C LYS A 23 -8.01 6.71 3.53
N PRO A 24 -8.09 6.70 4.82
CA PRO A 24 -6.98 6.11 5.62
C PRO A 24 -6.94 4.59 5.44
N TYR A 25 -7.88 4.05 4.71
CA TYR A 25 -7.90 2.57 4.49
C TYR A 25 -8.36 2.26 3.06
N ILE A 26 -7.94 1.15 2.52
CA ILE A 26 -8.36 0.80 1.13
C ILE A 26 -9.03 -0.57 1.11
N LEU A 27 -9.99 -0.76 0.24
CA LEU A 27 -10.69 -2.07 0.18
C LEU A 27 -9.84 -3.08 -0.61
N ALA A 28 -9.83 -4.31 -0.18
CA ALA A 28 -9.02 -5.33 -0.90
C ALA A 28 -9.50 -5.48 -2.35
N GLU A 29 -10.78 -5.46 -2.56
CA GLU A 29 -11.30 -5.59 -3.96
C GLU A 29 -10.88 -4.38 -4.80
N GLU A 30 -10.81 -3.22 -4.20
CA GLU A 30 -10.39 -2.01 -4.97
C GLU A 30 -8.91 -2.12 -5.34
N LEU A 31 -8.07 -2.42 -4.39
CA LEU A 31 -6.62 -2.55 -4.70
C LEU A 31 -6.37 -3.75 -5.60
N ARG A 32 -7.14 -4.79 -5.44
CA ARG A 32 -6.94 -6.00 -6.29
C ARG A 32 -7.35 -5.73 -7.75
N ARG A 33 -8.35 -4.92 -7.95
CA ARG A 33 -8.80 -4.65 -9.35
C ARG A 33 -8.00 -3.50 -9.98
N GLU A 34 -7.41 -2.65 -9.18
CA GLU A 34 -6.64 -1.51 -9.76
C GLU A 34 -5.18 -1.90 -9.96
N LEU A 35 -4.70 -2.86 -9.21
CA LEU A 35 -3.27 -3.27 -9.36
C LEU A 35 -3.18 -4.58 -10.15
N PRO A 36 -2.04 -4.77 -10.76
CA PRO A 36 -1.85 -6.01 -11.54
C PRO A 36 -2.03 -7.23 -10.63
N PRO A 37 -2.62 -8.25 -11.18
CA PRO A 37 -2.86 -9.49 -10.38
C PRO A 37 -1.67 -9.77 -9.45
N ASP A 38 -0.47 -9.64 -9.94
CA ASP A 38 0.72 -9.90 -9.08
C ASP A 38 0.82 -8.88 -7.95
N GLN A 39 0.66 -7.62 -8.25
CA GLN A 39 0.76 -6.58 -7.18
C GLN A 39 -0.42 -6.67 -6.22
N ALA A 40 -1.59 -6.95 -6.72
CA ALA A 40 -2.79 -7.04 -5.86
C ALA A 40 -2.62 -8.15 -4.81
N GLN A 41 -2.13 -9.29 -5.20
CA GLN A 41 -1.96 -10.40 -4.23
C GLN A 41 -1.01 -9.99 -3.09
N TYR A 42 0.09 -9.37 -3.41
CA TYR A 42 1.05 -8.95 -2.35
C TYR A 42 0.40 -7.96 -1.39
N CYS A 43 -0.35 -7.02 -1.89
CA CYS A 43 -0.99 -6.01 -1.00
C CYS A 43 -1.97 -6.69 -0.04
N ILE A 44 -2.86 -7.50 -0.54
CA ILE A 44 -3.83 -8.18 0.35
C ILE A 44 -3.11 -9.12 1.31
N LYS A 45 -1.89 -9.47 1.01
CA LYS A 45 -1.14 -10.39 1.91
C LYS A 45 -0.50 -9.62 3.07
N ARG A 46 -0.41 -8.32 2.96
CA ARG A 46 0.22 -7.53 4.05
C ARG A 46 -0.82 -6.60 4.71
N MET A 47 -1.37 -5.68 3.97
CA MET A 47 -2.39 -4.74 4.54
C MET A 47 -3.22 -5.42 5.63
N PRO A 48 -3.01 -4.98 6.84
CA PRO A 48 -3.77 -5.58 7.97
C PRO A 48 -5.18 -4.98 8.05
N ALA A 49 -5.98 -5.43 8.96
CA ALA A 49 -7.36 -4.89 9.09
C ALA A 49 -7.31 -3.46 9.64
N TYR A 50 -8.04 -2.56 9.03
CA TYR A 50 -8.04 -1.15 9.51
C TYR A 50 -8.52 -1.09 10.97
N SER A 51 -7.63 -0.85 11.89
CA SER A 51 -8.03 -0.78 13.33
C SER A 51 -7.99 0.67 13.82
N GLY A 52 -8.85 1.01 14.76
CA GLY A 52 -8.87 2.40 15.27
C GLY A 52 -10.29 2.78 15.68
N PRO A 53 -10.58 4.04 15.58
CA PRO A 53 -11.94 4.51 15.97
C PRO A 53 -12.93 4.21 14.84
N GLY A 54 -13.79 3.24 15.02
CA GLY A 54 -14.78 2.90 13.97
C GLY A 54 -14.06 2.21 12.81
N SER A 55 -14.78 1.44 12.03
CA SER A 55 -14.14 0.75 10.88
C SER A 55 -15.17 -0.11 10.14
N VAL A 56 -14.72 -1.01 9.32
CA VAL A 56 -15.67 -1.89 8.57
C VAL A 56 -15.08 -3.29 8.42
N PRO A 57 -15.91 -4.18 7.94
CA PRO A 57 -15.43 -5.58 7.75
C PRO A 57 -14.80 -5.74 6.37
N GLY A 58 -14.00 -4.80 5.96
CA GLY A 58 -13.35 -4.90 4.62
C GLY A 58 -12.46 -3.67 4.39
N ALA A 59 -11.82 -3.19 5.41
CA ALA A 59 -10.95 -1.99 5.25
C ALA A 59 -9.52 -2.33 5.70
N LEU A 60 -8.62 -2.52 4.77
CA LEU A 60 -7.22 -2.84 5.14
C LEU A 60 -6.38 -1.56 5.21
N ASP A 61 -5.27 -1.60 5.90
CA ASP A 61 -4.42 -0.38 5.99
C ASP A 61 -3.06 -0.63 5.34
N TYR A 62 -2.81 0.00 4.22
CA TYR A 62 -1.52 -0.18 3.51
C TYR A 62 -0.39 0.52 4.27
N ALA A 63 -0.72 1.54 5.02
CA ALA A 63 0.33 2.28 5.78
C ALA A 63 1.11 1.30 6.67
N ALA A 64 0.44 0.33 7.23
CA ALA A 64 1.15 -0.65 8.08
C ALA A 64 2.09 -1.49 7.23
N PHE A 65 1.63 -1.91 6.10
CA PHE A 65 2.47 -2.74 5.19
C PHE A 65 3.56 -1.87 4.54
N SER A 66 3.25 -0.64 4.25
CA SER A 66 4.27 0.25 3.62
C SER A 66 5.50 0.40 4.51
N SER A 67 5.30 0.71 5.77
CA SER A 67 6.46 0.87 6.69
C SER A 67 7.30 -0.41 6.72
N ALA A 68 6.65 -1.54 6.75
CA ALA A 68 7.40 -2.83 6.79
C ALA A 68 8.36 -2.93 5.60
N LEU A 69 7.94 -2.49 4.45
CA LEU A 69 8.82 -2.56 3.26
C LEU A 69 10.12 -1.79 3.51
N TYR A 70 10.03 -0.65 4.14
CA TYR A 70 11.26 0.14 4.43
C TYR A 70 11.93 -0.35 5.71
N GLY A 71 11.48 -1.48 6.23
CA GLY A 71 12.09 -2.01 7.47
C GLY A 71 11.03 -2.79 8.26
N GLU A 72 10.50 -2.19 9.29
CA GLU A 72 9.46 -2.88 10.09
C GLU A 72 8.75 -1.89 11.02
N SER A 73 9.49 -1.18 11.82
CA SER A 73 8.86 -0.19 12.75
C SER A 73 9.89 0.82 13.24
N ASP A 74 9.45 1.95 13.71
CA ASP A 74 10.42 2.98 14.20
C ASP A 74 10.89 2.64 15.62
N LEU A 75 12.16 2.70 15.86
CA LEU A 75 12.67 2.39 17.23
C LEU A 75 12.10 1.05 17.71
N GLY B 9 -7.35 12.40 -11.23
CA GLY B 9 -6.33 13.49 -11.25
C GLY B 9 -4.94 12.88 -11.37
N LYS B 10 -4.64 11.88 -10.58
CA LYS B 10 -3.30 11.23 -10.65
C LYS B 10 -3.36 9.82 -10.07
N LYS B 11 -4.44 9.12 -10.29
CA LYS B 11 -4.56 7.73 -9.75
C LYS B 11 -3.52 6.82 -10.42
N ALA B 12 -3.40 6.91 -11.72
CA ALA B 12 -2.42 6.04 -12.42
C ALA B 12 -1.01 6.28 -11.86
N GLU B 13 -0.67 7.52 -11.58
CA GLU B 13 0.68 7.81 -11.02
C GLU B 13 0.84 7.13 -9.67
N ALA B 14 -0.18 7.14 -8.85
CA ALA B 14 -0.08 6.49 -7.52
C ALA B 14 0.09 4.98 -7.69
N VAL B 15 -0.65 4.38 -8.58
CA VAL B 15 -0.53 2.91 -8.79
C VAL B 15 0.91 2.55 -9.19
N ALA B 16 1.50 3.32 -10.08
CA ALA B 16 2.90 3.02 -10.50
C ALA B 16 3.85 3.12 -9.30
N THR B 17 3.63 4.08 -8.44
CA THR B 17 4.52 4.22 -7.26
C THR B 17 4.37 3.00 -6.34
N VAL B 18 3.17 2.58 -6.10
CA VAL B 18 2.95 1.39 -5.21
C VAL B 18 3.55 0.15 -5.86
N VAL B 19 3.36 -0.03 -7.15
CA VAL B 19 3.92 -1.22 -7.84
C VAL B 19 5.44 -1.24 -7.72
N ALA B 20 6.08 -0.13 -7.93
CA ALA B 20 7.56 -0.08 -7.84
C ALA B 20 8.02 -0.44 -6.41
N ALA B 21 7.39 0.13 -5.42
CA ALA B 21 7.77 -0.19 -4.01
C ALA B 21 7.48 -1.65 -3.70
N VAL B 22 6.34 -2.14 -4.12
CA VAL B 22 5.99 -3.56 -3.83
C VAL B 22 6.95 -4.50 -4.57
N ASP B 23 7.21 -4.25 -5.82
CA ASP B 23 8.14 -5.12 -6.58
C ASP B 23 9.54 -5.07 -5.98
N GLN B 24 9.92 -3.94 -5.43
CA GLN B 24 11.27 -3.83 -4.83
C GLN B 24 11.46 -4.89 -3.74
N ALA B 25 10.45 -5.12 -2.94
CA ALA B 25 10.56 -6.15 -1.87
C ALA B 25 10.84 -7.53 -2.49
N ARG B 26 10.21 -7.82 -3.59
CA ARG B 26 10.43 -9.14 -4.25
C ARG B 26 11.90 -9.28 -4.68
N VAL B 27 12.51 -8.20 -5.06
CA VAL B 27 13.93 -8.26 -5.50
C VAL B 27 14.84 -8.60 -4.30
N ARG B 28 14.37 -8.37 -3.11
CA ARG B 28 15.19 -8.67 -1.91
C ARG B 28 15.07 -10.15 -1.51
N GLU B 29 14.78 -11.01 -2.45
CA GLU B 29 14.66 -12.45 -2.11
C GLU B 29 15.82 -13.24 -2.70
N PRO B 30 16.39 -14.10 -1.89
CA PRO B 30 17.54 -14.90 -2.38
C PRO B 30 17.24 -15.44 -3.79
N ARG B 31 17.79 -14.81 -4.80
CA ARG B 31 17.54 -15.29 -6.19
C ARG B 31 18.79 -15.95 -6.76
N MET A 3 10.38 0.76 11.91
CA MET A 3 8.96 0.53 11.50
C MET A 3 8.43 1.72 10.71
N ALA A 4 8.07 2.78 11.38
CA ALA A 4 7.55 3.97 10.66
C ALA A 4 8.68 4.98 10.39
N ASP A 5 9.29 4.91 9.24
CA ASP A 5 10.39 5.85 8.92
C ASP A 5 9.85 7.07 8.16
N THR A 6 10.72 7.90 7.66
CA THR A 6 10.25 9.10 6.91
C THR A 6 10.73 9.05 5.46
N ASP A 7 10.10 9.77 4.58
CA ASP A 7 10.51 9.76 3.16
C ASP A 7 10.35 8.36 2.57
N THR A 8 10.17 8.26 1.27
CA THR A 8 10.01 6.92 0.64
C THR A 8 8.71 6.26 1.10
N ALA A 9 8.56 6.05 2.38
CA ALA A 9 7.31 5.42 2.89
C ALA A 9 6.14 6.39 2.70
N GLU A 10 6.38 7.65 2.90
CA GLU A 10 5.30 8.65 2.71
C GLU A 10 4.80 8.60 1.27
N GLN A 11 5.66 8.36 0.33
CA GLN A 11 5.24 8.30 -1.10
C GLN A 11 4.22 7.17 -1.29
N VAL A 12 4.49 6.02 -0.74
CA VAL A 12 3.52 4.89 -0.90
C VAL A 12 2.18 5.27 -0.26
N ILE A 13 2.22 5.86 0.90
CA ILE A 13 0.96 6.26 1.58
C ILE A 13 0.17 7.20 0.67
N ALA A 14 0.81 8.20 0.14
CA ALA A 14 0.10 9.13 -0.78
C ALA A 14 -0.42 8.35 -1.98
N SER A 15 0.37 7.46 -2.50
CA SER A 15 -0.07 6.64 -3.67
C SER A 15 -1.24 5.75 -3.23
N PHE A 16 -1.15 5.18 -2.06
CA PHE A 16 -2.25 4.31 -1.57
C PHE A 16 -3.49 5.18 -1.28
N ARG A 17 -3.29 6.32 -0.70
CA ARG A 17 -4.45 7.22 -0.41
C ARG A 17 -5.25 7.45 -1.69
N ILE A 18 -4.58 7.70 -2.78
CA ILE A 18 -5.30 7.93 -4.06
C ILE A 18 -6.14 6.70 -4.41
N LEU A 19 -5.57 5.53 -4.29
CA LEU A 19 -6.33 4.29 -4.60
C LEU A 19 -7.48 4.12 -3.61
N ALA A 20 -7.24 4.42 -2.36
CA ALA A 20 -8.33 4.28 -1.35
C ALA A 20 -9.37 5.39 -1.53
N SER A 21 -9.13 6.30 -2.43
CA SER A 21 -10.10 7.41 -2.66
C SER A 21 -10.14 8.34 -1.45
N ASP A 22 -9.00 8.84 -1.04
CA ASP A 22 -8.97 9.76 0.13
C ASP A 22 -9.43 9.02 1.39
N LYS A 23 -9.09 7.77 1.52
CA LYS A 23 -9.52 7.01 2.73
C LYS A 23 -8.28 6.53 3.50
N PRO A 24 -8.42 6.52 4.80
CA PRO A 24 -7.29 6.07 5.64
C PRO A 24 -7.05 4.56 5.45
N TYR A 25 -7.91 3.92 4.71
CA TYR A 25 -7.74 2.45 4.48
C TYR A 25 -8.09 2.10 3.03
N ILE A 26 -7.71 0.94 2.58
CA ILE A 26 -8.03 0.54 1.18
C ILE A 26 -8.77 -0.80 1.17
N LEU A 27 -9.62 -1.01 0.20
CA LEU A 27 -10.38 -2.29 0.13
C LEU A 27 -9.61 -3.32 -0.70
N ALA A 28 -9.83 -4.58 -0.46
CA ALA A 28 -9.11 -5.63 -1.25
C ALA A 28 -9.61 -5.62 -2.70
N GLU A 29 -10.88 -5.41 -2.90
CA GLU A 29 -11.42 -5.39 -4.28
C GLU A 29 -10.84 -4.21 -5.06
N GLU A 30 -10.63 -3.10 -4.40
CA GLU A 30 -10.06 -1.91 -5.09
C GLU A 30 -8.67 -2.23 -5.62
N LEU A 31 -7.86 -2.87 -4.83
CA LEU A 31 -6.48 -3.22 -5.29
C LEU A 31 -6.56 -4.17 -6.49
N ARG A 32 -7.54 -5.03 -6.52
CA ARG A 32 -7.67 -5.97 -7.67
C ARG A 32 -8.06 -5.20 -8.94
N ARG A 33 -8.91 -4.23 -8.82
CA ARG A 33 -9.32 -3.44 -10.01
C ARG A 33 -8.43 -2.22 -10.20
N GLU A 34 -7.69 -1.86 -9.19
CA GLU A 34 -6.79 -0.68 -9.30
C GLU A 34 -5.35 -1.12 -9.57
N LEU A 35 -5.01 -2.32 -9.18
CA LEU A 35 -3.62 -2.81 -9.40
C LEU A 35 -3.65 -4.23 -9.97
N PRO A 36 -2.62 -4.55 -10.72
CA PRO A 36 -2.56 -5.92 -11.31
C PRO A 36 -2.78 -6.97 -10.22
N PRO A 37 -3.51 -7.99 -10.58
CA PRO A 37 -3.78 -9.07 -9.59
C PRO A 37 -2.50 -9.42 -8.82
N ASP A 38 -1.37 -9.36 -9.47
CA ASP A 38 -0.09 -9.70 -8.78
C ASP A 38 0.17 -8.70 -7.65
N GLN A 39 -0.01 -7.44 -7.90
CA GLN A 39 0.23 -6.43 -6.82
C GLN A 39 -0.84 -6.54 -5.74
N ALA A 40 -2.08 -6.71 -6.13
CA ALA A 40 -3.17 -6.83 -5.11
C ALA A 40 -2.88 -7.99 -4.16
N GLN A 41 -2.54 -9.14 -4.67
CA GLN A 41 -2.24 -10.30 -3.78
C GLN A 41 -1.12 -9.92 -2.82
N TYR A 42 -0.10 -9.27 -3.30
CA TYR A 42 1.02 -8.89 -2.39
C TYR A 42 0.55 -7.86 -1.36
N CYS A 43 -0.21 -6.88 -1.79
CA CYS A 43 -0.71 -5.85 -0.84
C CYS A 43 -1.55 -6.50 0.26
N ILE A 44 -2.50 -7.30 -0.11
CA ILE A 44 -3.36 -7.96 0.91
C ILE A 44 -2.51 -8.83 1.85
N LYS A 45 -1.38 -9.27 1.38
CA LYS A 45 -0.50 -10.11 2.25
C LYS A 45 0.10 -9.25 3.35
N ARG A 46 0.51 -8.05 3.02
CA ARG A 46 1.11 -7.15 4.04
C ARG A 46 0.01 -6.40 4.79
N MET A 47 -0.68 -5.51 4.13
CA MET A 47 -1.78 -4.74 4.77
C MET A 47 -2.48 -5.58 5.84
N PRO A 48 -2.40 -5.13 7.05
CA PRO A 48 -3.05 -5.88 8.17
C PRO A 48 -4.51 -5.42 8.32
N ALA A 49 -5.03 -5.47 9.51
CA ALA A 49 -6.44 -5.04 9.72
C ALA A 49 -6.49 -3.54 10.04
N TYR A 50 -7.46 -2.85 9.50
CA TYR A 50 -7.56 -1.38 9.76
C TYR A 50 -7.96 -1.14 11.23
N SER A 51 -9.05 -1.70 11.64
CA SER A 51 -9.50 -1.50 13.06
C SER A 51 -9.63 0.00 13.37
N GLY A 52 -10.78 0.56 13.14
CA GLY A 52 -10.96 2.02 13.42
C GLY A 52 -12.28 2.24 14.16
N PRO A 53 -12.78 3.44 14.04
CA PRO A 53 -14.07 3.75 14.73
C PRO A 53 -15.25 3.33 13.85
N GLY A 54 -15.58 2.06 13.86
CA GLY A 54 -16.72 1.59 13.03
C GLY A 54 -16.23 1.26 11.62
N SER A 55 -15.07 0.70 11.49
CA SER A 55 -14.53 0.37 10.15
C SER A 55 -15.52 -0.48 9.36
N VAL A 56 -15.06 -1.14 8.33
CA VAL A 56 -15.98 -2.00 7.53
C VAL A 56 -15.43 -3.42 7.44
N PRO A 57 -16.31 -4.33 7.11
CA PRO A 57 -15.86 -5.74 7.00
C PRO A 57 -15.03 -5.95 5.72
N GLY A 58 -13.85 -5.38 5.68
CA GLY A 58 -12.99 -5.55 4.47
C GLY A 58 -12.13 -4.30 4.29
N ALA A 59 -11.65 -3.73 5.36
CA ALA A 59 -10.80 -2.51 5.25
C ALA A 59 -9.38 -2.83 5.72
N LEU A 60 -8.42 -2.77 4.83
CA LEU A 60 -7.02 -3.07 5.22
C LEU A 60 -6.20 -1.78 5.30
N ASP A 61 -5.09 -1.81 5.99
CA ASP A 61 -4.26 -0.56 6.09
C ASP A 61 -2.98 -0.67 5.26
N TYR A 62 -2.89 0.08 4.19
CA TYR A 62 -1.68 0.04 3.34
C TYR A 62 -0.53 0.73 4.07
N ALA A 63 -0.85 1.61 5.00
CA ALA A 63 0.22 2.30 5.74
C ALA A 63 1.14 1.26 6.37
N ALA A 64 0.57 0.23 6.91
CA ALA A 64 1.41 -0.84 7.51
C ALA A 64 2.34 -1.40 6.44
N PHE A 65 1.87 -1.41 5.22
CA PHE A 65 2.69 -1.92 4.09
C PHE A 65 3.99 -1.13 3.95
N SER A 66 3.90 0.17 3.93
CA SER A 66 5.13 1.01 3.78
C SER A 66 5.99 0.94 5.06
N SER A 67 5.36 0.90 6.20
CA SER A 67 6.16 0.84 7.47
C SER A 67 6.95 -0.46 7.54
N ALA A 68 6.35 -1.56 7.16
CA ALA A 68 7.07 -2.86 7.21
C ALA A 68 8.07 -2.97 6.08
N LEU A 69 7.71 -2.53 4.90
CA LEU A 69 8.65 -2.62 3.75
C LEU A 69 9.89 -1.74 4.00
N TYR A 70 9.70 -0.54 4.50
CA TYR A 70 10.86 0.34 4.76
C TYR A 70 11.25 0.30 6.24
N GLY A 71 10.75 -0.68 6.95
CA GLY A 71 11.09 -0.79 8.40
C GLY A 71 12.26 -1.77 8.59
N GLU A 72 12.55 -2.12 9.81
CA GLU A 72 13.67 -3.07 10.05
C GLU A 72 13.32 -4.46 9.52
N SER A 73 14.10 -5.45 9.85
CA SER A 73 13.81 -6.83 9.36
C SER A 73 14.61 -7.86 10.16
N ASP A 74 14.49 -9.12 9.80
CA ASP A 74 15.25 -10.16 10.55
C ASP A 74 16.49 -10.59 9.75
N LEU A 75 17.61 -10.71 10.41
CA LEU A 75 18.85 -11.11 9.69
C LEU A 75 18.98 -12.64 9.68
N GLY B 9 -5.46 13.11 -14.42
CA GLY B 9 -5.36 11.63 -14.28
C GLY B 9 -4.09 11.28 -13.50
N LYS B 10 -4.02 11.66 -12.25
CA LYS B 10 -2.81 11.34 -11.44
C LYS B 10 -2.97 9.99 -10.75
N LYS B 11 -4.13 9.39 -10.86
CA LYS B 11 -4.34 8.07 -10.19
C LYS B 11 -3.39 7.02 -10.78
N ALA B 12 -3.17 7.06 -12.07
CA ALA B 12 -2.24 6.07 -12.69
C ALA B 12 -0.85 6.19 -12.08
N GLU B 13 -0.41 7.39 -11.83
CA GLU B 13 0.95 7.58 -11.24
C GLU B 13 1.02 6.91 -9.86
N ALA B 14 -0.03 7.01 -9.09
CA ALA B 14 -0.01 6.38 -7.73
C ALA B 14 0.14 4.87 -7.86
N VAL B 15 -0.54 4.27 -8.80
CA VAL B 15 -0.41 2.80 -8.98
C VAL B 15 1.02 2.44 -9.38
N ALA B 16 1.59 3.20 -10.27
CA ALA B 16 2.99 2.91 -10.70
C ALA B 16 3.93 3.00 -9.51
N THR B 17 3.75 3.99 -8.67
CA THR B 17 4.64 4.13 -7.48
C THR B 17 4.44 2.93 -6.54
N VAL B 18 3.23 2.54 -6.32
CA VAL B 18 2.98 1.37 -5.41
C VAL B 18 3.60 0.10 -6.00
N VAL B 19 3.39 -0.14 -7.27
CA VAL B 19 3.98 -1.36 -7.90
C VAL B 19 5.51 -1.35 -7.74
N ALA B 20 6.12 -0.21 -7.94
CA ALA B 20 7.60 -0.14 -7.80
C ALA B 20 8.01 -0.50 -6.37
N ALA B 21 7.33 0.03 -5.40
CA ALA B 21 7.66 -0.30 -3.98
C ALA B 21 7.38 -1.78 -3.70
N VAL B 22 6.28 -2.28 -4.19
CA VAL B 22 5.95 -3.71 -3.95
C VAL B 22 6.94 -4.61 -4.70
N ASP B 23 7.25 -4.27 -5.92
CA ASP B 23 8.21 -5.10 -6.70
C ASP B 23 9.59 -5.07 -6.05
N GLN B 24 9.95 -3.96 -5.46
CA GLN B 24 11.29 -3.87 -4.81
C GLN B 24 11.35 -4.79 -3.59
N ALA B 25 10.26 -4.92 -2.88
CA ALA B 25 10.25 -5.80 -1.67
C ALA B 25 10.45 -7.27 -2.08
N ARG B 26 9.80 -7.71 -3.12
CA ARG B 26 9.96 -9.13 -3.55
C ARG B 26 11.35 -9.35 -4.14
N VAL B 27 11.88 -8.38 -4.82
CA VAL B 27 13.25 -8.53 -5.42
C VAL B 27 14.26 -8.93 -4.36
N ARG B 28 13.96 -8.67 -3.12
CA ARG B 28 14.90 -9.03 -2.02
C ARG B 28 16.16 -8.17 -2.11
N GLU B 29 16.04 -6.91 -1.79
CA GLU B 29 17.24 -6.02 -1.85
C GLU B 29 18.16 -6.27 -0.66
N PRO B 30 19.43 -6.20 -0.92
CA PRO B 30 20.42 -6.44 0.18
C PRO B 30 20.65 -5.14 0.97
N ARG B 31 20.70 -5.24 2.26
CA ARG B 31 20.92 -4.02 3.09
C ARG B 31 22.39 -3.59 3.02
N MET A 3 5.16 23.85 5.58
CA MET A 3 4.63 22.84 6.54
C MET A 3 4.31 21.53 5.81
N ALA A 4 5.24 21.02 5.05
CA ALA A 4 4.98 19.74 4.31
C ALA A 4 6.22 18.84 4.37
N ASP A 5 6.03 17.56 4.21
CA ASP A 5 7.19 16.63 4.24
C ASP A 5 6.91 15.40 3.37
N THR A 6 7.92 14.65 3.03
CA THR A 6 7.70 13.45 2.18
C THR A 6 8.90 12.49 2.29
N ASP A 7 8.81 11.35 1.66
CA ASP A 7 9.93 10.38 1.72
C ASP A 7 9.61 9.14 0.89
N THR A 8 10.28 8.05 1.13
CA THR A 8 10.01 6.81 0.34
C THR A 8 8.71 6.14 0.83
N ALA A 9 8.60 5.91 2.11
CA ALA A 9 7.36 5.27 2.64
C ALA A 9 6.19 6.25 2.55
N GLU A 10 6.40 7.48 2.95
CA GLU A 10 5.31 8.49 2.89
C GLU A 10 4.76 8.57 1.46
N GLN A 11 5.60 8.44 0.48
CA GLN A 11 5.14 8.51 -0.93
C GLN A 11 4.15 7.38 -1.21
N VAL A 12 4.43 6.20 -0.76
CA VAL A 12 3.50 5.06 -1.00
C VAL A 12 2.14 5.35 -0.35
N ILE A 13 2.15 5.87 0.85
CA ILE A 13 0.86 6.18 1.54
C ILE A 13 0.03 7.14 0.67
N ALA A 14 0.63 8.21 0.21
CA ALA A 14 -0.14 9.14 -0.66
C ALA A 14 -0.64 8.39 -1.89
N SER A 15 0.16 7.49 -2.39
CA SER A 15 -0.27 6.70 -3.57
C SER A 15 -1.43 5.77 -3.17
N PHE A 16 -1.35 5.20 -2.00
CA PHE A 16 -2.46 4.31 -1.53
C PHE A 16 -3.71 5.13 -1.28
N ARG A 17 -3.56 6.28 -0.66
CA ARG A 17 -4.75 7.13 -0.41
C ARG A 17 -5.49 7.37 -1.73
N ILE A 18 -4.75 7.61 -2.77
CA ILE A 18 -5.39 7.85 -4.10
C ILE A 18 -6.15 6.59 -4.52
N LEU A 19 -5.59 5.43 -4.29
CA LEU A 19 -6.29 4.17 -4.67
C LEU A 19 -7.55 4.03 -3.84
N ALA A 20 -7.47 4.33 -2.57
CA ALA A 20 -8.66 4.21 -1.69
C ALA A 20 -9.60 5.39 -1.93
N SER A 21 -9.18 6.36 -2.69
CA SER A 21 -10.04 7.54 -2.96
C SER A 21 -10.21 8.37 -1.68
N ASP A 22 -9.16 8.98 -1.22
CA ASP A 22 -9.26 9.80 0.02
C ASP A 22 -9.73 8.94 1.20
N LYS A 23 -8.96 7.94 1.56
CA LYS A 23 -9.36 7.07 2.70
C LYS A 23 -8.12 6.57 3.43
N PRO A 24 -8.23 6.47 4.72
CA PRO A 24 -7.07 5.99 5.52
C PRO A 24 -6.90 4.48 5.34
N TYR A 25 -7.76 3.87 4.56
CA TYR A 25 -7.65 2.40 4.34
C TYR A 25 -8.06 2.05 2.90
N ILE A 26 -7.74 0.86 2.47
CA ILE A 26 -8.11 0.46 1.07
C ILE A 26 -8.78 -0.92 1.07
N LEU A 27 -9.77 -1.11 0.25
CA LEU A 27 -10.47 -2.43 0.21
C LEU A 27 -9.67 -3.41 -0.65
N ALA A 28 -9.86 -4.69 -0.45
CA ALA A 28 -9.11 -5.70 -1.26
C ALA A 28 -9.61 -5.69 -2.70
N GLU A 29 -10.89 -5.58 -2.91
CA GLU A 29 -11.43 -5.57 -4.30
C GLU A 29 -10.85 -4.38 -5.07
N GLU A 30 -10.65 -3.27 -4.42
CA GLU A 30 -10.08 -2.08 -5.10
C GLU A 30 -8.67 -2.38 -5.59
N LEU A 31 -7.87 -3.00 -4.77
CA LEU A 31 -6.47 -3.32 -5.20
C LEU A 31 -6.51 -4.24 -6.42
N ARG A 32 -7.49 -5.10 -6.48
CA ARG A 32 -7.59 -6.03 -7.65
C ARG A 32 -7.92 -5.25 -8.92
N ARG A 33 -8.70 -4.21 -8.82
CA ARG A 33 -9.04 -3.42 -10.04
C ARG A 33 -8.11 -2.22 -10.19
N GLU A 34 -7.48 -1.80 -9.13
CA GLU A 34 -6.57 -0.62 -9.23
C GLU A 34 -5.12 -1.08 -9.42
N LEU A 35 -4.81 -2.28 -9.01
CA LEU A 35 -3.42 -2.78 -9.18
C LEU A 35 -3.44 -4.16 -9.84
N PRO A 36 -2.36 -4.47 -10.50
CA PRO A 36 -2.28 -5.79 -11.18
C PRO A 36 -2.51 -6.93 -10.17
N PRO A 37 -2.98 -8.03 -10.69
CA PRO A 37 -3.24 -9.19 -9.78
C PRO A 37 -2.04 -9.42 -8.87
N ASP A 38 -0.84 -9.27 -9.37
CA ASP A 38 0.37 -9.48 -8.53
C ASP A 38 0.41 -8.46 -7.40
N GLN A 39 0.18 -7.21 -7.70
CA GLN A 39 0.21 -6.16 -6.64
C GLN A 39 -0.98 -6.33 -5.69
N ALA A 40 -2.15 -6.56 -6.22
CA ALA A 40 -3.34 -6.73 -5.35
C ALA A 40 -3.11 -7.86 -4.33
N GLN A 41 -2.63 -8.99 -4.78
CA GLN A 41 -2.38 -10.12 -3.84
C GLN A 41 -1.28 -9.74 -2.84
N TYR A 42 -0.23 -9.13 -3.31
CA TYR A 42 0.88 -8.73 -2.39
C TYR A 42 0.39 -7.69 -1.39
N CYS A 43 -0.30 -6.69 -1.85
CA CYS A 43 -0.80 -5.64 -0.91
C CYS A 43 -1.84 -6.22 0.05
N ILE A 44 -2.81 -6.93 -0.46
CA ILE A 44 -3.85 -7.52 0.43
C ILE A 44 -3.20 -8.45 1.47
N LYS A 45 -2.04 -8.96 1.17
CA LYS A 45 -1.36 -9.88 2.14
C LYS A 45 -0.64 -9.06 3.21
N ARG A 46 -0.17 -7.89 2.88
CA ARG A 46 0.55 -7.05 3.88
C ARG A 46 -0.46 -6.21 4.70
N MET A 47 -1.23 -5.39 4.03
CA MET A 47 -2.23 -4.56 4.75
C MET A 47 -2.87 -5.34 5.90
N PRO A 48 -2.69 -4.84 7.09
CA PRO A 48 -3.29 -5.53 8.27
C PRO A 48 -4.76 -5.15 8.41
N ALA A 49 -5.33 -5.39 9.56
CA ALA A 49 -6.76 -5.04 9.77
C ALA A 49 -6.89 -3.59 10.28
N TYR A 50 -7.68 -2.80 9.63
CA TYR A 50 -7.85 -1.39 10.07
C TYR A 50 -8.50 -1.34 11.46
N SER A 51 -7.81 -0.85 12.44
CA SER A 51 -8.39 -0.77 13.81
C SER A 51 -8.78 0.67 14.14
N GLY A 52 -10.00 0.87 14.55
CA GLY A 52 -10.44 2.26 14.90
C GLY A 52 -11.62 2.19 15.87
N PRO A 53 -12.73 2.72 15.45
CA PRO A 53 -13.93 2.71 16.33
C PRO A 53 -14.81 1.51 15.98
N GLY A 54 -15.00 1.24 14.72
CA GLY A 54 -15.85 0.08 14.32
C GLY A 54 -15.71 -0.16 12.82
N SER A 55 -14.50 -0.28 12.34
CA SER A 55 -14.29 -0.51 10.89
C SER A 55 -15.07 -1.74 10.42
N VAL A 56 -14.67 -2.30 9.30
CA VAL A 56 -15.39 -3.50 8.79
C VAL A 56 -14.38 -4.49 8.19
N PRO A 57 -14.71 -5.76 8.31
CA PRO A 57 -13.79 -6.80 7.75
C PRO A 57 -13.58 -6.56 6.25
N GLY A 58 -12.62 -5.74 5.90
CA GLY A 58 -12.36 -5.47 4.46
C GLY A 58 -11.49 -4.23 4.32
N ALA A 59 -11.69 -3.25 5.17
CA ALA A 59 -10.87 -2.01 5.08
C ALA A 59 -9.49 -2.24 5.71
N LEU A 60 -8.52 -2.55 4.92
CA LEU A 60 -7.15 -2.79 5.47
C LEU A 60 -6.33 -1.49 5.46
N ASP A 61 -5.35 -1.38 6.31
CA ASP A 61 -4.52 -0.15 6.34
C ASP A 61 -3.17 -0.39 5.66
N TYR A 62 -2.94 0.22 4.52
CA TYR A 62 -1.66 0.01 3.79
C TYR A 62 -0.53 0.74 4.53
N ALA A 63 -0.85 1.73 5.32
CA ALA A 63 0.20 2.48 6.05
C ALA A 63 1.04 1.51 6.89
N ALA A 64 0.42 0.48 7.41
CA ALA A 64 1.19 -0.50 8.23
C ALA A 64 2.17 -1.26 7.34
N PHE A 65 1.77 -1.56 6.15
CA PHE A 65 2.65 -2.30 5.20
C PHE A 65 3.79 -1.40 4.71
N SER A 66 3.53 -0.13 4.53
CA SER A 66 4.60 0.79 4.05
C SER A 66 5.80 0.76 5.00
N SER A 67 5.58 0.89 6.26
CA SER A 67 6.72 0.88 7.24
C SER A 67 7.38 -0.51 7.25
N ALA A 68 6.60 -1.55 7.11
CA ALA A 68 7.17 -2.92 7.14
C ALA A 68 7.93 -3.22 5.83
N LEU A 69 7.41 -2.79 4.71
CA LEU A 69 8.10 -3.07 3.43
C LEU A 69 9.36 -2.21 3.29
N TYR A 70 9.28 -0.97 3.68
CA TYR A 70 10.46 -0.07 3.59
C TYR A 70 11.17 0.02 4.94
N GLY A 71 10.73 -0.74 5.91
CA GLY A 71 11.37 -0.70 7.25
C GLY A 71 12.50 -1.73 7.31
N GLU A 72 13.40 -1.59 8.24
CA GLU A 72 14.52 -2.58 8.35
C GLU A 72 14.46 -3.29 9.70
N SER A 73 13.99 -4.52 9.71
CA SER A 73 13.92 -5.27 11.00
C SER A 73 14.30 -6.73 10.78
N ASP A 74 15.55 -6.99 10.50
CA ASP A 74 16.00 -8.40 10.28
C ASP A 74 16.20 -9.10 11.62
N LEU A 75 15.79 -10.33 11.73
CA LEU A 75 15.98 -11.07 13.02
C LEU A 75 15.97 -12.58 12.76
N GLY B 9 -5.20 11.94 -15.44
CA GLY B 9 -5.46 12.02 -13.98
C GLY B 9 -4.17 11.73 -13.22
N LYS B 10 -4.27 11.36 -11.97
CA LYS B 10 -3.05 11.07 -11.17
C LYS B 10 -3.14 9.66 -10.57
N LYS B 11 -4.25 9.00 -10.75
CA LYS B 11 -4.39 7.62 -10.19
C LYS B 11 -3.36 6.69 -10.83
N ALA B 12 -3.22 6.75 -12.13
CA ALA B 12 -2.22 5.87 -12.81
C ALA B 12 -0.82 6.15 -12.26
N GLU B 13 -0.51 7.39 -11.98
CA GLU B 13 0.83 7.73 -11.45
C GLU B 13 1.03 7.06 -10.09
N ALA B 14 0.03 7.11 -9.25
CA ALA B 14 0.16 6.47 -7.90
C ALA B 14 0.35 4.96 -8.05
N VAL B 15 -0.32 4.36 -8.99
CA VAL B 15 -0.17 2.89 -9.19
C VAL B 15 1.28 2.55 -9.51
N ALA B 16 1.90 3.31 -10.36
CA ALA B 16 3.32 3.03 -10.72
C ALA B 16 4.21 3.09 -9.46
N THR B 17 3.94 4.02 -8.59
CA THR B 17 4.77 4.13 -7.35
C THR B 17 4.56 2.88 -6.48
N VAL B 18 3.33 2.52 -6.24
CA VAL B 18 3.06 1.32 -5.40
C VAL B 18 3.62 0.06 -6.07
N VAL B 19 3.47 -0.05 -7.36
CA VAL B 19 3.99 -1.25 -8.07
C VAL B 19 5.51 -1.34 -7.93
N ALA B 20 6.20 -0.26 -8.15
CA ALA B 20 7.69 -0.27 -8.02
C ALA B 20 8.10 -0.57 -6.58
N ALA B 21 7.43 0.01 -5.63
CA ALA B 21 7.78 -0.24 -4.19
C ALA B 21 7.52 -1.69 -3.82
N VAL B 22 6.39 -2.23 -4.21
CA VAL B 22 6.08 -3.64 -3.86
C VAL B 22 7.01 -4.59 -4.63
N ASP B 23 7.19 -4.35 -5.90
CA ASP B 23 8.08 -5.24 -6.71
C ASP B 23 9.48 -5.29 -6.09
N GLN B 24 9.90 -4.21 -5.47
CA GLN B 24 11.26 -4.19 -4.86
C GLN B 24 11.41 -5.32 -3.83
N ALA B 25 10.46 -5.45 -2.94
CA ALA B 25 10.55 -6.54 -1.92
C ALA B 25 10.60 -7.91 -2.58
N ARG B 26 9.91 -8.07 -3.68
CA ARG B 26 9.91 -9.40 -4.37
C ARG B 26 11.27 -9.67 -5.01
N VAL B 27 11.92 -8.65 -5.49
CA VAL B 27 13.25 -8.86 -6.13
C VAL B 27 14.26 -9.40 -5.11
N ARG B 28 14.00 -9.19 -3.85
CA ARG B 28 14.94 -9.69 -2.81
C ARG B 28 14.24 -10.72 -1.91
N GLU B 29 13.43 -11.56 -2.48
CA GLU B 29 12.73 -12.59 -1.66
C GLU B 29 13.24 -13.99 -2.00
N PRO B 30 13.19 -14.86 -1.02
CA PRO B 30 13.67 -16.24 -1.28
C PRO B 30 12.59 -17.07 -1.97
N ARG B 31 12.92 -18.25 -2.42
CA ARG B 31 11.90 -19.09 -3.11
C ARG B 31 11.45 -20.21 -2.18
N MET A 3 13.61 16.59 -7.10
CA MET A 3 14.05 15.99 -5.81
C MET A 3 12.94 15.08 -5.26
N ALA A 4 13.07 14.66 -4.03
CA ALA A 4 12.02 13.77 -3.44
C ALA A 4 11.01 14.61 -2.67
N ASP A 5 9.75 14.23 -2.72
CA ASP A 5 8.71 15.00 -1.98
C ASP A 5 8.78 14.69 -0.49
N THR A 6 8.52 13.47 -0.12
CA THR A 6 8.57 13.10 1.33
C THR A 6 9.06 11.66 1.48
N ASP A 7 10.35 11.45 1.41
CA ASP A 7 10.88 10.07 1.56
C ASP A 7 10.19 9.13 0.58
N THR A 8 10.35 7.84 0.76
CA THR A 8 9.70 6.87 -0.17
C THR A 8 8.49 6.23 0.53
N ALA A 9 8.52 6.12 1.82
CA ALA A 9 7.38 5.50 2.55
C ALA A 9 6.13 6.39 2.40
N GLU A 10 6.31 7.67 2.57
CA GLU A 10 5.14 8.60 2.43
C GLU A 10 4.50 8.43 1.05
N GLN A 11 5.29 8.18 0.05
CA GLN A 11 4.73 8.01 -1.32
C GLN A 11 3.75 6.82 -1.35
N VAL A 12 4.13 5.73 -0.75
CA VAL A 12 3.22 4.55 -0.75
C VAL A 12 1.87 4.92 -0.10
N ILE A 13 1.92 5.58 1.02
CA ILE A 13 0.65 5.97 1.70
C ILE A 13 -0.12 6.97 0.83
N ALA A 14 0.55 7.99 0.37
CA ALA A 14 -0.13 8.99 -0.50
C ALA A 14 -0.65 8.30 -1.75
N SER A 15 0.12 7.41 -2.30
CA SER A 15 -0.33 6.67 -3.52
C SER A 15 -1.50 5.76 -3.15
N PHE A 16 -1.43 5.12 -2.02
CA PHE A 16 -2.55 4.22 -1.60
C PHE A 16 -3.78 5.07 -1.28
N ARG A 17 -3.60 6.17 -0.59
CA ARG A 17 -4.77 7.03 -0.27
C ARG A 17 -5.52 7.36 -1.56
N ILE A 18 -4.80 7.64 -2.62
CA ILE A 18 -5.46 7.96 -3.90
C ILE A 18 -6.32 6.77 -4.35
N LEU A 19 -5.78 5.58 -4.24
CA LEU A 19 -6.56 4.38 -4.65
C LEU A 19 -7.77 4.21 -3.72
N ALA A 20 -7.57 4.42 -2.45
CA ALA A 20 -8.70 4.28 -1.48
C ALA A 20 -9.67 5.46 -1.63
N SER A 21 -9.36 6.38 -2.49
CA SER A 21 -10.25 7.57 -2.69
C SER A 21 -10.22 8.45 -1.44
N ASP A 22 -9.09 9.04 -1.15
CA ASP A 22 -8.99 9.92 0.05
C ASP A 22 -9.56 9.21 1.28
N LYS A 23 -9.01 8.07 1.62
CA LYS A 23 -9.51 7.33 2.81
C LYS A 23 -8.33 6.72 3.58
N PRO A 24 -8.45 6.72 4.87
CA PRO A 24 -7.37 6.15 5.71
C PRO A 24 -7.25 4.64 5.46
N TYR A 25 -8.18 4.08 4.73
CA TYR A 25 -8.13 2.62 4.45
C TYR A 25 -8.50 2.33 3.00
N ILE A 26 -8.24 1.13 2.54
CA ILE A 26 -8.57 0.78 1.13
C ILE A 26 -9.21 -0.62 1.08
N LEU A 27 -10.15 -0.81 0.20
CA LEU A 27 -10.81 -2.15 0.10
C LEU A 27 -9.93 -3.12 -0.68
N ALA A 28 -10.01 -4.39 -0.38
CA ALA A 28 -9.17 -5.38 -1.11
C ALA A 28 -9.61 -5.48 -2.58
N GLU A 29 -10.89 -5.55 -2.82
CA GLU A 29 -11.36 -5.65 -4.22
C GLU A 29 -10.90 -4.42 -5.01
N GLU A 30 -10.89 -3.28 -4.39
CA GLU A 30 -10.42 -2.06 -5.11
C GLU A 30 -8.94 -2.20 -5.39
N LEU A 31 -8.22 -2.82 -4.51
CA LEU A 31 -6.76 -3.02 -4.72
C LEU A 31 -6.57 -3.97 -5.91
N ARG A 32 -7.39 -4.98 -6.00
CA ARG A 32 -7.28 -5.94 -7.13
C ARG A 32 -7.59 -5.20 -8.45
N ARG A 33 -8.49 -4.26 -8.40
CA ARG A 33 -8.84 -3.51 -9.64
C ARG A 33 -7.86 -2.35 -9.88
N GLU A 34 -7.46 -1.68 -8.83
CA GLU A 34 -6.51 -0.53 -9.01
C GLU A 34 -5.09 -1.02 -9.27
N LEU A 35 -4.77 -2.22 -8.86
CA LEU A 35 -3.39 -2.74 -9.10
C LEU A 35 -3.46 -4.11 -9.79
N PRO A 36 -2.40 -4.44 -10.46
CA PRO A 36 -2.37 -5.75 -11.16
C PRO A 36 -2.54 -6.89 -10.14
N PRO A 37 -3.26 -7.90 -10.57
CA PRO A 37 -3.49 -9.05 -9.66
C PRO A 37 -2.19 -9.40 -8.91
N ASP A 38 -1.08 -9.33 -9.58
CA ASP A 38 0.21 -9.65 -8.90
C ASP A 38 0.48 -8.67 -7.76
N GLN A 39 0.24 -7.41 -7.98
CA GLN A 39 0.48 -6.40 -6.90
C GLN A 39 -0.55 -6.59 -5.79
N ALA A 40 -1.78 -6.81 -6.13
CA ALA A 40 -2.83 -7.00 -5.09
C ALA A 40 -2.54 -8.25 -4.26
N GLN A 41 -2.26 -9.34 -4.91
CA GLN A 41 -1.96 -10.60 -4.16
C GLN A 41 -0.83 -10.35 -3.16
N TYR A 42 0.25 -9.75 -3.60
CA TYR A 42 1.38 -9.47 -2.68
C TYR A 42 0.94 -8.50 -1.59
N CYS A 43 0.29 -7.43 -1.95
CA CYS A 43 -0.17 -6.44 -0.94
C CYS A 43 -1.23 -7.07 -0.04
N ILE A 44 -2.23 -7.69 -0.61
CA ILE A 44 -3.30 -8.32 0.23
C ILE A 44 -2.67 -9.03 1.43
N LYS A 45 -1.50 -9.57 1.27
CA LYS A 45 -0.84 -10.29 2.41
C LYS A 45 -0.07 -9.28 3.28
N ARG A 46 0.55 -8.31 2.66
CA ARG A 46 1.31 -7.30 3.45
C ARG A 46 0.36 -6.48 4.32
N MET A 47 -0.35 -5.56 3.75
CA MET A 47 -1.29 -4.73 4.56
C MET A 47 -2.22 -5.64 5.37
N PRO A 48 -1.99 -5.64 6.66
CA PRO A 48 -2.84 -6.50 7.54
C PRO A 48 -4.26 -5.94 7.61
N ALA A 49 -4.92 -6.09 8.73
CA ALA A 49 -6.30 -5.57 8.85
C ALA A 49 -6.28 -4.08 9.20
N TYR A 50 -7.29 -3.35 8.83
CA TYR A 50 -7.33 -1.89 9.14
C TYR A 50 -7.51 -1.67 10.65
N SER A 51 -7.43 -0.46 11.10
CA SER A 51 -7.60 -0.19 12.55
C SER A 51 -7.73 1.32 12.80
N GLY A 52 -8.53 1.98 12.01
CA GLY A 52 -8.72 3.45 12.19
C GLY A 52 -10.08 3.72 12.84
N PRO A 53 -10.26 4.93 13.30
CA PRO A 53 -11.55 5.28 13.94
C PRO A 53 -12.56 5.74 12.88
N GLY A 54 -13.72 5.15 12.86
CA GLY A 54 -14.75 5.56 11.85
C GLY A 54 -14.70 4.59 10.66
N SER A 55 -13.62 3.87 10.50
CA SER A 55 -13.51 2.93 9.36
C SER A 55 -14.70 1.97 9.35
N VAL A 56 -14.58 0.89 8.62
CA VAL A 56 -15.69 -0.10 8.55
C VAL A 56 -15.13 -1.51 8.37
N PRO A 57 -15.98 -2.47 8.57
CA PRO A 57 -15.53 -3.88 8.41
C PRO A 57 -15.32 -4.22 6.94
N GLY A 58 -14.14 -4.62 6.57
CA GLY A 58 -13.87 -4.96 5.15
C GLY A 58 -12.78 -4.05 4.60
N ALA A 59 -12.38 -3.06 5.35
CA ALA A 59 -11.31 -2.14 4.86
C ALA A 59 -9.93 -2.67 5.25
N LEU A 60 -8.91 -2.25 4.54
CA LEU A 60 -7.54 -2.73 4.87
C LEU A 60 -6.59 -1.54 5.03
N ASP A 61 -5.48 -1.73 5.69
CA ASP A 61 -4.53 -0.60 5.88
C ASP A 61 -3.24 -0.83 5.09
N TYR A 62 -3.01 -0.04 4.07
CA TYR A 62 -1.78 -0.21 3.26
C TYR A 62 -0.60 0.47 3.97
N ALA A 63 -0.89 1.38 4.86
CA ALA A 63 0.21 2.09 5.59
C ALA A 63 1.12 1.07 6.27
N ALA A 64 0.55 0.00 6.78
CA ALA A 64 1.38 -1.03 7.46
C ALA A 64 2.33 -1.67 6.44
N PHE A 65 1.89 -1.81 5.23
CA PHE A 65 2.75 -2.41 4.17
C PHE A 65 3.86 -1.43 3.78
N SER A 66 3.58 -0.16 3.82
CA SER A 66 4.61 0.85 3.45
C SER A 66 5.70 0.93 4.53
N SER A 67 5.31 1.05 5.77
CA SER A 67 6.32 1.13 6.87
C SER A 67 7.12 -0.17 6.95
N ALA A 68 6.46 -1.29 6.83
CA ALA A 68 7.19 -2.59 6.90
C ALA A 68 8.04 -2.79 5.65
N LEU A 69 7.64 -2.23 4.55
CA LEU A 69 8.43 -2.38 3.30
C LEU A 69 9.83 -1.80 3.47
N TYR A 70 9.93 -0.65 4.10
CA TYR A 70 11.27 -0.03 4.30
C TYR A 70 11.79 -0.33 5.71
N GLY A 71 11.07 -1.11 6.46
CA GLY A 71 11.52 -1.44 7.85
C GLY A 71 10.99 -2.83 8.24
N GLU A 72 11.83 -3.64 8.81
CA GLU A 72 11.38 -5.00 9.22
C GLU A 72 11.51 -5.17 10.74
N SER A 73 10.62 -5.90 11.34
CA SER A 73 10.70 -6.10 12.82
C SER A 73 9.74 -7.22 13.25
N ASP A 74 9.47 -7.32 14.52
CA ASP A 74 8.55 -8.39 15.00
C ASP A 74 7.18 -7.80 15.33
N LEU A 75 6.16 -8.20 14.62
CA LEU A 75 4.80 -7.66 14.88
C LEU A 75 3.74 -8.67 14.45
N GLY B 9 -3.33 10.67 -15.25
CA GLY B 9 -1.97 11.20 -14.95
C GLY B 9 -1.79 11.33 -13.44
N LYS B 10 -2.86 11.25 -12.69
CA LYS B 10 -2.75 11.36 -11.21
C LYS B 10 -2.87 9.99 -10.56
N LYS B 11 -4.00 9.36 -10.67
CA LYS B 11 -4.18 8.01 -10.06
C LYS B 11 -3.21 7.02 -10.69
N ALA B 12 -3.09 7.03 -11.99
CA ALA B 12 -2.15 6.09 -12.67
C ALA B 12 -0.75 6.23 -12.07
N GLU B 13 -0.35 7.44 -11.78
CA GLU B 13 1.01 7.65 -11.20
C GLU B 13 1.10 7.00 -9.81
N ALA B 14 0.05 7.12 -9.03
CA ALA B 14 0.07 6.52 -7.67
C ALA B 14 0.23 4.99 -7.77
N VAL B 15 -0.39 4.39 -8.75
CA VAL B 15 -0.27 2.92 -8.91
C VAL B 15 1.17 2.55 -9.24
N ALA B 16 1.82 3.32 -10.07
CA ALA B 16 3.24 3.02 -10.44
C ALA B 16 4.11 3.05 -9.18
N THR B 17 3.82 3.93 -8.26
CA THR B 17 4.64 4.02 -7.02
C THR B 17 4.43 2.76 -6.16
N VAL B 18 3.21 2.31 -6.03
CA VAL B 18 2.95 1.10 -5.21
C VAL B 18 3.57 -0.13 -5.88
N VAL B 19 3.42 -0.24 -7.17
CA VAL B 19 4.00 -1.42 -7.89
C VAL B 19 5.53 -1.42 -7.76
N ALA B 20 6.15 -0.29 -8.01
CA ALA B 20 7.64 -0.24 -7.90
C ALA B 20 8.08 -0.57 -6.47
N ALA B 21 7.37 -0.08 -5.49
CA ALA B 21 7.76 -0.37 -4.07
C ALA B 21 7.58 -1.86 -3.77
N VAL B 22 6.57 -2.47 -4.31
CA VAL B 22 6.35 -3.92 -4.05
C VAL B 22 7.44 -4.75 -4.72
N ASP B 23 7.78 -4.42 -5.93
CA ASP B 23 8.84 -5.20 -6.64
C ASP B 23 10.17 -5.07 -5.89
N GLN B 24 10.45 -3.93 -5.32
CA GLN B 24 11.73 -3.75 -4.58
C GLN B 24 11.82 -4.76 -3.43
N ALA B 25 10.80 -4.84 -2.62
CA ALA B 25 10.83 -5.81 -1.48
C ALA B 25 10.92 -7.25 -2.01
N ARG B 26 10.28 -7.52 -3.12
CA ARG B 26 10.32 -8.90 -3.68
C ARG B 26 11.73 -9.20 -4.22
N VAL B 27 12.34 -8.25 -4.89
CA VAL B 27 13.70 -8.48 -5.45
C VAL B 27 14.75 -8.36 -4.34
N ARG B 28 14.42 -7.68 -3.29
CA ARG B 28 15.39 -7.53 -2.16
C ARG B 28 16.75 -7.07 -2.70
N GLU B 29 16.77 -6.26 -3.71
CA GLU B 29 18.07 -5.79 -4.28
C GLU B 29 18.25 -4.29 -4.01
N PRO B 30 19.46 -3.93 -3.69
CA PRO B 30 19.73 -2.49 -3.42
C PRO B 30 20.04 -1.74 -4.72
N ARG B 31 21.16 -2.05 -5.33
CA ARG B 31 21.52 -1.36 -6.61
C ARG B 31 20.39 -1.51 -7.64
N MET A 3 6.14 21.97 -0.46
CA MET A 3 6.63 21.74 -1.85
C MET A 3 7.71 20.66 -1.85
N ALA A 4 7.56 19.65 -1.03
CA ALA A 4 8.59 18.57 -0.99
C ALA A 4 7.91 17.20 -0.85
N ASP A 5 7.83 16.46 -1.92
CA ASP A 5 7.17 15.12 -1.86
C ASP A 5 8.14 14.03 -2.32
N THR A 6 9.42 14.26 -2.16
CA THR A 6 10.42 13.24 -2.59
C THR A 6 10.74 12.29 -1.44
N ASP A 7 9.90 11.33 -1.19
CA ASP A 7 10.16 10.37 -0.08
C ASP A 7 9.93 8.93 -0.55
N THR A 8 10.15 7.97 0.30
CA THR A 8 9.95 6.55 -0.11
C THR A 8 8.71 5.97 0.59
N ALA A 9 8.76 5.83 1.89
CA ALA A 9 7.59 5.28 2.63
C ALA A 9 6.40 6.24 2.51
N GLU A 10 6.62 7.49 2.74
CA GLU A 10 5.52 8.48 2.63
C GLU A 10 4.86 8.38 1.25
N GLN A 11 5.64 8.12 0.23
CA GLN A 11 5.05 8.01 -1.14
C GLN A 11 4.04 6.87 -1.20
N VAL A 12 4.37 5.74 -0.64
CA VAL A 12 3.42 4.58 -0.67
C VAL A 12 2.10 4.99 -0.02
N ILE A 13 2.15 5.70 1.07
CA ILE A 13 0.90 6.12 1.75
C ILE A 13 0.10 7.05 0.84
N ALA A 14 0.75 8.05 0.30
CA ALA A 14 0.02 8.98 -0.62
C ALA A 14 -0.53 8.18 -1.80
N SER A 15 0.24 7.27 -2.32
CA SER A 15 -0.24 6.44 -3.46
C SER A 15 -1.42 5.58 -2.99
N PHE A 16 -1.34 5.07 -1.79
CA PHE A 16 -2.47 4.23 -1.27
C PHE A 16 -3.70 5.12 -1.04
N ARG A 17 -3.50 6.28 -0.49
CA ARG A 17 -4.66 7.20 -0.26
C ARG A 17 -5.39 7.43 -1.59
N ILE A 18 -4.65 7.62 -2.65
CA ILE A 18 -5.31 7.83 -3.97
C ILE A 18 -6.17 6.63 -4.33
N LEU A 19 -5.66 5.45 -4.14
CA LEU A 19 -6.46 4.23 -4.47
C LEU A 19 -7.68 4.16 -3.54
N ALA A 20 -7.49 4.45 -2.29
CA ALA A 20 -8.62 4.41 -1.32
C ALA A 20 -9.58 5.57 -1.60
N SER A 21 -9.14 6.55 -2.35
CA SER A 21 -10.03 7.71 -2.66
C SER A 21 -10.28 8.54 -1.39
N ASP A 22 -9.29 9.25 -0.93
CA ASP A 22 -9.47 10.08 0.30
C ASP A 22 -9.93 9.20 1.47
N LYS A 23 -9.13 8.25 1.86
CA LYS A 23 -9.51 7.38 3.00
C LYS A 23 -8.26 6.83 3.69
N PRO A 24 -8.34 6.74 4.99
CA PRO A 24 -7.18 6.22 5.75
C PRO A 24 -7.10 4.69 5.62
N TYR A 25 -7.96 4.11 4.83
CA TYR A 25 -7.93 2.63 4.65
C TYR A 25 -8.34 2.26 3.23
N ILE A 26 -7.93 1.11 2.76
CA ILE A 26 -8.29 0.70 1.38
C ILE A 26 -8.98 -0.68 1.40
N LEU A 27 -9.96 -0.89 0.57
CA LEU A 27 -10.66 -2.20 0.57
C LEU A 27 -9.84 -3.21 -0.22
N ALA A 28 -9.87 -4.46 0.19
CA ALA A 28 -9.08 -5.50 -0.53
C ALA A 28 -9.52 -5.58 -1.99
N GLU A 29 -10.80 -5.57 -2.24
CA GLU A 29 -11.28 -5.64 -3.65
C GLU A 29 -10.86 -4.39 -4.42
N GLU A 30 -10.81 -3.26 -3.78
CA GLU A 30 -10.40 -2.02 -4.49
C GLU A 30 -8.96 -2.13 -4.97
N LEU A 31 -8.05 -2.50 -4.11
CA LEU A 31 -6.63 -2.62 -4.54
C LEU A 31 -6.50 -3.80 -5.50
N ARG A 32 -7.29 -4.82 -5.31
CA ARG A 32 -7.22 -6.01 -6.21
C ARG A 32 -7.56 -5.60 -7.65
N ARG A 33 -8.46 -4.67 -7.82
CA ARG A 33 -8.84 -4.24 -9.19
C ARG A 33 -8.00 -3.03 -9.61
N GLU A 34 -7.41 -2.34 -8.66
CA GLU A 34 -6.59 -1.15 -9.00
C GLU A 34 -5.14 -1.57 -9.26
N LEU A 35 -4.73 -2.70 -8.74
CA LEU A 35 -3.33 -3.15 -8.95
C LEU A 35 -3.31 -4.47 -9.72
N PRO A 36 -2.22 -4.69 -10.40
CA PRO A 36 -2.10 -5.95 -11.19
C PRO A 36 -2.25 -7.16 -10.26
N PRO A 37 -2.69 -8.25 -10.83
CA PRO A 37 -2.87 -9.48 -10.00
C PRO A 37 -1.65 -9.69 -9.08
N ASP A 38 -0.47 -9.52 -9.60
CA ASP A 38 0.74 -9.70 -8.75
C ASP A 38 0.79 -8.65 -7.64
N GLN A 39 0.57 -7.41 -7.97
CA GLN A 39 0.61 -6.34 -6.95
C GLN A 39 -0.59 -6.47 -6.00
N ALA A 40 -1.75 -6.75 -6.53
CA ALA A 40 -2.96 -6.88 -5.67
C ALA A 40 -2.75 -7.99 -4.64
N GLN A 41 -2.30 -9.14 -5.07
CA GLN A 41 -2.07 -10.26 -4.10
C GLN A 41 -0.95 -9.91 -3.12
N TYR A 42 0.12 -9.36 -3.62
CA TYR A 42 1.26 -9.00 -2.72
C TYR A 42 0.82 -7.96 -1.69
N CYS A 43 0.14 -6.93 -2.12
CA CYS A 43 -0.31 -5.88 -1.16
C CYS A 43 -1.27 -6.48 -0.12
N ILE A 44 -2.28 -7.17 -0.57
CA ILE A 44 -3.26 -7.76 0.39
C ILE A 44 -2.54 -8.72 1.34
N LYS A 45 -1.38 -9.16 0.97
CA LYS A 45 -0.63 -10.11 1.86
C LYS A 45 0.17 -9.34 2.90
N ARG A 46 0.44 -8.09 2.67
CA ARG A 46 1.23 -7.29 3.65
C ARG A 46 0.31 -6.42 4.52
N MET A 47 -0.25 -5.38 3.96
CA MET A 47 -1.15 -4.50 4.75
C MET A 47 -2.13 -5.34 5.57
N PRO A 48 -2.17 -5.06 6.84
CA PRO A 48 -3.08 -5.83 7.72
C PRO A 48 -4.51 -5.80 7.16
N ALA A 49 -5.47 -6.26 7.91
CA ALA A 49 -6.86 -6.26 7.41
C ALA A 49 -7.70 -5.20 8.14
N TYR A 50 -7.12 -4.06 8.42
CA TYR A 50 -7.88 -3.00 9.12
C TYR A 50 -6.99 -1.77 9.36
N SER A 51 -7.54 -0.71 9.87
CA SER A 51 -6.71 0.51 10.12
C SER A 51 -7.06 1.12 11.48
N GLY A 52 -8.31 1.46 11.69
CA GLY A 52 -8.71 2.05 12.99
C GLY A 52 -10.09 2.69 12.87
N PRO A 53 -10.23 3.54 11.88
CA PRO A 53 -11.54 4.20 11.69
C PRO A 53 -12.68 3.18 11.76
N GLY A 54 -13.90 3.65 11.74
CA GLY A 54 -15.05 2.70 11.82
C GLY A 54 -14.87 1.57 10.81
N SER A 55 -14.46 0.41 11.25
CA SER A 55 -14.24 -0.73 10.33
C SER A 55 -15.31 -0.74 9.24
N VAL A 56 -14.91 -1.05 8.05
CA VAL A 56 -15.88 -1.09 6.91
C VAL A 56 -15.76 -2.42 6.16
N PRO A 57 -16.79 -2.73 5.42
CA PRO A 57 -16.76 -4.00 4.65
C PRO A 57 -15.42 -4.17 3.95
N GLY A 58 -14.52 -4.92 4.55
CA GLY A 58 -13.19 -5.12 3.92
C GLY A 58 -12.33 -3.88 4.11
N ALA A 59 -11.76 -3.72 5.27
CA ALA A 59 -10.90 -2.53 5.54
C ALA A 59 -9.47 -2.97 5.83
N LEU A 60 -8.52 -2.51 5.06
CA LEU A 60 -7.11 -2.89 5.32
C LEU A 60 -6.22 -1.65 5.37
N ASP A 61 -5.24 -1.65 6.22
CA ASP A 61 -4.34 -0.47 6.31
C ASP A 61 -3.11 -0.68 5.44
N TYR A 62 -2.99 0.07 4.38
CA TYR A 62 -1.79 -0.07 3.51
C TYR A 62 -0.60 0.62 4.17
N ALA A 63 -0.87 1.58 5.02
CA ALA A 63 0.23 2.29 5.72
C ALA A 63 1.08 1.28 6.48
N ALA A 64 0.46 0.37 7.18
CA ALA A 64 1.23 -0.65 7.93
C ALA A 64 2.15 -1.41 6.98
N PHE A 65 1.69 -1.65 5.79
CA PHE A 65 2.51 -2.38 4.79
C PHE A 65 3.65 -1.48 4.29
N SER A 66 3.38 -0.21 4.13
CA SER A 66 4.44 0.71 3.65
C SER A 66 5.66 0.65 4.57
N SER A 67 5.45 0.77 5.86
CA SER A 67 6.60 0.71 6.81
C SER A 67 7.29 -0.66 6.71
N ALA A 68 6.53 -1.70 6.53
CA ALA A 68 7.13 -3.06 6.43
C ALA A 68 7.82 -3.23 5.06
N LEU A 69 7.23 -2.72 4.02
CA LEU A 69 7.85 -2.84 2.68
C LEU A 69 9.23 -2.17 2.68
N TYR A 70 9.31 -1.01 3.24
CA TYR A 70 10.61 -0.28 3.29
C TYR A 70 11.32 -0.55 4.62
N GLY A 71 10.76 -1.40 5.45
CA GLY A 71 11.40 -1.71 6.75
C GLY A 71 10.97 -0.67 7.79
N GLU A 72 10.66 -1.11 8.98
CA GLU A 72 10.22 -0.14 10.03
C GLU A 72 11.41 0.24 10.92
N SER A 73 12.15 -0.73 11.39
CA SER A 73 13.32 -0.42 12.26
C SER A 73 14.25 -1.64 12.35
N ASP A 74 13.98 -2.54 13.24
CA ASP A 74 14.84 -3.74 13.36
C ASP A 74 14.23 -4.92 12.58
N LEU A 75 14.76 -5.21 11.43
CA LEU A 75 14.22 -6.33 10.62
C LEU A 75 14.20 -7.63 11.43
N GLY B 9 -6.36 11.42 -14.25
CA GLY B 9 -5.87 12.26 -13.12
C GLY B 9 -4.51 11.75 -12.65
N LYS B 10 -4.25 11.82 -11.38
CA LYS B 10 -2.94 11.33 -10.86
C LYS B 10 -3.07 9.91 -10.33
N LYS B 11 -4.21 9.30 -10.50
CA LYS B 11 -4.40 7.91 -10.00
C LYS B 11 -3.43 6.96 -10.70
N ALA B 12 -3.34 7.03 -12.00
CA ALA B 12 -2.41 6.13 -12.73
C ALA B 12 -0.99 6.29 -12.19
N GLU B 13 -0.59 7.49 -11.90
CA GLU B 13 0.78 7.73 -11.36
C GLU B 13 0.93 7.03 -10.01
N ALA B 14 -0.07 7.11 -9.18
CA ALA B 14 0.02 6.45 -7.84
C ALA B 14 0.16 4.93 -8.01
N VAL B 15 -0.59 4.35 -8.91
CA VAL B 15 -0.50 2.88 -9.12
C VAL B 15 0.94 2.49 -9.49
N ALA B 16 1.57 3.25 -10.34
CA ALA B 16 2.97 2.93 -10.73
C ALA B 16 3.88 3.00 -9.51
N THR B 17 3.64 3.92 -8.63
CA THR B 17 4.50 4.04 -7.42
C THR B 17 4.33 2.79 -6.54
N VAL B 18 3.12 2.34 -6.35
CA VAL B 18 2.90 1.14 -5.51
C VAL B 18 3.52 -0.09 -6.19
N VAL B 19 3.29 -0.25 -7.46
CA VAL B 19 3.87 -1.43 -8.19
C VAL B 19 5.39 -1.43 -8.05
N ALA B 20 6.02 -0.30 -8.25
CA ALA B 20 7.49 -0.24 -8.13
C ALA B 20 7.93 -0.54 -6.69
N ALA B 21 7.25 0.03 -5.74
CA ALA B 21 7.63 -0.22 -4.31
C ALA B 21 7.40 -1.70 -3.96
N VAL B 22 6.27 -2.24 -4.33
CA VAL B 22 5.98 -3.67 -4.01
C VAL B 22 7.04 -4.56 -4.66
N ASP B 23 7.42 -4.27 -5.88
CA ASP B 23 8.44 -5.11 -6.56
C ASP B 23 9.78 -5.00 -5.83
N GLN B 24 10.08 -3.86 -5.26
CA GLN B 24 11.36 -3.70 -4.53
C GLN B 24 11.46 -4.72 -3.39
N ALA B 25 10.44 -4.81 -2.58
CA ALA B 25 10.47 -5.79 -1.45
C ALA B 25 10.53 -7.22 -2.01
N ARG B 26 9.80 -7.49 -3.06
CA ARG B 26 9.82 -8.86 -3.64
C ARG B 26 11.23 -9.22 -4.12
N VAL B 27 11.98 -8.25 -4.57
CA VAL B 27 13.35 -8.54 -5.05
C VAL B 27 14.27 -8.90 -3.87
N ARG B 28 13.90 -8.49 -2.69
CA ARG B 28 14.76 -8.81 -1.50
C ARG B 28 14.05 -9.82 -0.59
N GLU B 29 13.49 -10.85 -1.15
CA GLU B 29 12.80 -11.87 -0.31
C GLU B 29 13.59 -13.19 -0.34
N PRO B 30 13.94 -13.66 0.83
CA PRO B 30 14.71 -14.93 0.89
C PRO B 30 13.86 -16.09 0.35
N ARG B 31 13.61 -16.11 -0.92
CA ARG B 31 12.79 -17.21 -1.50
C ARG B 31 12.71 -17.06 -3.02
N MET A 3 0.07 17.95 3.58
CA MET A 3 0.66 18.98 2.67
C MET A 3 1.94 18.44 2.02
N ALA A 4 1.82 17.84 0.87
CA ALA A 4 3.03 17.30 0.18
C ALA A 4 3.75 16.30 1.10
N ASP A 5 4.88 16.68 1.66
CA ASP A 5 5.60 15.74 2.56
C ASP A 5 5.99 14.47 1.81
N THR A 6 7.25 14.15 1.75
CA THR A 6 7.68 12.92 1.02
C THR A 6 8.85 12.26 1.76
N ASP A 7 8.90 10.96 1.77
CA ASP A 7 10.01 10.25 2.47
C ASP A 7 9.99 8.76 2.12
N THR A 8 9.88 8.43 0.87
CA THR A 8 9.85 6.99 0.47
C THR A 8 8.62 6.31 1.07
N ALA A 9 8.61 6.09 2.35
CA ALA A 9 7.42 5.43 2.98
C ALA A 9 6.22 6.37 2.91
N GLU A 10 6.44 7.64 3.07
CA GLU A 10 5.33 8.61 3.01
C GLU A 10 4.81 8.72 1.56
N GLN A 11 5.69 8.65 0.60
CA GLN A 11 5.25 8.74 -0.81
C GLN A 11 4.30 7.59 -1.15
N VAL A 12 4.60 6.40 -0.70
CA VAL A 12 3.71 5.25 -1.00
C VAL A 12 2.32 5.50 -0.40
N ILE A 13 2.27 5.95 0.83
CA ILE A 13 0.95 6.22 1.46
C ILE A 13 0.16 7.19 0.58
N ALA A 14 0.79 8.23 0.11
CA ALA A 14 0.07 9.20 -0.77
C ALA A 14 -0.46 8.44 -1.98
N SER A 15 0.33 7.54 -2.51
CA SER A 15 -0.14 6.75 -3.69
C SER A 15 -1.26 5.81 -3.23
N PHE A 16 -1.14 5.27 -2.04
CA PHE A 16 -2.20 4.36 -1.53
C PHE A 16 -3.47 5.17 -1.26
N ARG A 17 -3.32 6.33 -0.69
CA ARG A 17 -4.52 7.18 -0.40
C ARG A 17 -5.31 7.38 -1.69
N ILE A 18 -4.64 7.70 -2.77
CA ILE A 18 -5.36 7.88 -4.06
C ILE A 18 -6.12 6.60 -4.42
N LEU A 19 -5.48 5.48 -4.25
CA LEU A 19 -6.16 4.19 -4.57
C LEU A 19 -7.34 3.98 -3.63
N ALA A 20 -7.16 4.31 -2.37
CA ALA A 20 -8.28 4.13 -1.40
C ALA A 20 -9.32 5.25 -1.55
N SER A 21 -9.07 6.16 -2.46
CA SER A 21 -10.04 7.28 -2.67
C SER A 21 -10.04 8.22 -1.46
N ASP A 22 -8.95 8.87 -1.20
CA ASP A 22 -8.89 9.80 -0.03
C ASP A 22 -9.38 9.08 1.24
N LYS A 23 -8.74 8.00 1.61
CA LYS A 23 -9.17 7.27 2.83
C LYS A 23 -7.96 6.68 3.54
N PRO A 24 -8.00 6.70 4.85
CA PRO A 24 -6.87 6.13 5.62
C PRO A 24 -6.83 4.62 5.46
N TYR A 25 -7.80 4.06 4.78
CA TYR A 25 -7.82 2.58 4.58
C TYR A 25 -8.39 2.24 3.21
N ILE A 26 -8.15 1.05 2.72
CA ILE A 26 -8.68 0.69 1.38
C ILE A 26 -9.20 -0.75 1.40
N LEU A 27 -10.14 -1.06 0.55
CA LEU A 27 -10.69 -2.44 0.51
C LEU A 27 -9.88 -3.30 -0.45
N ALA A 28 -9.89 -4.59 -0.27
CA ALA A 28 -9.11 -5.48 -1.18
C ALA A 28 -9.68 -5.41 -2.60
N GLU A 29 -10.97 -5.43 -2.73
CA GLU A 29 -11.59 -5.37 -4.09
C GLU A 29 -11.10 -4.13 -4.84
N GLU A 30 -10.98 -3.02 -4.16
CA GLU A 30 -10.49 -1.79 -4.83
C GLU A 30 -9.02 -1.97 -5.18
N LEU A 31 -8.27 -2.56 -4.28
CA LEU A 31 -6.83 -2.80 -4.54
C LEU A 31 -6.69 -3.83 -5.67
N ARG A 32 -7.55 -4.81 -5.67
CA ARG A 32 -7.49 -5.85 -6.73
C ARG A 32 -7.85 -5.26 -8.10
N ARG A 33 -8.75 -4.31 -8.13
CA ARG A 33 -9.15 -3.70 -9.43
C ARG A 33 -8.29 -2.48 -9.75
N GLU A 34 -7.67 -1.89 -8.77
CA GLU A 34 -6.82 -0.69 -9.03
C GLU A 34 -5.36 -1.08 -9.23
N LEU A 35 -4.97 -2.25 -8.79
CA LEU A 35 -3.55 -2.68 -8.96
C LEU A 35 -3.49 -3.97 -9.77
N PRO A 36 -2.32 -4.24 -10.28
CA PRO A 36 -2.15 -5.48 -11.09
C PRO A 36 -2.28 -6.71 -10.19
N PRO A 37 -2.78 -7.77 -10.77
CA PRO A 37 -2.95 -9.02 -9.98
C PRO A 37 -1.73 -9.26 -9.09
N ASP A 38 -0.55 -9.01 -9.60
CA ASP A 38 0.67 -9.24 -8.78
C ASP A 38 0.68 -8.31 -7.57
N GLN A 39 0.41 -7.04 -7.77
CA GLN A 39 0.40 -6.09 -6.63
C GLN A 39 -0.79 -6.37 -5.70
N ALA A 40 -1.93 -6.67 -6.26
CA ALA A 40 -3.13 -6.95 -5.42
C ALA A 40 -2.85 -8.14 -4.50
N GLN A 41 -2.32 -9.20 -5.03
CA GLN A 41 -2.03 -10.40 -4.17
C GLN A 41 -1.02 -10.03 -3.08
N TYR A 42 0.06 -9.40 -3.45
CA TYR A 42 1.08 -9.03 -2.44
C TYR A 42 0.51 -7.98 -1.47
N CYS A 43 -0.20 -7.02 -1.98
CA CYS A 43 -0.79 -5.98 -1.09
C CYS A 43 -1.79 -6.60 -0.13
N ILE A 44 -2.69 -7.41 -0.64
CA ILE A 44 -3.71 -8.05 0.24
C ILE A 44 -3.01 -8.94 1.29
N LYS A 45 -1.80 -9.34 1.02
CA LYS A 45 -1.07 -10.20 2.00
C LYS A 45 -0.45 -9.34 3.11
N ARG A 46 0.08 -8.20 2.75
CA ARG A 46 0.69 -7.32 3.78
C ARG A 46 -0.40 -6.58 4.56
N MET A 47 -1.12 -5.71 3.89
CA MET A 47 -2.23 -4.94 4.56
C MET A 47 -2.85 -5.75 5.70
N PRO A 48 -2.68 -5.24 6.89
CA PRO A 48 -3.26 -5.95 8.07
C PRO A 48 -4.64 -5.37 8.40
N ALA A 49 -5.11 -5.55 9.61
CA ALA A 49 -6.44 -5.00 9.98
C ALA A 49 -6.31 -3.54 10.42
N TYR A 50 -7.04 -2.66 9.80
CA TYR A 50 -6.96 -1.21 10.18
C TYR A 50 -7.56 -1.01 11.58
N SER A 51 -6.87 -0.29 12.43
CA SER A 51 -7.39 -0.05 13.80
C SER A 51 -7.60 -1.37 14.54
N GLY A 52 -7.62 -1.34 15.85
CA GLY A 52 -7.82 -2.60 16.62
C GLY A 52 -9.32 -2.89 16.73
N PRO A 53 -9.98 -2.13 17.55
CA PRO A 53 -11.44 -2.34 17.73
C PRO A 53 -12.24 -1.34 16.88
N GLY A 54 -11.66 -0.88 15.81
CA GLY A 54 -12.38 0.11 14.94
C GLY A 54 -12.11 -0.21 13.48
N SER A 55 -13.08 0.05 12.63
CA SER A 55 -13.00 -0.20 11.14
C SER A 55 -14.24 -0.94 10.67
N VAL A 56 -14.21 -1.47 9.48
CA VAL A 56 -15.39 -2.23 8.97
C VAL A 56 -14.94 -3.53 8.30
N PRO A 57 -15.83 -4.47 8.25
CA PRO A 57 -15.48 -5.77 7.63
C PRO A 57 -15.10 -5.57 6.16
N GLY A 58 -13.83 -5.55 5.86
CA GLY A 58 -13.40 -5.34 4.44
C GLY A 58 -12.47 -4.14 4.35
N ALA A 59 -12.05 -3.61 5.47
CA ALA A 59 -11.15 -2.43 5.45
C ALA A 59 -9.72 -2.85 5.81
N LEU A 60 -8.79 -2.65 4.91
CA LEU A 60 -7.38 -3.05 5.19
C LEU A 60 -6.50 -1.80 5.27
N ASP A 61 -5.34 -1.90 5.88
CA ASP A 61 -4.46 -0.70 5.98
C ASP A 61 -3.23 -0.86 5.08
N TYR A 62 -3.14 -0.10 4.03
CA TYR A 62 -1.96 -0.18 3.14
C TYR A 62 -0.78 0.48 3.85
N ALA A 63 -1.06 1.36 4.78
CA ALA A 63 0.03 2.05 5.53
C ALA A 63 0.93 1.01 6.20
N ALA A 64 0.36 -0.03 6.74
CA ALA A 64 1.20 -1.07 7.38
C ALA A 64 2.22 -1.61 6.39
N PHE A 65 1.85 -1.64 5.14
CA PHE A 65 2.78 -2.15 4.08
C PHE A 65 3.98 -1.22 3.94
N SER A 66 3.76 0.06 3.87
CA SER A 66 4.90 1.01 3.71
C SER A 66 5.92 0.83 4.84
N SER A 67 5.46 0.76 6.06
CA SER A 67 6.41 0.58 7.21
C SER A 67 7.10 -0.78 7.13
N ALA A 68 6.39 -1.80 6.74
CA ALA A 68 7.01 -3.15 6.66
C ALA A 68 7.88 -3.26 5.40
N LEU A 69 7.54 -2.56 4.36
CA LEU A 69 8.34 -2.63 3.11
C LEU A 69 9.59 -1.76 3.26
N TYR A 70 9.43 -0.58 3.78
CA TYR A 70 10.61 0.32 3.96
C TYR A 70 11.14 0.23 5.39
N GLY A 71 10.65 -0.72 6.15
CA GLY A 71 11.13 -0.88 7.56
C GLY A 71 12.27 -1.90 7.61
N GLU A 72 12.38 -2.63 8.68
CA GLU A 72 13.46 -3.64 8.79
C GLU A 72 12.88 -5.00 9.21
N SER A 73 13.72 -5.93 9.57
CA SER A 73 13.22 -7.27 9.98
C SER A 73 12.46 -7.93 8.83
N ASP A 74 12.48 -9.23 8.77
CA ASP A 74 11.76 -9.93 7.68
C ASP A 74 10.47 -10.56 8.21
N LEU A 75 9.36 -10.24 7.61
CA LEU A 75 8.06 -10.82 8.08
C LEU A 75 7.79 -12.15 7.39
N GLY B 9 -3.85 10.09 -15.17
CA GLY B 9 -4.97 10.70 -14.39
C GLY B 9 -4.63 10.66 -12.90
N LYS B 10 -3.40 10.92 -12.56
CA LYS B 10 -3.01 10.91 -11.12
C LYS B 10 -3.09 9.48 -10.57
N LYS B 11 -4.25 8.88 -10.61
CA LYS B 11 -4.39 7.49 -10.08
C LYS B 11 -3.43 6.56 -10.83
N ALA B 12 -3.44 6.60 -12.13
CA ALA B 12 -2.52 5.72 -12.90
C ALA B 12 -1.08 5.94 -12.45
N GLU B 13 -0.73 7.17 -12.16
CA GLU B 13 0.66 7.46 -11.70
C GLU B 13 0.89 6.85 -10.32
N ALA B 14 -0.09 6.95 -9.45
CA ALA B 14 0.07 6.37 -8.09
C ALA B 14 0.21 4.85 -8.18
N VAL B 15 -0.51 4.24 -9.07
CA VAL B 15 -0.43 2.75 -9.22
C VAL B 15 1.00 2.34 -9.60
N ALA B 16 1.62 3.09 -10.48
CA ALA B 16 3.01 2.75 -10.89
C ALA B 16 3.96 2.85 -9.69
N THR B 17 3.80 3.89 -8.90
CA THR B 17 4.69 4.05 -7.71
C THR B 17 4.51 2.87 -6.76
N VAL B 18 3.29 2.45 -6.53
CA VAL B 18 3.05 1.30 -5.61
C VAL B 18 3.67 0.03 -6.19
N VAL B 19 3.52 -0.18 -7.47
CA VAL B 19 4.09 -1.40 -8.12
C VAL B 19 5.60 -1.44 -7.91
N ALA B 20 6.28 -0.34 -8.15
CA ALA B 20 7.76 -0.33 -7.97
C ALA B 20 8.12 -0.56 -6.51
N ALA B 21 7.37 0.01 -5.60
CA ALA B 21 7.69 -0.18 -4.15
C ALA B 21 7.51 -1.65 -3.76
N VAL B 22 6.48 -2.29 -4.24
CA VAL B 22 6.25 -3.72 -3.89
C VAL B 22 7.35 -4.60 -4.49
N ASP B 23 7.74 -4.33 -5.71
CA ASP B 23 8.81 -5.15 -6.36
C ASP B 23 10.11 -5.05 -5.56
N GLN B 24 10.43 -3.87 -5.08
CA GLN B 24 11.68 -3.70 -4.30
C GLN B 24 11.71 -4.68 -3.11
N ALA B 25 10.65 -4.75 -2.37
CA ALA B 25 10.62 -5.69 -1.21
C ALA B 25 10.73 -7.14 -1.69
N ARG B 26 10.12 -7.45 -2.80
CA ARG B 26 10.19 -8.84 -3.33
C ARG B 26 11.62 -9.15 -3.80
N VAL B 27 12.22 -8.24 -4.51
CA VAL B 27 13.61 -8.48 -5.00
C VAL B 27 14.60 -8.37 -3.84
N ARG B 28 14.22 -7.70 -2.78
CA ARG B 28 15.13 -7.56 -1.62
C ARG B 28 16.55 -7.22 -2.09
N GLU B 29 16.69 -6.27 -2.97
CA GLU B 29 18.05 -5.90 -3.46
C GLU B 29 18.54 -4.65 -2.75
N PRO B 30 19.67 -4.78 -2.09
CA PRO B 30 20.22 -3.61 -1.37
C PRO B 30 20.61 -2.51 -2.37
N ARG B 31 19.67 -1.75 -2.84
CA ARG B 31 20.00 -0.67 -3.81
C ARG B 31 20.93 -1.21 -4.90
N MET A 3 12.61 10.43 -6.31
CA MET A 3 14.04 10.00 -6.41
C MET A 3 14.77 10.34 -5.12
N ALA A 4 16.07 10.14 -5.09
CA ALA A 4 16.85 10.45 -3.85
C ALA A 4 16.23 9.74 -2.65
N ASP A 5 16.80 9.92 -1.49
CA ASP A 5 16.25 9.26 -0.27
C ASP A 5 14.89 9.85 0.09
N THR A 6 14.87 11.10 0.46
CA THR A 6 13.58 11.77 0.82
C THR A 6 12.67 10.79 1.58
N ASP A 7 11.38 10.99 1.50
CA ASP A 7 10.45 10.07 2.22
C ASP A 7 9.91 9.00 1.26
N THR A 8 10.28 7.77 1.47
CA THR A 8 9.79 6.68 0.57
C THR A 8 8.46 6.15 1.09
N ALA A 9 8.32 6.01 2.38
CA ALA A 9 7.04 5.49 2.94
C ALA A 9 5.92 6.49 2.69
N GLU A 10 6.16 7.75 2.96
CA GLU A 10 5.11 8.77 2.72
C GLU A 10 4.62 8.69 1.27
N GLN A 11 5.50 8.42 0.35
CA GLN A 11 5.09 8.31 -1.07
C GLN A 11 4.08 7.19 -1.25
N VAL A 12 4.36 6.03 -0.71
CA VAL A 12 3.41 4.89 -0.85
C VAL A 12 2.06 5.27 -0.23
N ILE A 13 2.08 5.89 0.91
CA ILE A 13 0.80 6.30 1.55
C ILE A 13 0.06 7.29 0.65
N ALA A 14 0.76 8.27 0.14
CA ALA A 14 0.10 9.26 -0.76
C ALA A 14 -0.51 8.51 -1.94
N SER A 15 0.21 7.55 -2.47
CA SER A 15 -0.33 6.77 -3.62
C SER A 15 -1.49 5.90 -3.13
N PHE A 16 -1.36 5.33 -1.96
CA PHE A 16 -2.47 4.48 -1.43
C PHE A 16 -3.70 5.34 -1.17
N ARG A 17 -3.50 6.51 -0.60
CA ARG A 17 -4.66 7.40 -0.33
C ARG A 17 -5.42 7.66 -1.63
N ILE A 18 -4.71 7.99 -2.68
CA ILE A 18 -5.38 8.24 -3.99
C ILE A 18 -6.13 6.99 -4.43
N LEU A 19 -5.53 5.85 -4.27
CA LEU A 19 -6.20 4.58 -4.68
C LEU A 19 -7.45 4.36 -3.83
N ALA A 20 -7.37 4.64 -2.55
CA ALA A 20 -8.55 4.45 -1.66
C ALA A 20 -9.59 5.54 -1.93
N SER A 21 -9.26 6.50 -2.77
CA SER A 21 -10.22 7.59 -3.07
C SER A 21 -10.42 8.47 -1.83
N ASP A 22 -9.38 9.06 -1.33
CA ASP A 22 -9.52 9.92 -0.12
C ASP A 22 -9.96 9.09 1.08
N LYS A 23 -9.15 8.17 1.51
CA LYS A 23 -9.53 7.33 2.69
C LYS A 23 -8.28 6.84 3.41
N PRO A 24 -8.38 6.78 4.71
CA PRO A 24 -7.22 6.30 5.50
C PRO A 24 -7.08 4.78 5.38
N TYR A 25 -7.93 4.16 4.60
CA TYR A 25 -7.86 2.68 4.43
C TYR A 25 -8.19 2.31 2.99
N ILE A 26 -7.98 1.08 2.62
CA ILE A 26 -8.27 0.66 1.22
C ILE A 26 -8.96 -0.71 1.21
N LEU A 27 -9.92 -0.91 0.34
CA LEU A 27 -10.63 -2.21 0.29
C LEU A 27 -9.81 -3.23 -0.51
N ALA A 28 -9.97 -4.49 -0.24
CA ALA A 28 -9.19 -5.53 -0.99
C ALA A 28 -9.65 -5.59 -2.44
N GLU A 29 -10.92 -5.45 -2.68
CA GLU A 29 -11.44 -5.49 -4.08
C GLU A 29 -10.98 -4.26 -4.84
N GLU A 30 -10.89 -3.13 -4.17
CA GLU A 30 -10.44 -1.89 -4.86
C GLU A 30 -8.99 -2.03 -5.32
N LEU A 31 -8.11 -2.44 -4.43
CA LEU A 31 -6.69 -2.60 -4.84
C LEU A 31 -6.57 -3.78 -5.82
N ARG A 32 -7.38 -4.77 -5.65
CA ARG A 32 -7.32 -5.95 -6.57
C ARG A 32 -7.68 -5.53 -7.99
N ARG A 33 -8.57 -4.59 -8.15
CA ARG A 33 -8.97 -4.14 -9.51
C ARG A 33 -8.08 -3.00 -10.02
N GLU A 34 -7.36 -2.35 -9.15
CA GLU A 34 -6.50 -1.23 -9.61
C GLU A 34 -5.04 -1.68 -9.76
N LEU A 35 -4.67 -2.72 -9.07
CA LEU A 35 -3.27 -3.22 -9.18
C LEU A 35 -3.22 -4.55 -9.93
N PRO A 36 -2.24 -4.69 -10.76
CA PRO A 36 -2.11 -5.95 -11.53
C PRO A 36 -2.36 -7.15 -10.60
N PRO A 37 -3.07 -8.12 -11.12
CA PRO A 37 -3.37 -9.32 -10.28
C PRO A 37 -2.14 -9.70 -9.46
N ASP A 38 -0.97 -9.60 -10.03
CA ASP A 38 0.26 -9.99 -9.27
C ASP A 38 0.49 -9.02 -8.10
N GLN A 39 0.37 -7.74 -8.33
CA GLN A 39 0.60 -6.76 -7.23
C GLN A 39 -0.53 -6.85 -6.19
N ALA A 40 -1.75 -6.92 -6.65
CA ALA A 40 -2.90 -7.00 -5.70
C ALA A 40 -2.76 -8.22 -4.79
N GLN A 41 -2.50 -9.36 -5.34
CA GLN A 41 -2.35 -10.59 -4.50
C GLN A 41 -1.22 -10.40 -3.48
N TYR A 42 -0.13 -9.82 -3.89
CA TYR A 42 1.01 -9.60 -2.95
C TYR A 42 0.61 -8.62 -1.83
N CYS A 43 0.02 -7.51 -2.20
CA CYS A 43 -0.38 -6.52 -1.16
C CYS A 43 -1.44 -7.12 -0.24
N ILE A 44 -2.45 -7.72 -0.79
CA ILE A 44 -3.52 -8.33 0.05
C ILE A 44 -2.93 -9.17 1.19
N LYS A 45 -1.69 -9.57 1.08
CA LYS A 45 -1.07 -10.41 2.15
C LYS A 45 -0.52 -9.54 3.29
N ARG A 46 -0.20 -8.30 3.02
CA ARG A 46 0.35 -7.43 4.11
C ARG A 46 -0.76 -6.60 4.76
N MET A 47 -1.28 -5.63 4.04
CA MET A 47 -2.38 -4.74 4.58
C MET A 47 -3.01 -5.32 5.85
N PRO A 48 -2.38 -5.06 6.97
CA PRO A 48 -2.91 -5.57 8.24
C PRO A 48 -4.35 -5.09 8.46
N ALA A 49 -5.04 -5.65 9.42
CA ALA A 49 -6.45 -5.21 9.66
C ALA A 49 -6.49 -3.70 9.93
N TYR A 50 -7.21 -2.98 9.14
CA TYR A 50 -7.29 -1.50 9.35
C TYR A 50 -7.43 -1.18 10.84
N SER A 51 -8.20 -1.95 11.55
CA SER A 51 -8.38 -1.68 13.00
C SER A 51 -9.49 -2.57 13.58
N GLY A 52 -9.90 -2.32 14.79
CA GLY A 52 -10.98 -3.14 15.39
C GLY A 52 -12.27 -2.32 15.45
N PRO A 53 -12.17 -1.18 16.05
CA PRO A 53 -13.38 -0.31 16.15
C PRO A 53 -13.18 0.98 15.35
N GLY A 54 -12.69 0.87 14.15
CA GLY A 54 -12.47 2.08 13.32
C GLY A 54 -13.29 1.98 12.03
N SER A 55 -12.63 1.77 10.92
CA SER A 55 -13.34 1.67 9.62
C SER A 55 -14.41 0.58 9.68
N VAL A 56 -14.74 0.01 8.56
CA VAL A 56 -15.78 -1.06 8.55
C VAL A 56 -15.12 -2.42 8.33
N PRO A 57 -15.74 -3.44 8.88
CA PRO A 57 -15.17 -4.80 8.72
C PRO A 57 -14.84 -5.09 7.26
N GLY A 58 -13.58 -5.21 6.93
CA GLY A 58 -13.20 -5.48 5.52
C GLY A 58 -12.13 -4.48 5.07
N ALA A 59 -12.12 -3.32 5.66
CA ALA A 59 -11.10 -2.30 5.26
C ALA A 59 -9.70 -2.77 5.65
N LEU A 60 -8.72 -2.46 4.84
CA LEU A 60 -7.33 -2.89 5.17
C LEU A 60 -6.41 -1.67 5.28
N ASP A 61 -5.31 -1.79 5.97
CA ASP A 61 -4.39 -0.62 6.12
C ASP A 61 -3.16 -0.79 5.23
N TYR A 62 -3.04 0.02 4.22
CA TYR A 62 -1.85 -0.08 3.32
C TYR A 62 -0.66 0.63 3.96
N ALA A 63 -0.92 1.49 4.90
CA ALA A 63 0.20 2.22 5.57
C ALA A 63 1.18 1.19 6.14
N ALA A 64 0.67 0.14 6.72
CA ALA A 64 1.58 -0.90 7.28
C ALA A 64 2.48 -1.43 6.17
N PHE A 65 1.96 -1.47 4.98
CA PHE A 65 2.77 -1.96 3.83
C PHE A 65 4.04 -1.11 3.67
N SER A 66 3.92 0.18 3.75
CA SER A 66 5.12 1.06 3.60
C SER A 66 6.00 0.96 4.84
N SER A 67 5.43 1.02 6.01
CA SER A 67 6.25 0.93 7.26
C SER A 67 6.85 -0.46 7.41
N ALA A 68 6.10 -1.49 7.12
CA ALA A 68 6.64 -2.87 7.27
C ALA A 68 7.68 -3.16 6.18
N LEU A 69 7.49 -2.63 5.00
CA LEU A 69 8.46 -2.89 3.90
C LEU A 69 9.73 -2.06 4.12
N TYR A 70 9.60 -0.83 4.53
CA TYR A 70 10.80 0.01 4.74
C TYR A 70 11.19 0.01 6.23
N GLY A 71 10.55 -0.81 7.02
CA GLY A 71 10.89 -0.85 8.47
C GLY A 71 12.23 -1.58 8.66
N GLU A 72 12.60 -2.41 7.72
CA GLU A 72 13.89 -3.16 7.85
C GLU A 72 15.06 -2.17 7.94
N SER A 73 14.95 -1.05 7.28
CA SER A 73 16.05 -0.05 7.33
C SER A 73 15.62 1.18 8.14
N ASP A 74 16.38 1.55 9.14
CA ASP A 74 16.01 2.72 9.96
C ASP A 74 16.42 4.02 9.25
N LEU A 75 15.49 4.91 9.05
CA LEU A 75 15.83 6.19 8.37
C LEU A 75 15.45 7.38 9.26
N GLY B 9 -1.75 10.05 -15.01
CA GLY B 9 -2.94 10.91 -14.75
C GLY B 9 -3.26 10.93 -13.26
N LYS B 10 -2.35 11.41 -12.46
CA LYS B 10 -2.59 11.46 -10.99
C LYS B 10 -2.78 10.05 -10.43
N LYS B 11 -3.91 9.45 -10.69
CA LYS B 11 -4.16 8.07 -10.18
C LYS B 11 -3.11 7.10 -10.75
N ALA B 12 -2.82 7.20 -12.01
CA ALA B 12 -1.81 6.27 -12.62
C ALA B 12 -0.47 6.44 -11.91
N GLU B 13 -0.14 7.64 -11.51
CA GLU B 13 1.16 7.86 -10.81
C GLU B 13 1.16 7.13 -9.47
N ALA B 14 0.06 7.17 -8.76
CA ALA B 14 -0.02 6.49 -7.44
C ALA B 14 0.15 4.98 -7.63
N VAL B 15 -0.52 4.41 -8.60
CA VAL B 15 -0.41 2.94 -8.81
C VAL B 15 1.04 2.58 -9.17
N ALA B 16 1.64 3.31 -10.05
CA ALA B 16 3.05 3.00 -10.43
C ALA B 16 3.95 3.06 -9.20
N THR B 17 3.68 3.95 -8.28
CA THR B 17 4.51 4.05 -7.06
C THR B 17 4.35 2.79 -6.21
N VAL B 18 3.14 2.30 -6.06
CA VAL B 18 2.92 1.07 -5.25
C VAL B 18 3.56 -0.14 -5.95
N VAL B 19 3.39 -0.25 -7.23
CA VAL B 19 3.97 -1.40 -7.97
C VAL B 19 5.50 -1.38 -7.84
N ALA B 20 6.12 -0.24 -8.00
CA ALA B 20 7.60 -0.17 -7.89
C ALA B 20 8.03 -0.52 -6.46
N ALA B 21 7.35 0.00 -5.48
CA ALA B 21 7.72 -0.29 -4.06
C ALA B 21 7.53 -1.78 -3.77
N VAL B 22 6.48 -2.37 -4.26
CA VAL B 22 6.24 -3.82 -4.01
C VAL B 22 7.31 -4.66 -4.72
N ASP B 23 7.62 -4.31 -5.93
CA ASP B 23 8.66 -5.09 -6.69
C ASP B 23 10.01 -4.99 -5.98
N GLN B 24 10.35 -3.83 -5.48
CA GLN B 24 11.65 -3.66 -4.78
C GLN B 24 11.77 -4.71 -3.66
N ALA B 25 10.77 -4.83 -2.83
CA ALA B 25 10.83 -5.83 -1.74
C ALA B 25 11.02 -7.23 -2.32
N ARG B 26 10.32 -7.54 -3.39
CA ARG B 26 10.46 -8.88 -4.01
C ARG B 26 11.90 -9.10 -4.47
N VAL B 27 12.47 -8.14 -5.15
CA VAL B 27 13.87 -8.29 -5.63
C VAL B 27 14.80 -8.54 -4.43
N ARG B 28 14.37 -8.18 -3.26
CA ARG B 28 15.21 -8.40 -2.05
C ARG B 28 16.58 -7.72 -2.23
N GLU B 29 16.60 -6.57 -2.84
CA GLU B 29 17.90 -5.86 -3.05
C GLU B 29 18.18 -4.90 -1.89
N PRO B 30 19.40 -4.91 -1.43
CA PRO B 30 19.76 -4.01 -0.31
C PRO B 30 20.19 -2.63 -0.82
N ARG B 31 19.29 -1.92 -1.45
CA ARG B 31 19.65 -0.57 -1.98
C ARG B 31 21.02 -0.62 -2.67
N MET A 3 11.89 19.59 0.09
CA MET A 3 12.33 20.86 0.74
C MET A 3 12.35 20.71 2.26
N ALA A 4 11.22 20.43 2.85
CA ALA A 4 11.18 20.26 4.33
C ALA A 4 11.58 18.84 4.72
N ASP A 5 11.10 17.86 4.00
CA ASP A 5 11.47 16.45 4.33
C ASP A 5 11.11 15.53 3.15
N THR A 6 12.08 14.86 2.59
CA THR A 6 11.79 13.95 1.44
C THR A 6 11.85 12.49 1.89
N ASP A 7 11.09 11.64 1.27
CA ASP A 7 11.10 10.21 1.65
C ASP A 7 10.40 9.36 0.59
N THR A 8 10.45 8.07 0.71
CA THR A 8 9.78 7.20 -0.31
C THR A 8 8.57 6.49 0.31
N ALA A 9 8.64 6.18 1.58
CA ALA A 9 7.50 5.48 2.23
C ALA A 9 6.28 6.40 2.26
N GLU A 10 6.46 7.64 2.63
CA GLU A 10 5.31 8.59 2.66
C GLU A 10 4.66 8.66 1.28
N GLN A 11 5.46 8.59 0.24
CA GLN A 11 4.89 8.67 -1.13
C GLN A 11 3.94 7.49 -1.38
N VAL A 12 4.32 6.31 -0.97
CA VAL A 12 3.43 5.13 -1.16
C VAL A 12 2.09 5.37 -0.48
N ILE A 13 2.12 5.86 0.73
CA ILE A 13 0.85 6.13 1.46
C ILE A 13 -0.02 7.09 0.65
N ALA A 14 0.54 8.16 0.20
CA ALA A 14 -0.25 9.12 -0.63
C ALA A 14 -0.74 8.40 -1.89
N SER A 15 0.08 7.56 -2.45
CA SER A 15 -0.34 6.79 -3.65
C SER A 15 -1.48 5.85 -3.28
N PHE A 16 -1.37 5.22 -2.13
CA PHE A 16 -2.46 4.30 -1.69
C PHE A 16 -3.73 5.10 -1.42
N ARG A 17 -3.60 6.21 -0.75
CA ARG A 17 -4.80 7.05 -0.48
C ARG A 17 -5.54 7.32 -1.78
N ILE A 18 -4.80 7.61 -2.82
CA ILE A 18 -5.44 7.88 -4.15
C ILE A 18 -6.26 6.66 -4.57
N LEU A 19 -5.71 5.48 -4.44
CA LEU A 19 -6.46 4.26 -4.83
C LEU A 19 -7.67 4.10 -3.91
N ALA A 20 -7.49 4.33 -2.65
CA ALA A 20 -8.63 4.19 -1.70
C ALA A 20 -9.64 5.32 -1.91
N SER A 21 -9.30 6.28 -2.74
CA SER A 21 -10.24 7.41 -2.99
C SER A 21 -10.37 8.28 -1.73
N ASP A 22 -9.30 8.92 -1.32
CA ASP A 22 -9.36 9.78 -0.11
C ASP A 22 -9.81 8.95 1.10
N LYS A 23 -9.02 8.01 1.52
CA LYS A 23 -9.41 7.19 2.70
C LYS A 23 -8.16 6.66 3.42
N PRO A 24 -8.25 6.61 4.72
CA PRO A 24 -7.08 6.11 5.49
C PRO A 24 -6.98 4.58 5.37
N TYR A 25 -7.85 3.98 4.61
CA TYR A 25 -7.81 2.50 4.45
C TYR A 25 -8.12 2.12 3.00
N ILE A 26 -7.77 0.93 2.59
CA ILE A 26 -8.05 0.51 1.19
C ILE A 26 -8.72 -0.88 1.19
N LEU A 27 -9.68 -1.09 0.35
CA LEU A 27 -10.37 -2.41 0.30
C LEU A 27 -9.55 -3.41 -0.52
N ALA A 28 -9.62 -4.66 -0.17
CA ALA A 28 -8.85 -5.69 -0.93
C ALA A 28 -9.35 -5.75 -2.38
N GLU A 29 -10.63 -5.74 -2.57
CA GLU A 29 -11.18 -5.79 -3.95
C GLU A 29 -10.62 -4.63 -4.77
N GLU A 30 -10.45 -3.50 -4.15
CA GLU A 30 -9.90 -2.32 -4.89
C GLU A 30 -8.49 -2.63 -5.38
N LEU A 31 -7.68 -3.25 -4.56
CA LEU A 31 -6.30 -3.59 -4.99
C LEU A 31 -6.34 -4.46 -6.24
N ARG A 32 -7.34 -5.30 -6.34
CA ARG A 32 -7.45 -6.18 -7.54
C ARG A 32 -7.73 -5.32 -8.78
N ARG A 33 -8.56 -4.31 -8.63
CA ARG A 33 -8.89 -3.46 -9.80
C ARG A 33 -8.00 -2.20 -9.82
N GLU A 34 -7.31 -1.93 -8.75
CA GLU A 34 -6.45 -0.72 -8.71
C GLU A 34 -4.99 -1.09 -9.05
N LEU A 35 -4.62 -2.33 -8.85
CA LEU A 35 -3.23 -2.74 -9.17
C LEU A 35 -3.23 -4.09 -9.89
N PRO A 36 -2.17 -4.34 -10.62
CA PRO A 36 -2.10 -5.63 -11.35
C PRO A 36 -2.50 -6.78 -10.42
N PRO A 37 -2.64 -7.94 -11.00
CA PRO A 37 -3.02 -9.12 -10.18
C PRO A 37 -1.92 -9.45 -9.17
N ASP A 38 -0.69 -9.39 -9.58
CA ASP A 38 0.42 -9.71 -8.64
C ASP A 38 0.50 -8.66 -7.52
N GLN A 39 0.31 -7.42 -7.85
CA GLN A 39 0.38 -6.36 -6.80
C GLN A 39 -0.82 -6.46 -5.86
N ALA A 40 -1.98 -6.78 -6.38
CA ALA A 40 -3.18 -6.90 -5.51
C ALA A 40 -2.96 -7.97 -4.44
N GLN A 41 -2.45 -9.11 -4.83
CA GLN A 41 -2.22 -10.20 -3.83
C GLN A 41 -1.14 -9.79 -2.82
N TYR A 42 -0.07 -9.20 -3.29
CA TYR A 42 1.02 -8.77 -2.37
C TYR A 42 0.52 -7.68 -1.42
N CYS A 43 -0.23 -6.74 -1.93
CA CYS A 43 -0.74 -5.64 -1.06
C CYS A 43 -1.67 -6.20 0.03
N ILE A 44 -2.59 -7.04 -0.34
CA ILE A 44 -3.52 -7.61 0.67
C ILE A 44 -2.80 -8.63 1.56
N LYS A 45 -1.64 -9.06 1.16
CA LYS A 45 -0.88 -10.06 1.99
C LYS A 45 -0.26 -9.38 3.21
N ARG A 46 -0.08 -8.09 3.16
CA ARG A 46 0.53 -7.39 4.33
C ARG A 46 -0.49 -6.46 4.98
N MET A 47 -1.16 -5.64 4.19
CA MET A 47 -2.19 -4.71 4.75
C MET A 47 -2.92 -5.33 5.94
N PRO A 48 -2.46 -4.99 7.11
CA PRO A 48 -3.10 -5.54 8.33
C PRO A 48 -4.58 -5.14 8.36
N ALA A 49 -5.16 -5.06 9.52
CA ALA A 49 -6.60 -4.68 9.62
C ALA A 49 -6.72 -3.19 9.95
N TYR A 50 -7.49 -2.47 9.17
CA TYR A 50 -7.67 -1.01 9.45
C TYR A 50 -7.84 -0.77 10.95
N SER A 51 -7.35 0.33 11.45
CA SER A 51 -7.49 0.61 12.92
C SER A 51 -8.36 1.84 13.14
N GLY A 52 -8.97 2.35 12.11
CA GLY A 52 -9.84 3.55 12.27
C GLY A 52 -11.30 3.12 12.35
N PRO A 53 -12.01 3.77 13.24
CA PRO A 53 -13.46 3.42 13.39
C PRO A 53 -14.27 4.07 12.27
N GLY A 54 -15.41 3.50 11.95
CA GLY A 54 -16.25 4.08 10.86
C GLY A 54 -15.99 3.32 9.56
N SER A 55 -14.82 2.78 9.41
CA SER A 55 -14.50 2.04 8.16
C SER A 55 -15.51 0.93 7.92
N VAL A 56 -15.13 -0.06 7.16
CA VAL A 56 -16.07 -1.19 6.88
C VAL A 56 -15.51 -2.50 7.45
N PRO A 57 -16.26 -3.56 7.26
CA PRO A 57 -15.78 -4.87 7.79
C PRO A 57 -14.80 -5.51 6.80
N GLY A 58 -14.35 -4.76 5.82
CA GLY A 58 -13.39 -5.32 4.83
C GLY A 58 -12.37 -4.24 4.44
N ALA A 59 -11.91 -3.48 5.40
CA ALA A 59 -10.92 -2.42 5.09
C ALA A 59 -9.56 -2.77 5.69
N LEU A 60 -8.51 -2.63 4.93
CA LEU A 60 -7.15 -2.96 5.45
C LEU A 60 -6.28 -1.70 5.49
N ASP A 61 -5.23 -1.70 6.27
CA ASP A 61 -4.36 -0.49 6.34
C ASP A 61 -3.04 -0.74 5.61
N TYR A 62 -2.84 -0.10 4.49
CA TYR A 62 -1.58 -0.28 3.72
C TYR A 62 -0.44 0.47 4.41
N ALA A 63 -0.76 1.51 5.13
CA ALA A 63 0.31 2.29 5.83
C ALA A 63 1.13 1.37 6.73
N ALA A 64 0.50 0.44 7.39
CA ALA A 64 1.24 -0.49 8.29
C ALA A 64 2.17 -1.37 7.45
N PHE A 65 1.69 -1.80 6.32
CA PHE A 65 2.53 -2.66 5.43
C PHE A 65 3.65 -1.83 4.79
N SER A 66 3.36 -0.59 4.48
CA SER A 66 4.41 0.27 3.85
C SER A 66 5.66 0.33 4.71
N SER A 67 5.51 0.61 5.98
CA SER A 67 6.70 0.68 6.87
C SER A 67 7.51 -0.62 6.81
N ALA A 68 6.84 -1.75 6.85
CA ALA A 68 7.57 -3.04 6.79
C ALA A 68 8.42 -3.13 5.53
N LEU A 69 7.91 -2.64 4.43
CA LEU A 69 8.69 -2.70 3.16
C LEU A 69 10.01 -1.92 3.31
N TYR A 70 9.98 -0.82 4.00
CA TYR A 70 11.22 -0.02 4.18
C TYR A 70 12.01 -0.53 5.39
N GLY A 71 11.35 -1.19 6.30
CA GLY A 71 12.07 -1.71 7.50
C GLY A 71 11.66 -0.88 8.73
N GLU A 72 11.60 0.40 8.60
CA GLU A 72 11.21 1.25 9.76
C GLU A 72 11.02 2.71 9.32
N SER A 73 9.81 3.10 9.03
CA SER A 73 9.56 4.50 8.59
C SER A 73 9.97 5.48 9.70
N ASP A 74 9.26 5.48 10.79
CA ASP A 74 9.61 6.41 11.90
C ASP A 74 10.91 5.96 12.56
N LEU A 75 11.99 6.65 12.29
CA LEU A 75 13.29 6.25 12.90
C LEU A 75 13.59 4.78 12.65
N GLY B 9 -6.24 14.83 -12.44
CA GLY B 9 -6.15 13.59 -11.61
C GLY B 9 -4.76 12.97 -11.78
N LYS B 10 -4.55 11.81 -11.19
CA LYS B 10 -3.21 11.16 -11.31
C LYS B 10 -3.25 9.76 -10.68
N LYS B 11 -4.37 9.10 -10.78
CA LYS B 11 -4.48 7.73 -10.19
C LYS B 11 -3.43 6.81 -10.81
N ALA B 12 -3.24 6.90 -12.10
CA ALA B 12 -2.23 6.03 -12.76
C ALA B 12 -0.84 6.31 -12.19
N GLU B 13 -0.55 7.54 -11.87
CA GLU B 13 0.78 7.88 -11.32
C GLU B 13 0.97 7.21 -9.96
N ALA B 14 -0.04 7.22 -9.12
CA ALA B 14 0.09 6.57 -7.79
C ALA B 14 0.32 5.07 -7.96
N VAL B 15 -0.28 4.47 -8.94
CA VAL B 15 -0.10 3.00 -9.17
C VAL B 15 1.38 2.70 -9.45
N ALA B 16 2.01 3.51 -10.27
CA ALA B 16 3.44 3.28 -10.58
C ALA B 16 4.29 3.30 -9.31
N THR B 17 4.04 4.24 -8.45
CA THR B 17 4.84 4.32 -7.18
C THR B 17 4.56 3.09 -6.31
N VAL B 18 3.31 2.76 -6.11
CA VAL B 18 2.99 1.58 -5.27
C VAL B 18 3.58 0.30 -5.89
N VAL B 19 3.44 0.15 -7.18
CA VAL B 19 3.99 -1.07 -7.85
C VAL B 19 5.51 -1.11 -7.70
N ALA B 20 6.18 -0.01 -7.96
CA ALA B 20 7.66 0.00 -7.84
C ALA B 20 8.08 -0.43 -6.43
N ALA B 21 7.40 0.04 -5.44
CA ALA B 21 7.76 -0.35 -4.03
C ALA B 21 7.47 -1.83 -3.82
N VAL B 22 6.34 -2.30 -4.27
CA VAL B 22 6.01 -3.75 -4.08
C VAL B 22 6.99 -4.62 -4.89
N ASP B 23 7.25 -4.26 -6.12
CA ASP B 23 8.18 -5.07 -6.94
C ASP B 23 9.54 -5.19 -6.26
N GLN B 24 9.96 -4.16 -5.57
CA GLN B 24 11.27 -4.22 -4.87
C GLN B 24 11.27 -5.35 -3.84
N ALA B 25 10.28 -5.39 -3.00
CA ALA B 25 10.22 -6.48 -1.96
C ALA B 25 10.19 -7.86 -2.63
N ARG B 26 9.53 -7.96 -3.75
CA ARG B 26 9.45 -9.28 -4.45
C ARG B 26 10.82 -9.65 -5.04
N VAL B 27 11.58 -8.68 -5.45
CA VAL B 27 12.92 -8.97 -6.05
C VAL B 27 13.76 -9.82 -5.09
N ARG B 28 13.48 -9.74 -3.83
CA ARG B 28 14.26 -10.54 -2.84
C ARG B 28 13.45 -11.77 -2.41
N GLU B 29 12.48 -12.16 -3.18
CA GLU B 29 11.66 -13.35 -2.82
C GLU B 29 12.01 -14.52 -3.73
N PRO B 30 11.97 -15.70 -3.17
CA PRO B 30 12.29 -16.90 -3.99
C PRO B 30 11.05 -17.41 -4.71
N ARG B 31 10.82 -16.96 -5.92
CA ARG B 31 9.61 -17.42 -6.67
C ARG B 31 9.97 -18.63 -7.54
N MET A 3 5.84 18.22 -2.89
CA MET A 3 7.28 17.93 -2.58
C MET A 3 7.43 17.51 -1.12
N ALA A 4 8.58 17.05 -0.73
CA ALA A 4 8.79 16.63 0.69
C ALA A 4 10.29 16.48 0.98
N ASP A 5 10.64 15.60 1.88
CA ASP A 5 12.08 15.41 2.20
C ASP A 5 12.27 14.10 2.98
N THR A 6 13.12 13.24 2.50
CA THR A 6 13.36 11.95 3.21
C THR A 6 12.02 11.36 3.67
N ASP A 7 11.25 10.83 2.76
CA ASP A 7 9.94 10.23 3.14
C ASP A 7 9.87 8.77 2.69
N THR A 8 9.73 8.54 1.41
CA THR A 8 9.65 7.14 0.90
C THR A 8 8.37 6.47 1.40
N ALA A 9 8.23 6.31 2.69
CA ALA A 9 7.01 5.66 3.24
C ALA A 9 5.80 6.57 2.99
N GLU A 10 5.92 7.84 3.26
CA GLU A 10 4.79 8.78 3.04
C GLU A 10 4.34 8.71 1.58
N GLN A 11 5.26 8.54 0.66
CA GLN A 11 4.89 8.47 -0.77
C GLN A 11 3.96 7.27 -1.02
N VAL A 12 4.31 6.12 -0.51
CA VAL A 12 3.45 4.93 -0.71
C VAL A 12 2.05 5.19 -0.16
N ILE A 13 1.96 5.83 0.98
CA ILE A 13 0.63 6.14 1.56
C ILE A 13 -0.13 7.07 0.64
N ALA A 14 0.50 8.12 0.19
CA ALA A 14 -0.20 9.06 -0.73
C ALA A 14 -0.66 8.28 -1.96
N SER A 15 0.14 7.36 -2.42
CA SER A 15 -0.27 6.54 -3.60
C SER A 15 -1.46 5.67 -3.19
N PHE A 16 -1.41 5.12 -2.00
CA PHE A 16 -2.54 4.26 -1.54
C PHE A 16 -3.79 5.13 -1.33
N ARG A 17 -3.62 6.29 -0.76
CA ARG A 17 -4.79 7.18 -0.54
C ARG A 17 -5.55 7.37 -1.86
N ILE A 18 -4.83 7.60 -2.93
CA ILE A 18 -5.50 7.78 -4.24
C ILE A 18 -6.30 6.52 -4.60
N LEU A 19 -5.74 5.37 -4.38
CA LEU A 19 -6.47 4.10 -4.70
C LEU A 19 -7.69 3.97 -3.79
N ALA A 20 -7.54 4.29 -2.53
CA ALA A 20 -8.68 4.17 -1.59
C ALA A 20 -9.56 5.43 -1.67
N SER A 21 -9.37 6.23 -2.68
CA SER A 21 -10.20 7.48 -2.81
C SER A 21 -10.04 8.36 -1.57
N ASP A 22 -8.89 8.95 -1.40
CA ASP A 22 -8.67 9.82 -0.20
C ASP A 22 -9.20 9.15 1.06
N LYS A 23 -8.75 7.96 1.35
CA LYS A 23 -9.24 7.26 2.57
C LYS A 23 -8.05 6.65 3.32
N PRO A 24 -8.12 6.72 4.62
CA PRO A 24 -7.02 6.16 5.44
C PRO A 24 -6.98 4.64 5.32
N TYR A 25 -7.92 4.06 4.62
CA TYR A 25 -7.92 2.57 4.46
C TYR A 25 -8.29 2.20 3.03
N ILE A 26 -7.92 1.02 2.60
CA ILE A 26 -8.26 0.58 1.22
C ILE A 26 -8.82 -0.84 1.26
N LEU A 27 -9.85 -1.11 0.50
CA LEU A 27 -10.45 -2.47 0.52
C LEU A 27 -9.65 -3.40 -0.41
N ALA A 28 -9.44 -4.62 0.01
CA ALA A 28 -8.67 -5.58 -0.83
C ALA A 28 -9.32 -5.68 -2.21
N GLU A 29 -10.62 -5.61 -2.29
CA GLU A 29 -11.30 -5.70 -3.60
C GLU A 29 -10.84 -4.56 -4.51
N GLU A 30 -10.65 -3.39 -3.97
CA GLU A 30 -10.21 -2.24 -4.79
C GLU A 30 -8.78 -2.51 -5.31
N LEU A 31 -7.94 -3.06 -4.48
CA LEU A 31 -6.56 -3.36 -4.92
C LEU A 31 -6.59 -4.31 -6.12
N ARG A 32 -7.54 -5.19 -6.15
CA ARG A 32 -7.65 -6.15 -7.28
C ARG A 32 -8.05 -5.40 -8.56
N ARG A 33 -8.86 -4.38 -8.44
CA ARG A 33 -9.28 -3.62 -9.64
C ARG A 33 -8.38 -2.40 -9.85
N GLU A 34 -7.89 -1.82 -8.79
CA GLU A 34 -7.01 -0.63 -8.93
C GLU A 34 -5.56 -1.05 -9.22
N LEU A 35 -5.19 -2.25 -8.86
CA LEU A 35 -3.80 -2.71 -9.12
C LEU A 35 -3.82 -4.09 -9.80
N PRO A 36 -2.84 -4.31 -10.63
CA PRO A 36 -2.78 -5.62 -11.33
C PRO A 36 -3.01 -6.75 -10.33
N PRO A 37 -3.23 -7.92 -10.87
CA PRO A 37 -3.47 -9.10 -9.99
C PRO A 37 -2.24 -9.37 -9.11
N ASP A 38 -1.06 -9.18 -9.64
CA ASP A 38 0.16 -9.44 -8.85
C ASP A 38 0.26 -8.45 -7.67
N GLN A 39 0.04 -7.19 -7.93
CA GLN A 39 0.12 -6.20 -6.81
C GLN A 39 -1.05 -6.39 -5.85
N ALA A 40 -2.22 -6.67 -6.36
CA ALA A 40 -3.39 -6.87 -5.46
C ALA A 40 -3.12 -8.02 -4.49
N GLN A 41 -2.65 -9.14 -4.99
CA GLN A 41 -2.37 -10.29 -4.08
C GLN A 41 -1.27 -9.92 -3.08
N TYR A 42 -0.20 -9.34 -3.55
CA TYR A 42 0.90 -8.95 -2.62
C TYR A 42 0.42 -7.85 -1.67
N CYS A 43 -0.22 -6.85 -2.19
CA CYS A 43 -0.71 -5.74 -1.32
C CYS A 43 -1.78 -6.26 -0.34
N ILE A 44 -2.71 -7.03 -0.83
CA ILE A 44 -3.78 -7.57 0.06
C ILE A 44 -3.20 -8.59 1.03
N LYS A 45 -1.99 -9.03 0.80
CA LYS A 45 -1.37 -10.03 1.70
C LYS A 45 -0.76 -9.34 2.93
N ARG A 46 -0.13 -8.22 2.74
CA ARG A 46 0.49 -7.50 3.89
C ARG A 46 -0.54 -6.62 4.60
N MET A 47 -1.09 -5.64 3.91
CA MET A 47 -2.10 -4.73 4.51
C MET A 47 -2.88 -5.42 5.64
N PRO A 48 -2.52 -5.08 6.85
CA PRO A 48 -3.22 -5.69 8.01
C PRO A 48 -4.72 -5.42 7.92
N ALA A 49 -5.43 -5.54 9.01
CA ALA A 49 -6.90 -5.29 8.97
C ALA A 49 -7.21 -3.87 9.46
N TYR A 50 -6.53 -2.90 8.93
CA TYR A 50 -6.79 -1.49 9.36
C TYR A 50 -6.78 -1.39 10.89
N SER A 51 -6.95 -0.20 11.41
CA SER A 51 -6.95 -0.04 12.89
C SER A 51 -8.18 0.74 13.34
N GLY A 52 -8.35 0.93 14.62
CA GLY A 52 -9.54 1.69 15.11
C GLY A 52 -10.46 0.74 15.88
N PRO A 53 -11.64 1.23 16.19
CA PRO A 53 -12.60 0.38 16.94
C PRO A 53 -13.17 -0.71 16.02
N GLY A 54 -14.21 -0.41 15.31
CA GLY A 54 -14.80 -1.43 14.40
C GLY A 54 -14.91 -0.85 12.98
N SER A 55 -13.84 -0.91 12.24
CA SER A 55 -13.84 -0.37 10.86
C SER A 55 -14.96 -1.01 10.03
N VAL A 56 -14.83 -1.00 8.74
CA VAL A 56 -15.88 -1.62 7.87
C VAL A 56 -15.77 -3.14 7.90
N PRO A 57 -16.34 -3.76 6.90
CA PRO A 57 -16.29 -5.24 6.84
C PRO A 57 -15.18 -5.70 5.88
N GLY A 58 -13.99 -5.22 6.06
CA GLY A 58 -12.87 -5.63 5.16
C GLY A 58 -11.97 -4.43 4.87
N ALA A 59 -11.60 -3.68 5.86
CA ALA A 59 -10.72 -2.50 5.62
C ALA A 59 -9.27 -2.85 5.96
N LEU A 60 -8.37 -2.68 5.04
CA LEU A 60 -6.94 -3.00 5.31
C LEU A 60 -6.10 -1.73 5.37
N ASP A 61 -5.01 -1.75 6.07
CA ASP A 61 -4.15 -0.52 6.16
C ASP A 61 -2.90 -0.70 5.31
N TYR A 62 -2.79 0.03 4.23
CA TYR A 62 -1.58 -0.07 3.37
C TYR A 62 -0.40 0.60 4.08
N ALA A 63 -0.69 1.42 5.06
CA ALA A 63 0.41 2.10 5.80
C ALA A 63 1.36 1.05 6.36
N ALA A 64 0.84 -0.08 6.77
CA ALA A 64 1.72 -1.15 7.30
C ALA A 64 2.71 -1.56 6.23
N PHE A 65 2.30 -1.51 4.99
CA PHE A 65 3.20 -1.90 3.87
C PHE A 65 4.40 -0.96 3.82
N SER A 66 4.17 0.33 3.86
CA SER A 66 5.30 1.30 3.80
C SER A 66 6.20 1.13 5.02
N SER A 67 5.63 1.04 6.20
CA SER A 67 6.45 0.87 7.43
C SER A 67 7.16 -0.49 7.42
N ALA A 68 6.50 -1.51 6.96
CA ALA A 68 7.14 -2.86 6.94
C ALA A 68 8.24 -2.91 5.87
N LEU A 69 7.96 -2.37 4.70
CA LEU A 69 8.99 -2.39 3.62
C LEU A 69 10.11 -1.38 3.93
N TYR A 70 9.75 -0.20 4.35
CA TYR A 70 10.78 0.83 4.66
C TYR A 70 11.04 0.88 6.16
N GLY A 71 10.59 -0.11 6.90
CA GLY A 71 10.80 -0.10 8.37
C GLY A 71 12.25 0.28 8.69
N GLU A 72 12.45 1.43 9.27
CA GLU A 72 13.84 1.85 9.61
C GLU A 72 13.99 2.04 11.12
N SER A 73 12.89 2.15 11.82
CA SER A 73 12.96 2.32 13.30
C SER A 73 11.55 2.46 13.89
N ASP A 74 11.09 1.45 14.58
CA ASP A 74 9.73 1.51 15.18
C ASP A 74 9.72 2.45 16.39
N LEU A 75 8.72 3.27 16.50
CA LEU A 75 8.66 4.21 17.66
C LEU A 75 7.28 4.89 17.71
N GLY B 9 -7.36 11.71 -12.55
CA GLY B 9 -6.31 12.74 -12.33
C GLY B 9 -4.93 12.08 -12.40
N LYS B 10 -4.32 11.83 -11.27
CA LYS B 10 -2.97 11.18 -11.28
C LYS B 10 -3.05 9.79 -10.65
N LYS B 11 -4.13 9.09 -10.87
CA LYS B 11 -4.26 7.71 -10.28
C LYS B 11 -3.20 6.78 -10.88
N ALA B 12 -3.03 6.81 -12.18
CA ALA B 12 -2.02 5.93 -12.82
C ALA B 12 -0.64 6.16 -12.18
N GLU B 13 -0.29 7.39 -11.94
CA GLU B 13 1.03 7.68 -11.32
C GLU B 13 1.13 7.02 -9.94
N ALA B 14 0.07 7.07 -9.17
CA ALA B 14 0.11 6.44 -7.82
C ALA B 14 0.32 4.94 -7.95
N VAL B 15 -0.26 4.33 -8.95
CA VAL B 15 -0.08 2.86 -9.13
C VAL B 15 1.37 2.53 -9.45
N ALA B 16 1.97 3.28 -10.33
CA ALA B 16 3.40 3.02 -10.69
C ALA B 16 4.29 3.10 -9.45
N THR B 17 4.02 4.04 -8.58
CA THR B 17 4.84 4.17 -7.35
C THR B 17 4.56 3.00 -6.40
N VAL B 18 3.33 2.61 -6.28
CA VAL B 18 2.99 1.47 -5.37
C VAL B 18 3.58 0.18 -5.91
N VAL B 19 3.43 -0.07 -7.19
CA VAL B 19 3.99 -1.33 -7.77
C VAL B 19 5.52 -1.35 -7.63
N ALA B 20 6.15 -0.24 -7.92
CA ALA B 20 7.64 -0.19 -7.81
C ALA B 20 8.07 -0.53 -6.38
N ALA B 21 7.35 -0.07 -5.41
CA ALA B 21 7.73 -0.36 -3.99
C ALA B 21 7.54 -1.86 -3.70
N VAL B 22 6.49 -2.45 -4.19
CA VAL B 22 6.27 -3.90 -3.94
C VAL B 22 7.35 -4.73 -4.63
N ASP B 23 7.72 -4.36 -5.83
CA ASP B 23 8.78 -5.14 -6.55
C ASP B 23 10.09 -5.10 -5.78
N GLN B 24 10.35 -4.01 -5.09
CA GLN B 24 11.62 -3.91 -4.31
C GLN B 24 11.65 -4.98 -3.21
N ALA B 25 10.54 -5.22 -2.57
CA ALA B 25 10.51 -6.25 -1.48
C ALA B 25 10.76 -7.64 -2.06
N ARG B 26 10.23 -7.92 -3.22
CA ARG B 26 10.44 -9.27 -3.83
C ARG B 26 11.94 -9.54 -4.02
N VAL B 27 12.68 -8.55 -4.42
CA VAL B 27 14.15 -8.76 -4.63
C VAL B 27 14.83 -9.13 -3.32
N ARG B 28 14.22 -8.81 -2.21
CA ARG B 28 14.83 -9.14 -0.89
C ARG B 28 13.86 -10.00 -0.07
N GLU B 29 13.06 -10.80 -0.72
CA GLU B 29 12.10 -11.67 0.03
C GLU B 29 12.84 -12.88 0.61
N PRO B 30 13.03 -12.84 1.90
CA PRO B 30 13.74 -13.97 2.55
C PRO B 30 12.97 -15.28 2.33
N ARG B 31 13.65 -16.32 1.93
CA ARG B 31 12.96 -17.62 1.70
C ARG B 31 13.73 -18.76 2.36
N MET A 3 -1.74 6.38 7.64
CA MET A 3 -0.91 7.42 8.31
C MET A 3 0.37 6.78 8.87
N ALA A 4 1.49 7.07 8.25
CA ALA A 4 2.78 6.49 8.75
C ALA A 4 3.83 7.60 8.90
N ASP A 5 5.06 7.30 8.60
CA ASP A 5 6.12 8.33 8.73
C ASP A 5 6.28 9.10 7.41
N THR A 6 7.35 9.83 7.27
CA THR A 6 7.56 10.61 6.01
C THR A 6 8.55 9.86 5.10
N ASP A 7 9.37 10.59 4.39
CA ASP A 7 10.35 9.93 3.49
C ASP A 7 9.63 9.21 2.35
N THR A 8 10.33 8.40 1.60
CA THR A 8 9.68 7.68 0.47
C THR A 8 8.40 6.98 0.95
N ALA A 9 8.31 6.70 2.22
CA ALA A 9 7.08 6.03 2.74
C ALA A 9 5.87 6.94 2.52
N GLU A 10 6.01 8.20 2.82
CA GLU A 10 4.88 9.15 2.61
C GLU A 10 4.42 9.09 1.16
N GLN A 11 5.35 8.93 0.25
CA GLN A 11 4.97 8.87 -1.19
C GLN A 11 4.06 7.67 -1.45
N VAL A 12 4.44 6.52 -0.96
CA VAL A 12 3.59 5.30 -1.17
C VAL A 12 2.20 5.54 -0.56
N ILE A 13 2.16 6.04 0.63
CA ILE A 13 0.84 6.31 1.28
C ILE A 13 0.02 7.25 0.39
N ALA A 14 0.61 8.32 -0.05
CA ALA A 14 -0.14 9.27 -0.94
C ALA A 14 -0.61 8.50 -2.17
N SER A 15 0.24 7.69 -2.73
CA SER A 15 -0.19 6.89 -3.92
C SER A 15 -1.32 5.95 -3.51
N PHE A 16 -1.23 5.40 -2.33
CA PHE A 16 -2.31 4.48 -1.85
C PHE A 16 -3.58 5.29 -1.59
N ARG A 17 -3.45 6.46 -1.01
CA ARG A 17 -4.65 7.28 -0.74
C ARG A 17 -5.43 7.50 -2.04
N ILE A 18 -4.75 7.76 -3.11
CA ILE A 18 -5.46 7.95 -4.41
C ILE A 18 -6.28 6.69 -4.70
N LEU A 19 -5.69 5.54 -4.52
CA LEU A 19 -6.42 4.27 -4.77
C LEU A 19 -7.55 4.12 -3.75
N ALA A 20 -7.28 4.46 -2.52
CA ALA A 20 -8.33 4.34 -1.46
C ALA A 20 -9.39 5.43 -1.65
N SER A 21 -9.11 6.40 -2.49
CA SER A 21 -10.10 7.49 -2.71
C SER A 21 -10.27 8.32 -1.44
N ASP A 22 -9.23 8.99 -1.01
CA ASP A 22 -9.34 9.82 0.23
C ASP A 22 -9.91 8.99 1.38
N LYS A 23 -9.22 7.95 1.78
CA LYS A 23 -9.73 7.11 2.89
C LYS A 23 -8.57 6.66 3.78
N PRO A 24 -8.81 6.65 5.06
CA PRO A 24 -7.73 6.23 5.98
C PRO A 24 -7.33 4.77 5.71
N TYR A 25 -8.11 4.09 4.91
CA TYR A 25 -7.78 2.66 4.61
C TYR A 25 -8.12 2.34 3.15
N ILE A 26 -8.01 1.09 2.77
CA ILE A 26 -8.33 0.71 1.36
C ILE A 26 -8.99 -0.67 1.33
N LEU A 27 -9.99 -0.84 0.51
CA LEU A 27 -10.68 -2.16 0.44
C LEU A 27 -9.86 -3.13 -0.43
N ALA A 28 -9.84 -4.37 -0.06
CA ALA A 28 -9.05 -5.37 -0.86
C ALA A 28 -9.60 -5.49 -2.28
N GLU A 29 -10.90 -5.39 -2.44
CA GLU A 29 -11.49 -5.50 -3.80
C GLU A 29 -11.05 -4.31 -4.66
N GLU A 30 -10.93 -3.16 -4.07
CA GLU A 30 -10.49 -1.97 -4.87
C GLU A 30 -9.04 -2.11 -5.29
N LEU A 31 -8.17 -2.40 -4.35
CA LEU A 31 -6.73 -2.57 -4.71
C LEU A 31 -6.55 -3.82 -5.58
N ARG A 32 -7.35 -4.83 -5.34
CA ARG A 32 -7.22 -6.08 -6.14
C ARG A 32 -7.57 -5.82 -7.61
N ARG A 33 -8.51 -4.93 -7.86
CA ARG A 33 -8.90 -4.64 -9.27
C ARG A 33 -8.11 -3.43 -9.80
N GLU A 34 -7.40 -2.75 -8.96
CA GLU A 34 -6.63 -1.55 -9.42
C GLU A 34 -5.16 -1.88 -9.64
N LEU A 35 -4.66 -2.90 -8.99
CA LEU A 35 -3.23 -3.26 -9.16
C LEU A 35 -3.10 -4.58 -9.92
N PRO A 36 -2.02 -4.71 -10.64
CA PRO A 36 -1.81 -5.96 -11.39
C PRO A 36 -2.08 -7.16 -10.49
N PRO A 37 -2.63 -8.19 -11.08
CA PRO A 37 -2.94 -9.41 -10.30
C PRO A 37 -1.82 -9.69 -9.27
N ASP A 38 -0.60 -9.64 -9.70
CA ASP A 38 0.53 -9.91 -8.75
C ASP A 38 0.63 -8.82 -7.68
N GLN A 39 0.57 -7.58 -8.07
CA GLN A 39 0.68 -6.48 -7.06
C GLN A 39 -0.57 -6.42 -6.19
N ALA A 40 -1.73 -6.54 -6.78
CA ALA A 40 -2.99 -6.49 -5.99
C ALA A 40 -3.01 -7.61 -4.94
N GLN A 41 -2.63 -8.80 -5.32
CA GLN A 41 -2.64 -9.93 -4.35
C GLN A 41 -1.60 -9.70 -3.24
N TYR A 42 -0.42 -9.26 -3.60
CA TYR A 42 0.62 -9.02 -2.56
C TYR A 42 0.16 -7.96 -1.57
N CYS A 43 -0.42 -6.90 -2.04
CA CYS A 43 -0.89 -5.83 -1.10
C CYS A 43 -1.89 -6.40 -0.10
N ILE A 44 -2.79 -7.23 -0.53
CA ILE A 44 -3.79 -7.82 0.41
C ILE A 44 -3.09 -8.73 1.43
N LYS A 45 -1.92 -9.20 1.11
CA LYS A 45 -1.19 -10.10 2.05
C LYS A 45 -0.40 -9.29 3.08
N ARG A 46 0.13 -8.15 2.69
CA ARG A 46 0.91 -7.33 3.64
C ARG A 46 -0.02 -6.62 4.64
N MET A 47 -0.78 -5.66 4.18
CA MET A 47 -1.70 -4.93 5.08
C MET A 47 -2.30 -5.85 6.14
N PRO A 48 -2.01 -5.53 7.37
CA PRO A 48 -2.56 -6.35 8.48
C PRO A 48 -4.07 -6.12 8.57
N ALA A 49 -4.65 -6.31 9.73
CA ALA A 49 -6.10 -6.10 9.88
C ALA A 49 -6.38 -4.71 10.45
N TYR A 50 -6.98 -3.84 9.68
CA TYR A 50 -7.27 -2.47 10.18
C TYR A 50 -7.79 -2.52 11.63
N SER A 51 -7.43 -1.55 12.43
CA SER A 51 -7.91 -1.56 13.85
C SER A 51 -8.01 -0.13 14.37
N GLY A 52 -8.19 0.83 13.49
CA GLY A 52 -8.31 2.24 13.94
C GLY A 52 -9.77 2.70 13.83
N PRO A 53 -9.95 3.99 13.91
CA PRO A 53 -11.33 4.52 13.80
C PRO A 53 -11.83 4.43 12.36
N GLY A 54 -13.11 4.58 12.15
CA GLY A 54 -13.65 4.51 10.77
C GLY A 54 -13.77 3.04 10.34
N SER A 55 -13.54 2.14 11.25
CA SER A 55 -13.64 0.69 10.93
C SER A 55 -14.76 0.42 9.94
N VAL A 56 -14.52 -0.45 9.00
CA VAL A 56 -15.57 -0.79 8.00
C VAL A 56 -15.52 -2.27 7.66
N PRO A 57 -16.24 -2.65 6.64
CA PRO A 57 -16.26 -4.09 6.25
C PRO A 57 -15.21 -4.37 5.16
N GLY A 58 -14.22 -5.17 5.48
CA GLY A 58 -13.19 -5.49 4.47
C GLY A 58 -12.13 -4.37 4.42
N ALA A 59 -11.86 -3.74 5.52
CA ALA A 59 -10.86 -2.64 5.52
C ALA A 59 -9.46 -3.20 5.83
N LEU A 60 -8.46 -2.73 5.12
CA LEU A 60 -7.07 -3.22 5.38
C LEU A 60 -6.15 -2.03 5.66
N ASP A 61 -5.03 -2.24 6.28
CA ASP A 61 -4.12 -1.11 6.57
C ASP A 61 -2.90 -1.12 5.66
N TYR A 62 -2.81 -0.17 4.76
CA TYR A 62 -1.64 -0.10 3.84
C TYR A 62 -0.46 0.58 4.54
N ALA A 63 -0.73 1.47 5.45
CA ALA A 63 0.40 2.15 6.17
C ALA A 63 1.32 1.11 6.80
N ALA A 64 0.76 0.04 7.28
CA ALA A 64 1.60 -1.02 7.91
C ALA A 64 2.45 -1.71 6.83
N PHE A 65 1.90 -1.86 5.66
CA PHE A 65 2.66 -2.51 4.56
C PHE A 65 3.77 -1.57 4.04
N SER A 66 3.53 -0.28 4.10
CA SER A 66 4.55 0.68 3.61
C SER A 66 5.75 0.72 4.57
N SER A 67 5.49 0.86 5.84
CA SER A 67 6.62 0.91 6.83
C SER A 67 7.39 -0.41 6.82
N ALA A 68 6.71 -1.52 6.79
CA ALA A 68 7.40 -2.83 6.78
C ALA A 68 8.29 -2.97 5.54
N LEU A 69 7.80 -2.53 4.41
CA LEU A 69 8.61 -2.64 3.17
C LEU A 69 9.95 -1.93 3.34
N TYR A 70 9.97 -0.80 3.98
CA TYR A 70 11.25 -0.06 4.18
C TYR A 70 11.89 -0.47 5.51
N GLY A 71 11.10 -0.94 6.44
CA GLY A 71 11.67 -1.36 7.76
C GLY A 71 11.18 -0.41 8.85
N GLU A 72 11.65 0.81 8.84
CA GLU A 72 11.21 1.77 9.89
C GLU A 72 11.64 1.29 11.28
N SER A 73 12.64 0.44 11.34
CA SER A 73 13.10 -0.07 12.66
C SER A 73 14.61 0.12 12.79
N ASP A 74 15.38 -0.71 12.16
CA ASP A 74 16.87 -0.57 12.24
C ASP A 74 17.38 0.39 11.17
N LEU A 75 18.05 1.44 11.57
CA LEU A 75 18.57 2.42 10.57
C LEU A 75 20.00 2.82 10.93
N GLY B 9 -0.86 11.21 -15.38
CA GLY B 9 -2.19 11.42 -14.76
C GLY B 9 -2.06 11.41 -13.23
N LYS B 10 -3.13 11.11 -12.54
CA LYS B 10 -3.05 11.08 -11.05
C LYS B 10 -3.17 9.63 -10.55
N LYS B 11 -4.23 8.96 -10.89
CA LYS B 11 -4.39 7.54 -10.43
C LYS B 11 -3.23 6.68 -10.94
N ALA B 12 -2.96 6.74 -12.22
CA ALA B 12 -1.84 5.92 -12.77
C ALA B 12 -0.53 6.27 -12.05
N GLU B 13 -0.36 7.51 -11.68
CA GLU B 13 0.89 7.90 -10.98
C GLU B 13 1.00 7.17 -9.63
N ALA B 14 -0.08 7.07 -8.91
CA ALA B 14 -0.05 6.37 -7.60
C ALA B 14 0.20 4.87 -7.81
N VAL B 15 -0.42 4.29 -8.80
CA VAL B 15 -0.20 2.84 -9.06
C VAL B 15 1.27 2.57 -9.38
N ALA B 16 1.87 3.39 -10.20
CA ALA B 16 3.31 3.18 -10.54
C ALA B 16 4.16 3.22 -9.27
N THR B 17 3.91 4.17 -8.41
CA THR B 17 4.69 4.25 -7.15
C THR B 17 4.47 3.01 -6.29
N VAL B 18 3.25 2.57 -6.18
CA VAL B 18 2.96 1.35 -5.37
C VAL B 18 3.64 0.14 -5.99
N VAL B 19 3.59 0.01 -7.27
CA VAL B 19 4.24 -1.16 -7.94
C VAL B 19 5.75 -1.15 -7.66
N ALA B 20 6.37 -0.02 -7.76
CA ALA B 20 7.84 0.05 -7.49
C ALA B 20 8.13 -0.38 -6.05
N ALA B 21 7.38 0.12 -5.11
CA ALA B 21 7.61 -0.26 -3.69
C ALA B 21 7.34 -1.76 -3.50
N VAL B 22 6.27 -2.25 -4.04
CA VAL B 22 5.95 -3.70 -3.88
C VAL B 22 6.96 -4.55 -4.66
N ASP B 23 7.32 -4.11 -5.84
CA ASP B 23 8.31 -4.89 -6.65
C ASP B 23 9.64 -4.98 -5.90
N GLN B 24 9.98 -3.98 -5.13
CA GLN B 24 11.27 -4.02 -4.38
C GLN B 24 11.34 -5.28 -3.52
N ALA B 25 10.33 -5.53 -2.74
CA ALA B 25 10.33 -6.75 -1.88
C ALA B 25 10.42 -8.01 -2.75
N ARG B 26 9.73 -8.02 -3.86
CA ARG B 26 9.77 -9.22 -4.75
C ARG B 26 11.16 -9.36 -5.37
N VAL B 27 11.81 -8.26 -5.64
CA VAL B 27 13.18 -8.33 -6.24
C VAL B 27 14.12 -9.11 -5.33
N ARG B 28 13.78 -9.23 -4.08
CA ARG B 28 14.66 -9.98 -3.13
C ARG B 28 14.39 -11.49 -3.23
N GLU B 29 13.73 -11.91 -4.28
CA GLU B 29 13.44 -13.36 -4.45
C GLU B 29 14.34 -13.92 -5.55
N PRO B 30 15.32 -14.70 -5.15
CA PRO B 30 16.29 -15.31 -6.12
C PRO B 30 15.97 -14.94 -7.57
N ARG B 31 16.21 -13.71 -7.94
CA ARG B 31 15.91 -13.29 -9.34
C ARG B 31 16.25 -11.81 -9.54
N MET A 3 14.23 20.50 -7.51
CA MET A 3 14.82 19.15 -7.77
C MET A 3 15.34 18.55 -6.46
N ALA A 4 14.68 17.54 -5.95
CA ALA A 4 15.16 16.91 -4.69
C ALA A 4 14.59 15.50 -4.54
N ASP A 5 14.94 14.82 -3.49
CA ASP A 5 14.42 13.43 -3.30
C ASP A 5 14.79 12.92 -1.89
N THR A 6 14.02 13.29 -0.91
CA THR A 6 14.33 12.84 0.48
C THR A 6 13.12 12.15 1.10
N ASP A 7 12.16 11.78 0.30
CA ASP A 7 10.94 11.10 0.85
C ASP A 7 10.48 9.98 -0.09
N THR A 8 10.66 8.75 0.31
CA THR A 8 10.23 7.62 -0.55
C THR A 8 9.04 6.90 0.08
N ALA A 9 9.12 6.64 1.36
CA ALA A 9 8.00 5.94 2.05
C ALA A 9 6.75 6.84 2.06
N GLU A 10 6.93 8.08 2.39
CA GLU A 10 5.77 9.02 2.41
C GLU A 10 5.06 9.00 1.06
N GLN A 11 5.81 8.87 -0.01
CA GLN A 11 5.19 8.84 -1.36
C GLN A 11 4.25 7.64 -1.48
N VAL A 12 4.63 6.52 -0.95
CA VAL A 12 3.75 5.31 -1.02
C VAL A 12 2.40 5.62 -0.37
N ILE A 13 2.41 6.10 0.84
CA ILE A 13 1.12 6.42 1.53
C ILE A 13 0.31 7.39 0.66
N ALA A 14 0.93 8.45 0.20
CA ALA A 14 0.19 9.40 -0.66
C ALA A 14 -0.35 8.67 -1.88
N SER A 15 0.44 7.78 -2.43
CA SER A 15 -0.03 7.00 -3.61
C SER A 15 -1.17 6.08 -3.18
N PHE A 16 -1.08 5.53 -2.00
CA PHE A 16 -2.17 4.63 -1.52
C PHE A 16 -3.44 5.44 -1.26
N ARG A 17 -3.31 6.59 -0.65
CA ARG A 17 -4.50 7.44 -0.39
C ARG A 17 -5.26 7.67 -1.70
N ILE A 18 -4.56 8.04 -2.73
CA ILE A 18 -5.24 8.26 -4.04
C ILE A 18 -5.94 6.97 -4.48
N LEU A 19 -5.28 5.85 -4.33
CA LEU A 19 -5.91 4.56 -4.73
C LEU A 19 -7.13 4.27 -3.87
N ALA A 20 -7.07 4.58 -2.59
CA ALA A 20 -8.24 4.33 -1.70
C ALA A 20 -9.25 5.48 -1.82
N SER A 21 -9.06 6.35 -2.77
CA SER A 21 -10.01 7.49 -2.93
C SER A 21 -9.99 8.37 -1.67
N ASP A 22 -8.83 8.86 -1.30
CA ASP A 22 -8.76 9.73 -0.09
C ASP A 22 -9.31 8.99 1.12
N LYS A 23 -8.73 7.87 1.46
CA LYS A 23 -9.23 7.10 2.64
C LYS A 23 -8.05 6.52 3.43
N PRO A 24 -8.21 6.48 4.72
CA PRO A 24 -7.12 5.93 5.56
C PRO A 24 -7.10 4.40 5.45
N TYR A 25 -7.98 3.85 4.66
CA TYR A 25 -8.02 2.36 4.52
C TYR A 25 -8.32 1.98 3.06
N ILE A 26 -7.84 0.85 2.61
CA ILE A 26 -8.10 0.44 1.21
C ILE A 26 -8.81 -0.92 1.19
N LEU A 27 -9.71 -1.12 0.26
CA LEU A 27 -10.44 -2.41 0.20
C LEU A 27 -9.63 -3.43 -0.61
N ALA A 28 -9.69 -4.68 -0.24
CA ALA A 28 -8.93 -5.72 -0.98
C ALA A 28 -9.42 -5.80 -2.43
N GLU A 29 -10.71 -5.79 -2.63
CA GLU A 29 -11.24 -5.86 -4.03
C GLU A 29 -10.77 -4.64 -4.82
N GLU A 30 -10.67 -3.51 -4.18
CA GLU A 30 -10.20 -2.29 -4.90
C GLU A 30 -8.77 -2.52 -5.39
N LEU A 31 -7.93 -3.01 -4.53
CA LEU A 31 -6.52 -3.27 -4.94
C LEU A 31 -6.52 -4.26 -6.11
N ARG A 32 -7.46 -5.17 -6.13
CA ARG A 32 -7.52 -6.16 -7.24
C ARG A 32 -7.83 -5.45 -8.56
N ARG A 33 -8.63 -4.42 -8.52
CA ARG A 33 -8.98 -3.69 -9.79
C ARG A 33 -8.08 -2.47 -9.97
N GLU A 34 -7.67 -1.85 -8.90
CA GLU A 34 -6.79 -0.64 -9.04
C GLU A 34 -5.36 -1.05 -9.39
N LEU A 35 -4.98 -2.26 -9.08
CA LEU A 35 -3.59 -2.70 -9.39
C LEU A 35 -3.62 -4.08 -10.05
N PRO A 36 -2.56 -4.38 -10.75
CA PRO A 36 -2.49 -5.70 -11.42
C PRO A 36 -2.81 -6.82 -10.43
N PRO A 37 -3.64 -7.73 -10.86
CA PRO A 37 -4.03 -8.85 -9.96
C PRO A 37 -2.82 -9.34 -9.15
N ASP A 38 -1.65 -9.32 -9.74
CA ASP A 38 -0.45 -9.78 -9.00
C ASP A 38 -0.15 -8.87 -7.81
N GLN A 39 -0.21 -7.58 -8.01
CA GLN A 39 0.07 -6.63 -6.89
C GLN A 39 -1.04 -6.70 -5.83
N ALA A 40 -2.26 -6.84 -6.25
CA ALA A 40 -3.39 -6.90 -5.28
C ALA A 40 -3.16 -8.04 -4.28
N GLN A 41 -2.72 -9.18 -4.73
CA GLN A 41 -2.47 -10.32 -3.81
C GLN A 41 -1.36 -9.98 -2.81
N TYR A 42 -0.28 -9.41 -3.28
CA TYR A 42 0.84 -9.06 -2.37
C TYR A 42 0.41 -7.96 -1.39
N CYS A 43 -0.20 -6.92 -1.89
CA CYS A 43 -0.64 -5.81 -0.99
C CYS A 43 -1.75 -6.31 -0.04
N ILE A 44 -2.69 -7.04 -0.55
CA ILE A 44 -3.80 -7.54 0.30
C ILE A 44 -3.26 -8.41 1.44
N LYS A 45 -2.09 -8.98 1.27
CA LYS A 45 -1.52 -9.84 2.34
C LYS A 45 -0.78 -9.00 3.39
N ARG A 46 -0.21 -7.90 2.99
CA ARG A 46 0.53 -7.06 3.97
C ARG A 46 -0.44 -6.26 4.83
N MET A 47 -1.19 -5.35 4.24
CA MET A 47 -2.15 -4.55 5.02
C MET A 47 -2.85 -5.40 6.09
N PRO A 48 -2.53 -5.11 7.33
CA PRO A 48 -3.16 -5.88 8.42
C PRO A 48 -4.66 -5.55 8.50
N ALA A 49 -5.26 -5.74 9.63
CA ALA A 49 -6.72 -5.43 9.75
C ALA A 49 -6.93 -4.01 10.27
N TYR A 50 -7.62 -3.20 9.52
CA TYR A 50 -7.86 -1.78 9.96
C TYR A 50 -8.41 -1.77 11.40
N SER A 51 -9.53 -2.40 11.62
CA SER A 51 -10.11 -2.42 12.99
C SER A 51 -10.37 -0.99 13.48
N GLY A 52 -11.19 -0.83 14.48
CA GLY A 52 -11.48 0.53 15.00
C GLY A 52 -12.72 0.49 15.89
N PRO A 53 -13.64 1.37 15.60
CA PRO A 53 -14.89 1.40 16.42
C PRO A 53 -15.97 0.52 15.78
N GLY A 54 -15.64 -0.13 14.70
CA GLY A 54 -16.65 -1.01 14.04
C GLY A 54 -16.34 -1.11 12.54
N SER A 55 -15.09 -1.23 12.19
CA SER A 55 -14.70 -1.32 10.77
C SER A 55 -15.48 -2.44 10.07
N VAL A 56 -15.01 -2.87 8.93
CA VAL A 56 -15.71 -3.96 8.20
C VAL A 56 -14.71 -5.01 7.73
N PRO A 57 -15.19 -6.21 7.55
CA PRO A 57 -14.29 -7.30 7.09
C PRO A 57 -13.83 -7.04 5.65
N GLY A 58 -12.76 -6.31 5.48
CA GLY A 58 -12.28 -6.02 4.10
C GLY A 58 -11.41 -4.76 4.12
N ALA A 59 -11.66 -3.87 5.05
CA ALA A 59 -10.85 -2.62 5.12
C ALA A 59 -9.43 -2.94 5.63
N LEU A 60 -8.46 -2.88 4.76
CA LEU A 60 -7.06 -3.18 5.20
C LEU A 60 -6.26 -1.88 5.32
N ASP A 61 -5.23 -1.90 6.12
CA ASP A 61 -4.41 -0.65 6.29
C ASP A 61 -3.16 -0.72 5.41
N TYR A 62 -3.09 0.10 4.40
CA TYR A 62 -1.90 0.10 3.51
C TYR A 62 -0.72 0.81 4.19
N ALA A 63 -1.01 1.75 5.05
CA ALA A 63 0.09 2.49 5.74
C ALA A 63 1.00 1.50 6.47
N ALA A 64 0.45 0.51 7.10
CA ALA A 64 1.29 -0.49 7.82
C ALA A 64 2.14 -1.26 6.82
N PHE A 65 1.60 -1.52 5.68
CA PHE A 65 2.35 -2.27 4.64
C PHE A 65 3.44 -1.39 4.03
N SER A 66 3.18 -0.12 3.87
CA SER A 66 4.20 0.79 3.28
C SER A 66 5.43 0.88 4.20
N SER A 67 5.23 1.12 5.46
CA SER A 67 6.39 1.22 6.39
C SER A 67 7.17 -0.10 6.40
N ALA A 68 6.49 -1.21 6.53
CA ALA A 68 7.19 -2.52 6.54
C ALA A 68 8.05 -2.68 5.29
N LEU A 69 7.57 -2.20 4.17
CA LEU A 69 8.35 -2.32 2.90
C LEU A 69 9.75 -1.73 3.09
N TYR A 70 9.88 -0.72 3.89
CA TYR A 70 11.21 -0.09 4.11
C TYR A 70 11.98 -0.86 5.20
N GLY A 71 11.29 -1.41 6.15
CA GLY A 71 11.98 -2.16 7.24
C GLY A 71 12.31 -3.58 6.76
N GLU A 72 13.08 -4.31 7.53
CA GLU A 72 13.43 -5.70 7.11
C GLU A 72 12.83 -6.71 8.10
N SER A 73 12.04 -6.26 9.02
CA SER A 73 11.43 -7.19 10.00
C SER A 73 10.15 -6.58 10.60
N ASP A 74 9.01 -7.11 10.27
CA ASP A 74 7.73 -6.55 10.82
C ASP A 74 7.35 -7.29 12.11
N LEU A 75 6.87 -6.57 13.09
CA LEU A 75 6.47 -7.23 14.36
C LEU A 75 5.60 -6.29 15.19
N GLY B 9 -5.17 15.14 -10.77
CA GLY B 9 -5.64 13.73 -10.64
C GLY B 9 -4.54 12.78 -11.12
N LYS B 10 -3.50 12.61 -10.32
CA LYS B 10 -2.40 11.70 -10.73
C LYS B 10 -2.63 10.30 -10.16
N LYS B 11 -3.80 9.75 -10.35
CA LYS B 11 -4.08 8.39 -9.82
C LYS B 11 -3.16 7.37 -10.47
N ALA B 12 -3.08 7.38 -11.78
CA ALA B 12 -2.20 6.41 -12.48
C ALA B 12 -0.77 6.50 -11.93
N GLU B 13 -0.31 7.68 -11.66
CA GLU B 13 1.07 7.84 -11.11
C GLU B 13 1.18 7.16 -9.75
N ALA B 14 0.17 7.29 -8.93
CA ALA B 14 0.22 6.64 -7.58
C ALA B 14 0.34 5.13 -7.74
N VAL B 15 -0.40 4.55 -8.64
CA VAL B 15 -0.33 3.07 -8.84
C VAL B 15 1.11 2.68 -9.22
N ALA B 16 1.75 3.46 -10.05
CA ALA B 16 3.14 3.13 -10.45
C ALA B 16 4.04 3.08 -9.22
N THR B 17 3.80 3.94 -8.27
CA THR B 17 4.65 3.95 -7.03
C THR B 17 4.41 2.68 -6.23
N VAL B 18 3.17 2.27 -6.10
CA VAL B 18 2.87 1.03 -5.33
C VAL B 18 3.48 -0.19 -6.01
N VAL B 19 3.41 -0.25 -7.31
CA VAL B 19 3.99 -1.41 -8.04
C VAL B 19 5.50 -1.49 -7.83
N ALA B 20 6.20 -0.41 -8.02
CA ALA B 20 7.68 -0.43 -7.84
C ALA B 20 8.04 -0.70 -6.38
N ALA B 21 7.30 -0.13 -5.46
CA ALA B 21 7.61 -0.36 -4.01
C ALA B 21 7.35 -1.81 -3.62
N VAL B 22 6.27 -2.38 -4.10
CA VAL B 22 5.96 -3.79 -3.74
C VAL B 22 6.98 -4.75 -4.37
N ASP B 23 7.40 -4.49 -5.58
CA ASP B 23 8.39 -5.39 -6.23
C ASP B 23 9.72 -5.36 -5.48
N GLN B 24 10.07 -4.23 -4.92
CA GLN B 24 11.36 -4.13 -4.18
C GLN B 24 11.43 -5.20 -3.08
N ALA B 25 10.38 -5.36 -2.33
CA ALA B 25 10.40 -6.38 -1.24
C ALA B 25 10.49 -7.79 -1.83
N ARG B 26 9.82 -8.03 -2.91
CA ARG B 26 9.87 -9.39 -3.53
C ARG B 26 11.28 -9.68 -4.07
N VAL B 27 11.85 -8.75 -4.79
CA VAL B 27 13.21 -8.97 -5.35
C VAL B 27 14.23 -9.09 -4.22
N ARG B 28 13.90 -8.59 -3.06
CA ARG B 28 14.84 -8.67 -1.92
C ARG B 28 14.64 -9.98 -1.16
N GLU B 29 13.75 -9.98 -0.23
CA GLU B 29 13.48 -11.20 0.57
C GLU B 29 12.22 -11.90 0.05
N PRO B 30 12.32 -13.20 -0.10
CA PRO B 30 11.14 -13.95 -0.59
C PRO B 30 10.26 -14.41 0.58
N ARG B 31 9.27 -13.64 0.94
CA ARG B 31 8.39 -14.04 2.07
C ARG B 31 7.16 -14.77 1.54
N MET A 3 0.39 8.62 11.82
CA MET A 3 -0.02 8.94 10.42
C MET A 3 1.12 8.61 9.45
N ALA A 4 2.26 9.21 9.62
CA ALA A 4 3.41 8.92 8.71
C ALA A 4 4.66 8.59 9.52
N ASP A 5 5.80 8.55 8.87
CA ASP A 5 7.06 8.24 9.61
C ASP A 5 8.24 8.97 8.97
N THR A 6 8.53 8.70 7.73
CA THR A 6 9.66 9.40 7.05
C THR A 6 9.46 9.40 5.54
N ASP A 7 10.43 9.87 4.80
CA ASP A 7 10.30 9.91 3.31
C ASP A 7 10.11 8.49 2.77
N THR A 8 9.94 8.36 1.48
CA THR A 8 9.75 7.01 0.88
C THR A 8 8.41 6.42 1.33
N ALA A 9 8.21 6.28 2.61
CA ALA A 9 6.93 5.73 3.12
C ALA A 9 5.79 6.70 2.81
N GLU A 10 6.01 7.96 3.05
CA GLU A 10 4.94 8.97 2.77
C GLU A 10 4.50 8.86 1.31
N GLN A 11 5.43 8.59 0.42
CA GLN A 11 5.07 8.47 -1.02
C GLN A 11 4.09 7.31 -1.22
N VAL A 12 4.39 6.16 -0.67
CA VAL A 12 3.47 5.00 -0.83
C VAL A 12 2.10 5.34 -0.25
N ILE A 13 2.05 5.90 0.92
CA ILE A 13 0.74 6.26 1.54
C ILE A 13 -0.01 7.19 0.60
N ALA A 14 0.63 8.22 0.11
CA ALA A 14 -0.06 9.15 -0.82
C ALA A 14 -0.58 8.36 -2.02
N SER A 15 0.18 7.42 -2.49
CA SER A 15 -0.28 6.60 -3.64
C SER A 15 -1.43 5.71 -3.19
N PHE A 16 -1.36 5.19 -2.00
CA PHE A 16 -2.47 4.32 -1.50
C PHE A 16 -3.72 5.16 -1.26
N ARG A 17 -3.57 6.30 -0.64
CA ARG A 17 -4.75 7.18 -0.40
C ARG A 17 -5.49 7.42 -1.71
N ILE A 18 -4.76 7.64 -2.78
CA ILE A 18 -5.41 7.88 -4.09
C ILE A 18 -6.20 6.63 -4.52
N LEU A 19 -5.62 5.46 -4.36
CA LEU A 19 -6.33 4.22 -4.76
C LEU A 19 -7.59 4.06 -3.91
N ALA A 20 -7.49 4.34 -2.64
CA ALA A 20 -8.68 4.20 -1.75
C ALA A 20 -9.64 5.38 -1.97
N SER A 21 -9.30 6.27 -2.86
CA SER A 21 -10.18 7.44 -3.12
C SER A 21 -10.22 8.36 -1.90
N ASP A 22 -9.07 8.80 -1.44
CA ASP A 22 -9.04 9.69 -0.26
C ASP A 22 -9.52 8.94 0.98
N LYS A 23 -8.80 7.94 1.41
CA LYS A 23 -9.23 7.17 2.60
C LYS A 23 -7.99 6.63 3.35
N PRO A 24 -8.10 6.62 4.65
CA PRO A 24 -6.96 6.11 5.45
C PRO A 24 -6.87 4.58 5.34
N TYR A 25 -7.78 3.99 4.61
CA TYR A 25 -7.75 2.50 4.44
C TYR A 25 -8.08 2.13 3.01
N ILE A 26 -7.71 0.96 2.57
CA ILE A 26 -8.02 0.54 1.17
C ILE A 26 -8.79 -0.78 1.17
N LEU A 27 -9.62 -0.99 0.19
CA LEU A 27 -10.41 -2.26 0.13
C LEU A 27 -9.66 -3.31 -0.69
N ALA A 28 -9.78 -4.56 -0.31
CA ALA A 28 -9.07 -5.63 -1.06
C ALA A 28 -9.47 -5.60 -2.54
N GLU A 29 -10.75 -5.47 -2.81
CA GLU A 29 -11.20 -5.43 -4.23
C GLU A 29 -10.59 -4.23 -4.95
N GLU A 30 -10.42 -3.14 -4.25
CA GLU A 30 -9.82 -1.93 -4.89
C GLU A 30 -8.41 -2.26 -5.37
N LEU A 31 -7.63 -2.92 -4.57
CA LEU A 31 -6.24 -3.28 -4.98
C LEU A 31 -6.30 -4.21 -6.19
N ARG A 32 -7.29 -5.06 -6.24
CA ARG A 32 -7.40 -6.01 -7.39
C ARG A 32 -7.73 -5.24 -8.67
N ARG A 33 -8.57 -4.25 -8.58
CA ARG A 33 -8.95 -3.47 -9.80
C ARG A 33 -8.03 -2.25 -9.98
N GLU A 34 -7.47 -1.76 -8.91
CA GLU A 34 -6.58 -0.56 -9.04
C GLU A 34 -5.13 -0.99 -9.27
N LEU A 35 -4.79 -2.19 -8.87
CA LEU A 35 -3.38 -2.66 -9.06
C LEU A 35 -3.39 -4.03 -9.74
N PRO A 36 -2.30 -4.33 -10.40
CA PRO A 36 -2.21 -5.64 -11.10
C PRO A 36 -2.54 -6.78 -10.12
N PRO A 37 -3.19 -7.79 -10.65
CA PRO A 37 -3.56 -8.94 -9.79
C PRO A 37 -2.41 -9.30 -8.85
N ASP A 38 -1.21 -9.36 -9.35
CA ASP A 38 -0.04 -9.72 -8.48
C ASP A 38 0.07 -8.72 -7.33
N GLN A 39 -0.08 -7.45 -7.59
CA GLN A 39 0.03 -6.45 -6.49
C GLN A 39 -1.17 -6.58 -5.53
N ALA A 40 -2.34 -6.79 -6.07
CA ALA A 40 -3.55 -6.93 -5.20
C ALA A 40 -3.34 -8.05 -4.17
N GLN A 41 -2.86 -9.19 -4.62
CA GLN A 41 -2.65 -10.32 -3.67
C GLN A 41 -1.55 -9.97 -2.67
N TYR A 42 -0.44 -9.45 -3.15
CA TYR A 42 0.67 -9.09 -2.23
C TYR A 42 0.23 -7.99 -1.28
N CYS A 43 -0.37 -6.94 -1.79
CA CYS A 43 -0.82 -5.83 -0.91
C CYS A 43 -1.92 -6.32 0.04
N ILE A 44 -2.91 -7.01 -0.47
CA ILE A 44 -4.00 -7.51 0.40
C ILE A 44 -3.42 -8.41 1.50
N LYS A 45 -2.28 -8.98 1.27
CA LYS A 45 -1.67 -9.87 2.31
C LYS A 45 -0.90 -9.05 3.33
N ARG A 46 -0.17 -8.05 2.89
CA ARG A 46 0.61 -7.22 3.86
C ARG A 46 -0.35 -6.48 4.80
N MET A 47 -1.02 -5.46 4.32
CA MET A 47 -1.97 -4.71 5.17
C MET A 47 -2.74 -5.63 6.11
N PRO A 48 -2.55 -5.43 7.38
CA PRO A 48 -3.29 -6.28 8.34
C PRO A 48 -4.75 -5.82 8.34
N ALA A 49 -5.46 -6.04 9.41
CA ALA A 49 -6.89 -5.61 9.44
C ALA A 49 -7.03 -4.28 10.20
N TYR A 50 -7.44 -3.25 9.51
CA TYR A 50 -7.59 -1.92 10.19
C TYR A 50 -8.19 -2.11 11.58
N SER A 51 -9.37 -2.67 11.67
CA SER A 51 -10.01 -2.87 13.01
C SER A 51 -10.24 -1.52 13.69
N GLY A 52 -11.12 -1.47 14.65
CA GLY A 52 -11.38 -0.19 15.35
C GLY A 52 -12.85 -0.14 15.80
N PRO A 53 -13.32 1.04 16.03
CA PRO A 53 -14.74 1.18 16.47
C PRO A 53 -15.68 0.87 15.31
N GLY A 54 -15.96 -0.39 15.08
CA GLY A 54 -16.88 -0.77 13.97
C GLY A 54 -16.09 -1.46 12.86
N SER A 55 -15.57 -0.70 11.93
CA SER A 55 -14.78 -1.28 10.84
C SER A 55 -15.50 -2.46 10.19
N VAL A 56 -15.01 -2.92 9.07
CA VAL A 56 -15.67 -4.06 8.37
C VAL A 56 -14.62 -4.94 7.70
N PRO A 57 -14.98 -6.18 7.50
CA PRO A 57 -14.02 -7.12 6.85
C PRO A 57 -13.74 -6.68 5.42
N GLY A 58 -12.80 -5.77 5.24
CA GLY A 58 -12.48 -5.30 3.86
C GLY A 58 -11.56 -4.08 3.95
N ALA A 59 -11.78 -3.23 4.92
CA ALA A 59 -10.92 -2.02 5.05
C ALA A 59 -9.57 -2.39 5.66
N LEU A 60 -8.52 -2.32 4.89
CA LEU A 60 -7.17 -2.66 5.43
C LEU A 60 -6.28 -1.43 5.44
N ASP A 61 -5.22 -1.45 6.21
CA ASP A 61 -4.32 -0.27 6.27
C ASP A 61 -3.07 -0.46 5.40
N TYR A 62 -2.93 0.35 4.39
CA TYR A 62 -1.73 0.25 3.48
C TYR A 62 -0.52 0.89 4.16
N ALA A 63 -0.74 1.76 5.10
CA ALA A 63 0.41 2.42 5.78
C ALA A 63 1.34 1.35 6.37
N ALA A 64 0.78 0.26 6.80
CA ALA A 64 1.64 -0.83 7.38
C ALA A 64 2.54 -1.39 6.29
N PHE A 65 2.07 -1.40 5.08
CA PHE A 65 2.89 -1.93 3.95
C PHE A 65 4.12 -1.04 3.73
N SER A 66 3.94 0.25 3.78
CA SER A 66 5.10 1.18 3.56
C SER A 66 6.08 1.07 4.73
N SER A 67 5.61 1.16 5.94
CA SER A 67 6.53 1.06 7.10
C SER A 67 7.10 -0.35 7.23
N ALA A 68 6.33 -1.34 6.91
CA ALA A 68 6.82 -2.75 7.00
C ALA A 68 7.93 -2.99 5.97
N LEU A 69 7.73 -2.54 4.76
CA LEU A 69 8.78 -2.76 3.71
C LEU A 69 10.03 -1.94 4.02
N TYR A 70 9.87 -0.72 4.45
CA TYR A 70 11.05 0.13 4.76
C TYR A 70 11.34 0.13 6.26
N GLY A 71 10.76 -0.78 6.99
CA GLY A 71 10.99 -0.83 8.46
C GLY A 71 12.50 -0.92 8.73
N GLU A 72 13.04 0.00 9.48
CA GLU A 72 14.50 -0.03 9.76
C GLU A 72 14.81 0.79 11.02
N SER A 73 15.10 0.14 12.12
CA SER A 73 15.40 0.87 13.37
C SER A 73 14.42 2.03 13.58
N ASP A 74 13.16 1.76 13.43
CA ASP A 74 12.15 2.85 13.62
C ASP A 74 12.14 3.32 15.07
N LEU A 75 12.17 4.61 15.30
CA LEU A 75 12.17 5.12 16.69
C LEU A 75 11.33 6.39 16.79
N GLY B 9 -4.64 11.74 -15.20
CA GLY B 9 -4.21 10.44 -14.62
C GLY B 9 -4.26 10.52 -13.09
N LYS B 10 -3.21 11.01 -12.48
CA LYS B 10 -3.21 11.12 -11.00
C LYS B 10 -3.21 9.72 -10.36
N LYS B 11 -4.26 8.97 -10.58
CA LYS B 11 -4.33 7.60 -9.98
C LYS B 11 -3.28 6.70 -10.63
N ALA B 12 -3.05 6.86 -11.91
CA ALA B 12 -2.03 6.01 -12.59
C ALA B 12 -0.65 6.23 -11.96
N GLU B 13 -0.35 7.45 -11.59
CA GLU B 13 0.97 7.72 -10.97
C GLU B 13 1.08 7.01 -9.62
N ALA B 14 0.03 7.04 -8.84
CA ALA B 14 0.07 6.36 -7.52
C ALA B 14 0.21 4.85 -7.71
N VAL B 15 -0.47 4.30 -8.68
CA VAL B 15 -0.36 2.83 -8.91
C VAL B 15 1.08 2.44 -9.22
N ALA B 16 1.73 3.19 -10.05
CA ALA B 16 3.15 2.88 -10.39
C ALA B 16 4.02 2.97 -9.14
N THR B 17 3.76 3.94 -8.31
CA THR B 17 4.58 4.08 -7.07
C THR B 17 4.38 2.87 -6.16
N VAL B 18 3.16 2.47 -5.95
CA VAL B 18 2.90 1.29 -5.08
C VAL B 18 3.51 0.03 -5.71
N VAL B 19 3.30 -0.16 -6.98
CA VAL B 19 3.87 -1.36 -7.66
C VAL B 19 5.40 -1.35 -7.54
N ALA B 20 6.01 -0.26 -7.90
CA ALA B 20 7.51 -0.19 -7.81
C ALA B 20 7.97 -0.54 -6.39
N ALA B 21 7.27 -0.08 -5.40
CA ALA B 21 7.66 -0.40 -4.00
C ALA B 21 7.48 -1.89 -3.73
N VAL B 22 6.37 -2.44 -4.13
CA VAL B 22 6.13 -3.89 -3.90
C VAL B 22 7.10 -4.73 -4.75
N ASP B 23 7.30 -4.35 -5.98
CA ASP B 23 8.23 -5.12 -6.85
C ASP B 23 9.62 -5.18 -6.20
N GLN B 24 10.03 -4.11 -5.57
CA GLN B 24 11.38 -4.11 -4.93
C GLN B 24 11.49 -5.25 -3.92
N ALA B 25 10.52 -5.40 -3.07
CA ALA B 25 10.57 -6.50 -2.05
C ALA B 25 10.65 -7.86 -2.77
N ARG B 26 9.99 -8.00 -3.88
CA ARG B 26 10.03 -9.28 -4.61
C ARG B 26 11.45 -9.57 -5.10
N VAL B 27 12.17 -8.56 -5.50
CA VAL B 27 13.57 -8.78 -5.98
C VAL B 27 14.42 -9.38 -4.85
N ARG B 28 13.99 -9.21 -3.64
CA ARG B 28 14.76 -9.78 -2.48
C ARG B 28 16.21 -9.27 -2.51
N GLU B 29 16.39 -7.98 -2.50
CA GLU B 29 17.78 -7.43 -2.53
C GLU B 29 18.41 -7.55 -1.14
N PRO B 30 19.72 -7.67 -1.12
CA PRO B 30 20.41 -7.78 0.19
C PRO B 30 20.39 -6.44 0.91
N ARG B 31 20.36 -6.46 2.22
CA ARG B 31 20.35 -5.18 2.98
C ARG B 31 21.77 -4.66 3.18
N MET A 3 9.27 11.99 8.60
CA MET A 3 8.49 13.20 8.97
C MET A 3 8.14 14.00 7.71
N ALA A 4 9.13 14.60 7.07
CA ALA A 4 8.85 15.38 5.84
C ALA A 4 10.17 15.80 5.17
N ASP A 5 10.84 14.87 4.54
CA ASP A 5 12.13 15.22 3.87
C ASP A 5 12.48 14.15 2.84
N THR A 6 11.71 14.04 1.79
CA THR A 6 12.01 13.01 0.74
C THR A 6 12.03 11.62 1.37
N ASP A 7 11.07 10.80 1.04
CA ASP A 7 11.03 9.42 1.62
C ASP A 7 10.41 8.44 0.63
N THR A 8 10.63 7.17 0.81
CA THR A 8 10.04 6.16 -0.12
C THR A 8 8.76 5.57 0.47
N ALA A 9 8.76 5.27 1.73
CA ALA A 9 7.54 4.70 2.36
C ALA A 9 6.40 5.73 2.34
N GLU A 10 6.67 6.93 2.73
CA GLU A 10 5.63 7.98 2.71
C GLU A 10 5.02 8.11 1.31
N GLN A 11 5.82 7.94 0.29
CA GLN A 11 5.29 8.06 -1.09
C GLN A 11 4.20 7.00 -1.32
N VAL A 12 4.39 5.81 -0.80
CA VAL A 12 3.35 4.76 -0.98
C VAL A 12 2.05 5.23 -0.34
N ILE A 13 2.12 5.85 0.81
CA ILE A 13 0.89 6.35 1.48
C ILE A 13 0.12 7.26 0.53
N ALA A 14 0.79 8.22 -0.07
CA ALA A 14 0.11 9.14 -1.01
C ALA A 14 -0.48 8.32 -2.16
N SER A 15 0.28 7.38 -2.68
CA SER A 15 -0.24 6.54 -3.79
C SER A 15 -1.39 5.68 -3.28
N PHE A 16 -1.26 5.14 -2.09
CA PHE A 16 -2.34 4.30 -1.53
C PHE A 16 -3.57 5.17 -1.23
N ARG A 17 -3.34 6.34 -0.70
CA ARG A 17 -4.50 7.25 -0.39
C ARG A 17 -5.36 7.42 -1.64
N ILE A 18 -4.75 7.74 -2.76
CA ILE A 18 -5.54 7.91 -4.01
C ILE A 18 -6.25 6.61 -4.36
N LEU A 19 -5.59 5.50 -4.18
CA LEU A 19 -6.22 4.18 -4.49
C LEU A 19 -7.39 3.94 -3.54
N ALA A 20 -7.26 4.35 -2.31
CA ALA A 20 -8.36 4.14 -1.33
C ALA A 20 -9.33 5.32 -1.36
N SER A 21 -9.16 6.22 -2.29
CA SER A 21 -10.07 7.40 -2.37
C SER A 21 -9.85 8.33 -1.17
N ASP A 22 -8.63 8.76 -0.96
CA ASP A 22 -8.35 9.66 0.19
C ASP A 22 -8.89 9.05 1.49
N LYS A 23 -8.47 7.87 1.82
CA LYS A 23 -8.95 7.23 3.08
C LYS A 23 -7.78 6.52 3.79
N PRO A 24 -7.78 6.64 5.09
CA PRO A 24 -6.69 5.99 5.85
C PRO A 24 -6.70 4.48 5.62
N TYR A 25 -7.74 3.97 5.02
CA TYR A 25 -7.82 2.51 4.75
C TYR A 25 -8.31 2.25 3.34
N ILE A 26 -8.26 1.03 2.88
CA ILE A 26 -8.74 0.72 1.51
C ILE A 26 -9.36 -0.68 1.46
N LEU A 27 -10.20 -0.94 0.49
CA LEU A 27 -10.84 -2.28 0.39
C LEU A 27 -9.99 -3.21 -0.47
N ALA A 28 -9.96 -4.47 -0.15
CA ALA A 28 -9.14 -5.42 -0.96
C ALA A 28 -9.64 -5.45 -2.41
N GLU A 29 -10.92 -5.38 -2.61
CA GLU A 29 -11.46 -5.39 -4.00
C GLU A 29 -11.04 -4.10 -4.72
N GLU A 30 -11.01 -3.01 -4.02
CA GLU A 30 -10.61 -1.73 -4.66
C GLU A 30 -9.12 -1.78 -5.02
N LEU A 31 -8.29 -2.11 -4.08
CA LEU A 31 -6.84 -2.20 -4.36
C LEU A 31 -6.57 -3.35 -5.32
N ARG A 32 -7.33 -4.41 -5.21
CA ARG A 32 -7.13 -5.58 -6.11
C ARG A 32 -7.38 -5.17 -7.56
N ARG A 33 -8.31 -4.28 -7.79
CA ARG A 33 -8.60 -3.84 -9.18
C ARG A 33 -7.62 -2.74 -9.60
N GLU A 34 -7.18 -1.93 -8.67
CA GLU A 34 -6.23 -0.84 -9.02
C GLU A 34 -4.83 -1.41 -9.23
N LEU A 35 -4.54 -2.54 -8.66
CA LEU A 35 -3.19 -3.14 -8.83
C LEU A 35 -3.29 -4.43 -9.65
N PRO A 36 -2.23 -4.74 -10.34
CA PRO A 36 -2.24 -5.97 -11.16
C PRO A 36 -2.58 -7.19 -10.29
N PRO A 37 -2.76 -8.30 -10.94
CA PRO A 37 -3.10 -9.53 -10.17
C PRO A 37 -2.00 -9.85 -9.15
N ASP A 38 -0.77 -9.80 -9.58
CA ASP A 38 0.35 -10.10 -8.64
C ASP A 38 0.44 -9.04 -7.54
N GLN A 39 0.31 -7.79 -7.88
CA GLN A 39 0.38 -6.71 -6.85
C GLN A 39 -0.83 -6.78 -5.91
N ALA A 40 -2.00 -6.98 -6.47
CA ALA A 40 -3.23 -7.04 -5.62
C ALA A 40 -3.09 -8.14 -4.56
N GLN A 41 -2.68 -9.31 -4.96
CA GLN A 41 -2.53 -10.43 -3.98
C GLN A 41 -1.40 -10.13 -3.00
N TYR A 42 -0.29 -9.65 -3.49
CA TYR A 42 0.86 -9.36 -2.57
C TYR A 42 0.49 -8.24 -1.60
N CYS A 43 -0.17 -7.21 -2.06
CA CYS A 43 -0.54 -6.10 -1.15
C CYS A 43 -1.54 -6.58 -0.09
N ILE A 44 -2.60 -7.21 -0.50
CA ILE A 44 -3.61 -7.68 0.49
C ILE A 44 -2.95 -8.54 1.57
N LYS A 45 -1.82 -9.12 1.28
CA LYS A 45 -1.13 -9.98 2.29
C LYS A 45 -0.26 -9.13 3.21
N ARG A 46 0.07 -7.93 2.80
CA ARG A 46 0.93 -7.06 3.65
C ARG A 46 0.07 -6.21 4.59
N MET A 47 -0.64 -5.26 4.06
CA MET A 47 -1.47 -4.39 4.93
C MET A 47 -2.28 -5.24 5.92
N PRO A 48 -1.90 -5.14 7.17
CA PRO A 48 -2.62 -5.92 8.20
C PRO A 48 -4.09 -5.46 8.30
N ALA A 49 -4.72 -5.69 9.42
CA ALA A 49 -6.14 -5.28 9.56
C ALA A 49 -6.24 -3.77 9.77
N TYR A 50 -7.05 -3.10 8.99
CA TYR A 50 -7.20 -1.62 9.14
C TYR A 50 -7.19 -1.23 10.62
N SER A 51 -7.82 -2.00 11.46
CA SER A 51 -7.84 -1.66 12.91
C SER A 51 -8.50 -0.30 13.13
N GLY A 52 -9.78 -0.27 13.39
CA GLY A 52 -10.48 1.02 13.60
C GLY A 52 -11.86 0.76 14.23
N PRO A 53 -12.56 1.84 14.48
CA PRO A 53 -13.91 1.69 15.09
C PRO A 53 -14.95 1.52 13.99
N GLY A 54 -15.18 2.54 13.20
CA GLY A 54 -16.19 2.42 12.11
C GLY A 54 -15.57 1.71 10.91
N SER A 55 -15.16 0.48 11.07
CA SER A 55 -14.53 -0.26 9.96
C SER A 55 -15.45 -0.27 8.73
N VAL A 56 -15.23 -1.20 7.84
CA VAL A 56 -16.08 -1.28 6.62
C VAL A 56 -16.06 -2.71 6.07
N PRO A 57 -16.93 -2.97 5.13
CA PRO A 57 -16.96 -4.33 4.54
C PRO A 57 -15.57 -4.75 4.07
N GLY A 58 -14.79 -5.33 4.95
CA GLY A 58 -13.41 -5.75 4.56
C GLY A 58 -12.51 -4.53 4.43
N ALA A 59 -11.80 -4.19 5.47
CA ALA A 59 -10.90 -3.00 5.40
C ALA A 59 -9.45 -3.40 5.69
N LEU A 60 -8.52 -2.83 4.98
CA LEU A 60 -7.08 -3.16 5.20
C LEU A 60 -6.27 -1.88 5.36
N ASP A 61 -5.10 -1.96 5.95
CA ASP A 61 -4.28 -0.73 6.13
C ASP A 61 -3.05 -0.77 5.22
N TYR A 62 -3.00 0.08 4.22
CA TYR A 62 -1.82 0.10 3.32
C TYR A 62 -0.66 0.80 4.03
N ALA A 63 -0.96 1.64 4.98
CA ALA A 63 0.12 2.35 5.72
C ALA A 63 0.99 1.33 6.45
N ALA A 64 0.38 0.37 7.11
CA ALA A 64 1.18 -0.64 7.84
C ALA A 64 2.06 -1.41 6.86
N PHE A 65 1.60 -1.59 5.66
CA PHE A 65 2.39 -2.33 4.64
C PHE A 65 3.58 -1.49 4.18
N SER A 66 3.38 -0.21 4.01
CA SER A 66 4.50 0.66 3.56
C SER A 66 5.64 0.64 4.58
N SER A 67 5.35 0.86 5.83
CA SER A 67 6.43 0.85 6.86
C SER A 67 7.00 -0.56 7.03
N ALA A 68 6.17 -1.57 6.91
CA ALA A 68 6.66 -2.97 7.07
C ALA A 68 7.58 -3.36 5.91
N LEU A 69 7.19 -3.07 4.70
CA LEU A 69 8.04 -3.45 3.54
C LEU A 69 9.30 -2.57 3.48
N TYR A 70 9.18 -1.34 3.90
CA TYR A 70 10.38 -0.45 3.86
C TYR A 70 11.02 -0.36 5.25
N GLY A 71 10.56 -1.15 6.18
CA GLY A 71 11.15 -1.12 7.55
C GLY A 71 11.81 -2.45 7.86
N GLU A 72 13.00 -2.42 8.38
CA GLU A 72 13.70 -3.70 8.72
C GLU A 72 13.72 -3.91 10.24
N SER A 73 14.22 -5.04 10.68
CA SER A 73 14.27 -5.31 12.15
C SER A 73 15.50 -4.64 12.76
N ASP A 74 16.58 -4.58 12.03
CA ASP A 74 17.81 -3.96 12.58
C ASP A 74 17.94 -2.51 12.08
N LEU A 75 17.96 -1.56 12.97
CA LEU A 75 18.08 -0.14 12.55
C LEU A 75 18.37 0.75 13.77
N GLY B 9 -7.54 12.96 -11.94
CA GLY B 9 -6.46 13.46 -11.04
C GLY B 9 -5.14 12.77 -11.39
N LYS B 10 -4.84 11.68 -10.74
CA LYS B 10 -3.56 10.96 -11.05
C LYS B 10 -3.60 9.55 -10.45
N LYS B 11 -4.72 8.89 -10.55
CA LYS B 11 -4.82 7.51 -9.99
C LYS B 11 -3.85 6.58 -10.71
N ALA B 12 -3.85 6.61 -12.01
CA ALA B 12 -2.92 5.73 -12.79
C ALA B 12 -1.48 5.97 -12.35
N GLU B 13 -1.09 7.22 -12.23
CA GLU B 13 0.31 7.52 -11.80
C GLU B 13 0.56 7.00 -10.39
N ALA B 14 -0.40 7.16 -9.51
CA ALA B 14 -0.22 6.67 -8.11
C ALA B 14 -0.06 5.15 -8.10
N VAL B 15 -0.72 4.47 -9.00
CA VAL B 15 -0.61 2.98 -9.04
C VAL B 15 0.83 2.58 -9.38
N ALA B 16 1.44 3.25 -10.31
CA ALA B 16 2.84 2.90 -10.70
C ALA B 16 3.78 3.10 -9.50
N THR B 17 3.53 4.09 -8.70
CA THR B 17 4.43 4.33 -7.52
C THR B 17 4.39 3.13 -6.57
N VAL B 18 3.22 2.61 -6.30
CA VAL B 18 3.11 1.44 -5.38
C VAL B 18 3.73 0.19 -6.01
N VAL B 19 3.47 -0.04 -7.26
CA VAL B 19 4.03 -1.24 -7.95
C VAL B 19 5.56 -1.23 -7.86
N ALA B 20 6.17 -0.11 -8.13
CA ALA B 20 7.65 -0.04 -8.07
C ALA B 20 8.14 -0.31 -6.64
N ALA B 21 7.45 0.19 -5.66
CA ALA B 21 7.87 -0.03 -4.24
C ALA B 21 7.79 -1.52 -3.90
N VAL B 22 6.71 -2.17 -4.24
CA VAL B 22 6.56 -3.62 -3.92
C VAL B 22 7.61 -4.43 -4.70
N ASP B 23 7.81 -4.12 -5.95
CA ASP B 23 8.81 -4.88 -6.75
C ASP B 23 10.20 -4.79 -6.09
N GLN B 24 10.56 -3.63 -5.62
CA GLN B 24 11.89 -3.49 -4.97
C GLN B 24 11.99 -4.42 -3.76
N ALA B 25 11.00 -4.42 -2.91
CA ALA B 25 11.05 -5.31 -1.72
C ALA B 25 11.03 -6.78 -2.16
N ARG B 26 10.32 -7.09 -3.21
CA ARG B 26 10.26 -8.51 -3.68
C ARG B 26 11.66 -8.99 -4.11
N VAL B 27 12.36 -8.19 -4.86
CA VAL B 27 13.73 -8.60 -5.31
C VAL B 27 14.65 -8.79 -4.11
N ARG B 28 14.31 -8.20 -2.99
CA ARG B 28 15.17 -8.33 -1.78
C ARG B 28 14.70 -9.49 -0.91
N GLU B 29 13.43 -9.56 -0.71
CA GLU B 29 12.84 -10.64 0.13
C GLU B 29 12.49 -11.85 -0.74
N PRO B 30 12.88 -13.01 -0.26
CA PRO B 30 12.58 -14.24 -1.03
C PRO B 30 11.15 -14.71 -0.75
N ARG B 31 10.32 -14.75 -1.75
CA ARG B 31 8.92 -15.20 -1.53
C ARG B 31 8.89 -16.48 -0.69
#